data_7CFU
#
_entry.id   7CFU
#
_cell.length_a   94.629
_cell.length_b   189.609
_cell.length_c   185.349
_cell.angle_alpha   90.000
_cell.angle_beta   92.520
_cell.angle_gamma   90.000
#
_symmetry.space_group_name_H-M   'P 1 21 1'
#
loop_
_entity.id
_entity.type
_entity.pdbx_description
1 polymer 'DNA/pantothenate metabolism flavoprotein'
2 non-polymer 'FLAVIN MONONUCLEOTIDE'
3 non-polymer ARGININE
4 water water
#
_entity_poly.entity_id   1
_entity_poly.type   'polypeptide(L)'
_entity_poly.pdbx_seq_one_letter_code
;LVPRGSHMSERADGAQRALAQVRLLWGVCGSFSAVAVPHVNAWLRGTVGVQEIRTVMTAQARALMGPRMIEAVTGHAPVT
DWEDHKGGGAAHVALGAWADVLVILPATANFLAKAAHGIADDVLTATVLAAECPTVIAPVMNAAMWSKPAVQRNVDQLRE
DGYRIVEPKEGISLTEGRREPGSLGDFQSAISTALIQAAARRTDPRGQ
;
_entity_poly.pdbx_strand_id   F,S,H,P,A,B,C,D,E,G,I,J,K,L,M,N,O,Q,R,T,U,V,W,X
#
loop_
_chem_comp.id
_chem_comp.type
_chem_comp.name
_chem_comp.formula
FMN non-polymer 'FLAVIN MONONUCLEOTIDE' 'C17 H21 N4 O9 P'
#
# COMPACT_ATOMS: atom_id res chain seq x y z
N ALA A 18 3.36 11.82 1.18
CA ALA A 18 4.05 11.84 -0.11
C ALA A 18 3.77 10.56 -0.90
N LEU A 19 3.09 9.60 -0.26
CA LEU A 19 2.70 8.38 -0.94
C LEU A 19 1.60 8.60 -1.97
N ALA A 20 0.98 9.78 -1.99
CA ALA A 20 -0.13 10.03 -2.90
C ALA A 20 0.30 10.26 -4.33
N GLN A 21 1.58 10.57 -4.56
CA GLN A 21 2.11 10.77 -5.90
C GLN A 21 2.91 9.56 -6.39
N VAL A 22 3.01 8.50 -5.61
CA VAL A 22 3.69 7.30 -6.07
C VAL A 22 2.82 6.59 -7.09
N ARG A 23 3.38 6.30 -8.25
CA ARG A 23 2.64 5.64 -9.32
C ARG A 23 2.80 4.13 -9.17
N LEU A 24 1.72 3.45 -8.82
CA LEU A 24 1.75 2.02 -8.53
C LEU A 24 1.23 1.25 -9.75
N LEU A 25 2.11 0.43 -10.34
CA LEU A 25 1.72 -0.50 -11.39
C LEU A 25 1.50 -1.87 -10.78
N TRP A 26 0.35 -2.47 -11.06
CA TRP A 26 -0.14 -3.65 -10.35
C TRP A 26 -0.47 -4.76 -11.35
N GLY A 27 0.33 -5.83 -11.36
CA GLY A 27 0.06 -6.97 -12.23
C GLY A 27 -0.75 -8.05 -11.55
N VAL A 28 -1.69 -8.63 -12.29
CA VAL A 28 -2.62 -9.64 -11.76
C VAL A 28 -2.50 -10.90 -12.60
N CYS A 29 -2.19 -12.02 -11.96
CA CYS A 29 -2.07 -13.30 -12.66
C CYS A 29 -3.29 -14.17 -12.35
N GLY A 30 -3.42 -15.25 -13.12
CA GLY A 30 -4.57 -16.13 -13.02
C GLY A 30 -4.50 -17.08 -11.83
N SER A 31 -4.67 -16.54 -10.63
CA SER A 31 -4.65 -17.32 -9.39
C SER A 31 -6.00 -17.21 -8.70
N PHE A 32 -6.35 -18.23 -7.90
CA PHE A 32 -7.52 -18.14 -7.02
C PHE A 32 -7.56 -16.82 -6.27
N SER A 33 -6.40 -16.32 -5.84
CA SER A 33 -6.36 -15.12 -5.03
C SER A 33 -6.64 -13.84 -5.81
N ALA A 34 -6.92 -13.90 -7.11
CA ALA A 34 -7.32 -12.70 -7.82
C ALA A 34 -8.64 -12.14 -7.31
N VAL A 35 -9.44 -12.95 -6.61
CA VAL A 35 -10.67 -12.46 -6.00
C VAL A 35 -10.39 -11.42 -4.92
N ALA A 36 -9.15 -11.34 -4.44
CA ALA A 36 -8.79 -10.35 -3.43
C ALA A 36 -8.50 -8.97 -4.00
N VAL A 37 -8.50 -8.81 -5.33
CA VAL A 37 -8.13 -7.51 -5.91
C VAL A 37 -9.01 -6.37 -5.42
N PRO A 38 -10.34 -6.49 -5.37
CA PRO A 38 -11.13 -5.37 -4.82
C PRO A 38 -10.75 -4.99 -3.40
N HIS A 39 -10.59 -5.98 -2.53
CA HIS A 39 -10.19 -5.73 -1.15
C HIS A 39 -8.81 -5.06 -1.07
N VAL A 40 -7.85 -5.55 -1.85
CA VAL A 40 -6.51 -4.94 -1.84
C VAL A 40 -6.58 -3.53 -2.38
N ASN A 41 -7.41 -3.30 -3.40
CA ASN A 41 -7.53 -1.96 -3.97
C ASN A 41 -8.08 -0.97 -2.95
N ALA A 42 -9.10 -1.39 -2.19
CA ALA A 42 -9.65 -0.52 -1.15
C ALA A 42 -8.61 -0.22 -0.08
N TRP A 43 -7.81 -1.21 0.31
CA TRP A 43 -6.74 -0.98 1.27
C TRP A 43 -5.71 0.02 0.73
N LEU A 44 -5.35 -0.13 -0.54
CA LEU A 44 -4.36 0.77 -1.14
C LEU A 44 -4.88 2.20 -1.19
N ARG A 45 -6.17 2.37 -1.51
CA ARG A 45 -6.71 3.73 -1.65
C ARG A 45 -7.15 4.30 -0.30
N GLY A 46 -7.94 3.54 0.48
CA GLY A 46 -8.56 4.07 1.67
C GLY A 46 -7.68 4.07 2.91
N THR A 47 -6.62 3.27 2.93
CA THR A 47 -5.73 3.17 4.07
C THR A 47 -4.32 3.69 3.78
N VAL A 48 -3.72 3.28 2.66
CA VAL A 48 -2.38 3.72 2.33
C VAL A 48 -2.37 5.10 1.69
N GLY A 49 -3.41 5.44 0.94
CA GLY A 49 -3.50 6.74 0.30
C GLY A 49 -2.90 6.82 -1.09
N VAL A 50 -2.67 5.70 -1.77
CA VAL A 50 -2.19 5.74 -3.14
C VAL A 50 -3.29 6.24 -4.05
N GLN A 51 -2.92 7.09 -5.01
CA GLN A 51 -3.91 7.70 -5.89
C GLN A 51 -3.85 7.23 -7.34
N GLU A 52 -2.67 7.03 -7.92
CA GLU A 52 -2.57 6.59 -9.32
C GLU A 52 -2.18 5.11 -9.34
N ILE A 53 -3.13 4.26 -9.73
CA ILE A 53 -2.94 2.82 -9.79
C ILE A 53 -3.37 2.35 -11.17
N ARG A 54 -2.46 1.70 -11.91
CA ARG A 54 -2.75 1.08 -13.20
C ARG A 54 -2.49 -0.42 -13.13
N THR A 55 -3.39 -1.22 -13.71
CA THR A 55 -3.33 -2.67 -13.64
C THR A 55 -3.02 -3.31 -14.99
N VAL A 56 -2.31 -4.43 -14.93
CA VAL A 56 -2.04 -5.30 -16.07
C VAL A 56 -2.49 -6.70 -15.68
N MET A 57 -3.33 -7.32 -16.50
CA MET A 57 -3.81 -8.67 -16.28
C MET A 57 -3.22 -9.62 -17.31
N THR A 58 -2.80 -10.80 -16.87
CA THR A 58 -2.50 -11.86 -17.81
C THR A 58 -3.78 -12.30 -18.51
N ALA A 59 -3.63 -12.98 -19.66
CA ALA A 59 -4.80 -13.50 -20.36
C ALA A 59 -5.59 -14.43 -19.46
N GLN A 60 -4.89 -15.22 -18.62
CA GLN A 60 -5.59 -16.14 -17.73
C GLN A 60 -6.34 -15.39 -16.63
N ALA A 61 -5.73 -14.37 -16.03
CA ALA A 61 -6.45 -13.56 -15.04
C ALA A 61 -7.71 -12.96 -15.65
N ARG A 62 -7.59 -12.42 -16.86
CA ARG A 62 -8.76 -11.83 -17.52
C ARG A 62 -9.84 -12.88 -17.76
N ALA A 63 -9.47 -14.08 -18.20
CA ALA A 63 -10.47 -15.09 -18.52
C ALA A 63 -11.20 -15.58 -17.28
N LEU A 64 -10.54 -15.58 -16.13
CA LEU A 64 -11.15 -16.03 -14.89
C LEU A 64 -11.96 -14.92 -14.25
N MET A 65 -11.36 -13.72 -14.14
CA MET A 65 -11.96 -12.65 -13.36
C MET A 65 -12.83 -11.69 -14.19
N GLY A 66 -12.59 -11.54 -15.49
CA GLY A 66 -13.27 -10.50 -16.26
C GLY A 66 -12.67 -9.13 -16.03
N PRO A 67 -12.24 -8.46 -17.11
CA PRO A 67 -11.51 -7.19 -16.94
C PRO A 67 -12.40 -5.99 -16.64
N ARG A 68 -13.71 -6.06 -16.91
CA ARG A 68 -14.50 -4.83 -16.85
C ARG A 68 -14.76 -4.38 -15.43
N MET A 69 -14.93 -5.31 -14.49
CA MET A 69 -15.18 -4.88 -13.12
C MET A 69 -13.91 -4.34 -12.46
N ILE A 70 -12.75 -4.96 -12.74
CA ILE A 70 -11.50 -4.35 -12.29
C ILE A 70 -11.45 -2.90 -12.76
N GLU A 71 -11.84 -2.65 -14.01
CA GLU A 71 -11.84 -1.29 -14.54
C GLU A 71 -12.74 -0.38 -13.75
N ALA A 72 -13.95 -0.84 -13.42
CA ALA A 72 -14.92 0.02 -12.76
C ALA A 72 -14.49 0.38 -11.34
N VAL A 73 -13.76 -0.51 -10.68
CA VAL A 73 -13.41 -0.30 -9.28
C VAL A 73 -12.04 0.35 -9.10
N THR A 74 -11.18 0.29 -10.11
CA THR A 74 -9.85 0.89 -10.02
C THR A 74 -9.73 2.21 -10.76
N GLY A 75 -10.66 2.54 -11.66
CA GLY A 75 -10.58 3.78 -12.40
C GLY A 75 -9.79 3.72 -13.69
N HIS A 76 -9.24 2.55 -14.03
CA HIS A 76 -8.54 2.37 -15.29
C HIS A 76 -8.89 1.00 -15.85
N ALA A 77 -9.08 0.95 -17.15
CA ALA A 77 -9.18 -0.34 -17.80
C ALA A 77 -7.86 -1.05 -17.63
N PRO A 78 -7.85 -2.31 -17.20
CA PRO A 78 -6.58 -3.04 -17.15
C PRO A 78 -6.04 -3.27 -18.56
N VAL A 79 -4.73 -3.29 -18.67
CA VAL A 79 -4.06 -3.62 -19.92
C VAL A 79 -3.83 -5.13 -19.97
N THR A 80 -4.26 -5.77 -21.05
CA THR A 80 -3.93 -7.18 -21.24
C THR A 80 -3.26 -7.44 -22.58
N ASP A 81 -3.81 -6.88 -23.65
CA ASP A 81 -3.23 -7.03 -24.97
C ASP A 81 -2.45 -5.79 -25.36
N TRP A 82 -1.48 -5.98 -26.25
CA TRP A 82 -0.69 -4.88 -26.77
C TRP A 82 -1.56 -3.77 -27.34
N GLU A 83 -2.70 -4.13 -27.93
CA GLU A 83 -3.60 -3.14 -28.52
C GLU A 83 -4.16 -2.17 -27.49
N ASP A 84 -4.07 -2.49 -26.19
CA ASP A 84 -4.59 -1.58 -25.18
C ASP A 84 -3.73 -0.34 -24.97
N HIS A 85 -2.48 -0.35 -25.43
CA HIS A 85 -1.65 0.84 -25.39
C HIS A 85 -1.85 1.68 -26.64
N LYS A 86 -1.99 2.98 -26.46
CA LYS A 86 -2.27 3.91 -27.54
C LYS A 86 -1.05 4.76 -27.83
N GLY A 87 -0.82 5.04 -29.11
CA GLY A 87 0.22 5.95 -29.53
C GLY A 87 1.59 5.32 -29.73
N GLY A 88 2.61 6.17 -29.63
CA GLY A 88 3.96 5.74 -29.87
C GLY A 88 4.47 4.78 -28.81
N GLY A 89 5.57 4.11 -29.17
CA GLY A 89 6.17 3.12 -28.29
C GLY A 89 5.40 1.82 -28.24
N ALA A 90 5.00 1.40 -27.05
CA ALA A 90 4.57 0.02 -26.80
C ALA A 90 4.21 -0.14 -25.34
N ALA A 91 3.28 -1.07 -25.06
CA ALA A 91 2.69 -1.14 -23.72
C ALA A 91 3.74 -1.35 -22.65
N HIS A 92 4.70 -2.24 -22.88
CA HIS A 92 5.64 -2.57 -21.82
C HIS A 92 6.59 -1.41 -21.52
N VAL A 93 7.00 -0.66 -22.54
CA VAL A 93 7.87 0.49 -22.33
C VAL A 93 7.11 1.61 -21.59
N ALA A 94 5.89 1.91 -22.05
CA ALA A 94 5.14 2.99 -21.42
C ALA A 94 4.80 2.65 -19.97
N LEU A 95 4.32 1.43 -19.72
CA LEU A 95 4.00 1.06 -18.34
C LEU A 95 5.26 0.92 -17.50
N GLY A 96 6.33 0.35 -18.07
CA GLY A 96 7.56 0.20 -17.31
C GLY A 96 8.17 1.53 -16.90
N ALA A 97 8.10 2.53 -17.78
CA ALA A 97 8.63 3.84 -17.44
C ALA A 97 7.71 4.57 -16.46
N TRP A 98 6.40 4.32 -16.52
CA TRP A 98 5.46 5.03 -15.66
C TRP A 98 5.54 4.58 -14.21
N ALA A 99 5.88 3.31 -13.97
CA ALA A 99 5.73 2.73 -12.64
C ALA A 99 6.78 3.28 -11.68
N ASP A 100 6.34 3.71 -10.51
CA ASP A 100 7.25 3.99 -9.40
C ASP A 100 7.42 2.79 -8.49
N VAL A 101 6.37 1.98 -8.37
CA VAL A 101 6.40 0.69 -7.69
C VAL A 101 5.69 -0.32 -8.59
N LEU A 102 6.21 -1.54 -8.63
CA LEU A 102 5.58 -2.64 -9.36
C LEU A 102 5.18 -3.72 -8.36
N VAL A 103 3.91 -4.06 -8.35
CA VAL A 103 3.39 -5.12 -7.48
C VAL A 103 2.73 -6.19 -8.35
N ILE A 104 3.16 -7.43 -8.18
CA ILE A 104 2.54 -8.58 -8.82
C ILE A 104 1.75 -9.31 -7.74
N LEU A 105 0.42 -9.20 -7.80
CA LEU A 105 -0.41 -9.73 -6.73
C LEU A 105 -1.81 -10.04 -7.24
N PRO A 106 -2.23 -11.31 -7.26
CA PRO A 106 -1.41 -12.48 -6.96
C PRO A 106 -0.52 -12.85 -8.13
N ALA A 107 0.62 -13.45 -7.84
CA ALA A 107 1.47 -14.02 -8.86
C ALA A 107 1.24 -15.52 -8.91
N THR A 108 1.28 -16.09 -10.11
CA THR A 108 1.21 -17.53 -10.25
C THR A 108 2.61 -18.12 -10.17
N ALA A 109 2.67 -19.44 -9.93
CA ALA A 109 3.92 -20.15 -10.12
C ALA A 109 4.46 -19.91 -11.53
N ASN A 110 3.58 -19.93 -12.53
CA ASN A 110 3.97 -19.63 -13.90
C ASN A 110 4.70 -18.31 -13.99
N PHE A 111 4.15 -17.27 -13.34
CA PHE A 111 4.81 -15.97 -13.36
C PHE A 111 6.22 -16.02 -12.77
N LEU A 112 6.38 -16.71 -11.64
CA LEU A 112 7.71 -16.83 -11.03
C LEU A 112 8.71 -17.41 -12.02
N ALA A 113 8.31 -18.44 -12.74
CA ALA A 113 9.20 -19.05 -13.72
C ALA A 113 9.56 -18.07 -14.82
N LYS A 114 8.57 -17.35 -15.36
CA LYS A 114 8.87 -16.43 -16.45
C LYS A 114 9.74 -15.27 -15.97
N ALA A 115 9.41 -14.68 -14.82
CA ALA A 115 10.20 -13.57 -14.32
C ALA A 115 11.62 -14.03 -13.97
N ALA A 116 11.75 -15.23 -13.38
CA ALA A 116 13.07 -15.70 -12.99
C ALA A 116 13.96 -15.93 -14.19
N HIS A 117 13.40 -16.23 -15.37
CA HIS A 117 14.21 -16.56 -16.53
C HIS A 117 14.16 -15.51 -17.64
N GLY A 118 13.56 -14.35 -17.38
CA GLY A 118 13.53 -13.32 -18.39
C GLY A 118 12.68 -13.62 -19.60
N ILE A 119 11.69 -14.51 -19.44
CA ILE A 119 10.70 -14.72 -20.47
C ILE A 119 9.78 -13.51 -20.50
N ALA A 120 9.42 -13.05 -21.71
CA ALA A 120 8.61 -11.87 -21.89
C ALA A 120 7.60 -12.12 -23.02
N ASP A 121 6.68 -13.07 -22.81
CA ASP A 121 5.79 -13.48 -23.89
C ASP A 121 4.36 -12.98 -23.72
N ASP A 122 4.13 -12.01 -22.84
CA ASP A 122 2.89 -11.25 -22.79
C ASP A 122 3.23 -9.86 -22.24
N VAL A 123 2.22 -9.00 -22.15
CA VAL A 123 2.47 -7.62 -21.73
C VAL A 123 3.06 -7.60 -20.32
N LEU A 124 2.51 -8.38 -19.40
CA LEU A 124 2.97 -8.33 -18.01
C LEU A 124 4.45 -8.66 -17.90
N THR A 125 4.86 -9.81 -18.45
CA THR A 125 6.24 -10.24 -18.25
C THR A 125 7.21 -9.38 -19.04
N ALA A 126 6.75 -8.79 -20.15
CA ALA A 126 7.56 -7.82 -20.86
C ALA A 126 7.71 -6.54 -20.06
N THR A 127 6.65 -6.14 -19.36
CA THR A 127 6.72 -4.94 -18.53
C THR A 127 7.72 -5.12 -17.39
N VAL A 128 7.83 -6.35 -16.85
CA VAL A 128 8.83 -6.62 -15.81
C VAL A 128 10.22 -6.26 -16.31
N LEU A 129 10.55 -6.67 -17.54
CA LEU A 129 11.87 -6.37 -18.07
C LEU A 129 12.09 -4.88 -18.26
N ALA A 130 11.03 -4.13 -18.57
CA ALA A 130 11.19 -2.71 -18.82
C ALA A 130 11.09 -1.88 -17.55
N ALA A 131 10.55 -2.42 -16.47
CA ALA A 131 10.38 -1.67 -15.24
C ALA A 131 11.71 -1.55 -14.49
N GLU A 132 11.92 -0.39 -13.88
CA GLU A 132 13.12 -0.14 -13.06
C GLU A 132 12.66 0.57 -11.78
N CYS A 133 12.10 -0.20 -10.86
CA CYS A 133 11.49 0.38 -9.67
C CYS A 133 11.41 -0.71 -8.60
N PRO A 134 11.20 -0.35 -7.33
CA PRO A 134 10.96 -1.36 -6.31
C PRO A 134 9.79 -2.26 -6.71
N THR A 135 9.99 -3.57 -6.60
CA THR A 135 9.05 -4.57 -7.08
C THR A 135 8.74 -5.58 -5.99
N VAL A 136 7.45 -5.82 -5.74
CA VAL A 136 6.97 -6.80 -4.79
C VAL A 136 6.19 -7.87 -5.54
N ILE A 137 6.54 -9.14 -5.31
CA ILE A 137 5.89 -10.29 -5.93
C ILE A 137 5.27 -11.12 -4.81
N ALA A 138 3.96 -11.36 -4.91
CA ALA A 138 3.20 -12.08 -3.89
C ALA A 138 2.59 -13.33 -4.54
N PRO A 139 3.36 -14.41 -4.63
CA PRO A 139 2.85 -15.63 -5.28
C PRO A 139 1.83 -16.34 -4.42
N VAL A 140 0.90 -17.03 -5.10
CA VAL A 140 -0.09 -17.89 -4.44
C VAL A 140 -0.21 -19.19 -5.22
N MET A 141 -0.23 -20.30 -4.50
CA MET A 141 -0.36 -21.64 -5.06
C MET A 141 -0.53 -22.61 -3.89
N ASN A 142 -0.95 -23.84 -4.19
CA ASN A 142 -1.14 -24.77 -3.09
C ASN A 142 0.20 -25.33 -2.66
N ALA A 143 0.18 -26.17 -1.61
CA ALA A 143 1.41 -26.59 -0.96
C ALA A 143 2.24 -27.51 -1.84
N ALA A 144 1.59 -28.38 -2.61
CA ALA A 144 2.34 -29.26 -3.50
C ALA A 144 3.15 -28.46 -4.53
N MET A 145 2.55 -27.40 -5.10
CA MET A 145 3.24 -26.59 -6.10
C MET A 145 4.37 -25.77 -5.47
N TRP A 146 4.10 -25.16 -4.32
CA TRP A 146 5.11 -24.34 -3.65
C TRP A 146 6.34 -25.16 -3.26
N SER A 147 6.16 -26.47 -2.98
CA SER A 147 7.27 -27.30 -2.54
C SER A 147 8.10 -27.84 -3.68
N LYS A 148 7.69 -27.63 -4.93
CA LYS A 148 8.44 -28.17 -6.05
C LYS A 148 9.83 -27.51 -6.12
N PRO A 149 10.88 -28.29 -6.40
CA PRO A 149 12.23 -27.71 -6.53
C PRO A 149 12.30 -26.62 -7.59
N ALA A 150 11.63 -26.81 -8.72
CA ALA A 150 11.65 -25.81 -9.78
C ALA A 150 11.08 -24.49 -9.29
N VAL A 151 9.98 -24.53 -8.53
CA VAL A 151 9.39 -23.30 -8.00
C VAL A 151 10.34 -22.62 -7.04
N GLN A 152 10.96 -23.39 -6.13
CA GLN A 152 11.86 -22.79 -5.14
C GLN A 152 13.13 -22.23 -5.78
N ARG A 153 13.63 -22.86 -6.84
CA ARG A 153 14.72 -22.25 -7.60
C ARG A 153 14.31 -20.88 -8.14
N ASN A 154 13.09 -20.77 -8.66
CA ASN A 154 12.66 -19.49 -9.22
C ASN A 154 12.52 -18.44 -8.14
N VAL A 155 11.96 -18.81 -6.98
CA VAL A 155 11.90 -17.89 -5.85
C VAL A 155 13.28 -17.39 -5.49
N ASP A 156 14.24 -18.31 -5.31
CA ASP A 156 15.60 -17.91 -4.94
C ASP A 156 16.21 -17.00 -6.00
N GLN A 157 16.05 -17.38 -7.27
CA GLN A 157 16.64 -16.58 -8.34
C GLN A 157 16.09 -15.16 -8.33
N LEU A 158 14.79 -15.00 -8.07
CA LEU A 158 14.19 -13.67 -8.06
C LEU A 158 14.69 -12.85 -6.89
N ARG A 159 14.87 -13.47 -5.72
CA ARG A 159 15.44 -12.76 -4.57
C ARG A 159 16.86 -12.31 -4.86
N GLU A 160 17.68 -13.18 -5.46
CA GLU A 160 19.03 -12.79 -5.83
C GLU A 160 19.02 -11.67 -6.84
N ASP A 161 17.99 -11.60 -7.69
CA ASP A 161 17.88 -10.52 -8.66
C ASP A 161 17.34 -9.23 -8.07
N GLY A 162 17.01 -9.21 -6.79
CA GLY A 162 16.53 -8.00 -6.15
C GLY A 162 15.04 -7.88 -5.95
N TYR A 163 14.28 -8.92 -6.26
CA TYR A 163 12.83 -8.87 -6.09
C TYR A 163 12.45 -9.28 -4.67
N ARG A 164 11.45 -8.59 -4.11
CA ARG A 164 10.89 -8.91 -2.81
C ARG A 164 9.75 -9.91 -2.99
N ILE A 165 9.92 -11.10 -2.43
CA ILE A 165 8.93 -12.17 -2.54
C ILE A 165 8.18 -12.27 -1.23
N VAL A 166 6.85 -12.16 -1.30
CA VAL A 166 5.98 -12.39 -0.15
C VAL A 166 5.46 -13.81 -0.27
N GLU A 167 5.98 -14.70 0.56
CA GLU A 167 5.64 -16.11 0.47
C GLU A 167 4.18 -16.32 0.84
N PRO A 168 3.50 -17.27 0.20
CA PRO A 168 2.09 -17.49 0.51
C PRO A 168 1.89 -18.16 1.87
N LYS A 169 0.65 -18.06 2.35
CA LYS A 169 0.20 -18.82 3.51
C LYS A 169 -0.60 -20.04 3.05
N GLU A 170 -1.11 -20.78 4.02
CA GLU A 170 -1.78 -22.06 3.79
C GLU A 170 -3.20 -21.87 4.29
N GLY A 171 -4.05 -21.27 3.46
CA GLY A 171 -5.40 -20.98 3.87
C GLY A 171 -6.44 -21.97 3.37
N ILE A 172 -6.66 -23.07 4.09
CA ILE A 172 -7.62 -24.09 3.63
C ILE A 172 -9.04 -23.54 3.72
N PRO A 181 -4.66 -25.46 -1.26
CA PRO A 181 -5.27 -24.19 -1.62
C PRO A 181 -4.65 -23.00 -0.89
N GLY A 182 -3.65 -22.37 -1.51
CA GLY A 182 -2.88 -21.33 -0.85
C GLY A 182 -3.65 -20.02 -0.70
N SER A 183 -3.03 -19.11 0.04
CA SER A 183 -3.58 -17.77 0.19
C SER A 183 -2.43 -16.77 0.26
N LEU A 184 -2.76 -15.51 0.05
CA LEU A 184 -1.77 -14.44 0.02
C LEU A 184 -1.05 -14.31 1.35
N GLY A 185 0.26 -14.08 1.28
CA GLY A 185 1.05 -13.82 2.47
C GLY A 185 0.81 -12.43 3.01
N ASP A 186 1.73 -11.99 3.87
CA ASP A 186 1.62 -10.68 4.51
C ASP A 186 2.29 -9.64 3.62
N PHE A 187 1.50 -9.17 2.64
CA PHE A 187 2.03 -8.27 1.62
C PHE A 187 2.00 -6.81 2.07
N GLN A 188 1.16 -6.47 3.06
CA GLN A 188 0.98 -5.07 3.43
C GLN A 188 2.30 -4.43 3.84
N SER A 189 3.11 -5.14 4.63
CA SER A 189 4.41 -4.62 5.04
C SER A 189 5.34 -4.42 3.85
N ALA A 190 5.37 -5.40 2.94
CA ALA A 190 6.26 -5.31 1.78
C ALA A 190 5.85 -4.18 0.86
N ILE A 191 4.55 -4.01 0.61
CA ILE A 191 4.10 -2.95 -0.29
C ILE A 191 4.35 -1.58 0.32
N SER A 192 4.04 -1.41 1.61
CA SER A 192 4.30 -0.14 2.29
C SER A 192 5.77 0.24 2.18
N THR A 193 6.66 -0.73 2.40
CA THR A 193 8.09 -0.49 2.26
C THR A 193 8.42 0.00 0.85
N ALA A 194 7.86 -0.67 -0.16
CA ALA A 194 8.11 -0.29 -1.55
C ALA A 194 7.58 1.11 -1.86
N LEU A 195 6.37 1.42 -1.38
CA LEU A 195 5.81 2.76 -1.63
C LEU A 195 6.65 3.86 -0.98
N ILE A 196 7.14 3.61 0.24
CA ILE A 196 7.97 4.60 0.93
C ILE A 196 9.33 4.70 0.25
N GLN A 197 9.93 3.56 -0.11
CA GLN A 197 11.18 3.56 -0.84
C GLN A 197 11.06 4.35 -2.14
N ALA A 198 9.94 4.20 -2.85
CA ALA A 198 9.75 4.98 -4.08
C ALA A 198 9.55 6.45 -3.77
N ALA A 199 8.78 6.76 -2.72
CA ALA A 199 8.60 8.15 -2.32
C ALA A 199 9.93 8.80 -1.97
N ALA A 200 10.86 8.04 -1.39
CA ALA A 200 12.19 8.55 -1.09
C ALA A 200 13.05 8.65 -2.34
N ALA B 18 -47.64 -22.63 -77.72
CA ALA B 18 -48.49 -22.95 -76.57
C ALA B 18 -47.64 -23.41 -75.39
N LEU B 19 -46.35 -23.57 -75.66
CA LEU B 19 -45.38 -23.98 -74.64
C LEU B 19 -45.06 -22.88 -73.64
N ALA B 20 -45.57 -21.66 -73.82
CA ALA B 20 -45.16 -20.54 -72.98
C ALA B 20 -45.74 -20.59 -71.57
N GLN B 21 -46.79 -21.37 -71.33
CA GLN B 21 -47.36 -21.50 -69.99
C GLN B 21 -46.93 -22.76 -69.27
N VAL B 22 -46.05 -23.57 -69.88
CA VAL B 22 -45.57 -24.77 -69.24
C VAL B 22 -44.58 -24.41 -68.14
N ARG B 23 -44.82 -24.91 -66.94
CA ARG B 23 -43.98 -24.62 -65.78
C ARG B 23 -42.84 -25.63 -65.73
N LEU B 24 -41.62 -25.15 -65.99
CA LEU B 24 -40.46 -26.03 -66.06
C LEU B 24 -39.67 -25.92 -64.77
N LEU B 25 -39.57 -27.06 -64.07
CA LEU B 25 -38.70 -27.17 -62.90
C LEU B 25 -37.39 -27.83 -63.35
N TRP B 26 -36.27 -27.19 -63.02
CA TRP B 26 -34.97 -27.55 -63.58
C TRP B 26 -33.97 -27.79 -62.47
N GLY B 27 -33.57 -29.05 -62.28
CA GLY B 27 -32.54 -29.39 -61.31
C GLY B 27 -31.15 -29.38 -61.94
N VAL B 28 -30.19 -28.85 -61.20
CA VAL B 28 -28.80 -28.71 -61.64
C VAL B 28 -27.92 -29.38 -60.60
N CYS B 29 -27.14 -30.37 -61.04
CA CYS B 29 -26.22 -31.09 -60.15
C CYS B 29 -24.79 -30.63 -60.42
N GLY B 30 -23.88 -31.07 -59.55
CA GLY B 30 -22.48 -30.66 -59.59
C GLY B 30 -21.63 -31.35 -60.63
N SER B 31 -21.87 -31.04 -61.89
CA SER B 31 -21.13 -31.61 -63.02
C SER B 31 -20.40 -30.51 -63.78
N PHE B 32 -19.29 -30.88 -64.42
CA PHE B 32 -18.61 -29.98 -65.35
C PHE B 32 -19.58 -29.29 -66.28
N SER B 33 -20.59 -30.02 -66.75
CA SER B 33 -21.53 -29.53 -67.74
C SER B 33 -22.53 -28.51 -67.20
N ALA B 34 -22.46 -28.14 -65.92
CA ALA B 34 -23.34 -27.11 -65.40
C ALA B 34 -23.07 -25.74 -66.04
N VAL B 35 -21.89 -25.56 -66.64
CA VAL B 35 -21.58 -24.31 -67.35
C VAL B 35 -22.47 -24.13 -68.57
N ALA B 36 -23.12 -25.21 -69.00
CA ALA B 36 -24.02 -25.17 -70.14
C ALA B 36 -25.40 -24.65 -69.77
N VAL B 37 -25.67 -24.41 -68.48
CA VAL B 37 -27.01 -23.98 -68.08
C VAL B 37 -27.42 -22.68 -68.77
N PRO B 38 -26.58 -21.64 -68.84
CA PRO B 38 -27.01 -20.42 -69.56
C PRO B 38 -27.37 -20.68 -71.02
N HIS B 39 -26.56 -21.45 -71.74
CA HIS B 39 -26.86 -21.78 -73.13
C HIS B 39 -28.19 -22.52 -73.26
N VAL B 40 -28.39 -23.53 -72.42
CA VAL B 40 -29.65 -24.28 -72.48
C VAL B 40 -30.81 -23.37 -72.13
N ASN B 41 -30.60 -22.46 -71.17
CA ASN B 41 -31.67 -21.54 -70.80
C ASN B 41 -32.02 -20.61 -71.96
N ALA B 42 -31.01 -20.11 -72.66
CA ALA B 42 -31.25 -19.24 -73.81
C ALA B 42 -32.05 -19.96 -74.88
N TRP B 43 -31.74 -21.24 -75.11
CA TRP B 43 -32.54 -22.03 -76.04
C TRP B 43 -33.97 -22.20 -75.54
N LEU B 44 -34.15 -22.49 -74.24
CA LEU B 44 -35.50 -22.69 -73.71
C LEU B 44 -36.33 -21.42 -73.77
N ARG B 45 -35.74 -20.27 -73.41
CA ARG B 45 -36.49 -19.04 -73.33
C ARG B 45 -36.57 -18.34 -74.69
N GLY B 46 -35.43 -18.18 -75.36
CA GLY B 46 -35.39 -17.38 -76.57
C GLY B 46 -35.87 -18.09 -77.82
N THR B 47 -35.90 -19.42 -77.80
CA THR B 47 -36.30 -20.21 -78.96
C THR B 47 -37.57 -21.00 -78.73
N VAL B 48 -37.67 -21.74 -77.62
CA VAL B 48 -38.87 -22.54 -77.36
C VAL B 48 -40.00 -21.68 -76.82
N GLY B 49 -39.67 -20.59 -76.12
CA GLY B 49 -40.68 -19.70 -75.59
C GLY B 49 -41.16 -20.04 -74.20
N VAL B 50 -40.42 -20.87 -73.45
CA VAL B 50 -40.79 -21.13 -72.07
C VAL B 50 -40.57 -19.87 -71.26
N GLN B 51 -41.54 -19.53 -70.42
CA GLN B 51 -41.50 -18.29 -69.66
C GLN B 51 -41.26 -18.48 -68.18
N GLU B 52 -41.83 -19.50 -67.57
CA GLU B 52 -41.67 -19.73 -66.14
C GLU B 52 -40.73 -20.92 -65.94
N ILE B 53 -39.51 -20.62 -65.52
CA ILE B 53 -38.47 -21.62 -65.27
C ILE B 53 -37.93 -21.39 -63.86
N ARG B 54 -38.06 -22.40 -63.01
CA ARG B 54 -37.50 -22.37 -61.67
C ARG B 54 -36.45 -23.47 -61.53
N THR B 55 -35.32 -23.13 -60.92
CA THR B 55 -34.21 -24.06 -60.81
C THR B 55 -34.00 -24.47 -59.36
N VAL B 56 -33.54 -25.70 -59.21
CA VAL B 56 -33.06 -26.23 -57.93
C VAL B 56 -31.61 -26.67 -58.18
N MET B 57 -30.69 -26.13 -57.38
CA MET B 57 -29.28 -26.48 -57.47
C MET B 57 -28.91 -27.31 -56.25
N THR B 58 -28.15 -28.39 -56.47
CA THR B 58 -27.55 -29.10 -55.33
C THR B 58 -26.51 -28.20 -54.68
N ALA B 59 -26.14 -28.58 -53.44
CA ALA B 59 -25.11 -27.83 -52.73
C ALA B 59 -23.82 -27.79 -53.55
N GLN B 60 -23.49 -28.90 -54.23
CA GLN B 60 -22.28 -28.95 -55.03
C GLN B 60 -22.38 -28.08 -56.28
N ALA B 61 -23.53 -28.12 -56.97
CA ALA B 61 -23.73 -27.25 -58.11
C ALA B 61 -23.58 -25.78 -57.71
N ARG B 62 -24.21 -25.40 -56.60
CA ARG B 62 -24.13 -24.01 -56.15
C ARG B 62 -22.69 -23.62 -55.84
N ALA B 63 -21.93 -24.52 -55.20
CA ALA B 63 -20.56 -24.20 -54.80
C ALA B 63 -19.64 -24.05 -55.99
N LEU B 64 -19.90 -24.75 -57.09
CA LEU B 64 -19.08 -24.68 -58.29
C LEU B 64 -19.47 -23.53 -59.19
N MET B 65 -20.76 -23.40 -59.51
CA MET B 65 -21.26 -22.43 -60.48
C MET B 65 -21.63 -21.08 -59.89
N GLY B 66 -22.04 -21.02 -58.63
CA GLY B 66 -22.57 -19.78 -58.11
C GLY B 66 -24.00 -19.53 -58.58
N PRO B 67 -24.90 -19.33 -57.62
CA PRO B 67 -26.32 -19.18 -57.96
C PRO B 67 -26.72 -17.83 -58.55
N ARG B 68 -25.83 -16.82 -58.49
CA ARG B 68 -26.23 -15.44 -58.81
C ARG B 68 -26.50 -15.25 -60.30
N MET B 69 -25.69 -15.86 -61.16
CA MET B 69 -25.90 -15.67 -62.59
C MET B 69 -27.09 -16.49 -63.08
N ILE B 70 -27.25 -17.71 -62.55
CA ILE B 70 -28.43 -18.51 -62.86
C ILE B 70 -29.69 -17.73 -62.54
N GLU B 71 -29.71 -17.06 -61.38
CA GLU B 71 -30.87 -16.25 -61.03
C GLU B 71 -31.12 -15.15 -62.05
N ALA B 72 -30.04 -14.49 -62.50
CA ALA B 72 -30.18 -13.35 -63.39
C ALA B 72 -30.75 -13.74 -64.75
N VAL B 73 -30.43 -14.95 -65.24
CA VAL B 73 -30.88 -15.34 -66.57
C VAL B 73 -32.16 -16.18 -66.56
N THR B 74 -32.50 -16.82 -65.44
CA THR B 74 -33.73 -17.61 -65.42
C THR B 74 -34.89 -16.85 -64.81
N GLY B 75 -34.64 -15.74 -64.12
CA GLY B 75 -35.70 -14.96 -63.53
C GLY B 75 -36.10 -15.39 -62.13
N HIS B 76 -35.47 -16.42 -61.57
CA HIS B 76 -35.79 -16.86 -60.22
C HIS B 76 -34.50 -17.26 -59.50
N ALA B 77 -34.40 -16.91 -58.22
CA ALA B 77 -33.28 -17.40 -57.43
C ALA B 77 -33.34 -18.91 -57.35
N PRO B 78 -32.27 -19.62 -57.66
CA PRO B 78 -32.30 -21.08 -57.51
C PRO B 78 -32.46 -21.47 -56.04
N VAL B 79 -33.20 -22.54 -55.83
CA VAL B 79 -33.41 -23.11 -54.50
C VAL B 79 -32.38 -24.19 -54.23
N THR B 80 -31.68 -24.07 -53.10
CA THR B 80 -30.79 -25.12 -52.61
C THR B 80 -31.14 -25.52 -51.19
N ASP B 81 -31.33 -24.56 -50.30
CA ASP B 81 -31.66 -24.88 -48.92
C ASP B 81 -33.17 -24.77 -48.75
N TRP B 82 -33.70 -25.53 -47.80
CA TRP B 82 -35.13 -25.46 -47.51
C TRP B 82 -35.57 -24.03 -47.24
N GLU B 83 -34.70 -23.25 -46.58
CA GLU B 83 -35.02 -21.86 -46.28
C GLU B 83 -35.11 -20.99 -47.53
N ASP B 84 -34.53 -21.42 -48.67
CA ASP B 84 -34.59 -20.58 -49.86
C ASP B 84 -36.00 -20.54 -50.45
N HIS B 85 -36.87 -21.47 -50.04
CA HIS B 85 -38.28 -21.48 -50.38
C HIS B 85 -39.12 -20.75 -49.33
N LYS B 86 -40.12 -20.00 -49.79
CA LYS B 86 -40.94 -19.16 -48.91
C LYS B 86 -42.35 -19.70 -48.67
N GLY B 87 -42.80 -19.57 -47.43
CA GLY B 87 -44.16 -19.87 -47.02
C GLY B 87 -44.42 -21.32 -46.64
N GLY B 88 -45.71 -21.64 -46.68
CA GLY B 88 -46.20 -22.96 -46.32
C GLY B 88 -45.89 -24.05 -47.33
N GLY B 89 -46.26 -25.27 -46.94
CA GLY B 89 -46.15 -26.46 -47.76
C GLY B 89 -44.83 -27.19 -47.83
N ALA B 90 -43.70 -26.51 -47.60
CA ALA B 90 -42.33 -27.03 -47.81
C ALA B 90 -41.86 -27.04 -49.27
N ALA B 91 -40.54 -26.88 -49.46
CA ALA B 91 -39.97 -26.64 -50.78
C ALA B 91 -40.28 -27.76 -51.76
N HIS B 92 -40.12 -29.02 -51.33
CA HIS B 92 -40.24 -30.12 -52.28
C HIS B 92 -41.69 -30.32 -52.71
N VAL B 93 -42.63 -30.16 -51.78
CA VAL B 93 -44.05 -30.28 -52.12
C VAL B 93 -44.48 -29.13 -53.02
N ALA B 94 -44.10 -27.90 -52.66
CA ALA B 94 -44.51 -26.74 -53.45
C ALA B 94 -43.91 -26.78 -54.85
N LEU B 95 -42.60 -27.01 -54.95
CA LEU B 95 -41.97 -27.08 -56.27
C LEU B 95 -42.44 -28.30 -57.03
N GLY B 96 -42.61 -29.43 -56.34
CA GLY B 96 -43.06 -30.64 -57.02
C GLY B 96 -44.45 -30.50 -57.60
N ALA B 97 -45.35 -29.84 -56.87
CA ALA B 97 -46.70 -29.61 -57.37
C ALA B 97 -46.70 -28.55 -58.47
N TRP B 98 -45.81 -27.56 -58.37
CA TRP B 98 -45.79 -26.49 -59.36
C TRP B 98 -45.32 -26.99 -60.72
N ALA B 99 -44.48 -28.01 -60.76
CA ALA B 99 -43.79 -28.39 -61.98
C ALA B 99 -44.76 -29.06 -62.96
N ASP B 100 -44.73 -28.59 -64.21
CA ASP B 100 -45.38 -29.30 -65.32
C ASP B 100 -44.41 -30.23 -66.02
N VAL B 101 -43.14 -29.86 -66.05
CA VAL B 101 -42.06 -30.71 -66.53
C VAL B 101 -40.92 -30.60 -65.52
N LEU B 102 -40.24 -31.71 -65.27
CA LEU B 102 -39.04 -31.73 -64.43
C LEU B 102 -37.86 -32.18 -65.28
N VAL B 103 -36.83 -31.34 -65.34
CA VAL B 103 -35.60 -31.64 -66.07
C VAL B 103 -34.44 -31.56 -65.09
N ILE B 104 -33.62 -32.62 -65.05
CA ILE B 104 -32.37 -32.66 -64.31
C ILE B 104 -31.24 -32.58 -65.33
N LEU B 105 -30.55 -31.45 -65.38
CA LEU B 105 -29.55 -31.26 -66.42
C LEU B 105 -28.52 -30.21 -65.97
N PRO B 106 -27.25 -30.59 -65.80
CA PRO B 106 -26.78 -31.97 -65.86
C PRO B 106 -27.10 -32.73 -64.58
N ALA B 107 -27.25 -34.05 -64.70
CA ALA B 107 -27.37 -34.91 -63.54
C ALA B 107 -26.02 -35.56 -63.27
N THR B 108 -25.71 -35.76 -61.99
CA THR B 108 -24.51 -36.49 -61.61
C THR B 108 -24.80 -37.99 -61.51
N ALA B 109 -23.73 -38.78 -61.54
CA ALA B 109 -23.85 -40.17 -61.17
C ALA B 109 -24.50 -40.32 -59.80
N ASN B 110 -24.05 -39.45 -58.89
CA ASN B 110 -24.61 -39.37 -57.55
C ASN B 110 -26.13 -39.23 -57.62
N PHE B 111 -26.63 -38.32 -58.48
CA PHE B 111 -28.08 -38.12 -58.59
C PHE B 111 -28.79 -39.39 -59.04
N LEU B 112 -28.25 -40.06 -60.07
CA LEU B 112 -28.87 -41.27 -60.60
C LEU B 112 -29.06 -42.30 -59.50
N ALA B 113 -28.02 -42.43 -58.66
CA ALA B 113 -28.05 -43.35 -57.54
C ALA B 113 -29.14 -42.95 -56.54
N LYS B 114 -29.18 -41.66 -56.17
CA LYS B 114 -30.19 -41.24 -55.21
C LYS B 114 -31.58 -41.37 -55.80
N ALA B 115 -31.76 -40.95 -57.07
CA ALA B 115 -33.08 -41.04 -57.70
C ALA B 115 -33.52 -42.48 -57.86
N ALA B 116 -32.59 -43.37 -58.22
CA ALA B 116 -32.94 -44.78 -58.43
C ALA B 116 -33.36 -45.47 -57.14
N HIS B 117 -32.88 -44.99 -55.99
CA HIS B 117 -33.14 -45.67 -54.73
C HIS B 117 -34.07 -44.91 -53.80
N GLY B 118 -34.71 -43.84 -54.28
CA GLY B 118 -35.64 -43.11 -53.43
C GLY B 118 -35.00 -42.39 -52.27
N ILE B 119 -33.71 -42.07 -52.38
CA ILE B 119 -33.06 -41.21 -51.40
C ILE B 119 -33.52 -39.77 -51.63
N ALA B 120 -33.78 -39.06 -50.52
CA ALA B 120 -34.29 -37.70 -50.58
C ALA B 120 -33.58 -36.88 -49.49
N ASP B 121 -32.26 -36.70 -49.63
CA ASP B 121 -31.51 -36.07 -48.56
C ASP B 121 -31.10 -34.63 -48.89
N ASP B 122 -31.70 -34.04 -49.92
CA ASP B 122 -31.61 -32.60 -50.18
C ASP B 122 -32.89 -32.18 -50.90
N VAL B 123 -33.00 -30.88 -51.21
CA VAL B 123 -34.24 -30.39 -51.80
C VAL B 123 -34.53 -31.07 -53.15
N LEU B 124 -33.50 -31.20 -54.01
CA LEU B 124 -33.72 -31.76 -55.35
C LEU B 124 -34.28 -33.17 -55.30
N THR B 125 -33.62 -34.06 -54.55
CA THR B 125 -34.03 -35.47 -54.56
C THR B 125 -35.36 -35.67 -53.85
N ALA B 126 -35.69 -34.81 -52.88
CA ALA B 126 -37.03 -34.82 -52.29
C ALA B 126 -38.08 -34.33 -53.29
N THR B 127 -37.71 -33.32 -54.08
CA THR B 127 -38.62 -32.80 -55.10
C THR B 127 -38.92 -33.86 -56.15
N VAL B 128 -37.94 -34.71 -56.47
CA VAL B 128 -38.17 -35.83 -57.38
C VAL B 128 -39.29 -36.72 -56.86
N LEU B 129 -39.26 -37.03 -55.57
CA LEU B 129 -40.29 -37.89 -55.00
C LEU B 129 -41.66 -37.24 -55.06
N ALA B 130 -41.71 -35.91 -54.92
CA ALA B 130 -42.99 -35.20 -54.87
C ALA B 130 -43.50 -34.81 -56.26
N ALA B 131 -42.65 -34.78 -57.28
CA ALA B 131 -43.08 -34.36 -58.60
C ALA B 131 -43.85 -35.47 -59.30
N GLU B 132 -44.88 -35.07 -60.07
CA GLU B 132 -45.69 -36.01 -60.86
C GLU B 132 -45.88 -35.39 -62.23
N CYS B 133 -44.85 -35.49 -63.06
CA CYS B 133 -44.85 -34.82 -64.35
C CYS B 133 -43.82 -35.49 -65.24
N PRO B 134 -43.88 -35.26 -66.55
CA PRO B 134 -42.81 -35.75 -67.43
C PRO B 134 -41.45 -35.29 -66.94
N THR B 135 -40.50 -36.23 -66.88
CA THR B 135 -39.19 -35.95 -66.32
C THR B 135 -38.10 -36.43 -67.26
N VAL B 136 -37.15 -35.55 -67.56
CA VAL B 136 -35.97 -35.87 -68.37
C VAL B 136 -34.72 -35.71 -67.50
N ILE B 137 -33.88 -36.73 -67.50
CA ILE B 137 -32.63 -36.76 -66.73
C ILE B 137 -31.48 -36.87 -67.72
N ALA B 138 -30.55 -35.92 -67.67
CA ALA B 138 -29.42 -35.86 -68.60
C ALA B 138 -28.11 -36.00 -67.83
N PRO B 139 -27.68 -37.22 -67.53
CA PRO B 139 -26.44 -37.39 -66.76
C PRO B 139 -25.20 -37.08 -67.59
N VAL B 140 -24.17 -36.58 -66.92
CA VAL B 140 -22.85 -36.34 -67.49
C VAL B 140 -21.80 -36.85 -66.51
N MET B 141 -20.79 -37.54 -67.04
CA MET B 141 -19.68 -38.09 -66.28
C MET B 141 -18.68 -38.63 -67.30
N ASN B 142 -17.48 -38.96 -66.84
CA ASN B 142 -16.47 -39.48 -67.76
C ASN B 142 -16.75 -40.96 -68.06
N ALA B 143 -15.94 -41.54 -68.94
CA ALA B 143 -16.21 -42.89 -69.44
C ALA B 143 -16.01 -43.94 -68.35
N ALA B 144 -15.01 -43.75 -67.48
CA ALA B 144 -14.78 -44.70 -66.39
C ALA B 144 -15.99 -44.79 -65.47
N MET B 145 -16.57 -43.64 -65.12
CA MET B 145 -17.72 -43.64 -64.23
C MET B 145 -18.96 -44.21 -64.93
N TRP B 146 -19.19 -43.80 -66.18
CA TRP B 146 -20.36 -44.27 -66.93
C TRP B 146 -20.36 -45.79 -67.09
N SER B 147 -19.18 -46.41 -67.14
CA SER B 147 -19.10 -47.85 -67.36
C SER B 147 -19.26 -48.67 -66.09
N LYS B 148 -19.32 -48.03 -64.94
CA LYS B 148 -19.42 -48.79 -63.70
C LYS B 148 -20.74 -49.55 -63.64
N PRO B 149 -20.72 -50.80 -63.19
CA PRO B 149 -21.97 -51.56 -63.08
C PRO B 149 -23.02 -50.90 -62.21
N ALA B 150 -22.61 -50.32 -61.09
CA ALA B 150 -23.56 -49.67 -60.20
C ALA B 150 -24.27 -48.52 -60.92
N VAL B 151 -23.52 -47.73 -61.69
CA VAL B 151 -24.10 -46.62 -62.43
C VAL B 151 -25.12 -47.14 -63.45
N GLN B 152 -24.75 -48.19 -64.19
CA GLN B 152 -25.66 -48.69 -65.22
C GLN B 152 -26.89 -49.34 -64.61
N ARG B 153 -26.76 -49.95 -63.42
CA ARG B 153 -27.95 -50.40 -62.70
C ARG B 153 -28.90 -49.24 -62.42
N ASN B 154 -28.36 -48.10 -62.02
CA ASN B 154 -29.22 -46.97 -61.68
C ASN B 154 -29.91 -46.41 -62.92
N VAL B 155 -29.17 -46.30 -64.02
CA VAL B 155 -29.77 -45.90 -65.30
C VAL B 155 -30.91 -46.84 -65.67
N ASP B 156 -30.67 -48.15 -65.63
CA ASP B 156 -31.71 -49.12 -65.97
C ASP B 156 -32.89 -48.99 -65.03
N GLN B 157 -32.61 -48.89 -63.73
CA GLN B 157 -33.70 -48.80 -62.76
C GLN B 157 -34.55 -47.55 -63.00
N LEU B 158 -33.92 -46.43 -63.36
CA LEU B 158 -34.67 -45.21 -63.60
C LEU B 158 -35.54 -45.33 -64.84
N ARG B 159 -35.05 -46.01 -65.87
CA ARG B 159 -35.86 -46.26 -67.06
C ARG B 159 -37.07 -47.12 -66.74
N GLU B 160 -36.88 -48.17 -65.93
CA GLU B 160 -38.02 -48.99 -65.53
C GLU B 160 -39.05 -48.19 -64.73
N ASP B 161 -38.60 -47.18 -63.98
CA ASP B 161 -39.50 -46.36 -63.18
C ASP B 161 -40.19 -45.28 -64.00
N GLY B 162 -39.91 -45.18 -65.30
CA GLY B 162 -40.58 -44.24 -66.16
C GLY B 162 -39.83 -42.97 -66.50
N TYR B 163 -38.57 -42.84 -66.12
CA TYR B 163 -37.80 -41.63 -66.40
C TYR B 163 -37.15 -41.71 -67.78
N ARG B 164 -37.11 -40.58 -68.47
CA ARG B 164 -36.44 -40.46 -69.76
C ARG B 164 -34.97 -40.05 -69.53
N ILE B 165 -34.04 -40.91 -69.94
CA ILE B 165 -32.61 -40.71 -69.76
C ILE B 165 -31.99 -40.27 -71.08
N VAL B 166 -31.29 -39.15 -71.06
CA VAL B 166 -30.49 -38.69 -72.20
C VAL B 166 -29.05 -39.08 -71.91
N GLU B 167 -28.56 -40.13 -72.58
CA GLU B 167 -27.23 -40.62 -72.30
C GLU B 167 -26.17 -39.61 -72.75
N PRO B 168 -25.07 -39.50 -72.03
CA PRO B 168 -24.04 -38.53 -72.39
C PRO B 168 -23.27 -38.94 -73.63
N LYS B 169 -22.57 -37.96 -74.19
CA LYS B 169 -21.61 -38.18 -75.26
C LYS B 169 -20.19 -38.16 -74.67
N GLU B 170 -19.21 -38.31 -75.57
CA GLU B 170 -17.80 -38.42 -75.21
C GLU B 170 -17.05 -37.24 -75.84
N GLY B 171 -17.25 -36.05 -75.27
CA GLY B 171 -16.70 -34.83 -75.82
C GLY B 171 -15.46 -34.28 -75.15
N ILE B 172 -14.27 -34.72 -75.56
CA ILE B 172 -13.05 -34.20 -74.96
C ILE B 172 -12.84 -32.76 -75.42
N PRO B 181 -13.88 -37.66 -70.07
CA PRO B 181 -14.56 -36.35 -69.94
C PRO B 181 -15.84 -36.25 -70.75
N GLY B 182 -16.97 -36.56 -70.13
CA GLY B 182 -18.24 -36.61 -70.82
C GLY B 182 -18.81 -35.25 -71.15
N SER B 183 -19.88 -35.27 -71.95
CA SER B 183 -20.62 -34.07 -72.30
C SER B 183 -22.08 -34.45 -72.47
N LEU B 184 -22.94 -33.42 -72.47
CA LEU B 184 -24.38 -33.66 -72.55
C LEU B 184 -24.74 -34.37 -73.84
N GLY B 185 -25.70 -35.29 -73.74
CA GLY B 185 -26.25 -35.94 -74.92
C GLY B 185 -27.18 -35.04 -75.70
N ASP B 186 -28.01 -35.62 -76.56
CA ASP B 186 -28.94 -34.85 -77.40
C ASP B 186 -30.24 -34.68 -76.62
N PHE B 187 -30.25 -33.65 -75.78
CA PHE B 187 -31.36 -33.42 -74.87
C PHE B 187 -32.49 -32.58 -75.45
N GLN B 188 -32.23 -31.77 -76.49
CA GLN B 188 -33.24 -30.84 -76.96
C GLN B 188 -34.51 -31.56 -77.39
N SER B 189 -34.37 -32.66 -78.12
CA SER B 189 -35.54 -33.42 -78.54
C SER B 189 -36.27 -34.01 -77.34
N ALA B 190 -35.51 -34.55 -76.38
CA ALA B 190 -36.13 -35.14 -75.20
C ALA B 190 -36.86 -34.09 -74.37
N ILE B 191 -36.26 -32.91 -74.22
CA ILE B 191 -36.91 -31.84 -73.46
C ILE B 191 -38.12 -31.30 -74.22
N SER B 192 -37.98 -31.07 -75.53
CA SER B 192 -39.12 -30.63 -76.33
C SER B 192 -40.30 -31.57 -76.20
N THR B 193 -40.04 -32.88 -76.28
CA THR B 193 -41.11 -33.87 -76.14
C THR B 193 -41.82 -33.71 -74.79
N ALA B 194 -41.06 -33.58 -73.71
CA ALA B 194 -41.65 -33.45 -72.38
C ALA B 194 -42.47 -32.17 -72.25
N LEU B 195 -41.96 -31.05 -72.77
CA LEU B 195 -42.70 -29.80 -72.71
C LEU B 195 -44.03 -29.90 -73.46
N ILE B 196 -44.03 -30.60 -74.60
CA ILE B 196 -45.24 -30.75 -75.39
C ILE B 196 -46.23 -31.68 -74.67
N GLN B 197 -45.73 -32.78 -74.09
CA GLN B 197 -46.60 -33.66 -73.31
C GLN B 197 -47.28 -32.90 -72.17
N ALA B 198 -46.56 -31.98 -71.54
CA ALA B 198 -47.15 -31.22 -70.43
C ALA B 198 -48.23 -30.27 -70.92
N ALA B 199 -47.97 -29.55 -72.01
CA ALA B 199 -48.97 -28.64 -72.57
C ALA B 199 -50.23 -29.38 -73.00
N ALA B 200 -50.09 -30.63 -73.42
CA ALA B 200 -51.24 -31.44 -73.84
C ALA B 200 -52.12 -31.90 -72.69
N ALA C 18 -2.88 -55.47 -7.64
CA ALA C 18 -3.28 -54.19 -7.06
C ALA C 18 -3.14 -53.05 -8.08
N LEU C 19 -2.61 -53.38 -9.26
CA LEU C 19 -2.43 -52.38 -10.31
C LEU C 19 -3.75 -51.91 -10.91
N ALA C 20 -4.85 -52.58 -10.64
CA ALA C 20 -6.12 -52.16 -11.23
C ALA C 20 -6.69 -50.93 -10.57
N GLN C 21 -6.21 -50.58 -9.38
CA GLN C 21 -6.65 -49.39 -8.66
C GLN C 21 -5.65 -48.25 -8.72
N VAL C 22 -4.53 -48.42 -9.42
CA VAL C 22 -3.57 -47.33 -9.58
C VAL C 22 -4.14 -46.35 -10.60
N ARG C 23 -4.26 -45.09 -10.21
CA ARG C 23 -4.81 -44.07 -11.09
C ARG C 23 -3.66 -43.44 -11.87
N LEU C 24 -3.63 -43.69 -13.18
CA LEU C 24 -2.57 -43.25 -14.07
C LEU C 24 -3.02 -41.98 -14.79
N LEU C 25 -2.31 -40.88 -14.56
CA LEU C 25 -2.49 -39.64 -15.30
C LEU C 25 -1.47 -39.58 -16.43
N TRP C 26 -1.94 -39.34 -17.64
CA TRP C 26 -1.14 -39.52 -18.85
C TRP C 26 -1.17 -38.23 -19.66
N GLY C 27 -0.05 -37.51 -19.70
CA GLY C 27 0.05 -36.29 -20.50
C GLY C 27 0.60 -36.61 -21.89
N VAL C 28 0.03 -35.94 -22.90
CA VAL C 28 0.37 -36.17 -24.30
C VAL C 28 0.76 -34.84 -24.93
N CYS C 29 1.98 -34.76 -25.47
CA CYS C 29 2.48 -33.54 -26.08
C CYS C 29 2.51 -33.66 -27.61
N GLY C 30 2.74 -32.51 -28.26
CA GLY C 30 2.69 -32.44 -29.70
C GLY C 30 3.91 -33.02 -30.40
N SER C 31 4.03 -34.35 -30.35
CA SER C 31 5.11 -35.08 -31.00
C SER C 31 4.53 -35.97 -32.08
N PHE C 32 5.34 -36.26 -33.11
CA PHE C 32 4.97 -37.29 -34.09
C PHE C 32 4.45 -38.55 -33.41
N SER C 33 5.06 -38.94 -32.29
CA SER C 33 4.74 -40.19 -31.60
C SER C 33 3.41 -40.16 -30.87
N ALA C 34 2.65 -39.06 -30.91
CA ALA C 34 1.33 -39.07 -30.32
C ALA C 34 0.39 -40.05 -31.04
N VAL C 35 0.72 -40.44 -32.27
CA VAL C 35 -0.05 -41.47 -32.96
C VAL C 35 0.06 -42.83 -32.29
N ALA C 36 1.05 -43.04 -31.42
CA ALA C 36 1.19 -44.29 -30.71
C ALA C 36 0.27 -44.39 -29.51
N VAL C 37 -0.49 -43.33 -29.21
CA VAL C 37 -1.33 -43.31 -28.01
C VAL C 37 -2.32 -44.47 -27.97
N PRO C 38 -3.05 -44.79 -29.05
CA PRO C 38 -3.94 -45.96 -28.98
C PRO C 38 -3.20 -47.26 -28.70
N HIS C 39 -2.05 -47.47 -29.34
CA HIS C 39 -1.27 -48.66 -29.06
C HIS C 39 -0.82 -48.71 -27.60
N VAL C 40 -0.32 -47.60 -27.06
CA VAL C 40 0.13 -47.58 -25.67
C VAL C 40 -1.04 -47.81 -24.73
N ASN C 41 -2.21 -47.26 -25.06
CA ASN C 41 -3.39 -47.47 -24.22
C ASN C 41 -3.78 -48.95 -24.19
N ALA C 42 -3.71 -49.62 -25.34
CA ALA C 42 -4.02 -51.05 -25.38
C ALA C 42 -3.05 -51.87 -24.54
N TRP C 43 -1.76 -51.55 -24.61
CA TRP C 43 -0.78 -52.22 -23.78
C TRP C 43 -1.03 -51.98 -22.29
N LEU C 44 -1.35 -50.75 -21.92
CA LEU C 44 -1.59 -50.43 -20.51
C LEU C 44 -2.80 -51.16 -19.97
N ARG C 45 -3.85 -51.25 -20.78
CA ARG C 45 -5.10 -51.83 -20.30
C ARG C 45 -5.11 -53.35 -20.42
N GLY C 46 -4.72 -53.87 -21.60
CA GLY C 46 -4.83 -55.29 -21.88
C GLY C 46 -3.68 -56.14 -21.41
N THR C 47 -2.52 -55.52 -21.15
CA THR C 47 -1.34 -56.26 -20.71
C THR C 47 -0.90 -55.89 -19.31
N VAL C 48 -0.82 -54.59 -18.99
CA VAL C 48 -0.39 -54.23 -17.65
C VAL C 48 -1.55 -54.33 -16.66
N GLY C 49 -2.77 -54.11 -17.12
CA GLY C 49 -3.94 -54.18 -16.27
C GLY C 49 -4.36 -52.89 -15.60
N VAL C 50 -3.90 -51.73 -16.09
CA VAL C 50 -4.37 -50.46 -15.53
C VAL C 50 -5.82 -50.24 -15.95
N GLN C 51 -6.64 -49.79 -15.01
CA GLN C 51 -8.05 -49.56 -15.31
C GLN C 51 -8.44 -48.08 -15.35
N GLU C 52 -7.89 -47.26 -14.46
CA GLU C 52 -8.25 -45.85 -14.39
C GLU C 52 -7.14 -45.02 -15.04
N ILE C 53 -7.42 -44.52 -16.24
CA ILE C 53 -6.48 -43.73 -17.04
C ILE C 53 -7.18 -42.44 -17.48
N ARG C 54 -6.60 -41.29 -17.13
CA ARG C 54 -7.05 -39.99 -17.61
C ARG C 54 -5.93 -39.29 -18.37
N THR C 55 -6.27 -38.67 -19.49
CA THR C 55 -5.29 -38.04 -20.35
C THR C 55 -5.44 -36.52 -20.33
N VAL C 56 -4.29 -35.86 -20.46
CA VAL C 56 -4.17 -34.41 -20.66
C VAL C 56 -3.39 -34.21 -21.94
N MET C 57 -3.94 -33.47 -22.90
CA MET C 57 -3.26 -33.19 -24.15
C MET C 57 -2.89 -31.71 -24.21
N THR C 58 -1.67 -31.42 -24.66
CA THR C 58 -1.37 -30.04 -24.99
C THR C 58 -2.18 -29.61 -26.20
N ALA C 59 -2.29 -28.29 -26.37
CA ALA C 59 -3.00 -27.77 -27.55
C ALA C 59 -2.36 -28.29 -28.84
N GLN C 60 -1.03 -28.40 -28.87
CA GLN C 60 -0.40 -28.90 -30.08
C GLN C 60 -0.71 -30.39 -30.29
N ALA C 61 -0.69 -31.19 -29.23
CA ALA C 61 -1.08 -32.60 -29.36
C ALA C 61 -2.50 -32.71 -29.89
N ARG C 62 -3.43 -31.92 -29.33
CA ARG C 62 -4.82 -31.98 -29.77
C ARG C 62 -4.92 -31.65 -31.24
N ALA C 63 -4.13 -30.66 -31.69
CA ALA C 63 -4.17 -30.25 -33.08
C ALA C 63 -3.63 -31.32 -34.00
N LEU C 64 -2.74 -32.18 -33.49
CA LEU C 64 -2.16 -33.24 -34.30
C LEU C 64 -3.01 -34.52 -34.33
N MET C 65 -3.39 -35.03 -33.15
CA MET C 65 -4.05 -36.34 -33.05
C MET C 65 -5.58 -36.29 -33.09
N GLY C 66 -6.19 -35.18 -32.70
CA GLY C 66 -7.63 -35.14 -32.59
C GLY C 66 -8.10 -35.87 -31.35
N PRO C 67 -8.73 -35.11 -30.45
CA PRO C 67 -9.09 -35.68 -29.14
C PRO C 67 -10.32 -36.58 -29.17
N ARG C 68 -11.14 -36.55 -30.22
CA ARG C 68 -12.40 -37.29 -30.19
C ARG C 68 -12.17 -38.79 -30.31
N MET C 69 -11.17 -39.20 -31.10
CA MET C 69 -10.91 -40.63 -31.18
C MET C 69 -10.20 -41.12 -29.92
N ILE C 70 -9.30 -40.30 -29.37
CA ILE C 70 -8.69 -40.62 -28.09
C ILE C 70 -9.78 -40.89 -27.05
N GLU C 71 -10.82 -40.07 -27.03
CA GLU C 71 -11.93 -40.28 -26.10
C GLU C 71 -12.61 -41.62 -26.36
N ALA C 72 -12.83 -41.95 -27.64
CA ALA C 72 -13.56 -43.16 -27.98
C ALA C 72 -12.80 -44.42 -27.62
N VAL C 73 -11.46 -44.38 -27.67
CA VAL C 73 -10.67 -45.57 -27.41
C VAL C 73 -10.16 -45.65 -25.98
N THR C 74 -10.13 -44.53 -25.25
CA THR C 74 -9.71 -44.57 -23.86
C THR C 74 -10.87 -44.50 -22.88
N GLY C 75 -12.05 -44.08 -23.32
CA GLY C 75 -13.19 -43.98 -22.44
C GLY C 75 -13.31 -42.67 -21.68
N HIS C 76 -12.37 -41.74 -21.87
CA HIS C 76 -12.44 -40.43 -21.27
C HIS C 76 -12.01 -39.38 -22.27
N ALA C 77 -12.72 -38.27 -22.28
CA ALA C 77 -12.29 -37.12 -23.04
C ALA C 77 -10.97 -36.62 -22.47
N PRO C 78 -9.95 -36.38 -23.29
CA PRO C 78 -8.74 -35.76 -22.75
C PRO C 78 -9.04 -34.35 -22.28
N VAL C 79 -8.34 -33.94 -21.24
CA VAL C 79 -8.42 -32.56 -20.74
C VAL C 79 -7.41 -31.72 -21.50
N THR C 80 -7.84 -30.59 -22.06
CA THR C 80 -6.90 -29.66 -22.67
C THR C 80 -7.01 -28.24 -22.14
N ASP C 81 -8.22 -27.72 -22.06
CA ASP C 81 -8.45 -26.37 -21.61
C ASP C 81 -8.89 -26.35 -20.16
N TRP C 82 -8.64 -25.23 -19.49
CA TRP C 82 -9.12 -25.08 -18.12
C TRP C 82 -10.60 -25.34 -18.00
N GLU C 83 -11.37 -24.97 -19.04
CA GLU C 83 -12.81 -25.13 -19.05
C GLU C 83 -13.25 -26.58 -18.96
N ASP C 84 -12.37 -27.54 -19.28
CA ASP C 84 -12.77 -28.95 -19.25
C ASP C 84 -12.93 -29.47 -17.83
N HIS C 85 -12.42 -28.78 -16.82
CA HIS C 85 -12.66 -29.17 -15.43
C HIS C 85 -13.97 -28.55 -14.96
N LYS C 86 -14.82 -29.35 -14.34
CA LYS C 86 -16.15 -28.93 -13.91
C LYS C 86 -16.19 -28.76 -12.41
N GLY C 87 -16.86 -27.71 -11.95
CA GLY C 87 -17.06 -27.51 -10.53
C GLY C 87 -15.92 -26.73 -9.87
N GLY C 88 -15.82 -26.92 -8.56
CA GLY C 88 -14.85 -26.18 -7.77
C GLY C 88 -13.41 -26.57 -8.05
N GLY C 89 -12.52 -25.69 -7.60
CA GLY C 89 -11.09 -25.90 -7.81
C GLY C 89 -10.66 -25.55 -9.22
N ALA C 90 -10.00 -26.50 -9.88
CA ALA C 90 -9.23 -26.20 -11.08
C ALA C 90 -8.57 -27.47 -11.62
N ALA C 91 -8.40 -27.51 -12.94
CA ALA C 91 -8.02 -28.75 -13.60
C ALA C 91 -6.72 -29.32 -13.06
N HIS C 92 -5.71 -28.47 -12.84
CA HIS C 92 -4.39 -28.98 -12.47
C HIS C 92 -4.38 -29.54 -11.06
N VAL C 93 -5.09 -28.90 -10.14
CA VAL C 93 -5.17 -29.40 -8.77
C VAL C 93 -5.97 -30.71 -8.73
N ALA C 94 -7.12 -30.75 -9.41
CA ALA C 94 -7.94 -31.95 -9.41
C ALA C 94 -7.20 -33.12 -10.06
N LEU C 95 -6.60 -32.89 -11.23
CA LEU C 95 -5.86 -33.98 -11.87
C LEU C 95 -4.61 -34.34 -11.08
N GLY C 96 -3.91 -33.32 -10.57
CA GLY C 96 -2.66 -33.55 -9.87
C GLY C 96 -2.84 -34.33 -8.58
N ALA C 97 -3.91 -34.05 -7.84
CA ALA C 97 -4.18 -34.79 -6.61
C ALA C 97 -4.68 -36.20 -6.91
N TRP C 98 -5.39 -36.37 -8.02
CA TRP C 98 -5.96 -37.67 -8.37
C TRP C 98 -4.89 -38.68 -8.77
N ALA C 99 -3.78 -38.21 -9.34
CA ALA C 99 -2.82 -39.11 -9.97
C ALA C 99 -2.05 -39.91 -8.93
N ASP C 100 -1.98 -41.22 -9.13
CA ASP C 100 -1.03 -42.06 -8.41
C ASP C 100 0.28 -42.20 -9.16
N VAL C 101 0.20 -42.20 -10.49
CA VAL C 101 1.36 -42.17 -11.36
C VAL C 101 1.09 -41.15 -12.45
N LEU C 102 2.12 -40.39 -12.82
CA LEU C 102 2.06 -39.41 -13.90
C LEU C 102 3.04 -39.85 -14.98
N VAL C 103 2.54 -40.02 -16.20
CA VAL C 103 3.37 -40.36 -17.35
C VAL C 103 3.17 -39.27 -18.41
N ILE C 104 4.28 -38.73 -18.91
CA ILE C 104 4.26 -37.83 -20.05
C ILE C 104 4.85 -38.58 -21.24
N LEU C 105 3.99 -38.96 -22.18
CA LEU C 105 4.37 -39.83 -23.28
C LEU C 105 3.43 -39.59 -24.46
N PRO C 106 3.94 -39.09 -25.60
CA PRO C 106 5.32 -38.61 -25.76
C PRO C 106 5.49 -37.22 -25.16
N ALA C 107 6.68 -36.92 -24.68
CA ALA C 107 7.00 -35.57 -24.26
C ALA C 107 7.78 -34.89 -25.37
N THR C 108 7.53 -33.60 -25.56
CA THR C 108 8.29 -32.79 -26.51
C THR C 108 9.53 -32.22 -25.83
N ALA C 109 10.49 -31.78 -26.65
CA ALA C 109 11.57 -30.97 -26.11
C ALA C 109 11.03 -29.77 -25.35
N ASN C 110 10.01 -29.12 -25.93
CA ASN C 110 9.32 -28.00 -25.28
C ASN C 110 8.89 -28.39 -23.87
N PHE C 111 8.29 -29.58 -23.73
CA PHE C 111 7.85 -30.02 -22.41
C PHE C 111 9.01 -30.11 -21.44
N LEU C 112 10.14 -30.67 -21.88
CA LEU C 112 11.31 -30.80 -21.01
C LEU C 112 11.74 -29.44 -20.46
N ALA C 113 11.78 -28.42 -21.32
CA ALA C 113 12.17 -27.09 -20.86
C ALA C 113 11.18 -26.54 -19.84
N LYS C 114 9.87 -26.67 -20.11
CA LYS C 114 8.90 -26.11 -19.19
C LYS C 114 8.93 -26.84 -17.85
N ALA C 115 9.00 -28.17 -17.86
CA ALA C 115 9.01 -28.90 -16.61
C ALA C 115 10.28 -28.61 -15.82
N ALA C 116 11.42 -28.53 -16.50
CA ALA C 116 12.68 -28.30 -15.81
C ALA C 116 12.71 -26.93 -15.14
N HIS C 117 11.97 -25.95 -15.66
CA HIS C 117 12.06 -24.60 -15.15
C HIS C 117 10.82 -24.15 -14.40
N GLY C 118 9.89 -25.07 -14.14
CA GLY C 118 8.69 -24.74 -13.39
C GLY C 118 7.73 -23.81 -14.11
N ILE C 119 7.77 -23.78 -15.44
CA ILE C 119 6.78 -23.05 -16.23
C ILE C 119 5.47 -23.82 -16.21
N ALA C 120 4.35 -23.08 -16.08
CA ALA C 120 3.02 -23.66 -15.97
C ALA C 120 2.04 -22.81 -16.77
N ASP C 121 2.21 -22.77 -18.11
CA ASP C 121 1.40 -21.90 -18.93
C ASP C 121 0.32 -22.66 -19.72
N ASP C 122 0.06 -23.92 -19.37
CA ASP C 122 -1.13 -24.63 -19.84
C ASP C 122 -1.51 -25.67 -18.78
N VAL C 123 -2.58 -26.40 -19.04
CA VAL C 123 -3.08 -27.35 -18.03
C VAL C 123 -2.04 -28.42 -17.71
N LEU C 124 -1.39 -28.98 -18.73
CA LEU C 124 -0.45 -30.08 -18.49
C LEU C 124 0.70 -29.65 -17.59
N THR C 125 1.36 -28.54 -17.93
CA THR C 125 2.54 -28.15 -17.17
C THR C 125 2.19 -27.62 -15.79
N ALA C 126 0.99 -27.05 -15.62
CA ALA C 126 0.52 -26.72 -14.28
C ALA C 126 0.20 -27.98 -13.49
N THR C 127 -0.33 -29.01 -14.16
CA THR C 127 -0.60 -30.26 -13.47
C THR C 127 0.69 -30.88 -12.94
N VAL C 128 1.79 -30.71 -13.68
CA VAL C 128 3.10 -31.20 -13.21
C VAL C 128 3.45 -30.59 -11.87
N LEU C 129 3.24 -29.28 -11.72
CA LEU C 129 3.56 -28.65 -10.44
C LEU C 129 2.65 -29.14 -9.33
N ALA C 130 1.40 -29.48 -9.64
CA ALA C 130 0.45 -29.87 -8.61
C ALA C 130 0.51 -31.34 -8.27
N ALA C 131 1.09 -32.17 -9.12
CA ALA C 131 1.13 -33.61 -8.88
C ALA C 131 2.22 -33.97 -7.87
N GLU C 132 1.93 -34.96 -7.01
CA GLU C 132 2.89 -35.44 -6.02
C GLU C 132 2.91 -36.96 -6.10
N CYS C 133 3.58 -37.49 -7.12
CA CYS C 133 3.57 -38.91 -7.38
C CYS C 133 4.77 -39.24 -8.27
N PRO C 134 5.16 -40.51 -8.34
CA PRO C 134 6.20 -40.91 -9.30
C PRO C 134 5.82 -40.49 -10.71
N THR C 135 6.81 -39.93 -11.42
CA THR C 135 6.56 -39.40 -12.76
C THR C 135 7.57 -39.97 -13.74
N VAL C 136 7.07 -40.45 -14.88
CA VAL C 136 7.89 -40.96 -15.98
C VAL C 136 7.66 -40.05 -17.18
N ILE C 137 8.76 -39.57 -17.77
CA ILE C 137 8.76 -38.69 -18.93
C ILE C 137 9.48 -39.39 -20.07
N ALA C 138 8.82 -39.52 -21.22
CA ALA C 138 9.38 -40.22 -22.38
C ALA C 138 9.46 -39.24 -23.55
N PRO C 139 10.53 -38.45 -23.63
CA PRO C 139 10.62 -37.47 -24.71
C PRO C 139 10.92 -38.13 -26.05
N VAL C 140 10.43 -37.50 -27.11
CA VAL C 140 10.70 -37.92 -28.48
C VAL C 140 11.05 -36.67 -29.27
N MET C 141 12.12 -36.76 -30.07
CA MET C 141 12.59 -35.68 -30.93
C MET C 141 13.70 -36.28 -31.79
N ASN C 142 14.09 -35.56 -32.84
CA ASN C 142 15.14 -36.09 -33.69
C ASN C 142 16.51 -35.83 -33.05
N ALA C 143 17.57 -36.32 -33.73
CA ALA C 143 18.91 -36.32 -33.15
C ALA C 143 19.47 -34.91 -33.01
N ALA C 144 19.18 -34.03 -33.97
CA ALA C 144 19.66 -32.65 -33.88
C ALA C 144 19.11 -31.97 -32.63
N MET C 145 17.81 -32.17 -32.34
CA MET C 145 17.22 -31.54 -31.17
C MET C 145 17.75 -32.18 -29.88
N TRP C 146 17.84 -33.51 -29.86
CA TRP C 146 18.28 -34.21 -28.65
C TRP C 146 19.69 -33.81 -28.26
N SER C 147 20.54 -33.46 -29.23
CA SER C 147 21.93 -33.14 -28.96
C SER C 147 22.14 -31.70 -28.53
N LYS C 148 21.11 -30.86 -28.55
CA LYS C 148 21.30 -29.46 -28.18
C LYS C 148 21.67 -29.36 -26.70
N PRO C 149 22.63 -28.50 -26.34
CA PRO C 149 22.98 -28.34 -24.91
C PRO C 149 21.81 -27.93 -24.03
N ALA C 150 20.94 -27.04 -24.50
CA ALA C 150 19.81 -26.62 -23.67
C ALA C 150 18.92 -27.81 -23.34
N VAL C 151 18.65 -28.67 -24.33
CA VAL C 151 17.81 -29.83 -24.08
C VAL C 151 18.44 -30.75 -23.04
N GLN C 152 19.75 -31.02 -23.17
CA GLN C 152 20.41 -31.94 -22.24
C GLN C 152 20.49 -31.34 -20.85
N ARG C 153 20.63 -30.02 -20.74
CA ARG C 153 20.51 -29.36 -19.44
C ARG C 153 19.15 -29.63 -18.82
N ASN C 154 18.09 -29.61 -19.65
CA ASN C 154 16.75 -29.84 -19.12
C ASN C 154 16.57 -31.29 -18.68
N VAL C 155 17.05 -32.24 -19.48
CA VAL C 155 17.04 -33.64 -19.05
C VAL C 155 17.74 -33.79 -17.71
N ASP C 156 18.96 -33.24 -17.60
CA ASP C 156 19.73 -33.36 -16.35
C ASP C 156 18.98 -32.77 -15.17
N GLN C 157 18.41 -31.58 -15.34
CA GLN C 157 17.71 -30.94 -14.23
C GLN C 157 16.51 -31.75 -13.78
N LEU C 158 15.78 -32.34 -14.72
CA LEU C 158 14.61 -33.13 -14.34
C LEU C 158 15.02 -34.39 -13.58
N ARG C 159 16.11 -35.04 -13.99
CA ARG C 159 16.59 -36.19 -13.24
C ARG C 159 16.99 -35.81 -11.82
N GLU C 160 17.71 -34.69 -11.67
CA GLU C 160 18.05 -34.21 -10.33
C GLU C 160 16.80 -33.86 -9.52
N ASP C 161 15.72 -33.46 -10.19
CA ASP C 161 14.47 -33.16 -9.46
C ASP C 161 13.68 -34.41 -9.14
N GLY C 162 14.15 -35.59 -9.57
CA GLY C 162 13.49 -36.83 -9.25
C GLY C 162 12.64 -37.41 -10.35
N TYR C 163 12.67 -36.84 -11.55
CA TYR C 163 11.88 -37.37 -12.65
C TYR C 163 12.65 -38.46 -13.38
N ARG C 164 11.92 -39.51 -13.77
CA ARG C 164 12.45 -40.62 -14.54
C ARG C 164 12.31 -40.30 -16.02
N ILE C 165 13.46 -40.18 -16.71
CA ILE C 165 13.50 -39.84 -18.13
C ILE C 165 13.79 -41.10 -18.93
N VAL C 166 12.94 -41.37 -19.93
CA VAL C 166 13.14 -42.46 -20.88
C VAL C 166 13.66 -41.86 -22.18
N GLU C 167 14.95 -42.06 -22.47
CA GLU C 167 15.57 -41.44 -23.64
C GLU C 167 15.00 -42.03 -24.93
N PRO C 168 14.90 -41.22 -25.97
CA PRO C 168 14.33 -41.72 -27.23
C PRO C 168 15.27 -42.65 -27.98
N LYS C 169 14.70 -43.37 -28.94
CA LYS C 169 15.47 -44.15 -29.91
C LYS C 169 15.57 -43.37 -31.22
N GLU C 170 16.24 -43.99 -32.19
CA GLU C 170 16.54 -43.39 -33.50
C GLU C 170 15.90 -44.24 -34.59
N GLY C 171 14.59 -44.05 -34.79
CA GLY C 171 13.85 -44.87 -35.73
C GLY C 171 13.61 -44.27 -37.10
N ILE C 172 14.53 -44.49 -38.04
CA ILE C 172 14.42 -43.91 -39.37
C ILE C 172 13.26 -44.58 -40.10
N PRO C 181 14.25 -38.38 -37.25
CA PRO C 181 12.92 -38.85 -36.88
C PRO C 181 12.95 -39.79 -35.66
N GLY C 182 12.77 -39.22 -34.47
CA GLY C 182 12.92 -40.00 -33.26
C GLY C 182 11.76 -40.94 -33.03
N SER C 183 11.93 -41.81 -32.04
CA SER C 183 10.85 -42.69 -31.62
C SER C 183 10.97 -42.92 -30.13
N LEU C 184 9.89 -43.43 -29.54
CA LEU C 184 9.84 -43.65 -28.11
C LEU C 184 10.91 -44.64 -27.66
N GLY C 185 11.52 -44.37 -26.52
CA GLY C 185 12.47 -45.29 -25.93
C GLY C 185 11.76 -46.46 -25.27
N ASP C 186 12.50 -47.15 -24.40
CA ASP C 186 11.98 -48.33 -23.70
C ASP C 186 11.32 -47.88 -22.40
N PHE C 187 10.07 -47.44 -22.53
CA PHE C 187 9.32 -46.90 -21.42
C PHE C 187 8.59 -47.96 -20.61
N GLN C 188 8.37 -49.15 -21.19
CA GLN C 188 7.52 -50.16 -20.56
C GLN C 188 7.99 -50.51 -19.16
N SER C 189 9.30 -50.72 -19.00
CA SER C 189 9.85 -51.07 -17.70
C SER C 189 9.71 -49.91 -16.72
N ALA C 190 9.99 -48.69 -17.17
CA ALA C 190 9.90 -47.53 -16.29
C ALA C 190 8.45 -47.29 -15.85
N ILE C 191 7.51 -47.47 -16.76
CA ILE C 191 6.10 -47.28 -16.41
C ILE C 191 5.63 -48.38 -15.46
N SER C 192 5.94 -49.65 -15.77
CA SER C 192 5.57 -50.76 -14.90
C SER C 192 6.12 -50.55 -13.50
N THR C 193 7.41 -50.18 -13.40
CA THR C 193 8.02 -49.93 -12.10
C THR C 193 7.25 -48.87 -11.34
N ALA C 194 6.88 -47.78 -12.01
CA ALA C 194 6.13 -46.72 -11.36
C ALA C 194 4.75 -47.19 -10.92
N LEU C 195 4.07 -47.95 -11.78
CA LEU C 195 2.75 -48.46 -11.40
C LEU C 195 2.83 -49.41 -10.22
N ILE C 196 3.85 -50.27 -10.21
CA ILE C 196 3.98 -51.25 -9.13
C ILE C 196 4.37 -50.58 -7.83
N GLN C 197 5.32 -49.62 -7.87
CA GLN C 197 5.66 -48.87 -6.67
C GLN C 197 4.45 -48.14 -6.10
N ALA C 198 3.59 -47.61 -6.98
CA ALA C 198 2.39 -46.91 -6.52
C ALA C 198 1.41 -47.87 -5.86
N ALA C 199 1.25 -49.08 -6.42
CA ALA C 199 0.37 -50.08 -5.81
C ALA C 199 0.79 -50.40 -4.38
N ALA C 200 2.08 -50.34 -4.09
CA ALA C 200 2.57 -50.51 -2.73
C ALA C 200 2.30 -49.26 -1.89
N ALA D 18 30.17 -18.41 -54.49
CA ALA D 18 29.47 -19.57 -53.94
C ALA D 18 28.45 -19.16 -52.87
N LEU D 19 28.42 -17.88 -52.52
CA LEU D 19 27.43 -17.41 -51.55
C LEU D 19 26.01 -17.45 -52.10
N ALA D 20 25.86 -17.60 -53.42
CA ALA D 20 24.54 -17.57 -54.01
C ALA D 20 23.76 -18.86 -53.77
N GLN D 21 24.45 -19.94 -53.40
CA GLN D 21 23.82 -21.22 -53.13
C GLN D 21 23.65 -21.48 -51.64
N VAL D 22 24.09 -20.55 -50.79
CA VAL D 22 23.93 -20.71 -49.35
C VAL D 22 22.47 -20.46 -48.97
N ARG D 23 21.89 -21.41 -48.24
CA ARG D 23 20.49 -21.33 -47.84
C ARG D 23 20.40 -20.61 -46.49
N LEU D 24 19.84 -19.40 -46.49
CA LEU D 24 19.77 -18.57 -45.30
C LEU D 24 18.36 -18.65 -44.70
N LEU D 25 18.29 -19.16 -43.46
CA LEU D 25 17.07 -19.17 -42.68
C LEU D 25 17.08 -17.98 -41.72
N TRP D 26 15.99 -17.20 -41.74
CA TRP D 26 15.95 -15.90 -41.10
C TRP D 26 14.72 -15.81 -40.19
N GLY D 27 14.95 -15.81 -38.87
CA GLY D 27 13.86 -15.63 -37.91
C GLY D 27 13.66 -14.17 -37.55
N VAL D 28 12.40 -13.77 -37.44
CA VAL D 28 12.02 -12.38 -37.17
C VAL D 28 11.09 -12.35 -35.96
N CYS D 29 11.47 -11.59 -34.93
CA CYS D 29 10.69 -11.48 -33.70
C CYS D 29 9.98 -10.13 -33.60
N GLY D 30 9.09 -10.02 -32.62
CA GLY D 30 8.26 -8.85 -32.45
C GLY D 30 8.96 -7.66 -31.81
N SER D 31 9.90 -7.07 -32.55
CA SER D 31 10.64 -5.90 -32.12
C SER D 31 10.37 -4.73 -33.04
N PHE D 32 10.51 -3.52 -32.51
CA PHE D 32 10.48 -2.27 -33.28
C PHE D 32 11.34 -2.42 -34.53
N SER D 33 12.48 -3.10 -34.38
CA SER D 33 13.44 -3.21 -35.48
C SER D 33 12.99 -4.17 -36.57
N ALA D 34 11.80 -4.77 -36.46
CA ALA D 34 11.32 -5.59 -37.57
C ALA D 34 11.06 -4.76 -38.83
N VAL D 35 10.88 -3.44 -38.70
CA VAL D 35 10.73 -2.59 -39.88
C VAL D 35 11.99 -2.52 -40.73
N ALA D 36 13.12 -2.95 -40.21
CA ALA D 36 14.37 -2.96 -40.96
C ALA D 36 14.51 -4.19 -41.84
N VAL D 37 13.56 -5.13 -41.78
CA VAL D 37 13.70 -6.38 -42.52
C VAL D 37 13.85 -6.16 -44.02
N PRO D 38 13.04 -5.33 -44.68
CA PRO D 38 13.27 -5.10 -46.12
C PRO D 38 14.65 -4.53 -46.43
N HIS D 39 15.11 -3.54 -45.65
CA HIS D 39 16.44 -2.99 -45.87
C HIS D 39 17.52 -4.04 -45.70
N VAL D 40 17.46 -4.84 -44.63
CA VAL D 40 18.46 -5.89 -44.43
C VAL D 40 18.38 -6.90 -45.56
N ASN D 41 17.16 -7.19 -46.02
CA ASN D 41 16.99 -8.13 -47.13
C ASN D 41 17.64 -7.59 -48.40
N ALA D 42 17.50 -6.30 -48.67
CA ALA D 42 18.14 -5.70 -49.84
C ALA D 42 19.67 -5.81 -49.76
N TRP D 43 20.23 -5.61 -48.56
CA TRP D 43 21.66 -5.81 -48.39
C TRP D 43 22.06 -7.26 -48.61
N LEU D 44 21.26 -8.21 -48.10
CA LEU D 44 21.60 -9.62 -48.25
C LEU D 44 21.61 -10.04 -49.71
N ARG D 45 20.63 -9.58 -50.48
CA ARG D 45 20.57 -9.99 -51.87
C ARG D 45 21.44 -9.11 -52.77
N GLY D 46 21.33 -7.79 -52.63
CA GLY D 46 21.98 -6.89 -53.57
C GLY D 46 23.45 -6.62 -53.32
N THR D 47 23.93 -6.86 -52.10
CA THR D 47 25.34 -6.63 -51.77
C THR D 47 26.07 -7.92 -51.41
N VAL D 48 25.50 -8.76 -50.55
CA VAL D 48 26.21 -9.99 -50.19
C VAL D 48 26.02 -11.04 -51.27
N GLY D 49 24.87 -11.02 -51.96
CA GLY D 49 24.61 -11.98 -53.01
C GLY D 49 23.89 -13.26 -52.61
N VAL D 50 23.25 -13.30 -51.44
CA VAL D 50 22.47 -14.47 -51.06
C VAL D 50 21.19 -14.52 -51.88
N GLN D 51 20.84 -15.71 -52.35
CA GLN D 51 19.68 -15.86 -53.25
C GLN D 51 18.49 -16.55 -52.60
N GLU D 52 18.69 -17.59 -51.80
CA GLU D 52 17.58 -18.31 -51.18
C GLU D 52 17.47 -17.92 -49.72
N ILE D 53 16.44 -17.14 -49.39
CA ILE D 53 16.19 -16.65 -48.05
C ILE D 53 14.76 -17.01 -47.69
N ARG D 54 14.59 -17.81 -46.65
CA ARG D 54 13.27 -18.15 -46.11
C ARG D 54 13.18 -17.62 -44.69
N THR D 55 12.04 -17.00 -44.38
CA THR D 55 11.85 -16.34 -43.10
C THR D 55 10.82 -17.07 -42.25
N VAL D 56 11.04 -17.01 -40.94
CA VAL D 56 10.11 -17.50 -39.94
C VAL D 56 9.80 -16.30 -39.05
N MET D 57 8.52 -15.96 -38.93
CA MET D 57 8.09 -14.85 -38.09
C MET D 57 7.33 -15.39 -36.90
N THR D 58 7.64 -14.86 -35.72
CA THR D 58 6.79 -15.13 -34.57
C THR D 58 5.43 -14.48 -34.79
N ALA D 59 4.45 -14.94 -34.03
CA ALA D 59 3.11 -14.37 -34.12
C ALA D 59 3.13 -12.87 -33.85
N GLN D 60 3.97 -12.44 -32.90
CA GLN D 60 4.05 -11.02 -32.58
C GLN D 60 4.68 -10.23 -33.73
N ALA D 61 5.73 -10.78 -34.34
CA ALA D 61 6.32 -10.12 -35.51
C ALA D 61 5.30 -10.00 -36.64
N ARG D 62 4.57 -11.09 -36.90
CA ARG D 62 3.56 -11.04 -37.96
C ARG D 62 2.50 -9.99 -37.65
N ALA D 63 2.08 -9.89 -36.39
CA ALA D 63 1.02 -8.96 -36.02
C ALA D 63 1.45 -7.51 -36.17
N LEU D 64 2.74 -7.22 -36.03
CA LEU D 64 3.22 -5.86 -36.15
C LEU D 64 3.53 -5.49 -37.61
N MET D 65 4.31 -6.33 -38.30
CA MET D 65 4.83 -6.00 -39.64
C MET D 65 3.94 -6.41 -40.80
N GLY D 66 3.12 -7.43 -40.67
CA GLY D 66 2.40 -7.94 -41.80
C GLY D 66 3.30 -8.77 -42.70
N PRO D 67 2.94 -10.04 -42.88
CA PRO D 67 3.80 -10.96 -43.63
C PRO D 67 3.77 -10.80 -45.14
N ARG D 68 2.80 -10.05 -45.69
CA ARG D 68 2.61 -10.04 -47.14
C ARG D 68 3.67 -9.22 -47.86
N MET D 69 4.10 -8.11 -47.27
CA MET D 69 5.16 -7.33 -47.90
C MET D 69 6.50 -8.06 -47.78
N ILE D 70 6.73 -8.72 -46.65
CA ILE D 70 7.92 -9.55 -46.50
C ILE D 70 7.97 -10.62 -47.59
N GLU D 71 6.82 -11.27 -47.86
CA GLU D 71 6.78 -12.27 -48.92
C GLU D 71 7.13 -11.65 -50.26
N ALA D 72 6.61 -10.45 -50.52
CA ALA D 72 6.78 -9.82 -51.83
C ALA D 72 8.23 -9.42 -52.09
N VAL D 73 8.98 -9.06 -51.03
CA VAL D 73 10.35 -8.60 -51.20
C VAL D 73 11.38 -9.70 -50.96
N THR D 74 11.02 -10.78 -50.27
CA THR D 74 11.95 -11.87 -50.07
C THR D 74 11.68 -13.05 -51.00
N GLY D 75 10.51 -13.10 -51.61
CA GLY D 75 10.18 -14.17 -52.52
C GLY D 75 9.56 -15.39 -51.89
N HIS D 76 9.38 -15.40 -50.57
CA HIS D 76 8.75 -16.54 -49.93
C HIS D 76 7.80 -16.05 -48.84
N ALA D 77 6.65 -16.71 -48.74
CA ALA D 77 5.77 -16.42 -47.63
C ALA D 77 6.50 -16.79 -46.33
N PRO D 78 6.57 -15.88 -45.35
CA PRO D 78 7.15 -16.27 -44.07
C PRO D 78 6.30 -17.31 -43.39
N VAL D 79 6.97 -18.21 -42.68
CA VAL D 79 6.30 -19.23 -41.89
C VAL D 79 6.08 -18.70 -40.49
N THR D 80 4.84 -18.79 -40.01
CA THR D 80 4.52 -18.50 -38.62
C THR D 80 3.81 -19.67 -37.96
N ASP D 81 2.80 -20.23 -38.62
CA ASP D 81 2.06 -21.37 -38.11
C ASP D 81 2.57 -22.65 -38.75
N TRP D 82 2.40 -23.77 -38.03
CA TRP D 82 2.78 -25.08 -38.55
C TRP D 82 2.13 -25.34 -39.91
N GLU D 83 0.91 -24.83 -40.10
CA GLU D 83 0.17 -25.05 -41.33
C GLU D 83 0.86 -24.47 -42.56
N ASP D 84 1.85 -23.58 -42.37
CA ASP D 84 2.56 -23.00 -43.50
C ASP D 84 3.57 -23.97 -44.14
N HIS D 85 3.93 -25.05 -43.46
CA HIS D 85 4.79 -26.09 -44.03
C HIS D 85 3.95 -27.16 -44.75
N LYS D 86 4.42 -27.56 -45.94
CA LYS D 86 3.72 -28.50 -46.79
C LYS D 86 4.40 -29.87 -46.81
N GLY D 87 3.59 -30.92 -46.82
CA GLY D 87 4.09 -32.28 -46.99
C GLY D 87 4.51 -32.98 -45.71
N GLY D 88 5.39 -33.96 -45.89
CA GLY D 88 5.86 -34.78 -44.79
C GLY D 88 6.73 -34.02 -43.81
N GLY D 89 6.95 -34.65 -42.66
CA GLY D 89 7.75 -34.06 -41.61
C GLY D 89 6.97 -33.00 -40.86
N ALA D 90 7.48 -31.77 -40.87
CA ALA D 90 7.07 -30.72 -39.95
C ALA D 90 7.93 -29.48 -40.19
N ALA D 91 7.37 -28.30 -39.92
CA ALA D 91 8.02 -27.05 -40.30
C ALA D 91 9.42 -26.93 -39.69
N HIS D 92 9.56 -27.27 -38.40
CA HIS D 92 10.83 -27.04 -37.72
C HIS D 92 11.90 -28.00 -38.22
N VAL D 93 11.52 -29.25 -38.50
CA VAL D 93 12.48 -30.23 -39.03
C VAL D 93 12.86 -29.86 -40.46
N ALA D 94 11.87 -29.53 -41.30
CA ALA D 94 12.15 -29.23 -42.69
C ALA D 94 13.03 -28.00 -42.82
N LEU D 95 12.65 -26.90 -42.16
CA LEU D 95 13.42 -25.66 -42.22
C LEU D 95 14.76 -25.81 -41.51
N GLY D 96 14.78 -26.53 -40.39
CA GLY D 96 16.02 -26.69 -39.64
C GLY D 96 17.09 -27.45 -40.41
N ALA D 97 16.69 -28.49 -41.13
CA ALA D 97 17.67 -29.23 -41.93
C ALA D 97 18.08 -28.45 -43.18
N TRP D 98 17.17 -27.64 -43.72
CA TRP D 98 17.42 -26.89 -44.94
C TRP D 98 18.46 -25.79 -44.72
N ALA D 99 18.54 -25.25 -43.51
CA ALA D 99 19.31 -24.03 -43.27
C ALA D 99 20.82 -24.29 -43.31
N ASP D 100 21.52 -23.46 -44.08
CA ASP D 100 22.98 -23.40 -44.00
C ASP D 100 23.45 -22.37 -42.99
N VAL D 101 22.73 -21.26 -42.86
CA VAL D 101 22.94 -20.27 -41.80
C VAL D 101 21.58 -19.91 -41.23
N LEU D 102 21.52 -19.73 -39.92
CA LEU D 102 20.32 -19.27 -39.22
C LEU D 102 20.63 -17.92 -38.61
N VAL D 103 19.83 -16.93 -38.95
CA VAL D 103 19.96 -15.58 -38.40
C VAL D 103 18.63 -15.21 -37.73
N ILE D 104 18.71 -14.78 -36.48
CA ILE D 104 17.56 -14.22 -35.79
C ILE D 104 17.76 -12.71 -35.71
N LEU D 105 16.98 -11.97 -36.50
CA LEU D 105 17.18 -10.54 -36.61
C LEU D 105 15.90 -9.85 -37.04
N PRO D 106 15.31 -9.02 -36.18
CA PRO D 106 15.73 -8.82 -34.79
C PRO D 106 15.26 -9.93 -33.85
N ALA D 107 16.02 -10.13 -32.78
CA ALA D 107 15.61 -11.01 -31.70
C ALA D 107 15.06 -10.18 -30.56
N THR D 108 14.02 -10.69 -29.91
CA THR D 108 13.51 -10.05 -28.71
C THR D 108 14.23 -10.61 -27.51
N ALA D 109 14.12 -9.89 -26.38
CA ALA D 109 14.51 -10.46 -25.10
C ALA D 109 13.81 -11.78 -24.87
N ASN D 110 12.52 -11.85 -25.20
CA ASN D 110 11.74 -13.08 -25.12
C ASN D 110 12.43 -14.22 -25.86
N PHE D 111 12.88 -13.96 -27.09
CA PHE D 111 13.58 -14.99 -27.85
C PHE D 111 14.83 -15.48 -27.14
N LEU D 112 15.60 -14.56 -26.57
CA LEU D 112 16.81 -14.94 -25.86
C LEU D 112 16.49 -15.92 -24.74
N ALA D 113 15.42 -15.65 -24.00
CA ALA D 113 15.04 -16.53 -22.89
C ALA D 113 14.67 -17.92 -23.40
N LYS D 114 13.85 -17.98 -24.47
CA LYS D 114 13.41 -19.29 -24.94
C LYS D 114 14.57 -20.10 -25.51
N ALA D 115 15.43 -19.46 -26.28
CA ALA D 115 16.57 -20.15 -26.90
C ALA D 115 17.57 -20.61 -25.84
N ALA D 116 17.79 -19.80 -24.81
CA ALA D 116 18.76 -20.15 -23.78
C ALA D 116 18.31 -21.35 -22.96
N HIS D 117 17.00 -21.57 -22.87
CA HIS D 117 16.45 -22.60 -22.01
C HIS D 117 15.82 -23.76 -22.77
N GLY D 118 15.99 -23.82 -24.08
CA GLY D 118 15.44 -24.91 -24.87
C GLY D 118 13.94 -24.94 -24.98
N ILE D 119 13.27 -23.80 -24.79
CA ILE D 119 11.84 -23.70 -25.01
C ILE D 119 11.56 -23.73 -26.51
N ALA D 120 10.51 -24.46 -26.91
CA ALA D 120 10.16 -24.61 -28.30
C ALA D 120 8.64 -24.57 -28.43
N ASP D 121 8.03 -23.43 -28.12
CA ASP D 121 6.57 -23.32 -28.10
C ASP D 121 6.01 -22.56 -29.30
N ASP D 122 6.83 -22.36 -30.34
CA ASP D 122 6.34 -21.91 -31.64
C ASP D 122 7.30 -22.44 -32.70
N VAL D 123 7.00 -22.17 -33.97
CA VAL D 123 7.81 -22.71 -35.06
C VAL D 123 9.25 -22.22 -34.97
N LEU D 124 9.44 -20.92 -34.70
CA LEU D 124 10.80 -20.37 -34.67
C LEU D 124 11.66 -21.05 -33.62
N THR D 125 11.17 -21.12 -32.37
CA THR D 125 12.01 -21.66 -31.32
C THR D 125 12.18 -23.18 -31.43
N ALA D 126 11.20 -23.87 -32.03
CA ALA D 126 11.40 -25.30 -32.32
C ALA D 126 12.42 -25.48 -33.44
N THR D 127 12.39 -24.59 -34.44
CA THR D 127 13.36 -24.63 -35.52
C THR D 127 14.78 -24.39 -35.00
N VAL D 128 14.94 -23.55 -33.98
CA VAL D 128 16.25 -23.38 -33.36
C VAL D 128 16.79 -24.71 -32.86
N LEU D 129 15.93 -25.51 -32.20
CA LEU D 129 16.40 -26.80 -31.69
C LEU D 129 16.75 -27.77 -32.81
N ALA D 130 16.06 -27.70 -33.94
CA ALA D 130 16.27 -28.66 -35.01
C ALA D 130 17.39 -28.26 -35.96
N ALA D 131 17.79 -26.99 -35.96
CA ALA D 131 18.82 -26.54 -36.89
C ALA D 131 20.20 -26.97 -36.40
N GLU D 132 21.06 -27.33 -37.35
CA GLU D 132 22.44 -27.71 -37.07
C GLU D 132 23.35 -26.92 -38.01
N CYS D 133 23.51 -25.65 -37.69
CA CYS D 133 24.32 -24.74 -38.48
C CYS D 133 24.69 -23.56 -37.60
N PRO D 134 25.75 -22.83 -37.95
CA PRO D 134 26.07 -21.61 -37.22
C PRO D 134 24.90 -20.64 -37.21
N THR D 135 24.68 -20.03 -36.05
CA THR D 135 23.54 -19.16 -35.81
C THR D 135 24.01 -17.83 -35.26
N VAL D 136 23.51 -16.75 -35.84
CA VAL D 136 23.79 -15.39 -35.38
C VAL D 136 22.48 -14.80 -34.86
N ILE D 137 22.53 -14.24 -33.66
CA ILE D 137 21.37 -13.64 -33.00
C ILE D 137 21.63 -12.15 -32.79
N ALA D 138 20.71 -11.31 -33.26
CA ALA D 138 20.81 -9.86 -33.15
C ALA D 138 19.66 -9.33 -32.30
N PRO D 139 19.80 -9.36 -30.98
CA PRO D 139 18.71 -8.87 -30.12
C PRO D 139 18.61 -7.36 -30.12
N VAL D 140 17.38 -6.88 -29.95
CA VAL D 140 17.09 -5.45 -29.82
C VAL D 140 16.08 -5.27 -28.69
N MET D 141 16.32 -4.26 -27.85
CA MET D 141 15.47 -3.91 -26.73
C MET D 141 16.04 -2.62 -26.15
N ASN D 142 15.26 -1.96 -25.28
CA ASN D 142 15.75 -0.72 -24.70
C ASN D 142 16.75 -1.01 -23.58
N ALA D 143 17.30 0.06 -23.01
CA ALA D 143 18.43 -0.10 -22.09
C ALA D 143 18.01 -0.74 -20.78
N ALA D 144 16.81 -0.41 -20.29
CA ALA D 144 16.33 -1.03 -19.05
C ALA D 144 16.21 -2.54 -19.20
N MET D 145 15.69 -3.01 -20.34
CA MET D 145 15.53 -4.44 -20.55
C MET D 145 16.87 -5.13 -20.72
N TRP D 146 17.77 -4.50 -21.51
CA TRP D 146 19.08 -5.10 -21.76
C TRP D 146 19.88 -5.26 -20.47
N SER D 147 19.65 -4.41 -19.48
CA SER D 147 20.43 -4.45 -18.24
C SER D 147 19.90 -5.44 -17.22
N LYS D 148 18.74 -6.07 -17.45
CA LYS D 148 18.21 -6.99 -16.46
C LYS D 148 19.14 -8.20 -16.31
N PRO D 149 19.41 -8.63 -15.08
CA PRO D 149 20.26 -9.82 -14.87
C PRO D 149 19.76 -11.07 -15.59
N ALA D 150 18.44 -11.30 -15.62
CA ALA D 150 17.93 -12.47 -16.33
C ALA D 150 18.29 -12.43 -17.81
N VAL D 151 18.15 -11.26 -18.44
CA VAL D 151 18.50 -11.13 -19.86
C VAL D 151 19.98 -11.41 -20.08
N GLN D 152 20.84 -10.86 -19.23
CA GLN D 152 22.29 -11.07 -19.41
C GLN D 152 22.68 -12.51 -19.14
N ARG D 153 22.00 -13.19 -18.21
CA ARG D 153 22.23 -14.62 -18.05
C ARG D 153 21.90 -15.37 -19.33
N ASN D 154 20.82 -14.96 -20.01
CA ASN D 154 20.43 -15.62 -21.25
C ASN D 154 21.44 -15.34 -22.35
N VAL D 155 21.91 -14.10 -22.46
CA VAL D 155 22.98 -13.80 -23.41
C VAL D 155 24.20 -14.67 -23.14
N ASP D 156 24.65 -14.72 -21.88
CA ASP D 156 25.84 -15.52 -21.57
C ASP D 156 25.61 -16.98 -21.92
N GLN D 157 24.45 -17.52 -21.54
CA GLN D 157 24.17 -18.93 -21.78
C GLN D 157 24.19 -19.24 -23.27
N LEU D 158 23.67 -18.33 -24.09
CA LEU D 158 23.65 -18.58 -25.53
C LEU D 158 25.07 -18.60 -26.09
N ARG D 159 25.93 -17.71 -25.60
CA ARG D 159 27.33 -17.71 -26.02
C ARG D 159 28.03 -19.01 -25.64
N GLU D 160 27.83 -19.46 -24.40
CA GLU D 160 28.43 -20.73 -23.99
C GLU D 160 27.90 -21.89 -24.83
N ASP D 161 26.66 -21.77 -25.33
CA ASP D 161 26.12 -22.80 -26.22
C ASP D 161 26.59 -22.66 -27.65
N GLY D 162 27.39 -21.65 -27.98
CA GLY D 162 27.95 -21.52 -29.31
C GLY D 162 27.26 -20.53 -30.23
N TYR D 163 26.31 -19.76 -29.71
CA TYR D 163 25.60 -18.76 -30.52
C TYR D 163 26.39 -17.46 -30.57
N ARG D 164 26.36 -16.82 -31.74
CA ARG D 164 26.96 -15.51 -31.95
C ARG D 164 25.92 -14.44 -31.63
N ILE D 165 26.19 -13.62 -30.63
CA ILE D 165 25.30 -12.54 -30.20
C ILE D 165 25.83 -11.23 -30.73
N VAL D 166 25.00 -10.49 -31.45
CA VAL D 166 25.30 -9.12 -31.87
C VAL D 166 24.55 -8.20 -30.92
N GLU D 167 25.27 -7.58 -30.00
CA GLU D 167 24.64 -6.77 -28.97
C GLU D 167 24.02 -5.52 -29.60
N PRO D 168 22.90 -5.05 -29.05
CA PRO D 168 22.23 -3.88 -29.63
C PRO D 168 23.00 -2.59 -29.36
N LYS D 169 22.62 -1.55 -30.11
CA LYS D 169 23.07 -0.19 -29.90
C LYS D 169 22.00 0.60 -29.13
N GLU D 170 22.31 1.86 -28.85
CA GLU D 170 21.43 2.72 -28.06
C GLU D 170 21.10 3.93 -28.94
N GLY D 171 20.20 3.73 -29.90
CA GLY D 171 19.89 4.77 -30.86
C GLY D 171 18.61 5.55 -30.59
N ILE D 172 18.67 6.59 -29.77
CA ILE D 172 17.48 7.37 -29.42
C ILE D 172 16.98 8.17 -30.63
N PRO D 181 15.01 3.23 -26.28
CA PRO D 181 14.68 2.75 -27.62
C PRO D 181 15.87 2.13 -28.34
N GLY D 182 16.03 0.81 -28.25
CA GLY D 182 17.21 0.16 -28.80
C GLY D 182 17.20 0.10 -30.30
N SER D 183 18.34 -0.30 -30.86
CA SER D 183 18.46 -0.49 -32.30
C SER D 183 19.44 -1.61 -32.56
N LEU D 184 19.39 -2.12 -33.80
CA LEU D 184 20.24 -3.25 -34.19
C LEU D 184 21.71 -2.89 -34.05
N GLY D 185 22.50 -3.84 -33.55
CA GLY D 185 23.94 -3.70 -33.49
C GLY D 185 24.60 -3.88 -34.84
N ASP D 186 25.92 -4.09 -34.81
CA ASP D 186 26.70 -4.22 -36.03
C ASP D 186 26.75 -5.69 -36.44
N PHE D 187 25.69 -6.11 -37.13
CA PHE D 187 25.49 -7.50 -37.51
C PHE D 187 26.17 -7.88 -38.82
N GLN D 188 26.48 -6.91 -39.68
CA GLN D 188 26.96 -7.23 -41.03
C GLN D 188 28.19 -8.12 -41.02
N SER D 189 29.14 -7.87 -40.13
CA SER D 189 30.33 -8.71 -40.09
C SER D 189 29.99 -10.14 -39.68
N ALA D 190 29.18 -10.30 -38.64
CA ALA D 190 28.85 -11.63 -38.16
C ALA D 190 28.07 -12.42 -39.19
N ILE D 191 27.11 -11.77 -39.86
CA ILE D 191 26.31 -12.47 -40.87
C ILE D 191 27.15 -12.78 -42.10
N SER D 192 27.91 -11.80 -42.60
CA SER D 192 28.78 -12.05 -43.74
C SER D 192 29.75 -13.17 -43.44
N THR D 193 30.36 -13.14 -42.25
CA THR D 193 31.27 -14.21 -41.86
C THR D 193 30.60 -15.57 -41.88
N ALA D 194 29.39 -15.66 -41.30
CA ALA D 194 28.69 -16.93 -41.26
C ALA D 194 28.34 -17.43 -42.65
N LEU D 195 27.86 -16.52 -43.52
CA LEU D 195 27.52 -16.92 -44.88
C LEU D 195 28.76 -17.41 -45.62
N ILE D 196 29.91 -16.77 -45.41
CA ILE D 196 31.13 -17.15 -46.12
C ILE D 196 31.63 -18.51 -45.62
N GLN D 197 31.68 -18.69 -44.30
CA GLN D 197 32.05 -19.99 -43.75
C GLN D 197 31.15 -21.10 -44.25
N ALA D 198 29.85 -20.82 -44.38
CA ALA D 198 28.94 -21.84 -44.89
C ALA D 198 29.24 -22.17 -46.35
N ALA D 199 29.57 -21.15 -47.14
CA ALA D 199 29.96 -21.39 -48.53
C ALA D 199 31.21 -22.28 -48.61
N ALA D 200 32.13 -22.14 -47.66
CA ALA D 200 33.33 -22.99 -47.61
C ALA D 200 33.07 -24.41 -47.09
N ALA E 18 59.46 9.78 -6.66
CA ALA E 18 60.21 10.95 -6.22
C ALA E 18 59.42 11.76 -5.18
N LEU E 19 58.09 11.74 -5.30
CA LEU E 19 57.24 12.40 -4.33
C LEU E 19 57.24 11.70 -2.98
N ALA E 20 57.77 10.48 -2.91
CA ALA E 20 57.72 9.71 -1.67
C ALA E 20 58.74 10.19 -0.64
N GLN E 21 59.74 10.96 -1.07
CA GLN E 21 60.75 11.50 -0.16
C GLN E 21 60.48 12.96 0.18
N VAL E 22 59.40 13.53 -0.33
CA VAL E 22 59.05 14.90 0.01
C VAL E 22 58.50 14.95 1.43
N ARG E 23 59.07 15.82 2.25
CA ARG E 23 58.65 15.96 3.63
C ARG E 23 57.54 17.00 3.70
N LEU E 24 56.32 16.55 3.98
CA LEU E 24 55.13 17.41 3.99
C LEU E 24 54.80 17.81 5.42
N LEU E 25 54.86 19.11 5.70
CA LEU E 25 54.39 19.68 6.96
C LEU E 25 52.99 20.22 6.75
N TRP E 26 52.06 19.83 7.61
CA TRP E 26 50.65 20.03 7.40
C TRP E 26 50.05 20.74 8.62
N GLY E 27 49.67 22.00 8.44
CA GLY E 27 49.01 22.76 9.50
C GLY E 27 47.50 22.65 9.42
N VAL E 28 46.85 22.51 10.58
CA VAL E 28 45.41 22.33 10.70
C VAL E 28 44.85 23.39 11.65
N CYS E 29 43.89 24.17 11.17
CA CYS E 29 43.25 25.22 11.96
C CYS E 29 41.85 24.80 12.36
N GLY E 30 41.26 25.54 13.30
CA GLY E 30 39.96 25.19 13.85
C GLY E 30 38.78 25.54 12.96
N SER E 31 38.61 24.79 11.87
CA SER E 31 37.52 24.99 10.92
C SER E 31 36.64 23.74 10.89
N PHE E 32 35.36 23.94 10.53
CA PHE E 32 34.47 22.80 10.26
C PHE E 32 35.15 21.76 9.37
N SER E 33 35.92 22.22 8.38
CA SER E 33 36.53 21.33 7.41
C SER E 33 37.69 20.53 7.97
N ALA E 34 38.03 20.69 9.24
CA ALA E 34 39.06 19.83 9.83
C ALA E 34 38.62 18.38 9.86
N VAL E 35 37.31 18.12 9.78
CA VAL E 35 36.84 16.73 9.70
C VAL E 35 37.31 16.06 8.43
N ALA E 36 37.75 16.83 7.44
CA ALA E 36 38.24 16.29 6.19
C ALA E 36 39.68 15.81 6.26
N VAL E 37 40.38 16.01 7.38
CA VAL E 37 41.80 15.66 7.46
C VAL E 37 42.07 14.18 7.18
N PRO E 38 41.33 13.23 7.77
CA PRO E 38 41.60 11.81 7.44
C PRO E 38 41.44 11.50 5.95
N HIS E 39 40.39 12.03 5.32
CA HIS E 39 40.19 11.81 3.89
C HIS E 39 41.35 12.37 3.07
N VAL E 40 41.80 13.59 3.37
CA VAL E 40 42.92 14.18 2.65
C VAL E 40 44.19 13.36 2.89
N ASN E 41 44.36 12.86 4.11
CA ASN E 41 45.52 12.04 4.42
C ASN E 41 45.53 10.74 3.61
N ALA E 42 44.37 10.11 3.47
CA ALA E 42 44.28 8.89 2.67
C ALA E 42 44.64 9.16 1.21
N TRP E 43 44.19 10.29 0.68
CA TRP E 43 44.57 10.67 -0.68
C TRP E 43 46.08 10.92 -0.78
N LEU E 44 46.66 11.60 0.22
CA LEU E 44 48.09 11.90 0.17
C LEU E 44 48.94 10.64 0.22
N ARG E 45 48.56 9.67 1.06
CA ARG E 45 49.36 8.46 1.20
C ARG E 45 49.01 7.43 0.14
N GLY E 46 47.72 7.14 -0.05
CA GLY E 46 47.33 6.03 -0.91
C GLY E 46 47.31 6.35 -2.39
N THR E 47 47.26 7.63 -2.76
CA THR E 47 47.22 8.03 -4.16
C THR E 47 48.44 8.82 -4.59
N VAL E 48 48.83 9.84 -3.83
CA VAL E 48 49.96 10.66 -4.23
C VAL E 48 51.28 9.99 -3.87
N GLY E 49 51.31 9.18 -2.81
CA GLY E 49 52.51 8.49 -2.42
C GLY E 49 53.41 9.21 -1.46
N VAL E 50 52.92 10.25 -0.77
CA VAL E 50 53.73 10.91 0.26
C VAL E 50 53.88 9.96 1.43
N GLN E 51 55.10 9.91 1.98
CA GLN E 51 55.42 8.98 3.06
C GLN E 51 55.61 9.64 4.41
N GLU E 52 56.26 10.81 4.46
CA GLU E 52 56.53 11.52 5.71
C GLU E 52 55.60 12.72 5.81
N ILE E 53 54.64 12.64 6.73
CA ILE E 53 53.67 13.70 6.97
C ILE E 53 53.72 14.03 8.45
N ARG E 54 54.01 15.28 8.77
CA ARG E 54 53.95 15.79 10.13
C ARG E 54 52.95 16.93 10.22
N THR E 55 52.14 16.92 11.27
CA THR E 55 51.07 17.89 11.42
C THR E 55 51.31 18.84 12.59
N VAL E 56 50.83 20.07 12.42
CA VAL E 56 50.75 21.08 13.46
C VAL E 56 49.29 21.49 13.54
N MET E 57 48.70 21.39 14.74
CA MET E 57 47.32 21.80 14.96
C MET E 57 47.30 23.05 15.82
N THR E 58 46.46 24.01 15.46
CA THR E 58 46.22 25.11 16.38
C THR E 58 45.52 24.58 17.62
N ALA E 59 45.56 25.39 18.68
CA ALA E 59 44.87 25.01 19.91
C ALA E 59 43.40 24.79 19.65
N GLN E 60 42.80 25.62 18.78
CA GLN E 60 41.39 25.46 18.48
C GLN E 60 41.12 24.19 17.68
N ALA E 61 41.97 23.89 16.70
CA ALA E 61 41.83 22.63 15.97
C ALA E 61 41.95 21.43 16.91
N ARG E 62 42.94 21.45 17.81
CA ARG E 62 43.10 20.35 18.76
C ARG E 62 41.87 20.18 19.64
N ALA E 63 41.29 21.29 20.12
CA ALA E 63 40.15 21.21 21.03
C ALA E 63 38.90 20.71 20.33
N LEU E 64 38.76 20.97 19.04
CA LEU E 64 37.55 20.57 18.32
C LEU E 64 37.64 19.13 17.85
N MET E 65 38.76 18.77 17.21
CA MET E 65 38.94 17.48 16.55
C MET E 65 39.58 16.43 17.45
N GLY E 66 40.40 16.80 18.42
CA GLY E 66 41.17 15.80 19.13
C GLY E 66 42.39 15.32 18.36
N PRO E 67 43.56 15.36 19.00
CA PRO E 67 44.80 15.02 18.30
C PRO E 67 45.05 13.53 18.09
N ARG E 68 44.31 12.65 18.78
CA ARG E 68 44.70 11.24 18.86
C ARG E 68 44.44 10.50 17.55
N MET E 69 43.35 10.81 16.87
CA MET E 69 43.10 10.12 15.61
C MET E 69 44.03 10.62 14.51
N ILE E 70 44.28 11.93 14.49
CA ILE E 70 45.25 12.49 13.56
C ILE E 70 46.59 11.81 13.71
N GLU E 71 47.02 11.58 14.95
CA GLU E 71 48.29 10.88 15.17
C GLU E 71 48.24 9.46 14.59
N ALA E 72 47.13 8.77 14.80
CA ALA E 72 47.04 7.37 14.39
C ALA E 72 47.08 7.21 12.88
N VAL E 73 46.53 8.17 12.13
CA VAL E 73 46.44 8.03 10.68
C VAL E 73 47.59 8.73 9.94
N THR E 74 48.29 9.67 10.58
CA THR E 74 49.41 10.33 9.93
C THR E 74 50.77 9.78 10.35
N GLY E 75 50.84 9.02 11.45
CA GLY E 75 52.10 8.45 11.89
C GLY E 75 52.93 9.30 12.81
N HIS E 76 52.48 10.50 13.15
CA HIS E 76 53.20 11.37 14.08
C HIS E 76 52.20 12.06 14.99
N ALA E 77 52.56 12.23 16.25
CA ALA E 77 51.74 13.05 17.13
C ALA E 77 51.73 14.48 16.59
N PRO E 78 50.56 15.09 16.43
CA PRO E 78 50.54 16.51 16.02
C PRO E 78 51.14 17.40 17.09
N VAL E 79 51.85 18.44 16.63
CA VAL E 79 52.41 19.45 17.49
C VAL E 79 51.44 20.60 17.66
N THR E 80 51.15 20.96 18.91
CA THR E 80 50.36 22.15 19.21
C THR E 80 51.09 23.07 20.16
N ASP E 81 51.62 22.52 21.24
CA ASP E 81 52.37 23.29 22.21
C ASP E 81 53.85 23.14 21.91
N TRP E 82 54.62 24.16 22.30
CA TRP E 82 56.06 24.11 22.11
C TRP E 82 56.66 22.85 22.72
N GLU E 83 56.08 22.39 23.85
CA GLU E 83 56.57 21.21 24.55
C GLU E 83 56.40 19.93 23.73
N ASP E 84 55.53 19.92 22.73
CA ASP E 84 55.30 18.71 21.96
C ASP E 84 56.47 18.38 21.04
N HIS E 85 57.37 19.33 20.81
CA HIS E 85 58.62 19.13 20.08
C HIS E 85 59.77 18.72 21.01
N LYS E 86 60.61 17.80 20.55
CA LYS E 86 61.69 17.22 21.36
C LYS E 86 63.08 17.72 20.96
N GLY E 87 63.93 17.90 21.97
CA GLY E 87 65.33 18.18 21.77
C GLY E 87 65.71 19.64 21.60
N GLY E 88 66.86 19.82 20.96
CA GLY E 88 67.41 21.13 20.75
C GLY E 88 66.60 21.98 19.78
N GLY E 89 66.93 23.26 19.78
CA GLY E 89 66.24 24.22 18.96
C GLY E 89 64.91 24.65 19.52
N ALA E 90 63.85 24.40 18.76
CA ALA E 90 62.54 25.01 18.98
C ALA E 90 61.62 24.52 17.88
N ALA E 91 60.33 24.35 18.18
CA ALA E 91 59.44 23.66 17.25
C ALA E 91 59.40 24.34 15.89
N HIS E 92 59.35 25.67 15.86
CA HIS E 92 59.15 26.34 14.59
C HIS E 92 60.39 26.25 13.71
N VAL E 93 61.58 26.36 14.30
CA VAL E 93 62.82 26.25 13.52
C VAL E 93 63.00 24.84 12.99
N ALA E 94 62.80 23.84 13.85
CA ALA E 94 62.98 22.46 13.42
C ALA E 94 61.95 22.06 12.37
N LEU E 95 60.67 22.35 12.62
CA LEU E 95 59.65 21.98 11.64
C LEU E 95 59.79 22.79 10.36
N GLY E 96 60.10 24.08 10.48
CA GLY E 96 60.26 24.89 9.29
C GLY E 96 61.42 24.42 8.43
N ALA E 97 62.51 24.00 9.06
CA ALA E 97 63.64 23.49 8.29
C ALA E 97 63.34 22.12 7.70
N TRP E 98 62.58 21.30 8.41
CA TRP E 98 62.27 19.96 7.93
C TRP E 98 61.34 19.98 6.73
N ALA E 99 60.45 20.97 6.65
CA ALA E 99 59.38 20.93 5.67
C ALA E 99 59.92 21.15 4.26
N ASP E 100 59.56 20.26 3.34
CA ASP E 100 59.77 20.48 1.91
C ASP E 100 58.56 21.14 1.26
N VAL E 101 57.37 20.82 1.77
CA VAL E 101 56.13 21.48 1.38
C VAL E 101 55.38 21.81 2.67
N LEU E 102 54.76 22.98 2.71
CA LEU E 102 53.91 23.38 3.83
C LEU E 102 52.48 23.55 3.32
N VAL E 103 51.55 22.81 3.89
CA VAL E 103 50.14 22.91 3.53
C VAL E 103 49.36 23.29 4.78
N ILE E 104 48.56 24.35 4.68
CA ILE E 104 47.61 24.72 5.72
C ILE E 104 46.22 24.37 5.21
N LEU E 105 45.63 23.33 5.78
CA LEU E 105 44.36 22.81 5.30
C LEU E 105 43.64 22.06 6.42
N PRO E 106 42.47 22.54 6.87
CA PRO E 106 41.89 23.83 6.47
C PRO E 106 42.54 24.98 7.21
N ALA E 107 42.57 26.14 6.57
CA ALA E 107 42.99 27.38 7.22
C ALA E 107 41.74 28.16 7.63
N THR E 108 41.83 28.84 8.76
CA THR E 108 40.74 29.71 9.20
C THR E 108 40.95 31.11 8.65
N ALA E 109 39.87 31.91 8.71
CA ALA E 109 40.01 33.35 8.49
C ALA E 109 41.04 33.93 9.44
N ASN E 110 41.03 33.48 10.71
CA ASN E 110 42.04 33.90 11.67
C ASN E 110 43.45 33.64 11.14
N PHE E 111 43.69 32.44 10.61
CA PHE E 111 45.03 32.12 10.08
C PHE E 111 45.42 33.08 8.97
N LEU E 112 44.50 33.36 8.03
CA LEU E 112 44.81 34.28 6.94
C LEU E 112 45.28 35.61 7.49
N ALA E 113 44.61 36.13 8.51
CA ALA E 113 45.02 37.39 9.10
C ALA E 113 46.41 37.29 9.72
N LYS E 114 46.68 36.22 10.48
CA LYS E 114 47.97 36.12 11.15
C LYS E 114 49.12 35.95 10.14
N ALA E 115 48.93 35.06 9.15
CA ALA E 115 49.99 34.84 8.16
C ALA E 115 50.23 36.10 7.33
N ALA E 116 49.16 36.82 6.99
CA ALA E 116 49.28 38.02 6.16
C ALA E 116 50.05 39.12 6.86
N HIS E 117 50.01 39.17 8.20
CA HIS E 117 50.62 40.26 8.94
C HIS E 117 51.86 39.83 9.72
N GLY E 118 52.36 38.63 9.50
CA GLY E 118 53.55 38.20 10.19
C GLY E 118 53.38 37.99 11.67
N ILE E 119 52.15 37.75 12.13
CA ILE E 119 51.91 37.37 13.51
C ILE E 119 52.37 35.93 13.72
N ALA E 120 53.02 35.68 14.86
CA ALA E 120 53.56 34.36 15.16
C ALA E 120 53.31 34.04 16.63
N ASP E 121 52.02 33.92 17.02
CA ASP E 121 51.71 33.78 18.44
C ASP E 121 51.32 32.36 18.83
N ASP E 122 51.59 31.38 17.98
CA ASP E 122 51.54 29.97 18.33
C ASP E 122 52.53 29.22 17.44
N VAL E 123 52.65 27.91 17.64
CA VAL E 123 53.65 27.16 16.89
C VAL E 123 53.39 27.23 15.39
N LEU E 124 52.13 27.07 14.96
CA LEU E 124 51.83 27.06 13.53
C LEU E 124 52.24 28.37 12.85
N THR E 125 51.82 29.52 13.39
CA THR E 125 52.11 30.77 12.69
C THR E 125 53.58 31.14 12.81
N ALA E 126 54.25 30.70 13.88
CA ALA E 126 55.69 30.87 13.98
C ALA E 126 56.41 29.99 12.97
N THR E 127 55.90 28.78 12.75
CA THR E 127 56.51 27.88 11.76
C THR E 127 56.39 28.44 10.35
N VAL E 128 55.29 29.16 10.06
CA VAL E 128 55.16 29.84 8.76
C VAL E 128 56.33 30.78 8.54
N LEU E 129 56.68 31.57 9.56
CA LEU E 129 57.80 32.50 9.40
C LEU E 129 59.12 31.76 9.18
N ALA E 130 59.28 30.58 9.78
CA ALA E 130 60.53 29.86 9.67
C ALA E 130 60.59 28.98 8.43
N ALA E 131 59.47 28.71 7.78
CA ALA E 131 59.46 27.84 6.62
C ALA E 131 59.96 28.57 5.39
N GLU E 132 60.69 27.86 4.55
CA GLU E 132 61.20 28.36 3.28
C GLU E 132 60.94 27.28 2.23
N CYS E 133 59.68 27.15 1.83
CA CYS E 133 59.31 26.05 0.96
C CYS E 133 58.01 26.42 0.25
N PRO E 134 57.66 25.71 -0.83
CA PRO E 134 56.35 25.92 -1.44
C PRO E 134 55.24 25.71 -0.40
N THR E 135 54.30 26.65 -0.36
CA THR E 135 53.26 26.68 0.66
C THR E 135 51.89 26.83 0.02
N VAL E 136 50.96 25.96 0.41
CA VAL E 136 49.57 26.02 -0.03
C VAL E 136 48.69 26.29 1.17
N ILE E 137 47.80 27.28 1.04
CA ILE E 137 46.85 27.65 2.07
C ILE E 137 45.45 27.45 1.50
N ALA E 138 44.63 26.65 2.19
CA ALA E 138 43.27 26.33 1.75
C ALA E 138 42.29 26.84 2.80
N PRO E 139 41.93 28.12 2.76
CA PRO E 139 41.01 28.66 3.75
C PRO E 139 39.60 28.15 3.54
N VAL E 140 38.87 28.02 4.65
CA VAL E 140 37.46 27.66 4.64
C VAL E 140 36.74 28.56 5.65
N MET E 141 35.56 29.06 5.26
CA MET E 141 34.71 29.91 6.07
C MET E 141 33.42 30.09 5.28
N ASN E 142 32.39 30.64 5.93
CA ASN E 142 31.12 30.85 5.24
C ASN E 142 31.19 32.12 4.37
N ALA E 143 30.10 32.38 3.64
CA ALA E 143 30.11 33.43 2.63
C ALA E 143 30.19 34.83 3.25
N ALA E 144 29.54 35.04 4.39
CA ALA E 144 29.62 36.34 5.04
C ALA E 144 31.06 36.68 5.42
N MET E 145 31.79 35.70 5.98
CA MET E 145 33.17 35.94 6.38
C MET E 145 34.08 36.11 5.16
N TRP E 146 33.92 35.24 4.16
CA TRP E 146 34.75 35.33 2.96
C TRP E 146 34.61 36.68 2.26
N SER E 147 33.45 37.32 2.36
CA SER E 147 33.23 38.58 1.68
C SER E 147 33.73 39.80 2.45
N LYS E 148 34.18 39.62 3.69
CA LYS E 148 34.61 40.78 4.44
C LYS E 148 35.82 41.42 3.79
N PRO E 149 35.86 42.76 3.72
CA PRO E 149 37.04 43.43 3.14
C PRO E 149 38.34 43.06 3.83
N ALA E 150 38.32 42.93 5.16
CA ALA E 150 39.53 42.55 5.88
C ALA E 150 40.03 41.18 5.43
N VAL E 151 39.12 40.22 5.26
CA VAL E 151 39.50 38.89 4.80
C VAL E 151 40.10 38.93 3.40
N GLN E 152 39.46 39.69 2.49
CA GLN E 152 39.97 39.72 1.12
C GLN E 152 41.28 40.47 1.01
N ARG E 153 41.50 41.49 1.84
CA ARG E 153 42.83 42.11 1.89
C ARG E 153 43.90 41.09 2.27
N ASN E 154 43.60 40.22 3.25
CA ASN E 154 44.59 39.25 3.69
C ASN E 154 44.88 38.23 2.61
N VAL E 155 43.84 37.74 1.93
CA VAL E 155 44.03 36.84 0.79
C VAL E 155 44.94 37.49 -0.26
N ASP E 156 44.63 38.73 -0.65
CA ASP E 156 45.47 39.42 -1.64
C ASP E 156 46.89 39.56 -1.15
N GLN E 157 47.07 39.98 0.10
CA GLN E 157 48.41 40.16 0.64
C GLN E 157 49.21 38.87 0.62
N LEU E 158 48.55 37.74 0.91
CA LEU E 158 49.24 36.45 0.91
C LEU E 158 49.64 36.03 -0.50
N ARG E 159 48.78 36.27 -1.49
CA ARG E 159 49.14 35.96 -2.87
C ARG E 159 50.32 36.81 -3.31
N GLU E 160 50.31 38.10 -2.97
CA GLU E 160 51.45 38.95 -3.30
C GLU E 160 52.72 38.50 -2.59
N ASP E 161 52.62 37.88 -1.43
CA ASP E 161 53.80 37.39 -0.73
C ASP E 161 54.27 36.04 -1.26
N GLY E 162 53.58 35.46 -2.24
CA GLY E 162 54.00 34.22 -2.85
C GLY E 162 53.28 32.98 -2.40
N TYR E 163 52.24 33.11 -1.58
CA TYR E 163 51.48 31.95 -1.11
C TYR E 163 50.38 31.59 -2.10
N ARG E 164 50.17 30.29 -2.28
CA ARG E 164 49.12 29.77 -3.13
C ARG E 164 47.85 29.58 -2.30
N ILE E 165 46.79 30.31 -2.65
CA ILE E 165 45.52 30.26 -1.93
C ILE E 165 44.53 29.43 -2.74
N VAL E 166 43.95 28.42 -2.09
CA VAL E 166 42.86 27.63 -2.67
C VAL E 166 41.56 28.19 -2.08
N GLU E 167 40.83 28.94 -2.90
CA GLU E 167 39.61 29.60 -2.44
C GLU E 167 38.53 28.57 -2.14
N PRO E 168 37.70 28.82 -1.13
CA PRO E 168 36.68 27.84 -0.76
C PRO E 168 35.54 27.77 -1.77
N LYS E 169 34.78 26.68 -1.69
CA LYS E 169 33.53 26.50 -2.40
C LYS E 169 32.36 26.83 -1.47
N GLU E 170 31.14 26.66 -1.99
CA GLU E 170 29.94 27.06 -1.27
C GLU E 170 29.08 25.81 -1.03
N GLY E 171 29.49 25.02 -0.05
CA GLY E 171 28.82 23.75 0.21
C GLY E 171 27.80 23.77 1.33
N ILE E 172 26.56 24.11 1.03
CA ILE E 172 25.51 24.17 2.05
C ILE E 172 25.19 22.76 2.55
N PRO E 181 27.85 28.15 5.01
CA PRO E 181 28.72 27.03 5.38
C PRO E 181 29.68 26.63 4.26
N GLY E 182 30.89 27.17 4.28
CA GLY E 182 31.85 26.95 3.21
C GLY E 182 32.43 25.56 3.23
N SER E 183 33.18 25.24 2.16
CA SER E 183 33.87 23.97 2.08
C SER E 183 35.19 24.17 1.34
N LEU E 184 36.06 23.17 1.45
CA LEU E 184 37.38 23.24 0.85
C LEU E 184 37.30 23.39 -0.66
N GLY E 185 38.18 24.22 -1.21
CA GLY E 185 38.28 24.39 -2.64
C GLY E 185 38.97 23.22 -3.31
N ASP E 186 39.43 23.47 -4.54
CA ASP E 186 40.06 22.42 -5.35
C ASP E 186 41.55 22.41 -5.02
N PHE E 187 41.88 21.75 -3.92
CA PHE E 187 43.24 21.74 -3.40
C PHE E 187 44.09 20.65 -4.03
N GLN E 188 43.47 19.63 -4.62
CA GLN E 188 44.22 18.47 -5.12
C GLN E 188 45.28 18.92 -6.11
N SER E 189 44.90 19.82 -7.02
CA SER E 189 45.83 20.33 -8.02
C SER E 189 46.93 21.16 -7.37
N ALA E 190 46.56 22.04 -6.42
CA ALA E 190 47.56 22.91 -5.81
C ALA E 190 48.57 22.13 -4.99
N ILE E 191 48.12 21.12 -4.26
CA ILE E 191 49.03 20.34 -3.44
C ILE E 191 49.96 19.51 -4.32
N SER E 192 49.42 18.86 -5.35
CA SER E 192 50.24 18.09 -6.28
C SER E 192 51.34 18.96 -6.88
N THR E 193 50.98 20.16 -7.33
CA THR E 193 51.97 21.08 -7.87
C THR E 193 53.06 21.38 -6.85
N ALA E 194 52.67 21.65 -5.61
CA ALA E 194 53.65 21.97 -4.57
C ALA E 194 54.57 20.78 -4.31
N LEU E 195 54.02 19.57 -4.26
CA LEU E 195 54.82 18.37 -4.00
C LEU E 195 55.85 18.13 -5.10
N ILE E 196 55.45 18.30 -6.36
CA ILE E 196 56.39 18.12 -7.45
C ILE E 196 57.40 19.26 -7.49
N GLN E 197 56.94 20.50 -7.26
CA GLN E 197 57.88 21.62 -7.15
C GLN E 197 58.95 21.33 -6.11
N ALA E 198 58.58 20.69 -4.99
CA ALA E 198 59.57 20.32 -3.99
C ALA E 198 60.49 19.22 -4.51
N ALA E 199 59.93 18.23 -5.21
CA ALA E 199 60.76 17.18 -5.78
C ALA E 199 61.76 17.76 -6.78
N ALA E 200 61.34 18.77 -7.53
CA ALA E 200 62.27 19.45 -8.42
C ALA E 200 63.18 20.39 -7.64
N ALA F 18 8.75 49.76 16.36
CA ALA F 18 9.29 48.60 15.68
C ALA F 18 10.70 48.27 16.17
N LEU F 19 11.26 49.15 17.02
CA LEU F 19 12.58 48.91 17.58
C LEU F 19 12.60 47.75 18.57
N ALA F 20 11.44 47.28 19.00
CA ALA F 20 11.40 46.23 20.02
C ALA F 20 11.75 44.86 19.45
N GLN F 21 11.69 44.71 18.12
CA GLN F 21 12.01 43.46 17.47
C GLN F 21 13.40 43.47 16.84
N VAL F 22 14.14 44.56 16.95
CA VAL F 22 15.51 44.61 16.43
C VAL F 22 16.40 43.81 17.38
N ARG F 23 17.15 42.86 16.83
CA ARG F 23 18.02 41.99 17.62
C ARG F 23 19.39 42.64 17.74
N LEU F 24 19.72 43.07 18.95
CA LEU F 24 20.95 43.80 19.22
C LEU F 24 21.99 42.83 19.79
N LEU F 25 23.10 42.66 19.08
CA LEU F 25 24.24 41.89 19.56
C LEU F 25 25.26 42.87 20.14
N TRP F 26 25.69 42.62 21.36
CA TRP F 26 26.46 43.58 22.15
C TRP F 26 27.76 42.94 22.61
N GLY F 27 28.89 43.37 22.05
CA GLY F 27 30.19 42.87 22.47
C GLY F 27 30.81 43.76 23.52
N VAL F 28 31.44 43.14 24.51
CA VAL F 28 32.03 43.84 25.65
C VAL F 28 33.50 43.44 25.77
N CYS F 29 34.39 44.43 25.72
CA CYS F 29 35.83 44.19 25.80
C CYS F 29 36.38 44.61 27.16
N GLY F 30 37.64 44.23 27.39
CA GLY F 30 38.28 44.45 28.67
C GLY F 30 38.75 45.87 28.90
N SER F 31 37.80 46.80 29.05
CA SER F 31 38.07 48.20 29.31
C SER F 31 37.55 48.59 30.68
N PHE F 32 38.18 49.61 31.28
CA PHE F 32 37.61 50.24 32.48
C PHE F 32 36.13 50.51 32.32
N SER F 33 35.72 50.94 31.13
CA SER F 33 34.34 51.36 30.91
C SER F 33 33.36 50.21 30.86
N ALA F 34 33.80 48.96 31.07
CA ALA F 34 32.85 47.87 31.16
C ALA F 34 31.94 48.01 32.39
N VAL F 35 32.34 48.82 33.38
CA VAL F 35 31.48 49.10 34.52
C VAL F 35 30.23 49.86 34.11
N ALA F 36 30.22 50.44 32.91
CA ALA F 36 29.05 51.14 32.41
C ALA F 36 28.00 50.21 31.83
N VAL F 37 28.27 48.90 31.79
CA VAL F 37 27.33 47.98 31.14
C VAL F 37 25.94 48.01 31.77
N PRO F 38 25.78 48.01 33.10
CA PRO F 38 24.40 48.10 33.64
C PRO F 38 23.67 49.35 33.22
N HIS F 39 24.34 50.50 33.28
CA HIS F 39 23.71 51.75 32.87
C HIS F 39 23.32 51.71 31.39
N VAL F 40 24.21 51.20 30.53
CA VAL F 40 23.89 51.13 29.10
C VAL F 40 22.73 50.18 28.86
N ASN F 41 22.68 49.07 29.60
CA ASN F 41 21.58 48.12 29.44
C ASN F 41 20.24 48.75 29.82
N ALA F 42 20.21 49.52 30.91
CA ALA F 42 18.99 50.20 31.30
C ALA F 42 18.57 51.23 30.26
N TRP F 43 19.53 51.96 29.70
CA TRP F 43 19.22 52.92 28.64
C TRP F 43 18.66 52.22 27.41
N LEU F 44 19.26 51.10 27.01
CA LEU F 44 18.79 50.39 25.82
C LEU F 44 17.39 49.84 26.04
N ARG F 45 17.11 49.30 27.22
CA ARG F 45 15.82 48.67 27.45
C ARG F 45 14.74 49.68 27.84
N GLY F 46 15.03 50.53 28.83
CA GLY F 46 14.00 51.40 29.37
C GLY F 46 13.78 52.68 28.62
N THR F 47 14.73 53.09 27.79
CA THR F 47 14.63 54.34 27.06
C THR F 47 14.56 54.15 25.56
N VAL F 48 15.41 53.28 24.99
CA VAL F 48 15.35 53.07 23.54
C VAL F 48 14.25 52.08 23.20
N GLY F 49 13.95 51.15 24.09
CA GLY F 49 12.92 50.15 23.86
C GLY F 49 13.39 48.85 23.23
N VAL F 50 14.70 48.58 23.23
CA VAL F 50 15.20 47.32 22.70
C VAL F 50 14.80 46.19 23.65
N GLN F 51 14.33 45.09 23.08
CA GLN F 51 13.90 43.93 23.85
C GLN F 51 14.84 42.73 23.74
N GLU F 52 15.39 42.48 22.56
CA GLU F 52 16.24 41.30 22.34
C GLU F 52 17.71 41.76 22.34
N ILE F 53 18.42 41.47 23.43
CA ILE F 53 19.82 41.84 23.57
C ILE F 53 20.61 40.60 24.01
N ARG F 54 21.62 40.23 23.22
CA ARG F 54 22.55 39.16 23.58
C ARG F 54 23.97 39.72 23.63
N THR F 55 24.73 39.33 24.65
CA THR F 55 26.06 39.87 24.87
C THR F 55 27.14 38.82 24.62
N VAL F 56 28.28 39.32 24.15
CA VAL F 56 29.51 38.55 24.00
C VAL F 56 30.60 39.29 24.77
N MET F 57 31.27 38.58 25.69
CA MET F 57 32.36 39.15 26.45
C MET F 57 33.69 38.52 26.03
N THR F 58 34.72 39.36 25.89
CA THR F 58 36.07 38.82 25.76
C THR F 58 36.49 38.20 27.09
N ALA F 59 37.50 37.34 27.02
CA ALA F 59 38.03 36.72 28.24
C ALA F 59 38.52 37.78 29.21
N GLN F 60 39.14 38.83 28.70
CA GLN F 60 39.61 39.88 29.60
C GLN F 60 38.44 40.61 30.23
N ALA F 61 37.39 40.91 29.46
CA ALA F 61 36.21 41.55 30.05
C ALA F 61 35.62 40.67 31.15
N ARG F 62 35.48 39.38 30.88
CA ARG F 62 34.96 38.45 31.88
C ARG F 62 35.83 38.42 33.12
N ALA F 63 37.16 38.42 32.93
CA ALA F 63 38.06 38.35 34.08
C ALA F 63 37.97 39.60 34.94
N LEU F 64 37.65 40.74 34.35
CA LEU F 64 37.58 41.98 35.12
C LEU F 64 36.23 42.15 35.79
N MET F 65 35.14 41.96 35.04
CA MET F 65 33.79 42.30 35.48
C MET F 65 33.05 41.14 36.15
N GLY F 66 33.40 39.89 35.84
CA GLY F 66 32.62 38.77 36.30
C GLY F 66 31.36 38.57 35.48
N PRO F 67 31.23 37.39 34.86
CA PRO F 67 30.12 37.18 33.90
C PRO F 67 28.77 36.92 34.54
N ARG F 68 28.73 36.55 35.83
CA ARG F 68 27.47 36.12 36.40
C ARG F 68 26.50 37.26 36.61
N MET F 69 27.01 38.45 36.94
CA MET F 69 26.09 39.55 37.15
C MET F 69 25.55 40.10 35.83
N ILE F 70 26.37 40.15 34.77
CA ILE F 70 25.82 40.52 33.47
C ILE F 70 24.61 39.66 33.17
N GLU F 71 24.71 38.36 33.47
CA GLU F 71 23.58 37.46 33.25
C GLU F 71 22.38 37.89 34.08
N ALA F 72 22.61 38.25 35.35
CA ALA F 72 21.50 38.59 36.23
C ALA F 72 20.81 39.89 35.83
N VAL F 73 21.56 40.84 35.27
CA VAL F 73 21.00 42.15 34.95
C VAL F 73 20.52 42.25 33.51
N THR F 74 20.98 41.37 32.62
CA THR F 74 20.52 41.39 31.24
C THR F 74 19.51 40.29 30.92
N GLY F 75 19.41 39.25 31.74
CA GLY F 75 18.50 38.16 31.45
C GLY F 75 19.08 37.08 30.57
N HIS F 76 20.33 37.23 30.12
CA HIS F 76 21.03 36.24 29.34
C HIS F 76 22.47 36.13 29.83
N ALA F 77 22.94 34.90 29.91
CA ALA F 77 24.35 34.67 30.13
C ALA F 77 25.12 35.21 28.92
N PRO F 78 26.17 35.97 29.13
CA PRO F 78 27.01 36.37 27.99
C PRO F 78 27.68 35.15 27.38
N VAL F 79 27.93 35.22 26.08
CA VAL F 79 28.72 34.20 25.41
C VAL F 79 30.19 34.62 25.51
N THR F 80 31.05 33.71 26.00
CA THR F 80 32.48 33.98 26.04
C THR F 80 33.29 32.88 25.36
N ASP F 81 33.00 31.63 25.71
CA ASP F 81 33.72 30.50 25.17
C ASP F 81 32.92 29.83 24.05
N TRP F 82 33.64 29.18 23.13
CA TRP F 82 32.97 28.43 22.07
C TRP F 82 31.97 27.43 22.64
N GLU F 83 32.29 26.85 23.81
CA GLU F 83 31.41 25.86 24.42
C GLU F 83 30.05 26.43 24.80
N ASP F 84 29.91 27.76 24.86
CA ASP F 84 28.63 28.34 25.25
C ASP F 84 27.58 28.20 24.15
N HIS F 85 27.98 27.90 22.92
CA HIS F 85 27.02 27.64 21.86
C HIS F 85 26.63 26.16 21.87
N LYS F 86 25.33 25.89 21.79
CA LYS F 86 24.81 24.53 21.85
C LYS F 86 24.29 24.11 20.48
N GLY F 87 24.54 22.85 20.13
CA GLY F 87 24.00 22.28 18.91
C GLY F 87 24.87 22.54 17.70
N GLY F 88 24.21 22.48 16.53
CA GLY F 88 24.94 22.59 15.29
C GLY F 88 25.49 23.99 15.05
N GLY F 89 26.44 24.03 14.13
CA GLY F 89 27.12 25.27 13.80
C GLY F 89 28.16 25.66 14.83
N ALA F 90 28.05 26.88 15.36
CA ALA F 90 29.17 27.51 16.05
C ALA F 90 28.78 28.91 16.50
N ALA F 91 29.37 29.35 17.60
CA ALA F 91 28.92 30.57 18.27
C ALA F 91 28.91 31.75 17.32
N HIS F 92 29.98 31.91 16.54
CA HIS F 92 30.15 33.13 15.75
C HIS F 92 29.17 33.19 14.59
N VAL F 93 28.89 32.05 13.96
CA VAL F 93 27.92 31.99 12.87
C VAL F 93 26.52 32.23 13.40
N ALA F 94 26.16 31.55 14.49
CA ALA F 94 24.81 31.72 15.04
C ALA F 94 24.57 33.14 15.52
N LEU F 95 25.53 33.70 16.27
CA LEU F 95 25.37 35.06 16.76
C LEU F 95 25.46 36.07 15.61
N GLY F 96 26.37 35.82 14.66
CA GLY F 96 26.51 36.74 13.54
C GLY F 96 25.27 36.80 12.67
N ALA F 97 24.63 35.64 12.46
CA ALA F 97 23.42 35.61 11.66
C ALA F 97 22.22 36.18 12.40
N TRP F 98 22.21 36.04 13.73
CA TRP F 98 21.08 36.51 14.53
C TRP F 98 21.02 38.03 14.60
N ALA F 99 22.16 38.70 14.53
CA ALA F 99 22.23 40.11 14.86
C ALA F 99 21.62 40.97 13.76
N ASP F 100 20.75 41.89 14.15
CA ASP F 100 20.33 42.98 13.26
C ASP F 100 21.20 44.21 13.42
N VAL F 101 21.69 44.44 14.64
CA VAL F 101 22.66 45.50 14.91
C VAL F 101 23.74 44.90 15.79
N LEU F 102 24.98 45.30 15.54
CA LEU F 102 26.14 44.87 16.32
C LEU F 102 26.77 46.10 16.96
N VAL F 103 26.90 46.06 18.28
CA VAL F 103 27.53 47.14 19.05
C VAL F 103 28.69 46.55 19.85
N ILE F 104 29.86 47.16 19.73
CA ILE F 104 31.00 46.84 20.57
C ILE F 104 31.20 48.00 21.53
N LEU F 105 30.88 47.79 22.80
CA LEU F 105 30.87 48.87 23.77
C LEU F 105 31.08 48.31 25.17
N PRO F 106 32.18 48.63 25.86
CA PRO F 106 33.32 49.36 25.31
C PRO F 106 34.19 48.48 24.43
N ALA F 107 34.84 49.09 23.45
CA ALA F 107 35.85 48.41 22.66
C ALA F 107 37.22 48.81 23.17
N THR F 108 38.15 47.87 23.15
CA THR F 108 39.53 48.15 23.51
C THR F 108 40.30 48.59 22.27
N ALA F 109 41.45 49.22 22.51
CA ALA F 109 42.38 49.42 21.41
C ALA F 109 42.69 48.10 20.71
N ASN F 110 42.89 47.03 21.51
CA ASN F 110 43.12 45.68 20.99
C ASN F 110 42.03 45.29 20.01
N PHE F 111 40.76 45.52 20.39
CA PHE F 111 39.66 45.16 19.49
C PHE F 111 39.76 45.90 18.16
N LEU F 112 40.09 47.19 18.19
CA LEU F 112 40.21 47.94 16.94
C LEU F 112 41.22 47.29 16.00
N ALA F 113 42.38 46.90 16.54
CA ALA F 113 43.40 46.28 15.72
C ALA F 113 42.90 44.96 15.12
N LYS F 114 42.24 44.11 15.94
CA LYS F 114 41.82 42.82 15.42
C LYS F 114 40.75 42.97 14.36
N ALA F 115 39.76 43.82 14.62
CA ALA F 115 38.68 44.01 13.66
C ALA F 115 39.20 44.65 12.38
N ALA F 116 40.16 45.58 12.51
CA ALA F 116 40.69 46.25 11.32
C ALA F 116 41.46 45.29 10.43
N HIS F 117 42.05 44.23 10.99
CA HIS F 117 42.89 43.34 10.21
C HIS F 117 42.26 41.97 10.02
N GLY F 118 41.00 41.80 10.40
CA GLY F 118 40.34 40.52 10.18
C GLY F 118 40.86 39.38 11.02
N ILE F 119 41.47 39.68 12.17
CA ILE F 119 41.86 38.65 13.13
C ILE F 119 40.61 38.12 13.82
N ALA F 120 40.54 36.81 14.02
CA ALA F 120 39.36 36.17 14.62
C ALA F 120 39.83 35.08 15.58
N ASP F 121 40.49 35.50 16.67
CA ASP F 121 41.09 34.54 17.61
C ASP F 121 40.29 34.40 18.90
N ASP F 122 39.06 34.89 18.94
CA ASP F 122 38.11 34.57 20.01
C ASP F 122 36.70 34.67 19.45
N VAL F 123 35.70 34.38 20.28
CA VAL F 123 34.31 34.37 19.79
C VAL F 123 33.92 35.74 19.25
N LEU F 124 34.24 36.81 19.99
CA LEU F 124 33.80 38.14 19.60
C LEU F 124 34.36 38.53 18.24
N THR F 125 35.67 38.39 18.04
CA THR F 125 36.26 38.86 16.78
C THR F 125 35.90 37.96 15.62
N ALA F 126 35.61 36.67 15.88
CA ALA F 126 35.07 35.81 14.84
C ALA F 126 33.64 36.20 14.49
N THR F 127 32.86 36.59 15.49
CA THR F 127 31.49 37.01 15.24
C THR F 127 31.45 38.22 14.32
N VAL F 128 32.42 39.14 14.48
CA VAL F 128 32.51 40.31 13.64
C VAL F 128 32.60 39.91 12.17
N LEU F 129 33.44 38.91 11.86
CA LEU F 129 33.56 38.45 10.48
C LEU F 129 32.28 37.81 9.98
N ALA F 130 31.52 37.15 10.86
CA ALA F 130 30.32 36.47 10.43
C ALA F 130 29.09 37.37 10.38
N ALA F 131 29.12 38.51 11.06
CA ALA F 131 27.95 39.39 11.09
C ALA F 131 27.85 40.22 9.81
N GLU F 132 26.62 40.44 9.35
CA GLU F 132 26.34 41.26 8.18
C GLU F 132 25.21 42.22 8.55
N CYS F 133 25.56 43.27 9.28
CA CYS F 133 24.56 44.19 9.81
C CYS F 133 25.27 45.49 10.14
N PRO F 134 24.53 46.58 10.32
CA PRO F 134 25.15 47.84 10.78
C PRO F 134 25.89 47.61 12.09
N THR F 135 27.10 48.15 12.18
CA THR F 135 27.96 47.93 13.33
C THR F 135 28.48 49.25 13.87
N VAL F 136 28.33 49.45 15.18
CA VAL F 136 28.84 50.61 15.87
C VAL F 136 29.90 50.16 16.87
N ILE F 137 31.07 50.80 16.83
CA ILE F 137 32.19 50.50 17.69
C ILE F 137 32.48 51.74 18.53
N ALA F 138 32.52 51.58 19.85
CA ALA F 138 32.75 52.67 20.79
C ALA F 138 34.03 52.38 21.58
N PRO F 139 35.20 52.72 21.04
CA PRO F 139 36.45 52.42 21.76
C PRO F 139 36.64 53.33 22.95
N VAL F 140 37.33 52.81 23.97
CA VAL F 140 37.73 53.56 25.15
C VAL F 140 39.19 53.24 25.44
N MET F 141 39.98 54.27 25.74
CA MET F 141 41.40 54.18 26.07
C MET F 141 41.86 55.57 26.46
N ASN F 142 43.04 55.66 27.08
CA ASN F 142 43.50 56.98 27.47
C ASN F 142 44.08 57.72 26.25
N ALA F 143 44.47 58.98 26.46
CA ALA F 143 44.85 59.83 25.34
C ALA F 143 46.16 59.37 24.72
N ALA F 144 47.10 58.88 25.53
CA ALA F 144 48.36 58.39 24.99
C ALA F 144 48.13 57.25 24.00
N MET F 145 47.23 56.32 24.34
CA MET F 145 46.94 55.21 23.45
C MET F 145 46.18 55.68 22.22
N TRP F 146 45.18 56.53 22.41
CA TRP F 146 44.36 57.00 21.30
C TRP F 146 45.20 57.74 20.26
N SER F 147 46.28 58.40 20.71
CA SER F 147 47.10 59.19 19.80
C SER F 147 48.12 58.36 19.03
N LYS F 148 48.25 57.07 19.33
CA LYS F 148 49.23 56.26 18.63
C LYS F 148 48.89 56.13 17.15
N PRO F 149 49.88 56.22 16.26
CA PRO F 149 49.60 56.05 14.82
C PRO F 149 48.94 54.73 14.50
N ALA F 150 49.38 53.64 15.15
CA ALA F 150 48.79 52.34 14.85
C ALA F 150 47.29 52.34 15.15
N VAL F 151 46.89 52.93 16.29
CA VAL F 151 45.47 52.96 16.64
C VAL F 151 44.69 53.76 15.61
N GLN F 152 45.21 54.93 15.22
CA GLN F 152 44.48 55.79 14.28
C GLN F 152 44.40 55.15 12.90
N ARG F 153 45.43 54.41 12.50
CA ARG F 153 45.32 53.62 11.28
C ARG F 153 44.17 52.62 11.36
N ASN F 154 44.00 51.98 12.52
CA ASN F 154 42.93 50.99 12.66
C ASN F 154 41.56 51.66 12.64
N VAL F 155 41.42 52.79 13.34
CA VAL F 155 40.19 53.56 13.26
C VAL F 155 39.86 53.90 11.80
N ASP F 156 40.85 54.44 11.08
CA ASP F 156 40.64 54.83 9.69
C ASP F 156 40.25 53.62 8.84
N GLN F 157 40.95 52.50 9.02
CA GLN F 157 40.63 51.32 8.22
C GLN F 157 39.22 50.82 8.48
N LEU F 158 38.79 50.84 9.75
CA LEU F 158 37.44 50.36 10.06
C LEU F 158 36.38 51.29 9.47
N ARG F 159 36.60 52.60 9.49
CA ARG F 159 35.65 53.51 8.86
C ARG F 159 35.55 53.23 7.36
N GLU F 160 36.69 53.04 6.69
CA GLU F 160 36.66 52.68 5.28
C GLU F 160 35.97 51.34 5.04
N ASP F 161 36.01 50.43 6.02
CA ASP F 161 35.30 49.18 5.88
C ASP F 161 33.81 49.33 6.20
N GLY F 162 33.37 50.51 6.58
CA GLY F 162 31.97 50.75 6.82
C GLY F 162 31.56 50.72 8.27
N TYR F 163 32.50 50.68 9.21
CA TYR F 163 32.16 50.67 10.62
C TYR F 163 31.99 52.07 11.15
N ARG F 164 30.98 52.24 12.00
CA ARG F 164 30.71 53.50 12.67
C ARG F 164 31.50 53.56 13.96
N ILE F 165 32.46 54.49 14.05
CA ILE F 165 33.33 54.60 15.22
C ILE F 165 32.88 55.77 16.07
N VAL F 166 32.63 55.52 17.35
CA VAL F 166 32.30 56.53 18.33
C VAL F 166 33.57 56.84 19.12
N GLU F 167 34.17 58.00 18.85
CA GLU F 167 35.44 58.33 19.48
C GLU F 167 35.26 58.57 20.97
N PRO F 168 36.27 58.24 21.77
CA PRO F 168 36.15 58.41 23.22
C PRO F 168 36.20 59.88 23.63
N LYS F 169 35.81 60.13 24.88
CA LYS F 169 35.97 61.42 25.52
C LYS F 169 37.23 61.41 26.40
N GLU F 170 37.47 62.53 27.07
CA GLU F 170 38.66 62.71 27.90
C GLU F 170 38.17 62.98 29.32
N GLY F 171 37.74 61.91 30.01
CA GLY F 171 37.14 62.03 31.32
C GLY F 171 38.04 61.70 32.50
N ILE F 172 38.78 62.69 33.01
CA ILE F 172 39.68 62.45 34.14
C ILE F 172 38.91 62.17 35.42
N PRO F 181 42.86 58.76 31.43
CA PRO F 181 41.70 57.93 31.82
C PRO F 181 40.49 58.19 30.93
N GLY F 182 40.35 57.39 29.88
CA GLY F 182 39.34 57.64 28.89
C GLY F 182 37.94 57.30 29.36
N SER F 183 36.96 57.72 28.56
CA SER F 183 35.57 57.40 28.82
C SER F 183 34.82 57.26 27.50
N LEU F 184 33.63 56.68 27.58
CA LEU F 184 32.80 56.46 26.41
C LEU F 184 32.41 57.78 25.76
N GLY F 185 32.43 57.81 24.43
CA GLY F 185 31.95 58.95 23.69
C GLY F 185 30.43 59.01 23.65
N ASP F 186 29.92 59.80 22.71
CA ASP F 186 28.47 59.97 22.55
C ASP F 186 27.96 58.92 21.57
N PHE F 187 27.69 57.74 22.12
CA PHE F 187 27.29 56.57 21.35
C PHE F 187 25.78 56.50 21.11
N GLN F 188 24.99 57.21 21.93
CA GLN F 188 23.53 57.08 21.88
C GLN F 188 23.00 57.39 20.49
N SER F 189 23.48 58.48 19.88
CA SER F 189 22.99 58.86 18.57
C SER F 189 23.38 57.81 17.53
N ALA F 190 24.64 57.34 17.58
CA ALA F 190 25.08 56.32 16.63
C ALA F 190 24.32 55.01 16.82
N ILE F 191 24.10 54.60 18.07
CA ILE F 191 23.38 53.35 18.30
C ILE F 191 21.93 53.50 17.90
N SER F 192 21.28 54.59 18.32
CA SER F 192 19.89 54.85 17.94
C SER F 192 19.74 54.82 16.42
N THR F 193 20.65 55.50 15.72
CA THR F 193 20.62 55.51 14.26
C THR F 193 20.69 54.10 13.70
N ALA F 194 21.59 53.27 14.22
CA ALA F 194 21.70 51.90 13.73
C ALA F 194 20.43 51.09 14.02
N LEU F 195 19.88 51.21 15.23
CA LEU F 195 18.68 50.47 15.57
C LEU F 195 17.50 50.90 14.71
N ILE F 196 17.37 52.21 14.47
CA ILE F 196 16.25 52.72 13.70
C ILE F 196 16.38 52.31 12.23
N GLN F 197 17.56 52.44 11.65
CA GLN F 197 17.78 51.96 10.29
C GLN F 197 17.49 50.47 10.17
N ALA F 198 17.84 49.68 11.19
CA ALA F 198 17.57 48.24 11.15
C ALA F 198 16.08 47.97 11.22
N ALA F 199 15.35 48.71 12.06
CA ALA F 199 13.90 48.54 12.12
C ALA F 199 13.26 48.79 10.77
N ALA F 200 13.83 49.69 9.98
CA ALA F 200 13.39 49.94 8.61
C ALA F 200 13.85 48.83 7.65
N ALA G 18 73.29 62.01 35.36
CA ALA G 18 71.83 62.14 35.41
C ALA G 18 71.12 60.90 34.87
N LEU G 19 71.89 59.95 34.32
CA LEU G 19 71.29 58.72 33.82
C LEU G 19 70.77 57.83 34.93
N ALA G 20 71.11 58.11 36.19
CA ALA G 20 70.68 57.25 37.28
C ALA G 20 69.21 57.47 37.63
N GLN G 21 68.62 58.57 37.18
CA GLN G 21 67.21 58.87 37.41
C GLN G 21 66.34 58.58 36.21
N VAL G 22 66.91 58.08 35.11
CA VAL G 22 66.10 57.70 33.96
C VAL G 22 65.38 56.39 34.28
N ARG G 23 64.07 56.38 34.13
CA ARG G 23 63.26 55.20 34.43
C ARG G 23 63.16 54.37 33.15
N LEU G 24 63.79 53.20 33.17
CA LEU G 24 63.89 52.33 32.00
C LEU G 24 62.86 51.21 32.10
N LEU G 25 61.93 51.18 31.14
CA LEU G 25 60.99 50.07 31.01
C LEU G 25 61.51 49.12 29.93
N TRP G 26 61.60 47.84 30.28
CA TRP G 26 62.28 46.83 29.47
C TRP G 26 61.36 45.65 29.24
N GLY G 27 60.89 45.49 28.00
CA GLY G 27 60.08 44.35 27.63
C GLY G 27 60.93 43.21 27.09
N VAL G 28 60.54 41.99 27.45
CA VAL G 28 61.28 40.77 27.10
C VAL G 28 60.32 39.78 26.44
N CYS G 29 60.65 39.38 25.21
CA CYS G 29 59.81 38.46 24.44
C CYS G 29 60.44 37.07 24.39
N GLY G 30 59.65 36.11 23.93
CA GLY G 30 60.06 34.72 23.93
C GLY G 30 61.03 34.36 22.83
N SER G 31 62.25 34.87 22.92
CA SER G 31 63.32 34.58 21.98
C SER G 31 64.46 33.85 22.70
N PHE G 32 65.21 33.04 21.94
CA PHE G 32 66.45 32.45 22.43
C PHE G 32 67.29 33.44 23.21
N SER G 33 67.31 34.69 22.75
CA SER G 33 68.16 35.72 23.34
C SER G 33 67.64 36.25 24.67
N ALA G 34 66.52 35.72 25.17
CA ALA G 34 66.09 36.14 26.50
C ALA G 34 67.08 35.71 27.57
N VAL G 35 67.90 34.69 27.29
CA VAL G 35 68.95 34.27 28.22
C VAL G 35 70.01 35.34 28.42
N ALA G 36 70.08 36.34 27.53
CA ALA G 36 71.04 37.41 27.66
C ALA G 36 70.59 38.50 28.63
N VAL G 37 69.37 38.40 29.18
CA VAL G 37 68.84 39.47 30.03
C VAL G 37 69.74 39.77 31.22
N PRO G 38 70.26 38.78 31.96
CA PRO G 38 71.18 39.14 33.08
C PRO G 38 72.41 39.89 32.63
N HIS G 39 73.07 39.46 31.55
CA HIS G 39 74.24 40.17 31.03
C HIS G 39 73.89 41.60 30.63
N VAL G 40 72.79 41.78 29.89
CA VAL G 40 72.39 43.12 29.47
C VAL G 40 72.07 43.96 30.70
N ASN G 41 71.48 43.34 31.72
CA ASN G 41 71.16 44.02 32.96
C ASN G 41 72.43 44.51 33.67
N ALA G 42 73.48 43.68 33.69
CA ALA G 42 74.74 44.09 34.32
C ALA G 42 75.35 45.29 33.60
N TRP G 43 75.31 45.29 32.27
CA TRP G 43 75.79 46.44 31.51
C TRP G 43 74.97 47.68 31.81
N LEU G 44 73.64 47.54 31.91
CA LEU G 44 72.79 48.70 32.19
C LEU G 44 73.08 49.27 33.56
N ARG G 45 73.29 48.40 34.55
CA ARG G 45 73.49 48.82 35.93
C ARG G 45 74.93 49.27 36.18
N GLY G 46 75.90 48.39 35.86
CA GLY G 46 77.28 48.61 36.24
C GLY G 46 78.09 49.47 35.29
N THR G 47 77.66 49.63 34.05
CA THR G 47 78.41 50.40 33.07
C THR G 47 77.69 51.67 32.63
N VAL G 48 76.41 51.57 32.28
CA VAL G 48 75.70 52.78 31.85
C VAL G 48 75.25 53.58 33.07
N GLY G 49 74.99 52.91 34.19
CA GLY G 49 74.60 53.59 35.41
C GLY G 49 73.12 53.79 35.62
N VAL G 50 72.26 53.07 34.90
CA VAL G 50 70.82 53.14 35.14
C VAL G 50 70.48 52.42 36.43
N GLN G 51 69.61 53.02 37.25
CA GLN G 51 69.24 52.48 38.55
C GLN G 51 67.84 51.92 38.62
N GLU G 52 66.87 52.56 37.97
CA GLU G 52 65.47 52.14 38.05
C GLU G 52 65.10 51.42 36.76
N ILE G 53 65.01 50.09 36.84
CA ILE G 53 64.69 49.25 35.70
C ILE G 53 63.55 48.32 36.10
N ARG G 54 62.45 48.38 35.38
CA ARG G 54 61.34 47.45 35.54
C ARG G 54 61.12 46.71 34.22
N THR G 55 60.88 45.41 34.34
CA THR G 55 60.76 44.53 33.20
C THR G 55 59.33 44.01 33.04
N VAL G 56 58.95 43.80 31.79
CA VAL G 56 57.71 43.15 31.42
C VAL G 56 58.07 41.97 30.53
N MET G 57 57.63 40.78 30.90
CA MET G 57 57.87 39.58 30.13
C MET G 57 56.57 39.09 29.51
N THR G 58 56.64 38.68 28.24
CA THR G 58 55.52 37.95 27.66
C THR G 58 55.39 36.58 28.32
N ALA G 59 54.23 35.96 28.13
CA ALA G 59 54.03 34.61 28.67
C ALA G 59 55.07 33.65 28.13
N GLN G 60 55.44 33.79 26.86
CA GLN G 60 56.44 32.90 26.27
C GLN G 60 57.84 33.18 26.81
N ALA G 61 58.18 34.45 27.01
CA ALA G 61 59.48 34.77 27.61
C ALA G 61 59.59 34.16 29.00
N ARG G 62 58.53 34.29 29.81
CA ARG G 62 58.51 33.72 31.15
C ARG G 62 58.69 32.20 31.09
N ALA G 63 58.08 31.56 30.10
CA ALA G 63 58.17 30.11 30.00
C ALA G 63 59.59 29.67 29.68
N LEU G 64 60.38 30.52 29.02
CA LEU G 64 61.74 30.16 28.66
C LEU G 64 62.76 30.48 29.76
N MET G 65 62.79 31.74 30.25
CA MET G 65 63.83 32.23 31.14
C MET G 65 63.56 32.05 32.63
N GLY G 66 62.32 31.96 33.05
CA GLY G 66 62.03 31.94 34.46
C GLY G 66 62.19 33.33 35.06
N PRO G 67 61.08 33.87 35.55
CA PRO G 67 61.07 35.25 36.06
C PRO G 67 61.69 35.41 37.44
N ARG G 68 61.92 34.30 38.16
CA ARG G 68 62.40 34.40 39.52
C ARG G 68 63.87 34.79 39.56
N MET G 69 64.67 34.30 38.62
CA MET G 69 66.06 34.73 38.59
C MET G 69 66.18 36.15 38.07
N ILE G 70 65.36 36.49 37.07
CA ILE G 70 65.32 37.87 36.60
C ILE G 70 65.02 38.81 37.77
N GLU G 71 64.04 38.44 38.61
CA GLU G 71 63.74 39.26 39.78
C GLU G 71 64.95 39.35 40.72
N ALA G 72 65.64 38.23 40.93
CA ALA G 72 66.72 38.20 41.91
C ALA G 72 67.91 39.04 41.47
N VAL G 73 68.16 39.15 40.16
CA VAL G 73 69.29 39.92 39.67
C VAL G 73 68.89 41.32 39.22
N THR G 74 67.61 41.57 38.96
CA THR G 74 67.20 42.93 38.60
C THR G 74 66.57 43.69 39.76
N GLY G 75 66.17 43.00 40.83
CA GLY G 75 65.60 43.69 41.97
C GLY G 75 64.12 43.97 41.90
N HIS G 76 63.45 43.60 40.81
CA HIS G 76 62.01 43.75 40.69
C HIS G 76 61.43 42.52 40.02
N ALA G 77 60.30 42.07 40.52
CA ALA G 77 59.57 41.01 39.85
C ALA G 77 59.13 41.51 38.48
N PRO G 78 59.40 40.77 37.41
CA PRO G 78 58.86 41.17 36.11
C PRO G 78 57.35 41.05 36.11
N VAL G 79 56.72 41.94 35.38
CA VAL G 79 55.28 41.91 35.19
C VAL G 79 54.96 41.09 33.95
N THR G 80 54.08 40.10 34.11
CA THR G 80 53.54 39.37 32.97
C THR G 80 52.02 39.40 32.95
N ASP G 81 51.38 39.17 34.09
CA ASP G 81 49.93 39.17 34.16
C ASP G 81 49.41 40.50 34.72
N TRP G 82 48.19 40.84 34.32
CA TRP G 82 47.51 42.03 34.81
C TRP G 82 47.45 42.07 36.34
N GLU G 83 47.34 40.91 36.99
CA GLU G 83 47.23 40.86 38.43
C GLU G 83 48.46 41.41 39.16
N ASP G 84 49.60 41.54 38.47
CA ASP G 84 50.80 42.03 39.14
C ASP G 84 50.74 43.52 39.45
N HIS G 85 49.82 44.28 38.85
CA HIS G 85 49.65 45.68 39.20
C HIS G 85 48.69 45.78 40.38
N LYS G 86 49.07 46.56 41.38
CA LYS G 86 48.31 46.70 42.61
C LYS G 86 47.64 48.06 42.63
N GLY G 87 46.41 48.10 43.12
CA GLY G 87 45.72 49.36 43.32
C GLY G 87 44.99 49.83 42.08
N GLY G 88 44.76 51.14 42.05
CA GLY G 88 43.97 51.74 40.99
C GLY G 88 44.67 51.69 39.64
N GLY G 89 43.86 51.91 38.60
CA GLY G 89 44.36 51.88 37.24
C GLY G 89 44.58 50.45 36.75
N ALA G 90 45.79 50.17 36.28
CA ALA G 90 46.04 49.00 35.44
C ALA G 90 47.50 48.97 34.99
N ALA G 91 48.02 47.76 34.76
CA ALA G 91 49.46 47.60 34.55
C ALA G 91 49.96 48.44 33.39
N HIS G 92 49.25 48.44 32.26
CA HIS G 92 49.80 49.08 31.08
C HIS G 92 49.85 50.60 31.24
N VAL G 93 48.82 51.17 31.88
CA VAL G 93 48.80 52.62 32.11
C VAL G 93 49.88 53.02 33.10
N ALA G 94 50.00 52.27 34.21
CA ALA G 94 50.97 52.63 35.24
C ALA G 94 52.39 52.53 34.71
N LEU G 95 52.73 51.42 34.06
CA LEU G 95 54.08 51.25 33.53
C LEU G 95 54.35 52.19 32.37
N GLY G 96 53.35 52.38 31.50
CA GLY G 96 53.54 53.26 30.36
C GLY G 96 53.81 54.69 30.76
N ALA G 97 53.10 55.19 31.77
CA ALA G 97 53.32 56.56 32.24
C ALA G 97 54.64 56.68 33.00
N TRP G 98 55.06 55.60 33.66
CA TRP G 98 56.30 55.62 34.44
C TRP G 98 57.53 55.69 33.56
N ALA G 99 57.46 55.15 32.35
CA ALA G 99 58.66 54.92 31.55
C ALA G 99 59.24 56.21 30.99
N ASP G 100 60.54 56.40 31.16
CA ASP G 100 61.26 57.44 30.44
C ASP G 100 61.84 56.93 29.13
N VAL G 101 62.28 55.68 29.11
CA VAL G 101 62.71 55.00 27.89
C VAL G 101 62.13 53.59 27.93
N LEU G 102 61.66 53.11 26.77
CA LEU G 102 61.11 51.78 26.63
C LEU G 102 62.02 50.99 25.69
N VAL G 103 62.51 49.84 26.17
CA VAL G 103 63.35 48.96 25.39
C VAL G 103 62.68 47.59 25.30
N ILE G 104 62.54 47.09 24.09
CA ILE G 104 62.07 45.73 23.86
C ILE G 104 63.28 44.91 23.43
N LEU G 105 63.77 44.05 24.31
CA LEU G 105 65.00 43.34 24.04
C LEU G 105 65.04 42.04 24.83
N PRO G 106 65.05 40.89 24.15
CA PRO G 106 64.84 40.77 22.71
C PRO G 106 63.37 40.89 22.31
N ALA G 107 63.13 41.35 21.09
CA ALA G 107 61.80 41.35 20.52
C ALA G 107 61.65 40.16 19.57
N THR G 108 60.47 39.55 19.58
CA THR G 108 60.21 38.46 18.64
C THR G 108 59.67 39.05 17.35
N ALA G 109 59.73 38.24 16.29
CA ALA G 109 58.97 38.57 15.08
C ALA G 109 57.51 38.79 15.43
N ASN G 110 56.97 37.95 16.32
CA ASN G 110 55.62 38.13 16.83
C ASN G 110 55.41 39.54 17.39
N PHE G 111 56.34 40.01 18.20
CA PHE G 111 56.21 41.34 18.78
C PHE G 111 56.13 42.41 17.69
N LEU G 112 57.00 42.32 16.68
CA LEU G 112 57.00 43.34 15.61
C LEU G 112 55.63 43.44 14.98
N ALA G 113 54.98 42.30 14.72
CA ALA G 113 53.67 42.31 14.11
C ALA G 113 52.64 43.01 15.00
N LYS G 114 52.64 42.69 16.29
CA LYS G 114 51.64 43.28 17.19
C LYS G 114 51.86 44.78 17.36
N ALA G 115 53.11 45.20 17.55
CA ALA G 115 53.39 46.62 17.71
C ALA G 115 53.10 47.41 16.44
N ALA G 116 53.41 46.85 15.27
CA ALA G 116 53.20 47.54 14.01
C ALA G 116 51.72 47.75 13.71
N HIS G 117 50.86 46.87 14.21
CA HIS G 117 49.43 46.90 13.91
C HIS G 117 48.58 47.33 15.11
N GLY G 118 49.19 47.77 16.20
CA GLY G 118 48.43 48.21 17.36
C GLY G 118 47.68 47.13 18.11
N ILE G 119 48.12 45.87 18.00
CA ILE G 119 47.54 44.80 18.80
C ILE G 119 48.01 44.95 20.24
N ALA G 120 47.08 44.77 21.19
CA ALA G 120 47.39 44.95 22.60
C ALA G 120 46.72 43.84 23.41
N ASP G 121 47.14 42.59 23.16
CA ASP G 121 46.47 41.43 23.75
C ASP G 121 47.30 40.81 24.86
N ASP G 122 48.30 41.52 25.37
CA ASP G 122 48.95 41.14 26.61
C ASP G 122 49.46 42.42 27.28
N VAL G 123 50.08 42.27 28.45
CA VAL G 123 50.52 43.46 29.18
C VAL G 123 51.54 44.24 28.37
N LEU G 124 52.52 43.54 27.79
CA LEU G 124 53.60 44.23 27.08
C LEU G 124 53.06 45.06 25.92
N THR G 125 52.25 44.44 25.05
CA THR G 125 51.81 45.15 23.86
C THR G 125 50.80 46.24 24.18
N ALA G 126 50.05 46.10 25.28
CA ALA G 126 49.19 47.18 25.74
C ALA G 126 50.02 48.33 26.30
N THR G 127 51.10 48.00 27.00
CA THR G 127 51.99 49.03 27.54
C THR G 127 52.63 49.84 26.42
N VAL G 128 52.96 49.18 25.29
CA VAL G 128 53.49 49.90 24.14
C VAL G 128 52.53 51.01 23.70
N LEU G 129 51.23 50.71 23.65
CA LEU G 129 50.27 51.74 23.27
C LEU G 129 50.20 52.85 24.30
N ALA G 130 50.41 52.53 25.57
CA ALA G 130 50.29 53.50 26.63
C ALA G 130 51.58 54.29 26.89
N ALA G 131 52.72 53.79 26.41
CA ALA G 131 53.98 54.51 26.65
C ALA G 131 54.08 55.70 25.72
N GLU G 132 54.66 56.80 26.24
CA GLU G 132 54.92 58.02 25.47
C GLU G 132 56.37 58.44 25.75
N CYS G 133 57.30 57.72 25.14
CA CYS G 133 58.71 57.94 25.38
C CYS G 133 59.49 57.33 24.22
N PRO G 134 60.76 57.71 24.04
CA PRO G 134 61.58 57.03 23.04
C PRO G 134 61.62 55.53 23.28
N THR G 135 61.47 54.77 22.21
CA THR G 135 61.40 53.32 22.29
C THR G 135 62.40 52.71 21.32
N VAL G 136 63.20 51.76 21.82
CA VAL G 136 64.16 51.00 21.02
C VAL G 136 63.72 49.55 21.02
N ILE G 137 63.64 48.95 19.83
CA ILE G 137 63.21 47.57 19.64
C ILE G 137 64.35 46.78 18.99
N ALA G 138 64.75 45.69 19.63
CA ALA G 138 65.86 44.85 19.17
C ALA G 138 65.32 43.46 18.84
N PRO G 139 64.81 43.25 17.63
CA PRO G 139 64.28 41.94 17.27
C PRO G 139 65.41 40.93 17.09
N VAL G 140 65.09 39.67 17.39
CA VAL G 140 65.97 38.55 17.16
C VAL G 140 65.16 37.44 16.52
N MET G 141 65.71 36.82 15.49
CA MET G 141 65.11 35.69 14.81
C MET G 141 66.12 35.18 13.79
N ASN G 142 65.88 34.00 13.25
CA ASN G 142 66.83 33.46 12.28
C ASN G 142 66.63 34.15 10.92
N ALA G 143 67.50 33.81 9.96
CA ALA G 143 67.52 34.55 8.70
C ALA G 143 66.26 34.28 7.88
N ALA G 144 65.74 33.05 7.93
CA ALA G 144 64.51 32.75 7.21
C ALA G 144 63.36 33.63 7.67
N MET G 145 63.23 33.82 8.99
CA MET G 145 62.15 34.65 9.53
C MET G 145 62.40 36.12 9.23
N TRP G 146 63.63 36.59 9.41
CA TRP G 146 63.92 38.00 9.14
C TRP G 146 63.65 38.37 7.69
N SER G 147 63.81 37.42 6.76
CA SER G 147 63.65 37.71 5.35
C SER G 147 62.20 37.66 4.87
N LYS G 148 61.25 37.23 5.70
CA LYS G 148 59.87 37.16 5.24
C LYS G 148 59.35 38.56 4.93
N PRO G 149 58.61 38.71 3.82
CA PRO G 149 58.05 40.04 3.48
C PRO G 149 57.20 40.65 4.58
N ALA G 150 56.36 39.84 5.25
CA ALA G 150 55.50 40.38 6.30
C ALA G 150 56.31 41.00 7.42
N VAL G 151 57.41 40.34 7.80
CA VAL G 151 58.26 40.86 8.87
C VAL G 151 58.88 42.18 8.46
N GLN G 152 59.36 42.26 7.22
CA GLN G 152 59.99 43.50 6.76
C GLN G 152 58.97 44.62 6.65
N ARG G 153 57.72 44.30 6.27
CA ARG G 153 56.68 45.32 6.33
C ARG G 153 56.51 45.84 7.75
N ASN G 154 56.57 44.95 8.74
CA ASN G 154 56.40 45.37 10.12
C ASN G 154 57.58 46.22 10.58
N VAL G 155 58.81 45.80 10.23
CA VAL G 155 59.98 46.64 10.52
C VAL G 155 59.82 48.02 9.91
N ASP G 156 59.48 48.09 8.62
CA ASP G 156 59.32 49.39 7.96
C ASP G 156 58.25 50.23 8.62
N GLN G 157 57.09 49.63 8.94
CA GLN G 157 56.00 50.38 9.54
C GLN G 157 56.39 50.97 10.90
N LEU G 158 57.15 50.22 11.70
CA LEU G 158 57.55 50.71 13.01
C LEU G 158 58.52 51.88 12.90
N ARG G 159 59.44 51.82 11.94
CA ARG G 159 60.36 52.95 11.74
C ARG G 159 59.58 54.20 11.33
N GLU G 160 58.62 54.06 10.43
CA GLU G 160 57.79 55.19 10.06
C GLU G 160 57.00 55.72 11.26
N ASP G 161 56.65 54.84 12.21
CA ASP G 161 55.94 55.30 13.41
C ASP G 161 56.88 55.90 14.44
N GLY G 162 58.18 55.91 14.20
CA GLY G 162 59.12 56.55 15.10
C GLY G 162 59.89 55.64 16.03
N TYR G 163 59.80 54.32 15.85
CA TYR G 163 60.52 53.37 16.70
C TYR G 163 61.92 53.14 16.15
N ARG G 164 62.88 53.01 17.07
CA ARG G 164 64.26 52.68 16.73
C ARG G 164 64.41 51.15 16.67
N ILE G 165 64.72 50.63 15.48
CA ILE G 165 64.87 49.20 15.26
C ILE G 165 66.35 48.88 15.19
N VAL G 166 66.79 47.96 16.06
CA VAL G 166 68.15 47.43 16.05
C VAL G 166 68.10 46.08 15.35
N GLU G 167 68.58 46.02 14.11
CA GLU G 167 68.47 44.80 13.33
C GLU G 167 69.35 43.69 13.92
N PRO G 168 68.89 42.44 13.85
CA PRO G 168 69.66 41.33 14.43
C PRO G 168 70.90 41.00 13.63
N LYS G 169 71.79 40.25 14.26
CA LYS G 169 72.90 39.62 13.57
C LYS G 169 72.55 38.16 13.32
N GLU G 170 73.46 37.47 12.65
CA GLU G 170 73.30 36.06 12.27
C GLU G 170 74.48 35.32 12.89
N GLY G 171 74.35 35.01 14.18
CA GLY G 171 75.46 34.38 14.85
C GLY G 171 75.34 32.87 14.91
N ILE G 172 75.79 32.19 13.86
CA ILE G 172 75.71 30.73 13.80
C ILE G 172 76.69 30.11 14.79
N PRO G 181 69.98 30.55 13.60
CA PRO G 181 69.96 31.01 14.99
C PRO G 181 70.47 32.43 15.15
N GLY G 182 69.56 33.41 15.16
CA GLY G 182 69.94 34.80 15.18
C GLY G 182 70.51 35.21 16.53
N SER G 183 71.04 36.42 16.57
CA SER G 183 71.53 36.99 17.81
C SER G 183 71.24 38.48 17.82
N LEU G 184 71.36 39.07 19.01
CA LEU G 184 71.05 40.48 19.19
C LEU G 184 71.96 41.33 18.33
N GLY G 185 71.40 42.38 17.74
CA GLY G 185 72.19 43.34 17.00
C GLY G 185 72.99 44.26 17.90
N ASP G 186 73.46 45.38 17.35
CA ASP G 186 74.29 46.33 18.10
C ASP G 186 73.37 47.35 18.77
N PHE G 187 72.85 46.97 19.94
CA PHE G 187 71.85 47.75 20.66
C PHE G 187 72.42 48.81 21.59
N GLN G 188 73.68 48.67 22.01
CA GLN G 188 74.25 49.58 23.00
C GLN G 188 74.18 51.04 22.54
N SER G 189 74.47 51.29 21.27
CA SER G 189 74.43 52.66 20.76
C SER G 189 73.01 53.22 20.81
N ALA G 190 72.03 52.45 20.34
CA ALA G 190 70.65 52.94 20.33
C ALA G 190 70.12 53.15 21.73
N ILE G 191 70.41 52.23 22.65
CA ILE G 191 69.89 52.34 24.00
C ILE G 191 70.57 53.50 24.72
N SER G 192 71.90 53.58 24.64
CA SER G 192 72.63 54.67 25.27
C SER G 192 72.12 56.02 24.78
N THR G 193 71.95 56.15 23.47
CA THR G 193 71.41 57.40 22.91
C THR G 193 70.05 57.72 23.51
N ALA G 194 69.16 56.72 23.58
CA ALA G 194 67.82 56.97 24.10
C ALA G 194 67.86 57.34 25.58
N LEU G 195 68.69 56.64 26.36
CA LEU G 195 68.80 56.96 27.78
C LEU G 195 69.35 58.37 27.98
N ILE G 196 70.32 58.77 27.16
CA ILE G 196 70.92 60.09 27.29
C ILE G 196 69.96 61.18 26.86
N GLN G 197 69.30 61.00 25.71
CA GLN G 197 68.29 61.97 25.28
C GLN G 197 67.20 62.14 26.33
N ALA G 198 66.78 61.06 26.98
CA ALA G 198 65.76 61.16 28.02
C ALA G 198 66.29 61.93 29.22
N ALA G 199 67.55 61.69 29.59
CA ALA G 199 68.16 62.44 30.69
C ALA G 199 68.18 63.93 30.41
N ALA G 200 68.37 64.33 29.16
CA ALA G 200 68.34 65.73 28.78
C ALA G 200 66.90 66.28 28.66
N ALA H 18 -27.54 -28.75 11.14
CA ALA H 18 -28.41 -29.11 10.01
C ALA H 18 -28.25 -28.14 8.85
N LEU H 19 -27.48 -27.07 9.07
CA LEU H 19 -27.26 -26.08 8.02
C LEU H 19 -26.45 -26.61 6.86
N ALA H 20 -25.80 -27.77 7.00
CA ALA H 20 -24.96 -28.28 5.93
C ALA H 20 -25.76 -28.88 4.80
N GLN H 21 -27.03 -29.20 5.03
CA GLN H 21 -27.90 -29.76 4.00
C GLN H 21 -28.87 -28.75 3.41
N VAL H 22 -28.84 -27.49 3.86
CA VAL H 22 -29.74 -26.49 3.30
C VAL H 22 -29.26 -26.13 1.91
N ARG H 23 -30.17 -26.20 0.93
CA ARG H 23 -29.83 -25.92 -0.45
C ARG H 23 -30.05 -24.42 -0.69
N LEU H 24 -28.95 -23.70 -0.88
CA LEU H 24 -28.97 -22.26 -1.01
C LEU H 24 -28.86 -21.90 -2.49
N LEU H 25 -29.91 -21.27 -3.02
CA LEU H 25 -29.89 -20.73 -4.37
C LEU H 25 -29.55 -19.25 -4.27
N TRP H 26 -28.56 -18.81 -5.05
CA TRP H 26 -27.95 -17.50 -4.87
C TRP H 26 -27.96 -16.75 -6.21
N GLY H 27 -28.81 -15.73 -6.32
CA GLY H 27 -28.85 -14.90 -7.52
C GLY H 27 -27.93 -13.68 -7.39
N VAL H 28 -27.22 -13.39 -8.48
CA VAL H 28 -26.23 -12.31 -8.53
C VAL H 28 -26.57 -11.42 -9.71
N CYS H 29 -26.75 -10.12 -9.44
CA CYS H 29 -27.12 -9.15 -10.44
C CYS H 29 -25.91 -8.27 -10.77
N GLY H 30 -26.04 -7.48 -11.84
CA GLY H 30 -24.94 -6.65 -12.33
C GLY H 30 -24.68 -5.39 -11.54
N SER H 31 -24.19 -5.56 -10.32
CA SER H 31 -23.85 -4.47 -9.42
C SER H 31 -22.37 -4.48 -9.11
N PHE H 32 -21.82 -3.30 -8.83
CA PHE H 32 -20.46 -3.14 -8.33
C PHE H 32 -20.17 -4.15 -7.23
N SER H 33 -21.17 -4.40 -6.38
CA SER H 33 -20.95 -5.28 -5.25
C SER H 33 -20.87 -6.75 -5.64
N ALA H 34 -21.00 -7.11 -6.92
CA ALA H 34 -20.83 -8.52 -7.28
C ALA H 34 -19.41 -9.00 -7.02
N VAL H 35 -18.44 -8.09 -6.90
CA VAL H 35 -17.09 -8.50 -6.55
C VAL H 35 -17.02 -9.11 -5.16
N ALA H 36 -18.03 -8.87 -4.33
CA ALA H 36 -18.04 -9.42 -2.98
C ALA H 36 -18.46 -10.86 -2.91
N VAL H 37 -18.84 -11.46 -4.05
CA VAL H 37 -19.37 -12.83 -4.02
C VAL H 37 -18.40 -13.85 -3.43
N PRO H 38 -17.10 -13.85 -3.79
CA PRO H 38 -16.19 -14.82 -3.13
C PRO H 38 -16.11 -14.65 -1.61
N HIS H 39 -16.02 -13.42 -1.12
CA HIS H 39 -15.97 -13.20 0.32
C HIS H 39 -17.26 -13.69 0.99
N VAL H 40 -18.42 -13.37 0.39
CA VAL H 40 -19.68 -13.82 0.96
C VAL H 40 -19.76 -15.34 0.92
N ASN H 41 -19.23 -15.94 -0.15
CA ASN H 41 -19.22 -17.40 -0.26
C ASN H 41 -18.34 -18.03 0.82
N ALA H 42 -17.19 -17.41 1.11
CA ALA H 42 -16.32 -17.93 2.16
C ALA H 42 -17.02 -17.89 3.52
N TRP H 43 -17.75 -16.82 3.80
CA TRP H 43 -18.53 -16.74 5.03
C TRP H 43 -19.63 -17.79 5.09
N LEU H 44 -20.34 -18.00 3.98
CA LEU H 44 -21.43 -18.98 3.95
C LEU H 44 -20.90 -20.39 4.22
N ARG H 45 -19.73 -20.71 3.67
CA ARG H 45 -19.18 -22.04 3.84
C ARG H 45 -18.42 -22.16 5.15
N GLY H 46 -17.51 -21.22 5.42
CA GLY H 46 -16.59 -21.38 6.53
C GLY H 46 -17.12 -20.97 7.88
N THR H 47 -18.18 -20.14 7.93
CA THR H 47 -18.72 -19.67 9.19
C THR H 47 -20.13 -20.18 9.46
N VAL H 48 -21.02 -20.07 8.46
CA VAL H 48 -22.37 -20.56 8.66
C VAL H 48 -22.44 -22.06 8.44
N GLY H 49 -21.57 -22.61 7.60
CA GLY H 49 -21.55 -24.04 7.33
C GLY H 49 -22.39 -24.54 6.17
N VAL H 50 -22.77 -23.67 5.23
CA VAL H 50 -23.51 -24.12 4.05
C VAL H 50 -22.61 -24.90 3.11
N GLN H 51 -23.11 -25.99 2.56
CA GLN H 51 -22.34 -26.84 1.65
C GLN H 51 -22.81 -26.79 0.21
N GLU H 52 -24.11 -26.79 -0.04
CA GLU H 52 -24.63 -26.80 -1.42
C GLU H 52 -25.11 -25.41 -1.79
N ILE H 53 -24.34 -24.77 -2.66
CA ILE H 53 -24.61 -23.41 -3.11
C ILE H 53 -24.62 -23.43 -4.63
N ARG H 54 -25.74 -23.02 -5.23
CA ARG H 54 -25.84 -22.85 -6.66
C ARG H 54 -26.20 -21.41 -6.97
N THR H 55 -25.52 -20.83 -7.96
CA THR H 55 -25.69 -19.44 -8.31
C THR H 55 -26.37 -19.31 -9.67
N VAL H 56 -27.14 -18.23 -9.79
CA VAL H 56 -27.74 -17.78 -11.04
C VAL H 56 -27.26 -16.36 -11.24
N MET H 57 -26.60 -16.09 -12.35
CA MET H 57 -26.08 -14.76 -12.66
C MET H 57 -26.89 -14.15 -13.79
N THR H 58 -27.27 -12.88 -13.65
CA THR H 58 -27.82 -12.16 -14.78
C THR H 58 -26.74 -12.00 -15.85
N ALA H 59 -27.18 -11.72 -17.08
CA ALA H 59 -26.23 -11.49 -18.17
C ALA H 59 -25.28 -10.36 -17.82
N GLN H 60 -25.78 -9.31 -17.15
CA GLN H 60 -24.92 -8.19 -16.77
C GLN H 60 -23.93 -8.59 -15.68
N ALA H 61 -24.36 -9.39 -14.70
CA ALA H 61 -23.42 -9.90 -13.69
C ALA H 61 -22.31 -10.70 -14.34
N ARG H 62 -22.66 -11.61 -15.24
CA ARG H 62 -21.64 -12.44 -15.91
C ARG H 62 -20.65 -11.56 -16.65
N ALA H 63 -21.15 -10.52 -17.33
CA ALA H 63 -20.28 -9.64 -18.09
C ALA H 63 -19.33 -8.88 -17.19
N LEU H 64 -19.71 -8.63 -15.95
CA LEU H 64 -18.87 -7.89 -15.02
C LEU H 64 -17.88 -8.76 -14.25
N MET H 65 -18.36 -9.85 -13.62
CA MET H 65 -17.56 -10.68 -12.73
C MET H 65 -16.87 -11.87 -13.38
N GLY H 66 -17.40 -12.39 -14.47
CA GLY H 66 -16.85 -13.61 -15.04
C GLY H 66 -17.24 -14.84 -14.24
N PRO H 67 -17.97 -15.73 -14.90
CA PRO H 67 -18.55 -16.89 -14.20
C PRO H 67 -17.55 -17.99 -13.87
N ARG H 68 -16.34 -17.97 -14.44
CA ARG H 68 -15.42 -19.10 -14.25
C ARG H 68 -14.82 -19.11 -12.86
N MET H 69 -14.54 -17.93 -12.28
CA MET H 69 -14.00 -17.92 -10.92
C MET H 69 -15.10 -18.25 -9.91
N ILE H 70 -16.30 -17.71 -10.13
CA ILE H 70 -17.43 -18.07 -9.26
C ILE H 70 -17.63 -19.58 -9.25
N GLU H 71 -17.54 -20.21 -10.43
CA GLU H 71 -17.63 -21.68 -10.46
C GLU H 71 -16.53 -22.32 -9.64
N ALA H 72 -15.31 -21.81 -9.76
CA ALA H 72 -14.17 -22.43 -9.09
C ALA H 72 -14.26 -22.32 -7.56
N VAL H 73 -14.88 -21.26 -7.04
CA VAL H 73 -14.94 -21.11 -5.59
C VAL H 73 -16.26 -21.59 -4.99
N THR H 74 -17.32 -21.69 -5.79
CA THR H 74 -18.59 -22.18 -5.28
C THR H 74 -18.85 -23.64 -5.59
N GLY H 75 -18.10 -24.22 -6.53
CA GLY H 75 -18.26 -25.61 -6.87
C GLY H 75 -19.30 -25.91 -7.94
N HIS H 76 -20.00 -24.91 -8.45
CA HIS H 76 -20.97 -25.13 -9.51
C HIS H 76 -20.89 -24.01 -10.54
N ALA H 77 -21.01 -24.36 -11.81
CA ALA H 77 -21.09 -23.36 -12.84
C ALA H 77 -22.34 -22.52 -12.61
N PRO H 78 -22.23 -21.19 -12.56
CA PRO H 78 -23.44 -20.38 -12.43
C PRO H 78 -24.31 -20.52 -13.68
N VAL H 79 -25.62 -20.51 -13.45
CA VAL H 79 -26.60 -20.58 -14.54
C VAL H 79 -26.95 -19.17 -14.98
N THR H 80 -26.83 -18.90 -16.28
CA THR H 80 -27.30 -17.63 -16.82
C THR H 80 -28.28 -17.86 -17.97
N ASP H 81 -27.94 -18.77 -18.87
CA ASP H 81 -28.79 -19.06 -20.01
C ASP H 81 -29.62 -20.31 -19.75
N TRP H 82 -30.79 -20.36 -20.40
CA TRP H 82 -31.66 -21.55 -20.31
C TRP H 82 -30.92 -22.83 -20.66
N GLU H 83 -29.96 -22.76 -21.60
CA GLU H 83 -29.22 -23.93 -22.06
C GLU H 83 -28.43 -24.62 -20.96
N ASP H 84 -28.21 -23.97 -19.81
CA ASP H 84 -27.45 -24.59 -18.73
C ASP H 84 -28.21 -25.66 -17.96
N HIS H 85 -29.53 -25.74 -18.08
CA HIS H 85 -30.28 -26.79 -17.40
C HIS H 85 -30.34 -28.04 -18.26
N LYS H 86 -30.09 -29.19 -17.64
CA LYS H 86 -29.99 -30.47 -18.33
C LYS H 86 -31.23 -31.31 -18.05
N GLY H 87 -31.73 -31.97 -19.08
CA GLY H 87 -32.83 -32.91 -18.93
C GLY H 87 -34.20 -32.25 -18.99
N GLY H 88 -35.16 -32.94 -18.39
CA GLY H 88 -36.53 -32.48 -18.42
C GLY H 88 -36.77 -31.21 -17.61
N GLY H 89 -37.91 -30.60 -17.87
CA GLY H 89 -38.27 -29.36 -17.21
C GLY H 89 -37.54 -28.18 -17.80
N ALA H 90 -36.86 -27.41 -16.96
CA ALA H 90 -36.44 -26.05 -17.32
C ALA H 90 -35.74 -25.42 -16.14
N ALA H 91 -34.79 -24.51 -16.42
CA ALA H 91 -33.90 -24.02 -15.36
C ALA H 91 -34.68 -23.42 -14.20
N HIS H 92 -35.71 -22.62 -14.47
CA HIS H 92 -36.36 -21.90 -13.38
C HIS H 92 -37.18 -22.84 -12.51
N VAL H 93 -37.84 -23.84 -13.09
CA VAL H 93 -38.60 -24.80 -12.29
C VAL H 93 -37.63 -25.67 -11.48
N ALA H 94 -36.58 -26.16 -12.13
CA ALA H 94 -35.62 -27.03 -11.46
C ALA H 94 -34.91 -26.30 -10.34
N LEU H 95 -34.39 -25.10 -10.61
CA LEU H 95 -33.70 -24.37 -9.56
C LEU H 95 -34.68 -23.90 -8.50
N GLY H 96 -35.87 -23.46 -8.92
CA GLY H 96 -36.87 -23.00 -7.97
C GLY H 96 -37.34 -24.08 -7.03
N ALA H 97 -37.51 -25.30 -7.54
CA ALA H 97 -37.91 -26.41 -6.68
C ALA H 97 -36.76 -26.88 -5.79
N TRP H 98 -35.53 -26.76 -6.28
CA TRP H 98 -34.37 -27.20 -5.52
C TRP H 98 -34.08 -26.29 -4.32
N ALA H 99 -34.42 -25.01 -4.41
CA ALA H 99 -33.97 -24.04 -3.42
C ALA H 99 -34.69 -24.24 -2.09
N ASP H 100 -33.92 -24.29 -1.00
CA ASP H 100 -34.49 -24.20 0.34
C ASP H 100 -34.51 -22.77 0.85
N VAL H 101 -33.51 -22.00 0.44
CA VAL H 101 -33.43 -20.56 0.66
C VAL H 101 -33.01 -19.92 -0.65
N LEU H 102 -33.58 -18.75 -0.96
CA LEU H 102 -33.20 -17.96 -2.13
C LEU H 102 -32.64 -16.63 -1.67
N VAL H 103 -31.42 -16.32 -2.09
CA VAL H 103 -30.77 -15.06 -1.77
C VAL H 103 -30.38 -14.37 -3.06
N ILE H 104 -30.78 -13.10 -3.20
CA ILE H 104 -30.36 -12.24 -4.30
C ILE H 104 -29.37 -11.23 -3.74
N LEU H 105 -28.10 -11.38 -4.09
CA LEU H 105 -27.04 -10.59 -3.47
C LEU H 105 -25.83 -10.50 -4.40
N PRO H 106 -25.49 -9.31 -4.91
CA PRO H 106 -26.29 -8.09 -4.80
C PRO H 106 -27.46 -8.09 -5.76
N ALA H 107 -28.54 -7.40 -5.39
CA ALA H 107 -29.65 -7.16 -6.30
C ALA H 107 -29.48 -5.75 -6.87
N THR H 108 -29.83 -5.58 -8.13
CA THR H 108 -29.84 -4.27 -8.75
C THR H 108 -31.18 -3.59 -8.52
N ALA H 109 -31.22 -2.28 -8.75
CA ALA H 109 -32.49 -1.59 -8.86
C ALA H 109 -33.37 -2.26 -9.91
N ASN H 110 -32.75 -2.63 -11.03
CA ASN H 110 -33.44 -3.36 -12.10
C ASN H 110 -34.13 -4.61 -11.56
N PHE H 111 -33.42 -5.39 -10.76
CA PHE H 111 -34.02 -6.60 -10.19
C PHE H 111 -35.25 -6.28 -9.34
N LEU H 112 -35.14 -5.23 -8.50
CA LEU H 112 -36.28 -4.84 -7.67
C LEU H 112 -37.50 -4.56 -8.50
N ALA H 113 -37.33 -3.85 -9.62
CA ALA H 113 -38.47 -3.53 -10.48
C ALA H 113 -39.09 -4.80 -11.06
N LYS H 114 -38.26 -5.70 -11.59
CA LYS H 114 -38.79 -6.91 -12.21
C LYS H 114 -39.46 -7.82 -11.20
N ALA H 115 -38.82 -8.01 -10.05
CA ALA H 115 -39.39 -8.89 -9.03
C ALA H 115 -40.68 -8.31 -8.49
N ALA H 116 -40.74 -6.98 -8.34
CA ALA H 116 -41.95 -6.36 -7.81
C ALA H 116 -43.13 -6.50 -8.78
N HIS H 117 -42.85 -6.58 -10.07
CA HIS H 117 -43.91 -6.59 -11.07
C HIS H 117 -44.09 -7.94 -11.74
N GLY H 118 -43.44 -8.99 -11.24
CA GLY H 118 -43.64 -10.29 -11.84
C GLY H 118 -43.09 -10.44 -13.25
N ILE H 119 -42.11 -9.61 -13.62
CA ILE H 119 -41.41 -9.79 -14.88
C ILE H 119 -40.47 -10.99 -14.74
N ALA H 120 -40.42 -11.82 -15.78
CA ALA H 120 -39.63 -13.04 -15.77
C ALA H 120 -38.96 -13.18 -17.14
N ASP H 121 -38.07 -12.25 -17.48
CA ASP H 121 -37.51 -12.20 -18.82
C ASP H 121 -36.06 -12.67 -18.86
N ASP H 122 -35.60 -13.34 -17.80
CA ASP H 122 -34.37 -14.10 -17.84
C ASP H 122 -34.50 -15.21 -16.80
N VAL H 123 -33.46 -16.03 -16.70
CA VAL H 123 -33.55 -17.20 -15.81
C VAL H 123 -33.76 -16.76 -14.37
N LEU H 124 -33.00 -15.77 -13.91
CA LEU H 124 -33.08 -15.38 -12.51
C LEU H 124 -34.49 -14.95 -12.14
N THR H 125 -35.07 -14.02 -12.92
CA THR H 125 -36.38 -13.51 -12.54
C THR H 125 -37.49 -14.55 -12.78
N ALA H 126 -37.30 -15.49 -13.71
CA ALA H 126 -38.26 -16.59 -13.82
C ALA H 126 -38.17 -17.53 -12.62
N THR H 127 -36.95 -17.77 -12.12
CA THR H 127 -36.76 -18.60 -10.95
C THR H 127 -37.41 -17.99 -9.71
N VAL H 128 -37.41 -16.67 -9.61
CA VAL H 128 -38.09 -16.01 -8.51
C VAL H 128 -39.56 -16.41 -8.47
N LEU H 129 -40.21 -16.41 -9.64
CA LEU H 129 -41.62 -16.80 -9.68
C LEU H 129 -41.81 -18.26 -9.33
N ALA H 130 -40.85 -19.12 -9.67
CA ALA H 130 -40.99 -20.54 -9.43
C ALA H 130 -40.56 -20.96 -8.03
N ALA H 131 -39.80 -20.13 -7.33
CA ALA H 131 -39.32 -20.48 -6.00
C ALA H 131 -40.42 -20.36 -4.96
N GLU H 132 -40.43 -21.29 -4.00
CA GLU H 132 -41.38 -21.30 -2.89
C GLU H 132 -40.59 -21.51 -1.61
N CYS H 133 -39.89 -20.48 -1.18
CA CYS H 133 -39.01 -20.58 -0.03
C CYS H 133 -38.75 -19.20 0.50
N PRO H 134 -38.29 -19.08 1.74
CA PRO H 134 -37.87 -17.76 2.25
C PRO H 134 -36.84 -17.14 1.32
N THR H 135 -37.01 -15.86 1.02
CA THR H 135 -36.16 -15.18 0.06
C THR H 135 -35.63 -13.89 0.69
N VAL H 136 -34.33 -13.68 0.57
CA VAL H 136 -33.67 -12.46 1.03
C VAL H 136 -33.14 -11.71 -0.19
N ILE H 137 -33.43 -10.41 -0.26
CA ILE H 137 -32.98 -9.56 -1.34
C ILE H 137 -32.10 -8.46 -0.75
N ALA H 138 -30.88 -8.33 -1.27
CA ALA H 138 -29.91 -7.34 -0.78
C ALA H 138 -29.56 -6.36 -1.90
N PRO H 139 -30.37 -5.34 -2.12
CA PRO H 139 -30.09 -4.39 -3.21
C PRO H 139 -28.90 -3.48 -2.90
N VAL H 140 -28.19 -3.11 -3.96
CA VAL H 140 -27.08 -2.17 -3.92
C VAL H 140 -27.22 -1.19 -5.08
N MET H 141 -27.02 0.09 -4.78
CA MET H 141 -27.07 1.16 -5.77
C MET H 141 -26.66 2.46 -5.07
N ASN H 142 -26.41 3.51 -5.85
CA ASN H 142 -25.97 4.75 -5.22
C ASN H 142 -27.17 5.49 -4.60
N ALA H 143 -26.89 6.62 -3.96
CA ALA H 143 -27.91 7.31 -3.17
C ALA H 143 -29.00 7.90 -4.05
N ALA H 144 -28.63 8.44 -5.21
CA ALA H 144 -29.64 9.01 -6.11
C ALA H 144 -30.65 7.95 -6.56
N MET H 145 -30.16 6.75 -6.92
CA MET H 145 -31.06 5.71 -7.42
C MET H 145 -31.96 5.20 -6.31
N TRP H 146 -31.39 4.98 -5.12
CA TRP H 146 -32.18 4.50 -3.99
C TRP H 146 -33.28 5.47 -3.61
N SER H 147 -33.08 6.76 -3.83
CA SER H 147 -34.07 7.77 -3.45
C SER H 147 -35.16 7.95 -4.50
N LYS H 148 -35.05 7.33 -5.67
CA LYS H 148 -36.07 7.51 -6.70
C LYS H 148 -37.41 6.92 -6.23
N PRO H 149 -38.52 7.62 -6.47
CA PRO H 149 -39.84 7.10 -6.06
C PRO H 149 -40.17 5.73 -6.64
N ALA H 150 -39.85 5.48 -7.91
CA ALA H 150 -40.13 4.17 -8.49
C ALA H 150 -39.39 3.06 -7.75
N VAL H 151 -38.12 3.30 -7.39
CA VAL H 151 -37.35 2.29 -6.66
C VAL H 151 -37.97 2.02 -5.29
N GLN H 152 -38.38 3.07 -4.57
CA GLN H 152 -38.95 2.85 -3.26
C GLN H 152 -40.32 2.18 -3.31
N ARG H 153 -41.13 2.47 -4.34
CA ARG H 153 -42.36 1.73 -4.56
C ARG H 153 -42.08 0.23 -4.72
N ASN H 154 -41.02 -0.10 -5.45
CA ASN H 154 -40.69 -1.51 -5.67
C ASN H 154 -40.23 -2.17 -4.37
N VAL H 155 -39.40 -1.48 -3.58
CA VAL H 155 -39.01 -2.01 -2.27
C VAL H 155 -40.25 -2.31 -1.42
N ASP H 156 -41.17 -1.34 -1.32
CA ASP H 156 -42.36 -1.53 -0.50
C ASP H 156 -43.17 -2.71 -1.00
N GLN H 157 -43.36 -2.79 -2.33
CA GLN H 157 -44.19 -3.85 -2.89
C GLN H 157 -43.61 -5.22 -2.58
N LEU H 158 -42.29 -5.35 -2.63
CA LEU H 158 -41.66 -6.63 -2.34
C LEU H 158 -41.82 -6.99 -0.86
N ARG H 159 -41.73 -5.99 0.02
CA ARG H 159 -41.97 -6.25 1.44
C ARG H 159 -43.39 -6.71 1.68
N GLU H 160 -44.38 -6.07 1.05
CA GLU H 160 -45.76 -6.51 1.17
C GLU H 160 -45.96 -7.91 0.59
N ASP H 161 -45.17 -8.29 -0.40
CA ASP H 161 -45.26 -9.63 -0.97
C ASP H 161 -44.55 -10.67 -0.13
N GLY H 162 -43.91 -10.27 0.95
CA GLY H 162 -43.27 -11.21 1.85
C GLY H 162 -41.78 -11.35 1.69
N TYR H 163 -41.15 -10.54 0.86
CA TYR H 163 -39.71 -10.63 0.67
C TYR H 163 -38.99 -9.81 1.74
N ARG H 164 -37.87 -10.34 2.21
CA ARG H 164 -37.01 -9.65 3.16
C ARG H 164 -36.00 -8.80 2.40
N ILE H 165 -36.04 -7.50 2.60
CA ILE H 165 -35.14 -6.56 1.94
C ILE H 165 -34.08 -6.11 2.93
N VAL H 166 -32.81 -6.26 2.56
CA VAL H 166 -31.68 -5.72 3.31
C VAL H 166 -31.24 -4.43 2.61
N GLU H 167 -31.56 -3.29 3.21
CA GLU H 167 -31.28 -2.01 2.58
C GLU H 167 -29.77 -1.77 2.50
N PRO H 168 -29.31 -1.10 1.45
CA PRO H 168 -27.87 -0.84 1.30
C PRO H 168 -27.35 0.21 2.27
N LYS H 169 -26.04 0.24 2.41
CA LYS H 169 -25.33 1.35 3.03
C LYS H 169 -24.72 2.21 1.93
N GLU H 170 -24.13 3.33 2.31
CA GLU H 170 -23.61 4.29 1.33
C GLU H 170 -22.12 4.51 1.65
N GLY H 171 -21.29 3.55 1.26
CA GLY H 171 -19.88 3.56 1.61
C GLY H 171 -18.98 4.12 0.52
N ILE H 172 -18.74 5.43 0.55
CA ILE H 172 -17.95 6.10 -0.49
C ILE H 172 -16.50 5.64 -0.44
N PRO H 181 -22.11 5.63 -4.54
CA PRO H 181 -21.61 4.25 -4.62
C PRO H 181 -21.99 3.42 -3.39
N GLY H 182 -23.09 2.68 -3.50
CA GLY H 182 -23.61 1.94 -2.37
C GLY H 182 -22.77 0.73 -2.04
N SER H 183 -23.09 0.12 -0.90
CA SER H 183 -22.46 -1.12 -0.50
C SER H 183 -23.51 -1.97 0.20
N LEU H 184 -23.20 -3.26 0.33
CA LEU H 184 -24.17 -4.19 0.88
C LEU H 184 -24.57 -3.80 2.30
N GLY H 185 -25.86 -3.94 2.60
CA GLY H 185 -26.31 -3.72 3.95
C GLY H 185 -25.92 -4.86 4.87
N ASP H 186 -26.58 -4.94 6.02
CA ASP H 186 -26.26 -5.97 7.01
C ASP H 186 -27.08 -7.21 6.70
N PHE H 187 -26.57 -8.03 5.77
CA PHE H 187 -27.28 -9.21 5.30
C PHE H 187 -27.05 -10.43 6.18
N GLN H 188 -25.97 -10.44 6.97
CA GLN H 188 -25.61 -11.64 7.72
C GLN H 188 -26.76 -12.10 8.60
N SER H 189 -27.41 -11.16 9.27
CA SER H 189 -28.53 -11.51 10.14
C SER H 189 -29.70 -12.09 9.36
N ALA H 190 -30.07 -11.45 8.26
CA ALA H 190 -31.22 -11.91 7.49
C ALA H 190 -30.95 -13.27 6.83
N ILE H 191 -29.76 -13.45 6.28
CA ILE H 191 -29.43 -14.70 5.59
C ILE H 191 -29.29 -15.84 6.59
N SER H 192 -28.56 -15.62 7.69
CA SER H 192 -28.46 -16.65 8.73
C SER H 192 -29.85 -17.04 9.21
N THR H 193 -30.72 -16.06 9.44
CA THR H 193 -32.10 -16.36 9.84
C THR H 193 -32.77 -17.25 8.81
N ALA H 194 -32.64 -16.91 7.52
CA ALA H 194 -33.27 -17.71 6.48
C ALA H 194 -32.68 -19.11 6.42
N LEU H 195 -31.35 -19.22 6.51
CA LEU H 195 -30.70 -20.53 6.47
C LEU H 195 -31.12 -21.39 7.65
N ILE H 196 -31.22 -20.78 8.83
CA ILE H 196 -31.58 -21.53 10.03
C ILE H 196 -33.03 -21.99 9.99
N GLN H 197 -33.95 -21.08 9.62
CA GLN H 197 -35.35 -21.49 9.49
C GLN H 197 -35.52 -22.61 8.49
N ALA H 198 -34.76 -22.59 7.40
CA ALA H 198 -34.84 -23.64 6.40
C ALA H 198 -34.37 -24.98 6.96
N ALA H 199 -33.29 -24.97 7.75
CA ALA H 199 -32.84 -26.19 8.40
C ALA H 199 -33.91 -26.75 9.32
N ALA H 200 -34.68 -25.89 9.98
CA ALA H 200 -35.82 -26.32 10.79
C ALA H 200 -37.00 -26.69 9.92
N ALA I 18 -26.02 32.24 -20.16
CA ALA I 18 -25.56 31.17 -19.27
C ALA I 18 -26.00 29.80 -19.78
N LEU I 19 -26.82 29.78 -20.83
CA LEU I 19 -27.28 28.52 -21.40
C LEU I 19 -26.17 27.75 -22.11
N ALA I 20 -25.01 28.37 -22.35
CA ALA I 20 -23.94 27.69 -23.06
C ALA I 20 -23.20 26.67 -22.22
N GLN I 21 -23.31 26.76 -20.89
CA GLN I 21 -22.63 25.84 -19.98
C GLN I 21 -23.56 24.78 -19.40
N VAL I 22 -24.85 24.78 -19.75
CA VAL I 22 -25.76 23.76 -19.26
C VAL I 22 -25.48 22.44 -19.97
N ARG I 23 -25.29 21.38 -19.17
CA ARG I 23 -24.97 20.05 -19.69
C ARG I 23 -26.26 19.27 -19.95
N LEU I 24 -26.54 19.04 -21.22
CA LEU I 24 -27.76 18.39 -21.67
C LEU I 24 -27.48 16.95 -22.05
N LEU I 25 -28.11 16.02 -21.33
CA LEU I 25 -28.10 14.60 -21.68
C LEU I 25 -29.38 14.28 -22.44
N TRP I 26 -29.24 13.63 -23.59
CA TRP I 26 -30.33 13.49 -24.56
C TRP I 26 -30.49 12.00 -24.87
N GLY I 27 -31.60 11.40 -24.41
CA GLY I 27 -31.88 10.00 -24.71
C GLY I 27 -32.73 9.85 -25.97
N VAL I 28 -32.41 8.84 -26.76
CA VAL I 28 -33.08 8.60 -28.03
C VAL I 28 -33.57 7.15 -28.06
N CYS I 29 -34.88 6.97 -28.23
CA CYS I 29 -35.51 5.66 -28.25
C CYS I 29 -35.91 5.30 -29.67
N GLY I 30 -36.30 4.03 -29.83
CA GLY I 30 -36.62 3.48 -31.14
C GLY I 30 -37.97 3.86 -31.69
N SER I 31 -38.15 5.13 -32.06
CA SER I 31 -39.39 5.64 -32.62
C SER I 31 -39.14 6.13 -34.04
N PHE I 32 -40.20 6.10 -34.87
CA PHE I 32 -40.19 6.74 -36.19
C PHE I 32 -39.56 8.13 -36.13
N SER I 33 -39.86 8.84 -35.05
CA SER I 33 -39.42 10.23 -34.89
C SER I 33 -37.94 10.38 -34.58
N ALA I 34 -37.17 9.29 -34.52
CA ALA I 34 -35.73 9.46 -34.33
C ALA I 34 -35.08 10.15 -35.53
N VAL I 35 -35.73 10.14 -36.70
CA VAL I 35 -35.22 10.86 -37.87
C VAL I 35 -35.17 12.36 -37.62
N ALA I 36 -35.87 12.86 -36.61
CA ALA I 36 -35.88 14.27 -36.30
C ALA I 36 -34.67 14.70 -35.47
N VAL I 37 -33.82 13.77 -35.05
CA VAL I 37 -32.72 14.12 -34.15
C VAL I 37 -31.77 15.16 -34.75
N PRO I 38 -31.32 15.05 -36.00
CA PRO I 38 -30.46 16.12 -36.53
C PRO I 38 -31.14 17.47 -36.51
N HIS I 39 -32.41 17.53 -36.89
CA HIS I 39 -33.17 18.78 -36.86
C HIS I 39 -33.24 19.35 -35.44
N VAL I 40 -33.57 18.50 -34.46
CA VAL I 40 -33.66 18.99 -33.08
C VAL I 40 -32.30 19.47 -32.60
N ASN I 41 -31.23 18.79 -33.02
CA ASN I 41 -29.88 19.18 -32.64
C ASN I 41 -29.54 20.57 -33.16
N ALA I 42 -29.93 20.86 -34.42
CA ALA I 42 -29.70 22.20 -34.97
C ALA I 42 -30.45 23.25 -34.17
N TRP I 43 -31.69 22.94 -33.79
CA TRP I 43 -32.45 23.87 -32.96
C TRP I 43 -31.78 24.08 -31.61
N LEU I 44 -31.30 23.00 -30.99
CA LEU I 44 -30.66 23.12 -29.68
C LEU I 44 -29.40 23.97 -29.75
N ARG I 45 -28.60 23.79 -30.80
CA ARG I 45 -27.33 24.50 -30.88
C ARG I 45 -27.49 25.90 -31.46
N GLY I 46 -28.19 26.01 -32.59
CA GLY I 46 -28.22 27.27 -33.32
C GLY I 46 -29.23 28.29 -32.83
N THR I 47 -30.24 27.86 -32.07
CA THR I 47 -31.27 28.77 -31.58
C THR I 47 -31.26 28.89 -30.07
N VAL I 48 -31.19 27.78 -29.35
CA VAL I 48 -31.19 27.86 -27.89
C VAL I 48 -29.80 28.18 -27.37
N GLY I 49 -28.75 27.78 -28.10
CA GLY I 49 -27.40 28.07 -27.68
C GLY I 49 -26.75 27.03 -26.80
N VAL I 50 -27.29 25.80 -26.74
CA VAL I 50 -26.66 24.74 -25.96
C VAL I 50 -25.39 24.28 -26.67
N GLN I 51 -24.32 24.09 -25.89
CA GLN I 51 -23.03 23.70 -26.44
C GLN I 51 -22.62 22.29 -26.08
N GLU I 52 -22.89 21.85 -24.86
CA GLU I 52 -22.45 20.55 -24.37
C GLU I 52 -23.65 19.60 -24.39
N ILE I 53 -23.67 18.71 -25.39
CA ILE I 53 -24.76 17.75 -25.59
C ILE I 53 -24.18 16.36 -25.76
N ARG I 54 -24.58 15.44 -24.88
CA ARG I 54 -24.22 14.03 -24.99
C ARG I 54 -25.49 13.20 -25.15
N THR I 55 -25.45 12.21 -26.05
CA THR I 55 -26.60 11.41 -26.39
C THR I 55 -26.44 9.97 -25.91
N VAL I 56 -27.57 9.38 -25.52
CA VAL I 56 -27.68 7.95 -25.22
C VAL I 56 -28.76 7.38 -26.14
N MET I 57 -28.41 6.34 -26.90
CA MET I 57 -29.37 5.67 -27.77
C MET I 57 -29.70 4.28 -27.23
N THR I 58 -30.99 3.93 -27.23
CA THR I 58 -31.32 2.54 -26.99
C THR I 58 -30.83 1.68 -28.16
N ALA I 59 -30.73 0.38 -27.89
CA ALA I 59 -30.29 -0.56 -28.93
C ALA I 59 -31.20 -0.48 -30.16
N GLN I 60 -32.50 -0.31 -29.94
CA GLN I 60 -33.43 -0.24 -31.05
C GLN I 60 -33.26 1.04 -31.85
N ALA I 61 -33.09 2.18 -31.15
CA ALA I 61 -32.81 3.43 -31.85
C ALA I 61 -31.56 3.29 -32.71
N ARG I 62 -30.50 2.70 -32.14
CA ARG I 62 -29.26 2.51 -32.88
C ARG I 62 -29.48 1.63 -34.10
N ALA I 63 -30.30 0.58 -33.96
CA ALA I 63 -30.51 -0.35 -35.06
C ALA I 63 -31.30 0.30 -36.20
N LEU I 64 -32.14 1.27 -35.89
CA LEU I 64 -32.93 1.93 -36.92
C LEU I 64 -32.16 3.08 -37.56
N MET I 65 -31.59 3.96 -36.75
CA MET I 65 -30.99 5.19 -37.23
C MET I 65 -29.50 5.09 -37.57
N GLY I 66 -28.76 4.20 -36.93
CA GLY I 66 -27.32 4.19 -37.10
C GLY I 66 -26.64 5.30 -36.33
N PRO I 67 -25.72 4.92 -35.44
CA PRO I 67 -25.10 5.92 -34.54
C PRO I 67 -24.01 6.78 -35.15
N ARG I 68 -23.46 6.43 -36.32
CA ARG I 68 -22.28 7.14 -36.81
C ARG I 68 -22.61 8.54 -37.31
N MET I 69 -23.79 8.71 -37.89
CA MET I 69 -24.16 10.05 -38.36
C MET I 69 -24.53 10.94 -37.18
N ILE I 70 -25.24 10.39 -36.18
CA ILE I 70 -25.50 11.13 -34.95
C ILE I 70 -24.19 11.61 -34.35
N GLU I 71 -23.17 10.75 -34.34
CA GLU I 71 -21.87 11.17 -33.83
C GLU I 71 -21.30 12.32 -34.65
N ALA I 72 -21.45 12.25 -35.97
CA ALA I 72 -20.83 13.24 -36.83
C ALA I 72 -21.45 14.63 -36.66
N VAL I 73 -22.75 14.71 -36.38
CA VAL I 73 -23.43 16.01 -36.32
C VAL I 73 -23.56 16.54 -34.90
N THR I 74 -23.42 15.70 -33.87
CA THR I 74 -23.49 16.15 -32.49
C THR I 74 -22.13 16.31 -31.84
N GLY I 75 -21.07 15.74 -32.42
CA GLY I 75 -19.74 15.88 -31.87
C GLY I 75 -19.38 14.85 -30.82
N HIS I 76 -20.29 13.95 -30.48
CA HIS I 76 -20.00 12.88 -29.53
C HIS I 76 -20.65 11.60 -30.03
N ALA I 77 -19.92 10.51 -29.90
CA ALA I 77 -20.50 9.21 -30.17
C ALA I 77 -21.63 8.94 -29.19
N PRO I 78 -22.81 8.55 -29.64
CA PRO I 78 -23.86 8.17 -28.70
C PRO I 78 -23.43 6.93 -27.91
N VAL I 79 -23.82 6.90 -26.64
CA VAL I 79 -23.59 5.73 -25.80
C VAL I 79 -24.77 4.79 -25.92
N THR I 80 -24.50 3.53 -26.22
CA THR I 80 -25.54 2.51 -26.21
C THR I 80 -25.19 1.35 -25.29
N ASP I 81 -23.97 0.85 -25.39
CA ASP I 81 -23.49 -0.24 -24.57
C ASP I 81 -22.69 0.31 -23.41
N TRP I 82 -22.68 -0.44 -22.30
CA TRP I 82 -21.86 -0.07 -21.15
C TRP I 82 -20.41 0.17 -21.55
N GLU I 83 -19.94 -0.54 -22.59
CA GLU I 83 -18.58 -0.45 -23.07
C GLU I 83 -18.18 0.94 -23.55
N ASP I 84 -19.16 1.81 -23.84
CA ASP I 84 -18.87 3.14 -24.33
C ASP I 84 -18.40 4.10 -23.22
N HIS I 85 -18.59 3.76 -21.95
CA HIS I 85 -18.05 4.54 -20.85
C HIS I 85 -16.64 4.10 -20.51
N LYS I 86 -15.75 5.08 -20.29
CA LYS I 86 -14.33 4.83 -20.06
C LYS I 86 -13.96 5.11 -18.61
N GLY I 87 -13.10 4.26 -18.06
CA GLY I 87 -12.55 4.50 -16.74
C GLY I 87 -13.43 3.98 -15.62
N GLY I 88 -13.23 4.60 -14.45
CA GLY I 88 -13.95 4.21 -13.26
C GLY I 88 -15.44 4.51 -13.32
N GLY I 89 -16.15 3.94 -12.37
CA GLY I 89 -17.59 4.07 -12.29
C GLY I 89 -18.33 3.20 -13.29
N ALA I 90 -19.13 3.83 -14.14
CA ALA I 90 -20.15 3.14 -14.93
C ALA I 90 -20.93 4.17 -15.72
N ALA I 91 -21.44 3.78 -16.90
CA ALA I 91 -22.04 4.75 -17.81
C ALA I 91 -23.19 5.51 -17.15
N HIS I 92 -24.07 4.79 -16.43
CA HIS I 92 -25.26 5.46 -15.93
C HIS I 92 -24.91 6.44 -14.82
N VAL I 93 -23.94 6.10 -13.98
CA VAL I 93 -23.51 6.99 -12.91
C VAL I 93 -22.80 8.21 -13.49
N ALA I 94 -21.87 7.98 -14.43
CA ALA I 94 -21.12 9.09 -15.02
C ALA I 94 -22.02 10.04 -15.77
N LEU I 95 -22.88 9.51 -16.64
CA LEU I 95 -23.79 10.36 -17.40
C LEU I 95 -24.84 10.97 -16.49
N GLY I 96 -25.35 10.20 -15.53
CA GLY I 96 -26.38 10.71 -14.64
C GLY I 96 -25.90 11.87 -13.78
N ALA I 97 -24.66 11.79 -13.29
CA ALA I 97 -24.12 12.90 -12.51
C ALA I 97 -23.77 14.11 -13.37
N TRP I 98 -23.38 13.87 -14.63
CA TRP I 98 -22.97 14.95 -15.51
C TRP I 98 -24.14 15.83 -15.94
N ALA I 99 -25.34 15.26 -16.01
CA ALA I 99 -26.46 15.94 -16.64
C ALA I 99 -27.00 17.08 -15.78
N ASP I 100 -27.19 18.24 -16.40
CA ASP I 100 -27.96 19.32 -15.79
C ASP I 100 -29.42 19.29 -16.20
N VAL I 101 -29.69 18.87 -17.43
CA VAL I 101 -31.03 18.60 -17.94
C VAL I 101 -30.97 17.28 -18.67
N LEU I 102 -32.01 16.47 -18.52
CA LEU I 102 -32.15 15.20 -19.21
C LEU I 102 -33.39 15.25 -20.10
N VAL I 103 -33.21 14.97 -21.39
CA VAL I 103 -34.31 14.96 -22.34
C VAL I 103 -34.37 13.58 -22.99
N ILE I 104 -35.56 12.98 -23.00
CA ILE I 104 -35.81 11.75 -23.75
C ILE I 104 -36.66 12.13 -24.96
N LEU I 105 -36.06 12.09 -26.14
CA LEU I 105 -36.76 12.56 -27.33
C LEU I 105 -36.18 11.91 -28.58
N PRO I 106 -36.96 11.10 -29.30
CA PRO I 106 -38.30 10.68 -28.90
C PRO I 106 -38.25 9.56 -27.86
N ALA I 107 -39.27 9.49 -27.01
CA ALA I 107 -39.44 8.38 -26.08
C ALA I 107 -40.45 7.42 -26.67
N THR I 108 -40.21 6.13 -26.48
CA THR I 108 -41.15 5.12 -26.91
C THR I 108 -42.20 4.89 -25.81
N ALA I 109 -43.30 4.25 -26.19
CA ALA I 109 -44.20 3.72 -25.18
C ALA I 109 -43.45 2.79 -24.23
N ASN I 110 -42.57 1.96 -24.79
CA ASN I 110 -41.71 1.09 -23.99
C ASN I 110 -40.96 1.86 -22.93
N PHE I 111 -40.35 3.00 -23.31
CA PHE I 111 -39.61 3.80 -22.35
C PHE I 111 -40.50 4.27 -21.21
N LEU I 112 -41.71 4.74 -21.53
CA LEU I 112 -42.62 5.22 -20.48
C LEU I 112 -42.86 4.12 -19.46
N ALA I 113 -43.09 2.89 -19.93
CA ALA I 113 -43.31 1.77 -19.02
C ALA I 113 -42.08 1.52 -18.15
N LYS I 114 -40.88 1.54 -18.73
CA LYS I 114 -39.69 1.27 -17.94
C LYS I 114 -39.43 2.38 -16.92
N ALA I 115 -39.54 3.64 -17.35
CA ALA I 115 -39.30 4.74 -16.42
C ALA I 115 -40.33 4.78 -15.30
N ALA I 116 -41.60 4.52 -15.62
CA ALA I 116 -42.66 4.60 -14.61
C ALA I 116 -42.47 3.58 -13.51
N HIS I 117 -41.85 2.44 -13.82
CA HIS I 117 -41.73 1.35 -12.86
C HIS I 117 -40.30 1.13 -12.38
N GLY I 118 -39.38 2.03 -12.73
CA GLY I 118 -38.01 1.90 -12.24
C GLY I 118 -37.23 0.73 -12.81
N ILE I 119 -37.60 0.26 -14.01
CA ILE I 119 -36.81 -0.73 -14.70
C ILE I 119 -35.54 -0.09 -15.25
N ALA I 120 -34.41 -0.81 -15.16
CA ALA I 120 -33.11 -0.28 -15.56
C ALA I 120 -32.32 -1.39 -16.26
N ASP I 121 -32.81 -1.83 -17.41
CA ASP I 121 -32.22 -2.97 -18.11
C ASP I 121 -31.43 -2.55 -19.35
N ASP I 122 -31.11 -1.26 -19.48
CA ASP I 122 -30.12 -0.81 -20.44
C ASP I 122 -29.50 0.48 -19.91
N VAL I 123 -28.55 1.03 -20.65
CA VAL I 123 -27.85 2.22 -20.18
C VAL I 123 -28.84 3.37 -19.98
N LEU I 124 -29.73 3.59 -20.94
CA LEU I 124 -30.63 4.75 -20.85
C LEU I 124 -31.49 4.70 -19.60
N THR I 125 -32.18 3.58 -19.37
CA THR I 125 -33.11 3.54 -18.24
C THR I 125 -32.38 3.46 -16.89
N ALA I 126 -31.16 2.94 -16.88
CA ALA I 126 -30.36 3.01 -15.66
C ALA I 126 -29.90 4.43 -15.38
N THR I 127 -29.57 5.16 -16.44
CA THR I 127 -29.17 6.56 -16.28
C THR I 127 -30.32 7.39 -15.72
N VAL I 128 -31.55 7.06 -16.11
CA VAL I 128 -32.72 7.73 -15.55
C VAL I 128 -32.75 7.60 -14.04
N LEU I 129 -32.46 6.40 -13.52
CA LEU I 129 -32.45 6.23 -12.07
C LEU I 129 -31.33 7.03 -11.42
N ALA I 130 -30.20 7.18 -12.10
CA ALA I 130 -29.04 7.84 -11.52
C ALA I 130 -29.07 9.36 -11.70
N ALA I 131 -29.83 9.89 -12.65
CA ALA I 131 -29.85 11.33 -12.89
C ALA I 131 -30.72 12.02 -11.85
N GLU I 132 -30.28 13.19 -11.41
CA GLU I 132 -31.00 14.01 -10.45
C GLU I 132 -31.02 15.42 -11.02
N CYS I 133 -31.89 15.64 -12.01
CA CYS I 133 -31.96 16.91 -12.70
C CYS I 133 -33.33 17.01 -13.37
N PRO I 134 -33.76 18.21 -13.74
CA PRO I 134 -35.01 18.34 -14.50
C PRO I 134 -34.99 17.47 -15.74
N THR I 135 -36.09 16.77 -15.97
CA THR I 135 -36.19 15.80 -17.05
C THR I 135 -37.43 16.04 -17.89
N VAL I 136 -37.28 16.06 -19.20
CA VAL I 136 -38.38 16.19 -20.15
C VAL I 136 -38.47 14.93 -21.00
N ILE I 137 -39.67 14.36 -21.09
CA ILE I 137 -39.92 13.14 -21.86
C ILE I 137 -40.91 13.48 -22.95
N ALA I 138 -40.56 13.17 -24.20
CA ALA I 138 -41.38 13.48 -25.36
C ALA I 138 -41.78 12.19 -26.05
N PRO I 139 -42.82 11.52 -25.57
CA PRO I 139 -43.21 10.24 -26.18
C PRO I 139 -43.82 10.43 -27.55
N VAL I 140 -43.60 9.45 -28.41
CA VAL I 140 -44.19 9.39 -29.75
C VAL I 140 -44.71 7.98 -29.97
N MET I 141 -45.92 7.88 -30.50
CA MET I 141 -46.56 6.60 -30.82
C MET I 141 -47.87 6.96 -31.53
N ASN I 142 -48.50 5.96 -32.16
CA ASN I 142 -49.75 6.24 -32.87
C ASN I 142 -50.91 6.35 -31.88
N ALA I 143 -52.09 6.67 -32.39
CA ALA I 143 -53.23 6.99 -31.53
C ALA I 143 -53.74 5.76 -30.79
N ALA I 144 -53.72 4.59 -31.44
CA ALA I 144 -54.13 3.37 -30.77
C ALA I 144 -53.25 3.08 -29.56
N MET I 145 -51.93 3.26 -29.70
CA MET I 145 -51.04 2.97 -28.58
C MET I 145 -51.20 3.99 -27.46
N TRP I 146 -51.26 5.28 -27.82
CA TRP I 146 -51.39 6.35 -26.82
C TRP I 146 -52.66 6.21 -25.99
N SER I 147 -53.71 5.61 -26.55
CA SER I 147 -54.98 5.51 -25.82
C SER I 147 -55.04 4.33 -24.87
N LYS I 148 -54.06 3.43 -24.89
CA LYS I 148 -54.14 2.25 -24.02
C LYS I 148 -54.09 2.66 -22.56
N PRO I 149 -54.91 2.03 -21.71
CA PRO I 149 -54.88 2.36 -20.27
C PRO I 149 -53.52 2.20 -19.64
N ALA I 150 -52.78 1.14 -20.00
CA ALA I 150 -51.45 0.93 -19.43
C ALA I 150 -50.52 2.08 -19.76
N VAL I 151 -50.57 2.58 -20.99
CA VAL I 151 -49.73 3.71 -21.36
C VAL I 151 -50.10 4.93 -20.53
N GLN I 152 -51.41 5.20 -20.37
CA GLN I 152 -51.83 6.40 -19.65
C GLN I 152 -51.52 6.29 -18.16
N ARG I 153 -51.58 5.09 -17.59
CA ARG I 153 -51.10 4.90 -16.21
C ARG I 153 -49.63 5.27 -16.09
N ASN I 154 -48.82 4.91 -17.09
CA ASN I 154 -47.40 5.24 -17.05
C ASN I 154 -47.17 6.74 -17.19
N VAL I 155 -47.89 7.40 -18.11
CA VAL I 155 -47.84 8.86 -18.23
C VAL I 155 -48.20 9.51 -16.91
N ASP I 156 -49.33 9.11 -16.32
CA ASP I 156 -49.75 9.72 -15.06
C ASP I 156 -48.72 9.48 -13.98
N GLN I 157 -48.20 8.26 -13.88
CA GLN I 157 -47.22 7.93 -12.84
C GLN I 157 -45.95 8.76 -12.98
N LEU I 158 -45.50 8.98 -14.21
CA LEU I 158 -44.28 9.78 -14.41
C LEU I 158 -44.52 11.24 -14.02
N ARG I 159 -45.68 11.79 -14.36
CA ARG I 159 -45.98 13.16 -13.94
C ARG I 159 -46.02 13.26 -12.42
N GLU I 160 -46.61 12.26 -11.75
CA GLU I 160 -46.61 12.25 -10.28
C GLU I 160 -45.20 12.18 -9.71
N ASP I 161 -44.27 11.52 -10.42
CA ASP I 161 -42.88 11.43 -9.96
C ASP I 161 -42.04 12.65 -10.29
N GLY I 162 -42.63 13.65 -10.96
CA GLY I 162 -41.92 14.88 -11.27
C GLY I 162 -41.41 14.99 -12.69
N TYR I 163 -41.74 14.05 -13.57
CA TYR I 163 -41.27 14.13 -14.94
C TYR I 163 -42.21 15.01 -15.76
N ARG I 164 -41.63 15.79 -16.67
CA ARG I 164 -42.38 16.62 -17.60
C ARG I 164 -42.63 15.82 -18.87
N ILE I 165 -43.90 15.59 -19.19
CA ILE I 165 -44.30 14.82 -20.36
C ILE I 165 -44.80 15.77 -21.43
N VAL I 166 -44.22 15.69 -22.63
CA VAL I 166 -44.69 16.41 -23.80
C VAL I 166 -45.49 15.44 -24.65
N GLU I 167 -46.81 15.61 -24.64
CA GLU I 167 -47.68 14.67 -25.33
C GLU I 167 -47.50 14.75 -26.84
N PRO I 168 -47.63 13.61 -27.53
CA PRO I 168 -47.46 13.60 -28.98
C PRO I 168 -48.62 14.28 -29.70
N LYS I 169 -48.37 14.57 -30.97
CA LYS I 169 -49.37 14.99 -31.93
C LYS I 169 -49.73 13.81 -32.82
N GLU I 170 -50.60 14.07 -33.78
CA GLU I 170 -51.11 13.07 -34.71
C GLU I 170 -50.77 13.55 -36.12
N GLY I 171 -49.53 13.27 -36.56
CA GLY I 171 -49.09 13.76 -37.85
C GLY I 171 -49.22 12.75 -38.96
N ILE I 172 -50.39 12.68 -39.60
CA ILE I 172 -50.64 11.72 -40.69
C ILE I 172 -49.79 12.06 -41.91
N PRO I 181 -50.05 7.26 -37.07
CA PRO I 181 -48.63 7.64 -37.17
C PRO I 181 -48.35 8.91 -36.37
N GLY I 182 -47.93 8.77 -35.13
CA GLY I 182 -47.78 9.92 -34.27
C GLY I 182 -46.58 10.77 -34.64
N SER I 183 -46.51 11.94 -34.00
CA SER I 183 -45.37 12.83 -34.18
C SER I 183 -45.11 13.57 -32.87
N LEU I 184 -43.94 14.17 -32.80
CA LEU I 184 -43.50 14.86 -31.60
C LEU I 184 -44.44 16.01 -31.26
N GLY I 185 -44.72 16.17 -29.98
CA GLY I 185 -45.52 17.29 -29.50
C GLY I 185 -44.73 18.59 -29.48
N ASP I 186 -45.26 19.56 -28.74
CA ASP I 186 -44.63 20.88 -28.63
C ASP I 186 -43.63 20.85 -27.49
N PHE I 187 -42.43 20.33 -27.81
CA PHE I 187 -41.39 20.12 -26.84
C PHE I 187 -40.51 21.34 -26.62
N GLN I 188 -40.48 22.28 -27.58
CA GLN I 188 -39.53 23.38 -27.52
C GLN I 188 -39.69 24.18 -26.24
N SER I 189 -40.92 24.48 -25.85
CA SER I 189 -41.14 25.26 -24.64
C SER I 189 -40.70 24.49 -23.39
N ALA I 190 -41.01 23.19 -23.32
CA ALA I 190 -40.65 22.41 -22.14
C ALA I 190 -39.13 22.30 -21.99
N ILE I 191 -38.42 22.07 -23.08
CA ILE I 191 -36.97 21.93 -22.99
C ILE I 191 -36.32 23.26 -22.61
N SER I 192 -36.75 24.35 -23.27
CA SER I 192 -36.20 25.68 -22.93
C SER I 192 -36.37 25.98 -21.44
N THR I 193 -37.56 25.71 -20.90
CA THR I 193 -37.81 25.94 -19.48
C THR I 193 -36.82 25.16 -18.61
N ALA I 194 -36.60 23.89 -18.95
CA ALA I 194 -35.67 23.08 -18.16
C ALA I 194 -34.25 23.62 -18.25
N LEU I 195 -33.82 24.00 -19.45
CA LEU I 195 -32.46 24.53 -19.60
C LEU I 195 -32.28 25.81 -18.81
N ILE I 196 -33.30 26.69 -18.79
CA ILE I 196 -33.22 27.93 -18.06
C ILE I 196 -33.24 27.68 -16.55
N GLN I 197 -34.14 26.80 -16.10
CA GLN I 197 -34.18 26.45 -14.68
C GLN I 197 -32.84 25.89 -14.22
N ALA I 198 -32.16 25.12 -15.07
CA ALA I 198 -30.85 24.57 -14.74
C ALA I 198 -29.79 25.66 -14.62
N ALA I 199 -29.84 26.66 -15.51
CA ALA I 199 -28.88 27.76 -15.45
C ALA I 199 -28.92 28.49 -14.12
N ALA I 200 -30.10 28.62 -13.51
CA ALA I 200 -30.23 29.20 -12.18
C ALA I 200 -29.77 28.22 -11.11
N ALA J 18 -69.53 -16.66 -41.13
CA ALA J 18 -68.95 -15.33 -41.34
C ALA J 18 -67.55 -15.24 -40.75
N LEU J 19 -67.14 -16.29 -40.04
CA LEU J 19 -65.82 -16.35 -39.43
C LEU J 19 -64.69 -16.47 -40.45
N ALA J 20 -65.00 -16.72 -41.72
CA ALA J 20 -63.94 -16.95 -42.69
C ALA J 20 -63.19 -15.69 -43.08
N GLN J 21 -63.75 -14.51 -42.82
CA GLN J 21 -63.06 -13.26 -43.11
C GLN J 21 -62.47 -12.62 -41.86
N VAL J 22 -62.63 -13.25 -40.70
CA VAL J 22 -62.06 -12.70 -39.47
C VAL J 22 -60.55 -12.93 -39.48
N ARG J 23 -59.79 -11.85 -39.27
CA ARG J 23 -58.34 -11.93 -39.28
C ARG J 23 -57.84 -12.17 -37.86
N LEU J 24 -57.29 -13.36 -37.63
CA LEU J 24 -56.84 -13.80 -36.31
C LEU J 24 -55.33 -13.64 -36.20
N LEU J 25 -54.90 -12.79 -35.27
CA LEU J 25 -53.50 -12.63 -34.92
C LEU J 25 -53.21 -13.47 -33.68
N TRP J 26 -52.18 -14.31 -33.77
CA TRP J 26 -51.93 -15.36 -32.77
C TRP J 26 -50.50 -15.20 -32.25
N GLY J 27 -50.35 -14.75 -31.01
CA GLY J 27 -49.04 -14.64 -30.38
C GLY J 27 -48.70 -15.87 -29.55
N VAL J 28 -47.43 -16.28 -29.63
CA VAL J 28 -46.91 -17.49 -28.99
C VAL J 28 -45.70 -17.12 -28.13
N CYS J 29 -45.75 -17.44 -26.84
CA CYS J 29 -44.68 -17.13 -25.89
C CYS J 29 -43.90 -18.40 -25.51
N GLY J 30 -42.79 -18.19 -24.79
CA GLY J 30 -41.90 -19.30 -24.46
C GLY J 30 -42.38 -20.18 -23.31
N SER J 31 -43.45 -20.95 -23.55
CA SER J 31 -44.04 -21.85 -22.55
C SER J 31 -43.97 -23.29 -23.05
N PHE J 32 -43.91 -24.23 -22.09
CA PHE J 32 -44.03 -25.66 -22.42
C PHE J 32 -45.19 -25.90 -23.38
N SER J 33 -46.30 -25.19 -23.19
CA SER J 33 -47.50 -25.42 -23.97
C SER J 33 -47.41 -24.93 -25.41
N ALA J 34 -46.27 -24.40 -25.83
CA ALA J 34 -46.12 -24.08 -27.25
C ALA J 34 -46.16 -25.33 -28.12
N VAL J 35 -45.95 -26.52 -27.53
CA VAL J 35 -46.10 -27.77 -28.28
C VAL J 35 -47.53 -28.00 -28.71
N ALA J 36 -48.50 -27.31 -28.09
CA ALA J 36 -49.90 -27.48 -28.45
C ALA J 36 -50.27 -26.66 -29.68
N VAL J 37 -49.35 -25.85 -30.21
CA VAL J 37 -49.68 -24.96 -31.32
C VAL J 37 -50.23 -25.74 -32.52
N PRO J 38 -49.65 -26.87 -32.94
CA PRO J 38 -50.27 -27.61 -34.07
C PRO J 38 -51.69 -28.04 -33.80
N HIS J 39 -51.96 -28.61 -32.62
CA HIS J 39 -53.31 -29.03 -32.28
C HIS J 39 -54.28 -27.87 -32.28
N VAL J 40 -53.88 -26.73 -31.71
CA VAL J 40 -54.74 -25.56 -31.69
C VAL J 40 -54.96 -25.01 -33.09
N ASN J 41 -53.93 -25.07 -33.94
CA ASN J 41 -54.09 -24.58 -35.31
C ASN J 41 -55.09 -25.42 -36.08
N ALA J 42 -55.04 -26.75 -35.89
CA ALA J 42 -56.00 -27.64 -36.54
C ALA J 42 -57.43 -27.35 -36.06
N TRP J 43 -57.60 -27.08 -34.76
CA TRP J 43 -58.92 -26.73 -34.24
C TRP J 43 -59.42 -25.42 -34.82
N LEU J 44 -58.54 -24.42 -34.91
CA LEU J 44 -58.94 -23.11 -35.43
C LEU J 44 -59.39 -23.19 -36.88
N ARG J 45 -58.69 -23.98 -37.68
CA ARG J 45 -58.97 -24.08 -39.11
C ARG J 45 -60.07 -25.09 -39.41
N GLY J 46 -59.97 -26.29 -38.85
CA GLY J 46 -60.86 -27.39 -39.18
C GLY J 46 -62.17 -27.48 -38.42
N THR J 47 -62.26 -26.83 -37.26
CA THR J 47 -63.46 -26.85 -36.43
C THR J 47 -64.12 -25.49 -36.33
N VAL J 48 -63.33 -24.44 -36.09
CA VAL J 48 -63.91 -23.11 -36.02
C VAL J 48 -64.06 -22.49 -37.40
N GLY J 49 -63.19 -22.85 -38.35
CA GLY J 49 -63.30 -22.31 -39.69
C GLY J 49 -62.57 -21.01 -39.96
N VAL J 50 -61.59 -20.64 -39.13
CA VAL J 50 -60.81 -19.43 -39.38
C VAL J 50 -59.89 -19.66 -40.58
N GLN J 51 -59.77 -18.66 -41.43
CA GLN J 51 -58.95 -18.78 -42.64
C GLN J 51 -57.67 -17.96 -42.60
N GLU J 52 -57.70 -16.73 -42.10
CA GLU J 52 -56.53 -15.86 -42.07
C GLU J 52 -55.95 -15.82 -40.67
N ILE J 53 -54.80 -16.48 -40.50
CA ILE J 53 -54.11 -16.57 -39.21
C ILE J 53 -52.65 -16.16 -39.42
N ARG J 54 -52.20 -15.15 -38.68
CA ARG J 54 -50.79 -14.76 -38.65
C ARG J 54 -50.24 -14.92 -37.24
N THR J 55 -49.04 -15.46 -37.15
CA THR J 55 -48.42 -15.75 -35.86
C THR J 55 -47.26 -14.80 -35.58
N VAL J 56 -47.12 -14.45 -34.29
CA VAL J 56 -45.99 -13.70 -33.76
C VAL J 56 -45.38 -14.54 -32.64
N MET J 57 -44.08 -14.81 -32.71
CA MET J 57 -43.39 -15.58 -31.69
C MET J 57 -42.43 -14.68 -30.91
N THR J 58 -42.42 -14.84 -29.59
CA THR J 58 -41.35 -14.21 -28.83
C THR J 58 -40.03 -14.89 -29.17
N ALA J 59 -38.93 -14.21 -28.87
CA ALA J 59 -37.61 -14.79 -29.11
C ALA J 59 -37.45 -16.12 -28.36
N GLN J 60 -37.99 -16.18 -27.14
CA GLN J 60 -37.89 -17.41 -26.35
C GLN J 60 -38.74 -18.52 -26.96
N ALA J 61 -39.95 -18.19 -27.44
CA ALA J 61 -40.76 -19.20 -28.13
C ALA J 61 -40.03 -19.73 -29.35
N ARG J 62 -39.41 -18.84 -30.12
CA ARG J 62 -38.67 -19.28 -31.31
C ARG J 62 -37.53 -20.23 -30.92
N ALA J 63 -36.81 -19.92 -29.84
CA ALA J 63 -35.67 -20.75 -29.44
C ALA J 63 -36.11 -22.12 -28.93
N LEU J 64 -37.30 -22.22 -28.36
CA LEU J 64 -37.70 -23.51 -27.82
C LEU J 64 -38.26 -24.40 -28.91
N MET J 65 -39.20 -23.86 -29.71
CA MET J 65 -39.95 -24.62 -30.70
C MET J 65 -39.31 -24.62 -32.08
N GLY J 66 -38.52 -23.60 -32.44
CA GLY J 66 -38.07 -23.45 -33.80
C GLY J 66 -39.18 -22.89 -34.67
N PRO J 67 -38.93 -21.75 -35.31
CA PRO J 67 -39.99 -21.04 -36.05
C PRO J 67 -40.34 -21.67 -37.39
N ARG J 68 -39.47 -22.55 -37.92
CA ARG J 68 -39.63 -23.04 -39.28
C ARG J 68 -40.81 -23.99 -39.40
N MET J 69 -41.05 -24.81 -38.37
CA MET J 69 -42.18 -25.71 -38.50
C MET J 69 -43.51 -24.99 -38.34
N ILE J 70 -43.57 -24.00 -37.43
CA ILE J 70 -44.78 -23.19 -37.33
C ILE J 70 -45.15 -22.61 -38.68
N GLU J 71 -44.15 -22.12 -39.43
CA GLU J 71 -44.40 -21.55 -40.75
C GLU J 71 -45.03 -22.58 -41.69
N ALA J 72 -44.50 -23.81 -41.67
CA ALA J 72 -44.97 -24.83 -42.61
C ALA J 72 -46.39 -25.25 -42.32
N VAL J 73 -46.81 -25.23 -41.05
CA VAL J 73 -48.10 -25.77 -40.67
C VAL J 73 -49.18 -24.69 -40.63
N THR J 74 -48.79 -23.43 -40.57
CA THR J 74 -49.77 -22.34 -40.58
C THR J 74 -49.85 -21.62 -41.93
N GLY J 75 -48.88 -21.80 -42.82
CA GLY J 75 -48.91 -21.13 -44.11
C GLY J 75 -48.32 -19.75 -44.12
N HIS J 76 -47.83 -19.26 -42.99
CA HIS J 76 -47.17 -17.96 -42.90
C HIS J 76 -45.94 -18.11 -42.01
N ALA J 77 -44.88 -17.44 -42.40
CA ALA J 77 -43.73 -17.32 -41.52
C ALA J 77 -44.18 -16.54 -40.28
N PRO J 78 -43.89 -17.02 -39.09
CA PRO J 78 -44.18 -16.22 -37.89
C PRO J 78 -43.32 -14.98 -37.90
N VAL J 79 -43.86 -13.90 -37.34
CA VAL J 79 -43.09 -12.68 -37.15
C VAL J 79 -42.41 -12.78 -35.79
N THR J 80 -41.09 -12.60 -35.76
CA THR J 80 -40.37 -12.56 -34.50
C THR J 80 -39.53 -11.30 -34.38
N ASP J 81 -38.77 -10.99 -35.41
CA ASP J 81 -37.93 -9.79 -35.42
C ASP J 81 -38.57 -8.67 -36.23
N TRP J 82 -38.21 -7.44 -35.88
CA TRP J 82 -38.66 -6.27 -36.62
C TRP J 82 -38.35 -6.38 -38.11
N GLU J 83 -37.22 -7.01 -38.46
CA GLU J 83 -36.79 -7.17 -39.84
C GLU J 83 -37.76 -8.00 -40.67
N ASP J 84 -38.67 -8.75 -40.02
CA ASP J 84 -39.63 -9.56 -40.76
C ASP J 84 -40.73 -8.73 -41.41
N HIS J 85 -40.91 -7.48 -41.00
CA HIS J 85 -41.88 -6.61 -41.66
C HIS J 85 -41.21 -5.89 -42.83
N LYS J 86 -41.88 -5.92 -43.99
CA LYS J 86 -41.34 -5.37 -45.22
C LYS J 86 -42.10 -4.09 -45.59
N GLY J 87 -41.35 -3.12 -46.10
CA GLY J 87 -41.96 -1.90 -46.60
C GLY J 87 -42.17 -0.86 -45.53
N GLY J 88 -43.12 0.04 -45.80
CA GLY J 88 -43.37 1.14 -44.90
C GLY J 88 -43.97 0.70 -43.58
N GLY J 89 -43.86 1.62 -42.61
CA GLY J 89 -44.35 1.37 -41.27
C GLY J 89 -43.43 0.45 -40.47
N ALA J 90 -44.01 -0.61 -39.90
CA ALA J 90 -43.37 -1.32 -38.81
C ALA J 90 -44.26 -2.46 -38.37
N ALA J 91 -43.63 -3.52 -37.86
CA ALA J 91 -44.32 -4.79 -37.63
C ALA J 91 -45.53 -4.63 -36.72
N HIS J 92 -45.37 -3.87 -35.62
CA HIS J 92 -46.44 -3.83 -34.63
C HIS J 92 -47.64 -3.04 -35.14
N VAL J 93 -47.40 -1.96 -35.88
CA VAL J 93 -48.51 -1.20 -36.45
C VAL J 93 -49.22 -2.01 -37.53
N ALA J 94 -48.44 -2.63 -38.42
CA ALA J 94 -49.06 -3.40 -39.50
C ALA J 94 -49.85 -4.59 -38.94
N LEU J 95 -49.25 -5.34 -38.03
CA LEU J 95 -49.97 -6.48 -37.45
C LEU J 95 -51.10 -6.02 -36.55
N GLY J 96 -50.88 -4.94 -35.79
CA GLY J 96 -51.92 -4.45 -34.89
C GLY J 96 -53.14 -3.95 -35.64
N ALA J 97 -52.93 -3.26 -36.76
CA ALA J 97 -54.06 -2.78 -37.54
C ALA J 97 -54.74 -3.91 -38.30
N TRP J 98 -53.98 -4.93 -38.68
CA TRP J 98 -54.56 -6.03 -39.45
C TRP J 98 -55.49 -6.89 -38.61
N ALA J 99 -55.24 -7.01 -37.31
CA ALA J 99 -55.91 -8.01 -36.49
C ALA J 99 -57.38 -7.67 -36.22
N ASP J 100 -58.26 -8.64 -36.45
CA ASP J 100 -59.64 -8.56 -35.98
C ASP J 100 -59.81 -9.21 -34.61
N VAL J 101 -59.05 -10.26 -34.33
CA VAL J 101 -58.96 -10.87 -33.02
C VAL J 101 -57.49 -11.13 -32.72
N LEU J 102 -57.08 -10.90 -31.47
CA LEU J 102 -55.74 -11.17 -31.01
C LEU J 102 -55.80 -12.23 -29.93
N VAL J 103 -55.07 -13.32 -30.13
CA VAL J 103 -54.98 -14.40 -29.14
C VAL J 103 -53.51 -14.59 -28.77
N ILE J 104 -53.21 -14.57 -27.47
CA ILE J 104 -51.89 -14.90 -26.96
C ILE J 104 -52.02 -16.28 -26.31
N LEU J 105 -51.45 -17.30 -26.98
CA LEU J 105 -51.64 -18.67 -26.54
C LEU J 105 -50.48 -19.53 -27.03
N PRO J 106 -49.67 -20.09 -26.12
CA PRO J 106 -49.72 -19.83 -24.68
C PRO J 106 -49.06 -18.51 -24.30
N ALA J 107 -49.52 -17.88 -23.22
CA ALA J 107 -48.86 -16.70 -22.67
C ALA J 107 -48.01 -17.12 -21.48
N THR J 108 -46.86 -16.48 -21.34
CA THR J 108 -46.00 -16.70 -20.19
C THR J 108 -46.43 -15.75 -19.07
N ALA J 109 -45.99 -16.07 -17.85
CA ALA J 109 -46.08 -15.12 -16.76
C ALA J 109 -45.40 -13.81 -17.13
N ASN J 110 -44.24 -13.91 -17.79
CA ASN J 110 -43.52 -12.74 -18.31
C ASN J 110 -44.41 -11.88 -19.18
N PHE J 111 -45.15 -12.51 -20.10
CA PHE J 111 -46.05 -11.76 -20.97
C PHE J 111 -47.09 -11.00 -20.17
N LEU J 112 -47.65 -11.65 -19.13
CA LEU J 112 -48.67 -11.00 -18.32
C LEU J 112 -48.14 -9.73 -17.70
N ALA J 113 -46.91 -9.77 -17.17
CA ALA J 113 -46.31 -8.59 -16.57
C ALA J 113 -46.11 -7.48 -17.59
N LYS J 114 -45.58 -7.84 -18.77
CA LYS J 114 -45.33 -6.80 -19.78
C LYS J 114 -46.63 -6.21 -20.28
N ALA J 115 -47.63 -7.05 -20.56
CA ALA J 115 -48.91 -6.54 -21.04
C ALA J 115 -49.61 -5.71 -19.99
N ALA J 116 -49.54 -6.12 -18.72
CA ALA J 116 -50.23 -5.40 -17.65
C ALA J 116 -49.64 -4.02 -17.40
N HIS J 117 -48.36 -3.83 -17.71
CA HIS J 117 -47.69 -2.58 -17.41
C HIS J 117 -47.33 -1.79 -18.66
N GLY J 118 -47.83 -2.20 -19.82
CA GLY J 118 -47.57 -1.45 -21.03
C GLY J 118 -46.12 -1.49 -21.50
N ILE J 119 -45.37 -2.53 -21.11
CA ILE J 119 -44.02 -2.71 -21.65
C ILE J 119 -44.13 -3.16 -23.10
N ALA J 120 -43.24 -2.65 -23.95
CA ALA J 120 -43.26 -3.00 -25.36
C ALA J 120 -41.83 -3.18 -25.89
N ASP J 121 -41.12 -4.18 -25.37
CA ASP J 121 -39.71 -4.32 -25.70
C ASP J 121 -39.45 -5.45 -26.69
N ASP J 122 -40.49 -5.97 -27.34
CA ASP J 122 -40.31 -6.85 -28.49
C ASP J 122 -41.53 -6.69 -29.40
N VAL J 123 -41.54 -7.43 -30.50
CA VAL J 123 -42.62 -7.27 -31.48
C VAL J 123 -43.98 -7.61 -30.88
N LEU J 124 -44.08 -8.70 -30.13
CA LEU J 124 -45.38 -9.13 -29.60
C LEU J 124 -45.98 -8.06 -28.69
N THR J 125 -45.20 -7.60 -27.71
CA THR J 125 -45.75 -6.69 -26.72
C THR J 125 -45.99 -5.28 -27.30
N ALA J 126 -45.24 -4.90 -28.33
CA ALA J 126 -45.57 -3.66 -29.02
C ALA J 126 -46.86 -3.80 -29.82
N THR J 127 -47.06 -4.96 -30.45
CA THR J 127 -48.28 -5.22 -31.19
C THR J 127 -49.51 -5.17 -30.29
N VAL J 128 -49.36 -5.61 -29.03
CA VAL J 128 -50.43 -5.50 -28.05
C VAL J 128 -50.86 -4.05 -27.89
N LEU J 129 -49.88 -3.13 -27.81
CA LEU J 129 -50.22 -1.72 -27.68
C LEU J 129 -50.89 -1.19 -28.93
N ALA J 130 -50.55 -1.74 -30.10
CA ALA J 130 -51.10 -1.24 -31.35
C ALA J 130 -52.43 -1.86 -31.74
N ALA J 131 -52.76 -3.04 -31.21
CA ALA J 131 -54.00 -3.71 -31.58
C ALA J 131 -55.20 -3.07 -30.88
N GLU J 132 -56.32 -3.02 -31.60
CA GLU J 132 -57.60 -2.52 -31.05
C GLU J 132 -58.69 -3.53 -31.45
N CYS J 133 -58.75 -4.64 -30.75
CA CYS J 133 -59.65 -5.72 -31.13
C CYS J 133 -59.88 -6.62 -29.91
N PRO J 134 -60.91 -7.46 -29.92
CA PRO J 134 -61.08 -8.42 -28.82
C PRO J 134 -59.83 -9.28 -28.66
N THR J 135 -59.36 -9.41 -27.42
CA THR J 135 -58.10 -10.08 -27.13
C THR J 135 -58.30 -11.13 -26.06
N VAL J 136 -57.84 -12.34 -26.34
CA VAL J 136 -57.87 -13.46 -25.41
C VAL J 136 -56.44 -13.81 -25.06
N ILE J 137 -56.15 -13.93 -23.76
CA ILE J 137 -54.84 -14.28 -23.25
C ILE J 137 -54.99 -15.58 -22.48
N ALA J 138 -54.21 -16.60 -22.87
CA ALA J 138 -54.26 -17.94 -22.26
C ALA J 138 -52.92 -18.23 -21.61
N PRO J 139 -52.70 -17.77 -20.39
CA PRO J 139 -51.41 -18.01 -19.71
C PRO J 139 -51.25 -19.44 -19.26
N VAL J 140 -50.01 -19.89 -19.25
CA VAL J 140 -49.63 -21.20 -18.73
C VAL J 140 -48.36 -21.06 -17.91
N MET J 141 -48.34 -21.71 -16.75
CA MET J 141 -47.21 -21.74 -15.81
C MET J 141 -47.57 -22.74 -14.73
N ASN J 142 -46.59 -23.14 -13.92
CA ASN J 142 -46.89 -24.11 -12.87
C ASN J 142 -47.61 -23.41 -11.72
N ALA J 143 -48.01 -24.20 -10.72
CA ALA J 143 -48.88 -23.68 -9.66
C ALA J 143 -48.13 -22.69 -8.76
N ALA J 144 -46.85 -22.95 -8.51
CA ALA J 144 -46.06 -22.02 -7.71
C ALA J 144 -46.02 -20.63 -8.35
N MET J 145 -45.84 -20.56 -9.67
CA MET J 145 -45.79 -19.27 -10.34
C MET J 145 -47.15 -18.61 -10.37
N TRP J 146 -48.20 -19.36 -10.68
CA TRP J 146 -49.53 -18.81 -10.76
C TRP J 146 -49.99 -18.20 -9.43
N SER J 147 -49.48 -18.71 -8.31
CA SER J 147 -49.92 -18.24 -6.99
C SER J 147 -49.19 -17.01 -6.50
N LYS J 148 -48.16 -16.55 -7.21
CA LYS J 148 -47.40 -15.39 -6.75
C LYS J 148 -48.28 -14.15 -6.76
N PRO J 149 -48.20 -13.30 -5.72
CA PRO J 149 -49.00 -12.05 -5.73
C PRO J 149 -48.72 -11.16 -6.93
N ALA J 150 -47.47 -11.05 -7.39
CA ALA J 150 -47.18 -10.23 -8.56
C ALA J 150 -47.91 -10.74 -9.80
N VAL J 151 -47.92 -12.06 -10.01
CA VAL J 151 -48.63 -12.61 -11.16
C VAL J 151 -50.13 -12.32 -11.08
N GLN J 152 -50.72 -12.51 -9.90
CA GLN J 152 -52.16 -12.29 -9.75
C GLN J 152 -52.52 -10.82 -9.87
N ARG J 153 -51.64 -9.90 -9.43
CA ARG J 153 -51.88 -8.49 -9.69
C ARG J 153 -51.95 -8.21 -11.19
N ASN J 154 -51.07 -8.85 -11.96
CA ASN J 154 -51.05 -8.64 -13.42
C ASN J 154 -52.30 -9.20 -14.06
N VAL J 155 -52.73 -10.40 -13.64
CA VAL J 155 -53.99 -10.96 -14.13
C VAL J 155 -55.15 -10.01 -13.85
N ASP J 156 -55.24 -9.53 -12.60
CA ASP J 156 -56.33 -8.61 -12.25
C ASP J 156 -56.26 -7.36 -13.12
N GLN J 157 -55.06 -6.80 -13.26
CA GLN J 157 -54.90 -5.55 -14.02
C GLN J 157 -55.32 -5.73 -15.46
N LEU J 158 -54.98 -6.87 -16.07
CA LEU J 158 -55.34 -7.11 -17.45
C LEU J 158 -56.85 -7.25 -17.62
N ARG J 159 -57.53 -7.89 -16.65
CA ARG J 159 -58.99 -7.98 -16.72
C ARG J 159 -59.65 -6.61 -16.63
N GLU J 160 -59.17 -5.75 -15.72
CA GLU J 160 -59.72 -4.39 -15.65
C GLU J 160 -59.47 -3.60 -16.92
N ASP J 161 -58.40 -3.90 -17.64
CA ASP J 161 -58.13 -3.21 -18.91
C ASP J 161 -58.95 -3.77 -20.06
N GLY J 162 -59.75 -4.80 -19.82
CA GLY J 162 -60.63 -5.34 -20.83
C GLY J 162 -60.16 -6.61 -21.53
N TYR J 163 -59.08 -7.23 -21.07
CA TYR J 163 -58.57 -8.46 -21.68
C TYR J 163 -59.26 -9.68 -21.06
N ARG J 164 -59.54 -10.67 -21.91
CA ARG J 164 -60.11 -11.93 -21.47
C ARG J 164 -58.97 -12.88 -21.12
N ILE J 165 -58.89 -13.27 -19.84
CA ILE J 165 -57.85 -14.16 -19.35
C ILE J 165 -58.45 -15.55 -19.18
N VAL J 166 -57.80 -16.55 -19.81
CA VAL J 166 -58.15 -17.96 -19.64
C VAL J 166 -57.15 -18.59 -18.67
N GLU J 167 -57.58 -18.84 -17.43
CA GLU J 167 -56.67 -19.35 -16.42
C GLU J 167 -56.20 -20.77 -16.75
N PRO J 168 -54.96 -21.11 -16.41
CA PRO J 168 -54.44 -22.43 -16.75
C PRO J 168 -55.06 -23.52 -15.89
N LYS J 169 -54.92 -24.76 -16.35
CA LYS J 169 -55.25 -25.94 -15.57
C LYS J 169 -53.98 -26.57 -14.99
N GLU J 170 -54.18 -27.69 -14.30
CA GLU J 170 -53.15 -28.38 -13.53
C GLU J 170 -52.94 -29.78 -14.11
N GLY J 171 -52.22 -29.85 -15.24
CA GLY J 171 -52.03 -31.14 -15.88
C GLY J 171 -50.70 -31.80 -15.57
N ILE J 172 -50.62 -32.55 -14.47
CA ILE J 172 -49.36 -33.19 -14.08
C ILE J 172 -48.98 -34.31 -15.05
N PRO J 181 -46.45 -28.38 -13.20
CA PRO J 181 -46.54 -28.39 -14.67
C PRO J 181 -47.90 -27.93 -15.18
N GLY J 182 -48.05 -26.66 -15.50
CA GLY J 182 -49.34 -26.16 -15.90
C GLY J 182 -49.72 -26.62 -17.30
N SER J 183 -50.98 -26.38 -17.65
CA SER J 183 -51.44 -26.66 -18.99
C SER J 183 -52.51 -25.63 -19.37
N LEU J 184 -52.78 -25.56 -20.66
CA LEU J 184 -53.74 -24.59 -21.17
C LEU J 184 -55.11 -24.79 -20.55
N GLY J 185 -55.76 -23.68 -20.22
CA GLY J 185 -57.13 -23.74 -19.74
C GLY J 185 -58.09 -23.99 -20.89
N ASP J 186 -59.37 -23.77 -20.59
CA ASP J 186 -60.45 -24.01 -21.55
C ASP J 186 -60.66 -22.73 -22.34
N PHE J 187 -59.83 -22.57 -23.37
CA PHE J 187 -59.77 -21.37 -24.19
C PHE J 187 -60.76 -21.38 -25.35
N GLN J 188 -61.26 -22.55 -25.74
CA GLN J 188 -62.06 -22.67 -26.97
C GLN J 188 -63.25 -21.73 -26.96
N SER J 189 -63.96 -21.67 -25.84
CA SER J 189 -65.15 -20.82 -25.75
C SER J 189 -64.79 -19.34 -25.81
N ALA J 190 -63.72 -18.94 -25.11
CA ALA J 190 -63.30 -17.54 -25.11
C ALA J 190 -62.87 -17.10 -26.52
N ILE J 191 -62.15 -17.96 -27.23
CA ILE J 191 -61.71 -17.60 -28.58
C ILE J 191 -62.90 -17.49 -29.52
N SER J 192 -63.79 -18.50 -29.48
CA SER J 192 -65.01 -18.46 -30.30
C SER J 192 -65.82 -17.22 -30.02
N THR J 193 -65.95 -16.83 -28.75
CA THR J 193 -66.67 -15.61 -28.42
C THR J 193 -66.05 -14.40 -29.12
N ALA J 194 -64.72 -14.28 -29.06
CA ALA J 194 -64.05 -13.16 -29.70
C ALA J 194 -64.24 -13.18 -31.21
N LEU J 195 -64.12 -14.37 -31.82
CA LEU J 195 -64.31 -14.45 -33.27
C LEU J 195 -65.72 -14.06 -33.67
N ILE J 196 -66.72 -14.47 -32.88
CA ILE J 196 -68.10 -14.11 -33.19
C ILE J 196 -68.32 -12.62 -32.96
N GLN J 197 -67.81 -12.07 -31.85
CA GLN J 197 -67.91 -10.63 -31.64
C GLN J 197 -67.26 -9.85 -32.77
N ALA J 198 -66.09 -10.32 -33.25
CA ALA J 198 -65.43 -9.64 -34.34
C ALA J 198 -66.22 -9.76 -35.64
N ALA J 199 -66.80 -10.94 -35.89
CA ALA J 199 -67.62 -11.11 -37.09
C ALA J 199 -68.80 -10.16 -37.10
N ALA J 200 -69.38 -9.89 -35.94
CA ALA J 200 -70.46 -8.91 -35.80
C ALA J 200 -69.95 -7.48 -35.87
N ALA K 18 9.05 10.51 3.53
CA ALA K 18 8.57 10.22 4.88
C ALA K 18 9.73 9.88 5.81
N LEU K 19 10.92 9.77 5.22
CA LEU K 19 12.11 9.47 6.00
C LEU K 19 12.52 10.63 6.91
N ALA K 20 11.90 11.80 6.77
CA ALA K 20 12.31 12.96 7.56
C ALA K 20 11.84 12.91 9.01
N GLN K 21 10.85 12.07 9.34
CA GLN K 21 10.37 11.93 10.71
C GLN K 21 10.90 10.69 11.40
N VAL K 22 11.74 9.90 10.73
CA VAL K 22 12.34 8.73 11.37
C VAL K 22 13.40 9.20 12.35
N ARG K 23 13.31 8.74 13.59
CA ARG K 23 14.27 9.13 14.62
C ARG K 23 15.42 8.12 14.64
N LEU K 24 16.60 8.57 14.21
CA LEU K 24 17.76 7.72 14.06
C LEU K 24 18.71 7.89 15.24
N LEU K 25 18.91 6.82 15.99
CA LEU K 25 19.90 6.77 17.07
C LEU K 25 21.17 6.10 16.55
N TRP K 26 22.30 6.78 16.74
CA TRP K 26 23.55 6.42 16.06
C TRP K 26 24.65 6.22 17.09
N GLY K 27 25.08 4.97 17.28
CA GLY K 27 26.17 4.67 18.20
C GLY K 27 27.51 4.67 17.48
N VAL K 28 28.52 5.26 18.13
CA VAL K 28 29.86 5.41 17.58
C VAL K 28 30.85 4.84 18.58
N CYS K 29 31.65 3.86 18.14
CA CYS K 29 32.67 3.18 18.95
C CYS K 29 34.06 3.64 18.54
N GLY K 30 35.05 3.25 19.34
CA GLY K 30 36.43 3.66 19.16
C GLY K 30 37.19 2.91 18.09
N SER K 31 36.84 3.14 16.82
CA SER K 31 37.48 2.55 15.65
C SER K 31 38.13 3.60 14.78
N PHE K 32 39.16 3.18 14.03
CA PHE K 32 39.74 4.02 12.98
C PHE K 32 38.65 4.64 12.13
N SER K 33 37.59 3.88 11.85
CA SER K 33 36.54 4.34 10.97
C SER K 33 35.61 5.39 11.60
N ALA K 34 35.85 5.81 12.85
CA ALA K 34 35.04 6.89 13.40
C ALA K 34 35.25 8.20 12.65
N VAL K 35 36.36 8.33 11.92
CA VAL K 35 36.59 9.53 11.12
C VAL K 35 35.55 9.68 10.02
N ALA K 36 34.84 8.60 9.71
CA ALA K 36 33.82 8.65 8.68
C ALA K 36 32.48 9.23 9.16
N VAL K 37 32.34 9.53 10.46
CA VAL K 37 31.04 9.97 10.98
C VAL K 37 30.51 11.22 10.29
N PRO K 38 31.31 12.29 10.07
CA PRO K 38 30.76 13.45 9.34
C PRO K 38 30.31 13.13 7.93
N HIS K 39 31.10 12.36 7.17
CA HIS K 39 30.72 11.99 5.82
C HIS K 39 29.42 11.19 5.81
N VAL K 40 29.31 10.21 6.71
CA VAL K 40 28.08 9.43 6.79
C VAL K 40 26.92 10.31 7.22
N ASN K 41 27.19 11.27 8.12
CA ASN K 41 26.13 12.18 8.55
C ASN K 41 25.63 13.03 7.39
N ALA K 42 26.54 13.50 6.54
CA ALA K 42 26.13 14.27 5.37
C ALA K 42 25.27 13.44 4.44
N TRP K 43 25.64 12.17 4.24
CA TRP K 43 24.82 11.27 3.42
C TRP K 43 23.45 11.03 4.02
N LEU K 44 23.36 10.87 5.34
CA LEU K 44 22.08 10.58 5.99
C LEU K 44 21.08 11.71 5.83
N ARG K 45 21.54 12.96 5.97
CA ARG K 45 20.63 14.10 5.91
C ARG K 45 20.40 14.56 4.47
N GLY K 46 21.49 14.75 3.71
CA GLY K 46 21.39 15.38 2.41
C GLY K 46 20.96 14.47 1.29
N THR K 47 21.08 13.16 1.46
CA THR K 47 20.70 12.19 0.44
C THR K 47 19.53 11.33 0.86
N VAL K 48 19.57 10.79 2.08
CA VAL K 48 18.47 9.94 2.54
C VAL K 48 17.31 10.80 3.05
N GLY K 49 17.61 11.97 3.60
CA GLY K 49 16.60 12.86 4.12
C GLY K 49 16.23 12.70 5.57
N VAL K 50 17.07 12.01 6.37
CA VAL K 50 16.81 11.91 7.79
C VAL K 50 17.09 13.26 8.45
N GLN K 51 16.23 13.66 9.38
CA GLN K 51 16.34 14.96 10.03
C GLN K 51 16.75 14.90 11.49
N GLU K 52 16.24 13.95 12.25
CA GLU K 52 16.53 13.88 13.68
C GLU K 52 17.55 12.77 13.91
N ILE K 53 18.79 13.15 14.19
CA ILE K 53 19.87 12.20 14.40
C ILE K 53 20.53 12.54 15.73
N ARG K 54 20.53 11.57 16.64
CA ARG K 54 21.22 11.69 17.93
C ARG K 54 22.29 10.61 18.06
N THR K 55 23.47 11.01 18.52
CA THR K 55 24.60 10.10 18.61
C THR K 55 24.92 9.79 20.06
N VAL K 56 25.43 8.57 20.26
CA VAL K 56 25.99 8.12 21.51
C VAL K 56 27.40 7.65 21.19
N MET K 57 28.39 8.19 21.90
CA MET K 57 29.78 7.81 21.70
C MET K 57 30.29 7.05 22.91
N THR K 58 31.00 5.95 22.67
CA THR K 58 31.74 5.33 23.75
C THR K 58 32.85 6.28 24.20
N ALA K 59 33.35 6.05 25.42
CA ALA K 59 34.44 6.87 25.93
C ALA K 59 35.64 6.82 24.99
N GLN K 60 35.91 5.65 24.40
CA GLN K 60 37.03 5.55 23.47
C GLN K 60 36.76 6.32 22.18
N ALA K 61 35.52 6.27 21.67
CA ALA K 61 35.18 7.06 20.50
C ALA K 61 35.39 8.54 20.76
N ARG K 62 34.92 9.03 21.92
CA ARG K 62 35.10 10.43 22.28
C ARG K 62 36.58 10.78 22.34
N ALA K 63 37.40 9.88 22.86
CA ALA K 63 38.82 10.17 22.98
C ALA K 63 39.50 10.30 21.62
N LEU K 64 38.99 9.58 20.61
CA LEU K 64 39.59 9.59 19.28
C LEU K 64 39.10 10.75 18.41
N MET K 65 37.78 10.95 18.33
CA MET K 65 37.17 11.91 17.41
C MET K 65 36.90 13.29 17.98
N GLY K 66 36.69 13.41 19.29
CA GLY K 66 36.31 14.68 19.89
C GLY K 66 34.85 15.02 19.66
N PRO K 67 34.10 15.11 20.75
CA PRO K 67 32.65 15.25 20.63
C PRO K 67 32.20 16.63 20.21
N ARG K 68 33.05 17.67 20.32
CA ARG K 68 32.56 19.02 20.06
C ARG K 68 32.33 19.23 18.57
N MET K 69 33.17 18.63 17.72
CA MET K 69 32.99 18.79 16.29
C MET K 69 31.83 17.95 15.78
N ILE K 70 31.69 16.73 16.31
CA ILE K 70 30.51 15.93 15.99
C ILE K 70 29.25 16.69 16.33
N GLU K 71 29.22 17.36 17.48
CA GLU K 71 28.06 18.18 17.84
C GLU K 71 27.83 19.28 16.81
N ALA K 72 28.91 19.94 16.38
CA ALA K 72 28.77 21.09 15.50
C ALA K 72 28.23 20.69 14.13
N VAL K 73 28.53 19.47 13.67
CA VAL K 73 28.12 19.06 12.33
C VAL K 73 26.84 18.23 12.33
N THR K 74 26.47 17.63 13.46
CA THR K 74 25.23 16.85 13.52
C THR K 74 24.09 17.61 14.16
N GLY K 75 24.38 18.70 14.90
CA GLY K 75 23.33 19.46 15.54
C GLY K 75 22.94 19.02 16.93
N HIS K 76 23.54 17.95 17.46
CA HIS K 76 23.27 17.53 18.82
C HIS K 76 24.57 17.08 19.49
N ALA K 77 24.73 17.43 20.76
CA ALA K 77 25.86 16.93 21.52
C ALA K 77 25.74 15.42 21.67
N PRO K 78 26.79 14.67 21.34
CA PRO K 78 26.73 13.22 21.58
C PRO K 78 26.67 12.93 23.07
N VAL K 79 25.93 11.87 23.41
CA VAL K 79 25.84 11.38 24.78
C VAL K 79 26.93 10.34 25.01
N THR K 80 27.73 10.54 26.06
CA THR K 80 28.70 9.53 26.47
C THR K 80 28.53 9.18 27.94
N ASP K 81 28.40 10.20 28.78
CA ASP K 81 28.23 9.96 30.20
C ASP K 81 26.76 10.05 30.59
N TRP K 82 26.42 9.33 31.65
CA TRP K 82 25.05 9.38 32.18
C TRP K 82 24.63 10.81 32.48
N GLU K 83 25.58 11.65 32.92
CA GLU K 83 25.29 13.03 33.26
C GLU K 83 24.77 13.84 32.07
N ASP K 84 24.99 13.36 30.85
CA ASP K 84 24.53 14.09 29.66
C ASP K 84 23.03 14.01 29.44
N HIS K 85 22.32 13.09 30.11
CA HIS K 85 20.87 13.06 30.05
C HIS K 85 20.33 13.97 31.13
N LYS K 86 19.33 14.78 30.76
CA LYS K 86 18.75 15.80 31.64
C LYS K 86 17.35 15.38 32.05
N GLY K 87 17.01 15.64 33.32
CA GLY K 87 15.67 15.38 33.79
C GLY K 87 15.47 13.96 34.30
N GLY K 88 14.22 13.54 34.29
CA GLY K 88 13.84 12.25 34.83
C GLY K 88 14.32 11.06 34.00
N GLY K 89 14.27 9.90 34.63
CA GLY K 89 14.70 8.67 33.98
C GLY K 89 16.22 8.55 33.92
N ALA K 90 16.75 8.36 32.71
CA ALA K 90 18.12 7.89 32.51
C ALA K 90 18.42 7.76 31.02
N ALA K 91 19.69 7.96 30.66
CA ALA K 91 20.06 8.12 29.26
C ALA K 91 19.65 6.91 28.43
N HIS K 92 19.86 5.69 28.94
CA HIS K 92 19.63 4.53 28.08
C HIS K 92 18.14 4.31 27.81
N VAL K 93 17.30 4.53 28.82
CA VAL K 93 15.86 4.39 28.63
C VAL K 93 15.32 5.48 27.72
N ALA K 94 15.72 6.73 27.96
CA ALA K 94 15.22 7.83 27.16
C ALA K 94 15.65 7.70 25.70
N LEU K 95 16.93 7.41 25.47
CA LEU K 95 17.41 7.26 24.10
C LEU K 95 16.83 5.99 23.45
N GLY K 96 16.72 4.91 24.23
CA GLY K 96 16.19 3.67 23.68
C GLY K 96 14.74 3.78 23.26
N ALA K 97 13.92 4.50 24.03
CA ALA K 97 12.53 4.67 23.66
C ALA K 97 12.37 5.63 22.49
N TRP K 98 13.25 6.61 22.38
CA TRP K 98 13.17 7.61 21.32
C TRP K 98 13.50 7.02 19.96
N ALA K 99 14.34 5.99 19.91
CA ALA K 99 14.90 5.55 18.64
C ALA K 99 13.86 4.81 17.81
N ASP K 100 13.74 5.20 16.54
CA ASP K 100 12.99 4.39 15.57
C ASP K 100 13.90 3.41 14.85
N VAL K 101 15.15 3.80 14.61
CA VAL K 101 16.20 2.94 14.07
C VAL K 101 17.46 3.15 14.90
N LEU K 102 18.19 2.06 15.17
CA LEU K 102 19.45 2.11 15.89
C LEU K 102 20.56 1.61 14.96
N VAL K 103 21.58 2.45 14.76
CA VAL K 103 22.74 2.11 13.95
C VAL K 103 23.99 2.26 14.80
N ILE K 104 24.81 1.20 14.83
CA ILE K 104 26.12 1.25 15.48
C ILE K 104 27.17 1.31 14.37
N LEU K 105 27.81 2.46 14.21
CA LEU K 105 28.69 2.63 13.07
C LEU K 105 29.74 3.70 13.37
N PRO K 106 31.03 3.33 13.41
CA PRO K 106 31.49 1.94 13.34
C PRO K 106 31.33 1.25 14.68
N ALA K 107 31.15 -0.07 14.68
CA ALA K 107 31.19 -0.87 15.89
C ALA K 107 32.58 -1.49 16.02
N THR K 108 33.06 -1.60 17.26
CA THR K 108 34.30 -2.28 17.52
C THR K 108 34.04 -3.76 17.73
N ALA K 109 35.11 -4.56 17.65
CA ALA K 109 35.01 -5.93 18.12
C ALA K 109 34.53 -5.95 19.57
N ASN K 110 35.06 -5.04 20.39
CA ASN K 110 34.62 -4.90 21.77
C ASN K 110 33.10 -4.75 21.84
N PHE K 111 32.53 -3.89 20.99
CA PHE K 111 31.08 -3.71 21.00
C PHE K 111 30.37 -5.02 20.70
N LEU K 112 30.85 -5.75 19.68
CA LEU K 112 30.20 -7.02 19.32
C LEU K 112 30.15 -7.96 20.51
N ALA K 113 31.24 -8.06 21.26
CA ALA K 113 31.27 -8.92 22.44
C ALA K 113 30.28 -8.46 23.49
N LYS K 114 30.24 -7.15 23.79
CA LYS K 114 29.32 -6.68 24.82
C LYS K 114 27.88 -6.84 24.38
N ALA K 115 27.56 -6.49 23.14
CA ALA K 115 26.19 -6.64 22.67
C ALA K 115 25.77 -8.10 22.63
N ALA K 116 26.67 -8.99 22.22
CA ALA K 116 26.30 -10.40 22.11
C ALA K 116 26.00 -11.01 23.48
N HIS K 117 26.59 -10.48 24.55
CA HIS K 117 26.45 -11.09 25.86
C HIS K 117 25.61 -10.27 26.84
N GLY K 118 24.96 -9.21 26.37
CA GLY K 118 24.14 -8.41 27.26
C GLY K 118 24.91 -7.62 28.28
N ILE K 119 26.19 -7.34 28.04
CA ILE K 119 26.91 -6.44 28.92
C ILE K 119 26.41 -5.03 28.69
N ALA K 120 26.25 -4.27 29.78
CA ALA K 120 25.72 -2.91 29.69
C ALA K 120 26.51 -2.01 30.65
N ASP K 121 27.81 -1.83 30.37
CA ASP K 121 28.68 -1.13 31.31
C ASP K 121 29.04 0.27 30.85
N ASP K 122 28.34 0.80 29.87
CA ASP K 122 28.39 2.23 29.54
C ASP K 122 27.04 2.58 28.93
N VAL K 123 26.88 3.87 28.58
CA VAL K 123 25.58 4.34 28.08
C VAL K 123 25.20 3.59 26.81
N LEU K 124 26.13 3.45 25.87
CA LEU K 124 25.82 2.84 24.58
C LEU K 124 25.30 1.41 24.74
N THR K 125 26.03 0.56 25.46
CA THR K 125 25.61 -0.83 25.53
C THR K 125 24.37 -1.02 26.39
N ALA K 126 24.14 -0.12 27.35
CA ALA K 126 22.86 -0.15 28.07
C ALA K 126 21.72 0.28 27.17
N THR K 127 21.97 1.25 26.29
CA THR K 127 20.95 1.70 25.34
C THR K 127 20.55 0.57 24.40
N VAL K 128 21.51 -0.28 24.02
CA VAL K 128 21.20 -1.45 23.20
C VAL K 128 20.13 -2.30 23.87
N LEU K 129 20.26 -2.52 25.18
CA LEU K 129 19.26 -3.32 25.90
C LEU K 129 17.90 -2.65 25.96
N ALA K 130 17.87 -1.32 26.02
CA ALA K 130 16.61 -0.60 26.15
C ALA K 130 15.94 -0.32 24.82
N ALA K 131 16.68 -0.38 23.70
CA ALA K 131 16.11 -0.08 22.40
C ALA K 131 15.30 -1.27 21.89
N GLU K 132 14.18 -0.98 21.22
CA GLU K 132 13.32 -2.00 20.61
C GLU K 132 12.98 -1.51 19.21
N CYS K 133 13.93 -1.64 18.30
CA CYS K 133 13.77 -1.09 16.96
C CYS K 133 14.74 -1.80 16.04
N PRO K 134 14.57 -1.69 14.72
CA PRO K 134 15.57 -2.24 13.81
C PRO K 134 16.95 -1.69 14.13
N THR K 135 17.93 -2.59 14.21
CA THR K 135 19.29 -2.21 14.58
C THR K 135 20.25 -2.77 13.56
N VAL K 136 21.11 -1.90 13.03
CA VAL K 136 22.14 -2.26 12.08
C VAL K 136 23.50 -2.02 12.73
N ILE K 137 24.37 -3.01 12.68
CA ILE K 137 25.70 -2.95 13.27
C ILE K 137 26.73 -3.08 12.16
N ALA K 138 27.65 -2.11 12.09
CA ALA K 138 28.70 -2.09 11.07
C ALA K 138 30.07 -2.17 11.73
N PRO K 139 30.55 -3.37 12.03
CA PRO K 139 31.86 -3.48 12.69
C PRO K 139 33.02 -3.21 11.75
N VAL K 140 34.10 -2.68 12.31
CA VAL K 140 35.35 -2.44 11.61
C VAL K 140 36.49 -2.91 12.49
N MET K 141 37.46 -3.60 11.89
CA MET K 141 38.65 -4.12 12.56
C MET K 141 39.54 -4.72 11.48
N ASN K 142 40.79 -5.04 11.84
CA ASN K 142 41.68 -5.60 10.83
C ASN K 142 41.35 -7.07 10.60
N ALA K 143 42.06 -7.68 9.64
CA ALA K 143 41.72 -9.04 9.22
C ALA K 143 42.00 -10.04 10.33
N ALA K 144 43.08 -9.83 11.09
CA ALA K 144 43.41 -10.73 12.19
C ALA K 144 42.31 -10.76 13.25
N MET K 145 41.78 -9.58 13.61
CA MET K 145 40.74 -9.53 14.64
C MET K 145 39.44 -10.14 14.13
N TRP K 146 39.05 -9.80 12.89
CA TRP K 146 37.82 -10.36 12.32
C TRP K 146 37.87 -11.89 12.23
N SER K 147 39.07 -12.46 12.07
CA SER K 147 39.19 -13.91 11.91
C SER K 147 39.20 -14.68 13.22
N LYS K 148 39.23 -13.99 14.36
CA LYS K 148 39.27 -14.68 15.64
C LYS K 148 37.96 -15.44 15.91
N PRO K 149 38.05 -16.65 16.46
CA PRO K 149 36.82 -17.42 16.75
C PRO K 149 35.85 -16.72 17.68
N ALA K 150 36.36 -16.06 18.74
CA ALA K 150 35.48 -15.36 19.67
C ALA K 150 34.70 -14.26 18.97
N VAL K 151 35.36 -13.51 18.09
CA VAL K 151 34.69 -12.45 17.36
C VAL K 151 33.59 -13.02 16.47
N GLN K 152 33.90 -14.11 15.75
CA GLN K 152 32.90 -14.68 14.86
C GLN K 152 31.75 -15.32 15.63
N ARG K 153 32.02 -15.88 16.81
CA ARG K 153 30.92 -16.32 17.66
C ARG K 153 30.00 -15.16 18.01
N ASN K 154 30.58 -13.98 18.27
CA ASN K 154 29.77 -12.82 18.63
C ASN K 154 28.94 -12.34 17.44
N VAL K 155 29.54 -12.33 16.25
CA VAL K 155 28.81 -11.99 15.03
C VAL K 155 27.63 -12.93 14.83
N ASP K 156 27.86 -14.24 14.95
CA ASP K 156 26.77 -15.21 14.75
C ASP K 156 25.67 -14.99 15.76
N GLN K 157 26.05 -14.81 17.03
CA GLN K 157 25.05 -14.66 18.09
C GLN K 157 24.15 -13.45 17.85
N LEU K 158 24.72 -12.34 17.40
CA LEU K 158 23.92 -11.14 17.16
C LEU K 158 22.96 -11.35 15.99
N ARG K 159 23.40 -12.05 14.95
CA ARG K 159 22.49 -12.34 13.84
C ARG K 159 21.32 -13.20 14.30
N GLU K 160 21.60 -14.22 15.12
CA GLU K 160 20.51 -15.03 15.68
C GLU K 160 19.59 -14.20 16.58
N ASP K 161 20.12 -13.16 17.21
CA ASP K 161 19.29 -12.32 18.07
C ASP K 161 18.49 -11.28 17.28
N GLY K 162 18.67 -11.22 15.97
CA GLY K 162 17.93 -10.33 15.10
C GLY K 162 18.64 -9.08 14.65
N TYR K 163 19.93 -8.93 14.95
CA TYR K 163 20.66 -7.74 14.54
C TYR K 163 21.20 -7.93 13.13
N ARG K 164 21.17 -6.85 12.35
CA ARG K 164 21.72 -6.82 11.00
C ARG K 164 23.18 -6.42 11.06
N ILE K 165 24.08 -7.32 10.65
CA ILE K 165 25.51 -7.08 10.66
C ILE K 165 25.97 -6.75 9.25
N VAL K 166 26.63 -5.62 9.08
CA VAL K 166 27.26 -5.25 7.81
C VAL K 166 28.75 -5.56 7.95
N GLU K 167 29.20 -6.64 7.32
CA GLU K 167 30.58 -7.07 7.49
C GLU K 167 31.55 -6.06 6.88
N PRO K 168 32.72 -5.91 7.48
CA PRO K 168 33.69 -4.93 6.96
C PRO K 168 34.34 -5.35 5.65
N LYS K 169 34.96 -4.38 4.99
CA LYS K 169 35.84 -4.62 3.86
C LYS K 169 37.29 -4.58 4.35
N GLU K 170 38.23 -4.79 3.43
CA GLU K 170 39.66 -4.88 3.76
C GLU K 170 40.40 -3.79 2.96
N GLY K 171 40.29 -2.55 3.42
CA GLY K 171 40.86 -1.43 2.69
C GLY K 171 42.22 -0.98 3.19
N ILE K 172 43.28 -1.59 2.69
CA ILE K 172 44.64 -1.25 3.10
C ILE K 172 45.03 0.14 2.59
N PRO K 181 44.07 -3.21 8.66
CA PRO K 181 43.32 -1.95 8.78
C PRO K 181 42.03 -1.97 7.98
N GLY K 182 40.93 -2.36 8.64
CA GLY K 182 39.67 -2.55 7.98
C GLY K 182 38.99 -1.26 7.55
N SER K 183 37.89 -1.42 6.82
CA SER K 183 37.07 -0.29 6.43
C SER K 183 35.60 -0.73 6.47
N LEU K 184 34.72 0.26 6.49
CA LEU K 184 33.30 0.02 6.62
C LEU K 184 32.78 -0.81 5.45
N GLY K 185 31.87 -1.74 5.74
CA GLY K 185 31.22 -2.49 4.69
C GLY K 185 30.18 -1.68 3.94
N ASP K 186 29.27 -2.34 3.22
CA ASP K 186 28.25 -1.63 2.43
C ASP K 186 27.02 -1.43 3.30
N PHE K 187 27.08 -0.38 4.11
CA PHE K 187 26.04 -0.11 5.09
C PHE K 187 24.88 0.68 4.51
N GLN K 188 25.11 1.40 3.40
CA GLN K 188 24.10 2.32 2.87
C GLN K 188 22.80 1.59 2.59
N SER K 189 22.89 0.41 1.98
CA SER K 189 21.69 -0.36 1.66
C SER K 189 20.99 -0.84 2.93
N ALA K 190 21.75 -1.35 3.90
CA ALA K 190 21.14 -1.85 5.12
C ALA K 190 20.50 -0.73 5.92
N ILE K 191 21.15 0.43 6.01
CA ILE K 191 20.61 1.53 6.78
C ILE K 191 19.35 2.08 6.12
N SER K 192 19.39 2.29 4.81
CA SER K 192 18.20 2.75 4.09
C SER K 192 17.03 1.81 4.32
N THR K 193 17.27 0.51 4.24
CA THR K 193 16.22 -0.47 4.49
C THR K 193 15.62 -0.30 5.88
N ALA K 194 16.47 -0.11 6.90
CA ALA K 194 15.98 0.06 8.27
C ALA K 194 15.17 1.34 8.42
N LEU K 195 15.66 2.43 7.83
CA LEU K 195 14.93 3.69 7.89
C LEU K 195 13.59 3.59 7.18
N ILE K 196 13.56 2.89 6.03
CA ILE K 196 12.32 2.77 5.28
C ILE K 196 11.32 1.91 6.03
N GLN K 197 11.77 0.78 6.58
CA GLN K 197 10.90 -0.06 7.40
C GLN K 197 10.34 0.71 8.60
N ALA K 198 11.16 1.57 9.21
CA ALA K 198 10.67 2.36 10.34
C ALA K 198 9.64 3.37 9.87
N ALA K 199 9.86 3.97 8.70
CA ALA K 199 8.87 4.89 8.16
C ALA K 199 7.53 4.18 7.95
N ALA K 200 7.56 2.91 7.58
CA ALA K 200 6.35 2.09 7.45
C ALA K 200 5.82 1.62 8.80
N ALA L 18 68.64 -19.63 18.26
CA ALA L 18 67.74 -18.86 17.42
C ALA L 18 66.62 -18.23 18.25
N LEU L 19 66.57 -18.58 19.54
CA LEU L 19 65.58 -18.01 20.44
C LEU L 19 65.82 -16.54 20.72
N ALA L 20 66.97 -16.00 20.34
CA ALA L 20 67.30 -14.61 20.65
C ALA L 20 66.58 -13.62 19.75
N GLN L 21 66.05 -14.07 18.61
CA GLN L 21 65.32 -13.21 17.68
C GLN L 21 63.80 -13.37 17.78
N VAL L 22 63.31 -14.22 18.68
CA VAL L 22 61.89 -14.35 18.90
C VAL L 22 61.38 -13.15 19.69
N ARG L 23 60.35 -12.48 19.17
CA ARG L 23 59.77 -11.30 19.81
C ARG L 23 58.67 -11.74 20.77
N LEU L 24 58.91 -11.57 22.07
CA LEU L 24 58.00 -12.03 23.11
C LEU L 24 57.18 -10.85 23.62
N LEU L 25 55.86 -10.94 23.47
CA LEU L 25 54.92 -9.98 24.06
C LEU L 25 54.35 -10.59 25.34
N TRP L 26 54.42 -9.84 26.43
CA TRP L 26 54.12 -10.34 27.77
C TRP L 26 53.06 -9.46 28.42
N GLY L 27 51.86 -10.00 28.60
CA GLY L 27 50.78 -9.30 29.28
C GLY L 27 50.73 -9.62 30.77
N VAL L 28 50.47 -8.59 31.58
CA VAL L 28 50.49 -8.69 33.04
C VAL L 28 49.17 -8.18 33.59
N CYS L 29 48.47 -9.02 34.36
CA CYS L 29 47.19 -8.65 34.94
C CYS L 29 47.33 -8.41 36.44
N GLY L 30 46.25 -7.87 37.02
CA GLY L 30 46.24 -7.48 38.41
C GLY L 30 46.06 -8.63 39.38
N SER L 31 47.10 -9.47 39.50
CA SER L 31 47.13 -10.61 40.41
C SER L 31 48.24 -10.45 41.44
N PHE L 32 48.05 -11.08 42.62
CA PHE L 32 49.10 -11.19 43.62
C PHE L 32 50.42 -11.61 42.98
N SER L 33 50.34 -12.50 42.00
CA SER L 33 51.52 -13.03 41.36
C SER L 33 52.20 -12.05 40.42
N ALA L 34 51.72 -10.81 40.33
CA ALA L 34 52.45 -9.82 39.55
C ALA L 34 53.81 -9.52 40.17
N VAL L 35 54.01 -9.83 41.45
CA VAL L 35 55.31 -9.65 42.08
C VAL L 35 56.38 -10.57 41.49
N ALA L 36 55.98 -11.63 40.80
CA ALA L 36 56.94 -12.54 40.19
C ALA L 36 57.48 -12.03 38.87
N VAL L 37 56.99 -10.89 38.38
CA VAL L 37 57.40 -10.42 37.06
C VAL L 37 58.91 -10.21 36.96
N PRO L 38 59.58 -9.54 37.91
CA PRO L 38 61.05 -9.42 37.79
C PRO L 38 61.74 -10.77 37.77
N HIS L 39 61.34 -11.69 38.65
CA HIS L 39 61.91 -13.03 38.65
C HIS L 39 61.70 -13.72 37.31
N VAL L 40 60.48 -13.65 36.78
CA VAL L 40 60.20 -14.30 35.49
C VAL L 40 61.02 -13.66 34.38
N ASN L 41 61.21 -12.34 34.45
CA ASN L 41 61.99 -11.64 33.44
C ASN L 41 63.45 -12.10 33.45
N ALA L 42 64.03 -12.29 34.63
CA ALA L 42 65.39 -12.79 34.72
C ALA L 42 65.49 -14.20 34.15
N TRP L 43 64.48 -15.04 34.42
CA TRP L 43 64.46 -16.37 33.84
C TRP L 43 64.40 -16.32 32.32
N LEU L 44 63.56 -15.44 31.77
CA LEU L 44 63.40 -15.35 30.32
C LEU L 44 64.69 -14.93 29.63
N ARG L 45 65.43 -13.98 30.21
CA ARG L 45 66.64 -13.50 29.56
C ARG L 45 67.86 -14.35 29.89
N GLY L 46 68.10 -14.64 31.17
CA GLY L 46 69.34 -15.26 31.58
C GLY L 46 69.39 -16.76 31.42
N THR L 47 68.24 -17.42 31.31
CA THR L 47 68.18 -18.86 31.18
C THR L 47 67.63 -19.31 29.84
N VAL L 48 66.52 -18.72 29.39
CA VAL L 48 65.97 -19.12 28.10
C VAL L 48 66.68 -18.41 26.95
N GLY L 49 67.17 -17.19 27.18
CA GLY L 49 67.86 -16.46 26.14
C GLY L 49 67.01 -15.56 25.27
N VAL L 50 65.79 -15.22 25.70
CA VAL L 50 64.97 -14.28 24.94
C VAL L 50 65.56 -12.88 25.08
N GLN L 51 65.61 -12.13 23.98
CA GLN L 51 66.23 -10.81 24.02
C GLN L 51 65.25 -9.66 23.91
N GLU L 52 64.25 -9.73 23.02
CA GLU L 52 63.29 -8.64 22.86
C GLU L 52 61.97 -9.01 23.53
N ILE L 53 61.70 -8.35 24.65
CA ILE L 53 60.53 -8.57 25.48
C ILE L 53 59.82 -7.23 25.69
N ARG L 54 58.56 -7.16 25.29
CA ARG L 54 57.72 -5.99 25.55
C ARG L 54 56.54 -6.38 26.42
N THR L 55 56.23 -5.51 27.39
CA THR L 55 55.20 -5.78 28.37
C THR L 55 53.99 -4.88 28.18
N VAL L 56 52.82 -5.45 28.46
CA VAL L 56 51.55 -4.73 28.53
C VAL L 56 50.97 -5.01 29.90
N MET L 57 50.68 -3.96 30.67
CA MET L 57 50.04 -4.10 31.98
C MET L 57 48.61 -3.59 31.91
N THR L 58 47.69 -4.34 32.53
CA THR L 58 46.36 -3.82 32.76
C THR L 58 46.40 -2.66 33.75
N ALA L 59 45.34 -1.86 33.77
CA ALA L 59 45.28 -0.75 34.71
C ALA L 59 45.42 -1.23 36.14
N GLN L 60 44.81 -2.37 36.46
CA GLN L 60 44.91 -2.90 37.80
C GLN L 60 46.32 -3.40 38.12
N ALA L 61 46.95 -4.09 37.16
CA ALA L 61 48.34 -4.51 37.33
C ALA L 61 49.24 -3.31 37.58
N ARG L 62 49.06 -2.24 36.79
CA ARG L 62 49.85 -1.02 36.96
C ARG L 62 49.64 -0.44 38.35
N ALA L 63 48.39 -0.47 38.84
CA ALA L 63 48.07 0.10 40.15
C ALA L 63 48.72 -0.68 41.29
N LEU L 64 48.96 -1.97 41.11
CA LEU L 64 49.56 -2.79 42.15
C LEU L 64 51.08 -2.77 42.12
N MET L 65 51.68 -3.01 40.94
CA MET L 65 53.13 -3.18 40.83
C MET L 65 53.90 -1.89 40.57
N GLY L 66 53.30 -0.89 39.94
CA GLY L 66 54.03 0.30 39.56
C GLY L 66 54.90 0.06 38.34
N PRO L 67 54.65 0.82 37.28
CA PRO L 67 55.35 0.56 36.02
C PRO L 67 56.79 1.06 35.96
N ARG L 68 57.21 1.93 36.88
CA ARG L 68 58.54 2.54 36.75
C ARG L 68 59.65 1.53 37.04
N MET L 69 59.41 0.63 37.99
CA MET L 69 60.41 -0.36 38.30
C MET L 69 60.44 -1.46 37.25
N ILE L 70 59.26 -1.86 36.77
CA ILE L 70 59.21 -2.82 35.66
C ILE L 70 59.99 -2.28 34.48
N GLU L 71 59.82 -1.01 34.17
CA GLU L 71 60.58 -0.40 33.07
C GLU L 71 62.07 -0.47 33.34
N ALA L 72 62.48 -0.17 34.57
CA ALA L 72 63.91 -0.11 34.87
C ALA L 72 64.56 -1.48 34.79
N VAL L 73 63.83 -2.55 35.12
CA VAL L 73 64.43 -3.88 35.14
C VAL L 73 64.20 -4.66 33.84
N THR L 74 63.23 -4.26 33.03
CA THR L 74 63.00 -4.94 31.76
C THR L 74 63.54 -4.18 30.56
N GLY L 75 63.86 -2.90 30.72
CA GLY L 75 64.40 -2.11 29.64
C GLY L 75 63.38 -1.45 28.75
N HIS L 76 62.09 -1.67 29.00
CA HIS L 76 61.03 -1.03 28.23
C HIS L 76 59.90 -0.62 29.15
N ALA L 77 59.35 0.56 28.91
CA ALA L 77 58.17 0.99 29.63
C ALA L 77 57.00 0.07 29.28
N PRO L 78 56.28 -0.46 30.26
CA PRO L 78 55.06 -1.22 29.94
C PRO L 78 54.02 -0.31 29.31
N VAL L 79 53.27 -0.85 28.36
CA VAL L 79 52.15 -0.15 27.74
C VAL L 79 50.90 -0.47 28.52
N THR L 80 50.17 0.56 28.95
CA THR L 80 48.87 0.41 29.59
C THR L 80 47.77 1.21 28.90
N ASP L 81 48.02 2.47 28.61
CA ASP L 81 47.05 3.30 27.94
C ASP L 81 47.37 3.37 26.45
N TRP L 82 46.34 3.62 25.65
CA TRP L 82 46.54 3.78 24.20
C TRP L 82 47.60 4.82 23.90
N GLU L 83 47.70 5.85 24.74
CA GLU L 83 48.69 6.92 24.55
C GLU L 83 50.11 6.42 24.63
N ASP L 84 50.35 5.24 25.22
CA ASP L 84 51.70 4.75 25.37
C ASP L 84 52.28 4.27 24.05
N HIS L 85 51.45 4.05 23.04
CA HIS L 85 51.92 3.73 21.70
C HIS L 85 52.17 5.03 20.93
N LYS L 86 53.30 5.10 20.24
CA LYS L 86 53.71 6.31 19.53
C LYS L 86 53.58 6.12 18.02
N GLY L 87 53.14 7.18 17.35
CA GLY L 87 53.06 7.19 15.90
C GLY L 87 51.77 6.62 15.37
N GLY L 88 51.85 6.17 14.12
CA GLY L 88 50.70 5.66 13.40
C GLY L 88 50.20 4.34 13.96
N GLY L 89 48.99 3.99 13.52
CA GLY L 89 48.31 2.79 13.95
C GLY L 89 47.68 2.95 15.32
N ALA L 90 48.06 2.06 16.24
CA ALA L 90 47.35 1.88 17.49
C ALA L 90 48.03 0.76 18.26
N ALA L 91 47.99 0.84 19.60
CA ALA L 91 48.83 -0.03 20.40
C ALA L 91 48.56 -1.50 20.12
N HIS L 92 47.28 -1.87 19.99
CA HIS L 92 46.97 -3.30 19.88
C HIS L 92 47.41 -3.87 18.54
N VAL L 93 47.26 -3.10 17.46
CA VAL L 93 47.70 -3.56 16.15
C VAL L 93 49.22 -3.64 16.08
N ALA L 94 49.91 -2.61 16.55
CA ALA L 94 51.37 -2.59 16.49
C ALA L 94 51.97 -3.71 17.34
N LEU L 95 51.49 -3.85 18.59
CA LEU L 95 52.02 -4.91 19.45
C LEU L 95 51.60 -6.29 18.96
N GLY L 96 50.36 -6.42 18.48
CA GLY L 96 49.89 -7.72 18.03
C GLY L 96 50.67 -8.23 16.83
N ALA L 97 51.00 -7.34 15.90
CA ALA L 97 51.78 -7.76 14.72
C ALA L 97 53.24 -8.02 15.09
N TRP L 98 53.77 -7.32 16.08
CA TRP L 98 55.16 -7.47 16.48
C TRP L 98 55.41 -8.82 17.15
N ALA L 99 54.40 -9.37 17.81
CA ALA L 99 54.60 -10.51 18.69
C ALA L 99 54.86 -11.78 17.89
N ASP L 100 55.92 -12.50 18.25
CA ASP L 100 56.10 -13.87 17.78
C ASP L 100 55.52 -14.88 18.74
N VAL L 101 55.57 -14.59 20.04
CA VAL L 101 54.91 -15.36 21.08
C VAL L 101 54.24 -14.38 22.03
N LEU L 102 53.04 -14.74 22.50
CA LEU L 102 52.30 -13.94 23.46
C LEU L 102 52.11 -14.72 24.75
N VAL L 103 52.51 -14.12 25.86
CA VAL L 103 52.34 -14.73 27.17
C VAL L 103 51.55 -13.77 28.06
N ILE L 104 50.48 -14.29 28.68
CA ILE L 104 49.75 -13.56 29.70
C ILE L 104 50.10 -14.18 31.04
N LEU L 105 50.88 -13.47 31.84
CA LEU L 105 51.42 -14.03 33.07
C LEU L 105 51.75 -12.90 34.04
N PRO L 106 51.08 -12.85 35.19
CA PRO L 106 49.93 -13.71 35.51
C PRO L 106 48.65 -13.25 34.82
N ALA L 107 47.74 -14.17 34.54
CA ALA L 107 46.42 -13.81 34.07
C ALA L 107 45.44 -13.86 35.22
N THR L 108 44.48 -12.93 35.22
CA THR L 108 43.41 -12.94 36.20
C THR L 108 42.26 -13.80 35.69
N ALA L 109 41.40 -14.20 36.62
CA ALA L 109 40.12 -14.77 36.22
C ALA L 109 39.37 -13.82 35.29
N ASN L 110 39.39 -12.52 35.62
CA ASN L 110 38.81 -11.49 34.77
C ASN L 110 39.33 -11.60 33.34
N PHE L 111 40.65 -11.76 33.18
CA PHE L 111 41.22 -11.87 31.85
C PHE L 111 40.68 -13.08 31.10
N LEU L 112 40.58 -14.22 31.78
CA LEU L 112 40.05 -15.42 31.13
C LEU L 112 38.67 -15.16 30.54
N ALA L 113 37.82 -14.47 31.30
CA ALA L 113 36.47 -14.16 30.83
C ALA L 113 36.50 -13.26 29.60
N LYS L 114 37.34 -12.22 29.61
CA LYS L 114 37.37 -11.31 28.47
C LYS L 114 37.94 -11.99 27.23
N ALA L 115 39.04 -12.76 27.39
CA ALA L 115 39.62 -13.44 26.24
C ALA L 115 38.68 -14.49 25.66
N ALA L 116 37.95 -15.20 26.52
CA ALA L 116 37.07 -16.25 26.04
C ALA L 116 35.93 -15.70 25.20
N HIS L 117 35.52 -14.46 25.46
CA HIS L 117 34.36 -13.90 24.78
C HIS L 117 34.72 -12.81 23.80
N GLY L 118 36.01 -12.59 23.56
CA GLY L 118 36.39 -11.58 22.60
C GLY L 118 36.09 -10.16 23.04
N ILE L 119 36.03 -9.92 24.34
CA ILE L 119 35.96 -8.55 24.87
C ILE L 119 37.32 -7.89 24.69
N ALA L 120 37.32 -6.61 24.28
CA ALA L 120 38.52 -5.84 23.99
C ALA L 120 38.35 -4.40 24.52
N ASP L 121 38.27 -4.25 25.85
CA ASP L 121 37.99 -2.97 26.48
C ASP L 121 39.21 -2.35 27.14
N ASP L 122 40.40 -2.87 26.86
CA ASP L 122 41.65 -2.18 27.18
C ASP L 122 42.69 -2.65 26.18
N VAL L 123 43.91 -2.10 26.32
CA VAL L 123 44.97 -2.43 25.36
C VAL L 123 45.27 -3.93 25.37
N LEU L 124 45.38 -4.53 26.56
CA LEU L 124 45.77 -5.94 26.62
C LEU L 124 44.80 -6.83 25.87
N THR L 125 43.49 -6.74 26.19
CA THR L 125 42.55 -7.66 25.57
C THR L 125 42.29 -7.32 24.10
N ALA L 126 42.49 -6.07 23.70
CA ALA L 126 42.42 -5.75 22.28
C ALA L 126 43.62 -6.31 21.53
N THR L 127 44.79 -6.29 22.16
CA THR L 127 45.98 -6.87 21.55
C THR L 127 45.80 -8.36 21.34
N VAL L 128 45.11 -9.03 22.27
CA VAL L 128 44.82 -10.45 22.11
C VAL L 128 44.06 -10.70 20.82
N LEU L 129 43.07 -9.86 20.50
CA LEU L 129 42.33 -10.04 19.25
C LEU L 129 43.22 -9.81 18.05
N ALA L 130 44.20 -8.92 18.17
CA ALA L 130 45.06 -8.55 17.06
C ALA L 130 46.26 -9.47 16.89
N ALA L 131 46.63 -10.24 17.90
CA ALA L 131 47.79 -11.12 17.81
C ALA L 131 47.45 -12.38 17.03
N GLU L 132 48.41 -12.85 16.24
CA GLU L 132 48.28 -14.10 15.48
C GLU L 132 49.57 -14.88 15.68
N CYS L 133 49.70 -15.49 16.85
CA CYS L 133 50.92 -16.19 17.22
C CYS L 133 50.60 -17.17 18.34
N PRO L 134 51.47 -18.17 18.59
CA PRO L 134 51.27 -19.04 19.74
C PRO L 134 51.15 -18.24 21.03
N THR L 135 50.18 -18.60 21.86
CA THR L 135 49.88 -17.83 23.06
C THR L 135 49.77 -18.73 24.27
N VAL L 136 50.44 -18.35 25.36
CA VAL L 136 50.37 -19.05 26.64
C VAL L 136 49.72 -18.13 27.66
N ILE L 137 48.72 -18.68 28.36
CA ILE L 137 47.98 -17.97 29.41
C ILE L 137 48.19 -18.72 30.71
N ALA L 138 48.66 -18.01 31.75
CA ALA L 138 48.94 -18.59 33.05
C ALA L 138 48.08 -17.93 34.12
N PRO L 139 46.84 -18.39 34.29
CA PRO L 139 45.95 -17.76 35.28
C PRO L 139 46.38 -18.07 36.71
N VAL L 140 46.11 -17.12 37.59
CA VAL L 140 46.32 -17.26 39.03
C VAL L 140 45.08 -16.74 39.75
N MET L 141 44.62 -17.48 40.75
CA MET L 141 43.47 -17.11 41.57
C MET L 141 43.37 -18.15 42.67
N ASN L 142 42.55 -17.87 43.69
CA ASN L 142 42.43 -18.84 44.77
C ASN L 142 41.53 -20.00 44.33
N ALA L 143 41.39 -21.00 45.21
CA ALA L 143 40.72 -22.24 44.83
C ALA L 143 39.21 -22.03 44.66
N ALA L 144 38.61 -21.17 45.48
CA ALA L 144 37.19 -20.88 45.32
C ALA L 144 36.90 -20.29 43.94
N MET L 145 37.76 -19.37 43.48
CA MET L 145 37.54 -18.73 42.18
C MET L 145 37.77 -19.72 41.04
N TRP L 146 38.86 -20.50 41.13
CA TRP L 146 39.19 -21.46 40.07
C TRP L 146 38.09 -22.50 39.90
N SER L 147 37.33 -22.79 40.95
CA SER L 147 36.31 -23.83 40.88
C SER L 147 34.98 -23.33 40.31
N LYS L 148 34.84 -22.04 40.06
CA LYS L 148 33.56 -21.53 39.57
C LYS L 148 33.26 -22.09 38.18
N PRO L 149 32.01 -22.51 37.94
CA PRO L 149 31.64 -23.00 36.61
C PRO L 149 31.92 -21.98 35.51
N ALA L 150 31.65 -20.69 35.76
CA ALA L 150 31.91 -19.67 34.76
C ALA L 150 33.39 -19.62 34.41
N VAL L 151 34.27 -19.69 35.41
CA VAL L 151 35.71 -19.68 35.14
C VAL L 151 36.12 -20.89 34.32
N GLN L 152 35.61 -22.08 34.66
CA GLN L 152 36.01 -23.28 33.94
C GLN L 152 35.46 -23.29 32.52
N ARG L 153 34.27 -22.72 32.30
CA ARG L 153 33.78 -22.54 30.93
C ARG L 153 34.73 -21.68 30.12
N ASN L 154 35.28 -20.63 30.73
CA ASN L 154 36.21 -19.76 30.02
C ASN L 154 37.53 -20.48 29.74
N VAL L 155 38.03 -21.24 30.69
CA VAL L 155 39.22 -22.07 30.45
C VAL L 155 38.99 -23.00 29.27
N ASP L 156 37.89 -23.75 29.29
CA ASP L 156 37.62 -24.71 28.23
C ASP L 156 37.49 -24.01 26.88
N GLN L 157 36.78 -22.88 26.84
CA GLN L 157 36.60 -22.17 25.57
C GLN L 157 37.92 -21.70 25.00
N LEU L 158 38.83 -21.23 25.87
CA LEU L 158 40.13 -20.75 25.40
C LEU L 158 40.97 -21.90 24.85
N ARG L 159 40.91 -23.06 25.49
CA ARG L 159 41.62 -24.23 24.95
C ARG L 159 41.05 -24.62 23.58
N GLU L 160 39.72 -24.62 23.46
CA GLU L 160 39.10 -24.92 22.17
C GLU L 160 39.50 -23.92 21.09
N ASP L 161 39.76 -22.66 21.47
CA ASP L 161 40.20 -21.65 20.53
C ASP L 161 41.69 -21.70 20.25
N GLY L 162 42.43 -22.61 20.87
CA GLY L 162 43.83 -22.78 20.58
C GLY L 162 44.79 -22.15 21.57
N TYR L 163 44.31 -21.67 22.70
CA TYR L 163 45.16 -21.06 23.70
C TYR L 163 45.71 -22.13 24.64
N ARG L 164 46.96 -21.97 25.04
CA ARG L 164 47.61 -22.84 26.01
C ARG L 164 47.37 -22.29 27.41
N ILE L 165 46.68 -23.05 28.25
CA ILE L 165 46.37 -22.65 29.61
C ILE L 165 47.31 -23.38 30.56
N VAL L 166 48.01 -22.63 31.39
CA VAL L 166 48.83 -23.17 32.47
C VAL L 166 48.04 -23.02 33.77
N GLU L 167 47.51 -24.13 34.27
CA GLU L 167 46.65 -24.09 35.45
C GLU L 167 47.44 -23.68 36.69
N PRO L 168 46.79 -22.98 37.62
CA PRO L 168 47.50 -22.52 38.82
C PRO L 168 47.79 -23.66 39.77
N LYS L 169 48.69 -23.38 40.71
CA LYS L 169 48.93 -24.23 41.86
C LYS L 169 48.22 -23.65 43.09
N GLU L 170 48.41 -24.33 44.22
CA GLU L 170 47.77 -24.02 45.51
C GLU L 170 48.86 -23.71 46.53
N GLY L 171 49.44 -22.52 46.46
CA GLY L 171 50.54 -22.19 47.35
C GLY L 171 50.10 -21.37 48.55
N ILE L 172 49.64 -22.04 49.61
CA ILE L 172 49.18 -21.36 50.82
C ILE L 172 50.34 -20.72 51.56
N PRO L 181 44.92 -18.60 48.35
CA PRO L 181 46.01 -17.80 47.79
C PRO L 181 46.78 -18.56 46.70
N GLY L 182 46.38 -18.37 45.45
CA GLY L 182 46.93 -19.15 44.37
C GLY L 182 48.34 -18.76 44.03
N SER L 183 48.96 -19.58 43.17
CA SER L 183 50.28 -19.27 42.65
C SER L 183 50.40 -19.80 41.24
N LEU L 184 51.41 -19.30 40.53
CA LEU L 184 51.63 -19.67 39.15
C LEU L 184 51.90 -21.16 39.02
N GLY L 185 51.33 -21.76 37.98
CA GLY L 185 51.61 -23.15 37.64
C GLY L 185 52.96 -23.29 36.97
N ASP L 186 53.15 -24.42 36.31
CA ASP L 186 54.41 -24.74 35.65
C ASP L 186 54.37 -24.23 34.21
N PHE L 187 54.68 -22.94 34.05
CA PHE L 187 54.62 -22.27 32.77
C PHE L 187 55.89 -22.43 31.94
N GLN L 188 57.03 -22.79 32.58
CA GLN L 188 58.31 -22.78 31.88
C GLN L 188 58.31 -23.67 30.64
N SER L 189 57.76 -24.87 30.75
CA SER L 189 57.72 -25.74 29.58
C SER L 189 56.78 -25.18 28.51
N ALA L 190 55.62 -24.65 28.90
CA ALA L 190 54.69 -24.12 27.91
C ALA L 190 55.29 -22.93 27.17
N ILE L 191 55.98 -22.06 27.89
CA ILE L 191 56.59 -20.89 27.26
C ILE L 191 57.75 -21.32 26.35
N SER L 192 58.62 -22.21 26.85
CA SER L 192 59.72 -22.70 26.02
C SER L 192 59.19 -23.34 24.74
N THR L 193 58.15 -24.15 24.85
CA THR L 193 57.54 -24.78 23.68
C THR L 193 57.11 -23.72 22.66
N ALA L 194 56.42 -22.68 23.13
CA ALA L 194 55.95 -21.63 22.23
C ALA L 194 57.11 -20.88 21.60
N LEU L 195 58.13 -20.55 22.40
CA LEU L 195 59.29 -19.86 21.85
C LEU L 195 59.98 -20.71 20.79
N ILE L 196 60.07 -22.02 21.02
CA ILE L 196 60.72 -22.90 20.06
C ILE L 196 59.86 -23.05 18.81
N GLN L 197 58.55 -23.26 18.97
CA GLN L 197 57.67 -23.33 17.82
C GLN L 197 57.71 -22.04 16.99
N ALA L 198 57.85 -20.89 17.64
CA ALA L 198 57.94 -19.64 16.91
C ALA L 198 59.25 -19.55 16.12
N ALA L 199 60.36 -19.98 16.71
CA ALA L 199 61.65 -19.95 16.01
C ALA L 199 61.62 -20.79 14.73
N ALA L 200 60.88 -21.89 14.74
CA ALA L 200 60.72 -22.70 13.53
C ALA L 200 59.79 -22.03 12.54
N ALA M 18 18.91 -18.39 65.11
CA ALA M 18 20.30 -18.65 64.74
C ALA M 18 20.74 -17.74 63.60
N LEU M 19 19.80 -16.98 63.05
CA LEU M 19 20.08 -16.08 61.94
C LEU M 19 20.93 -14.88 62.36
N ALA M 20 21.10 -14.63 63.66
CA ALA M 20 21.81 -13.43 64.10
C ALA M 20 23.31 -13.53 63.91
N GLN M 21 23.85 -14.73 63.73
CA GLN M 21 25.27 -14.93 63.48
C GLN M 21 25.59 -15.18 62.01
N VAL M 22 24.58 -15.16 61.16
CA VAL M 22 24.80 -15.32 59.72
C VAL M 22 25.40 -14.04 59.16
N ARG M 23 26.49 -14.18 58.42
CA ARG M 23 27.20 -13.05 57.81
C ARG M 23 26.63 -12.81 56.43
N LEU M 24 25.91 -11.69 56.27
CA LEU M 24 25.24 -11.35 55.02
C LEU M 24 26.07 -10.32 54.26
N LEU M 25 26.56 -10.69 53.09
CA LEU M 25 27.24 -9.79 52.17
C LEU M 25 26.24 -9.30 51.13
N TRP M 26 26.17 -7.98 50.95
CA TRP M 26 25.10 -7.35 50.20
C TRP M 26 25.71 -6.46 49.12
N GLY M 27 25.58 -6.88 47.86
CA GLY M 27 26.04 -6.07 46.74
C GLY M 27 24.93 -5.21 46.16
N VAL M 28 25.29 -3.99 45.76
CA VAL M 28 24.37 -2.98 45.27
C VAL M 28 24.88 -2.48 43.93
N CYS M 29 24.05 -2.55 42.89
CA CYS M 29 24.37 -2.12 41.53
C CYS M 29 23.63 -0.83 41.20
N GLY M 30 24.01 -0.22 40.07
CA GLY M 30 23.48 1.07 39.65
C GLY M 30 22.11 1.04 39.01
N SER M 31 21.08 0.73 39.81
CA SER M 31 19.69 0.66 39.37
C SER M 31 18.85 1.70 40.11
N PHE M 32 17.75 2.13 39.46
CA PHE M 32 16.75 2.97 40.13
C PHE M 32 16.41 2.44 41.51
N SER M 33 16.33 1.12 41.63
CA SER M 33 15.88 0.49 42.86
C SER M 33 16.91 0.57 43.98
N ALA M 34 18.06 1.20 43.74
CA ALA M 34 19.03 1.39 44.81
C ALA M 34 18.51 2.30 45.91
N VAL M 35 17.48 3.10 45.63
CA VAL M 35 16.86 3.92 46.67
C VAL M 35 16.21 3.07 47.75
N ALA M 36 15.95 1.79 47.48
CA ALA M 36 15.31 0.91 48.44
C ALA M 36 16.30 0.36 49.48
N VAL M 37 17.59 0.67 49.35
CA VAL M 37 18.59 0.09 50.24
C VAL M 37 18.30 0.37 51.71
N PRO M 38 17.99 1.60 52.13
CA PRO M 38 17.65 1.80 53.54
C PRO M 38 16.42 1.01 53.98
N HIS M 39 15.39 0.97 53.13
CA HIS M 39 14.19 0.20 53.45
C HIS M 39 14.50 -1.29 53.61
N VAL M 40 15.27 -1.86 52.67
CA VAL M 40 15.64 -3.27 52.77
C VAL M 40 16.50 -3.51 54.00
N ASN M 41 17.36 -2.55 54.34
CA ASN M 41 18.22 -2.70 55.50
C ASN M 41 17.40 -2.82 56.79
N ALA M 42 16.35 -2.00 56.92
CA ALA M 42 15.48 -2.10 58.09
C ALA M 42 14.78 -3.45 58.16
N TRP M 43 14.31 -3.95 57.02
CA TRP M 43 13.68 -5.26 56.99
C TRP M 43 14.65 -6.35 57.42
N LEU M 44 15.90 -6.27 56.94
CA LEU M 44 16.90 -7.28 57.31
C LEU M 44 17.21 -7.24 58.79
N ARG M 45 17.28 -6.05 59.37
CA ARG M 45 17.68 -5.95 60.78
C ARG M 45 16.50 -6.13 61.72
N GLY M 46 15.39 -5.42 61.47
CA GLY M 46 14.27 -5.41 62.39
C GLY M 46 13.27 -6.52 62.25
N THR M 47 13.24 -7.18 61.09
CA THR M 47 12.28 -8.23 60.82
C THR M 47 12.93 -9.60 60.66
N VAL M 48 14.00 -9.70 59.87
CA VAL M 48 14.65 -10.99 59.69
C VAL M 48 15.62 -11.27 60.83
N GLY M 49 16.20 -10.24 61.44
CA GLY M 49 17.11 -10.43 62.55
C GLY M 49 18.58 -10.57 62.19
N VAL M 50 18.98 -10.17 60.98
CA VAL M 50 20.39 -10.21 60.62
C VAL M 50 21.16 -9.11 61.36
N GLN M 51 22.33 -9.46 61.88
CA GLN M 51 23.16 -8.54 62.64
C GLN M 51 24.41 -8.10 61.90
N GLU M 52 25.06 -8.99 61.16
CA GLU M 52 26.30 -8.67 60.45
C GLU M 52 26.01 -8.52 58.96
N ILE M 53 26.00 -7.28 58.49
CA ILE M 53 25.73 -6.95 57.09
C ILE M 53 26.83 -6.04 56.58
N ARG M 54 27.51 -6.45 55.52
CA ARG M 54 28.49 -5.61 54.84
C ARG M 54 28.07 -5.38 53.40
N THR M 55 28.24 -4.15 52.91
CA THR M 55 27.79 -3.78 51.58
C THR M 55 28.97 -3.51 50.64
N VAL M 56 28.77 -3.89 49.39
CA VAL M 56 29.69 -3.60 48.29
C VAL M 56 28.88 -2.87 47.23
N MET M 57 29.31 -1.67 46.84
CA MET M 57 28.65 -0.90 45.81
C MET M 57 29.49 -0.85 44.55
N THR M 58 28.85 -1.02 43.40
CA THR M 58 29.54 -0.74 42.15
C THR M 58 29.81 0.76 42.06
N ALA M 59 30.75 1.14 41.18
CA ALA M 59 31.03 2.56 40.99
C ALA M 59 29.77 3.31 40.54
N GLN M 60 28.95 2.68 39.70
CA GLN M 60 27.74 3.35 39.24
C GLN M 60 26.72 3.49 40.38
N ALA M 61 26.57 2.45 41.21
CA ALA M 61 25.69 2.58 42.36
C ALA M 61 26.15 3.72 43.27
N ARG M 62 27.46 3.80 43.51
CA ARG M 62 27.98 4.89 44.33
C ARG M 62 27.67 6.25 43.73
N ALA M 63 27.78 6.37 42.40
CA ALA M 63 27.57 7.67 41.75
C ALA M 63 26.12 8.12 41.84
N LEU M 64 25.17 7.18 41.93
CA LEU M 64 23.77 7.54 42.00
C LEU M 64 23.32 7.84 43.42
N MET M 65 23.63 6.95 44.36
CA MET M 65 23.11 7.00 45.72
C MET M 65 23.99 7.76 46.71
N GLY M 66 25.30 7.83 46.51
CA GLY M 66 26.19 8.41 47.48
C GLY M 66 26.45 7.47 48.64
N PRO M 67 27.72 7.11 48.83
CA PRO M 67 28.06 6.08 49.83
C PRO M 67 28.05 6.57 51.27
N ARG M 68 28.07 7.89 51.51
CA ARG M 68 28.20 8.39 52.88
C ARG M 68 26.92 8.17 53.67
N MET M 69 25.77 8.26 53.01
CA MET M 69 24.53 8.01 53.73
C MET M 69 24.32 6.53 53.99
N ILE M 70 24.64 5.66 53.02
CA ILE M 70 24.58 4.22 53.26
C ILE M 70 25.40 3.86 54.48
N GLU M 71 26.61 4.42 54.59
CA GLU M 71 27.46 4.16 55.75
C GLU M 71 26.78 4.59 57.04
N ALA M 72 26.12 5.76 57.01
CA ALA M 72 25.50 6.31 58.21
C ALA M 72 24.32 5.48 58.69
N VAL M 73 23.58 4.85 57.77
CA VAL M 73 22.38 4.12 58.14
C VAL M 73 22.62 2.62 58.31
N THR M 74 23.71 2.08 57.76
CA THR M 74 24.01 0.66 57.93
C THR M 74 25.10 0.38 58.94
N GLY M 75 25.90 1.37 59.31
CA GLY M 75 26.96 1.16 60.28
C GLY M 75 28.28 0.71 59.70
N HIS M 76 28.36 0.50 58.39
CA HIS M 76 29.62 0.14 57.75
C HIS M 76 29.74 0.92 56.45
N ALA M 77 30.94 1.42 56.19
CA ALA M 77 31.21 2.02 54.91
C ALA M 77 31.08 0.96 53.83
N PRO M 78 30.35 1.22 52.75
CA PRO M 78 30.34 0.28 51.64
C PRO M 78 31.73 0.21 51.01
N VAL M 79 32.07 -0.98 50.52
CA VAL M 79 33.31 -1.16 49.77
C VAL M 79 33.00 -0.93 48.30
N THR M 80 33.76 -0.04 47.67
CA THR M 80 33.66 0.18 46.23
C THR M 80 35.01 0.03 45.54
N ASP M 81 36.04 0.65 46.08
CA ASP M 81 37.38 0.58 45.50
C ASP M 81 38.21 -0.46 46.25
N TRP M 82 39.17 -1.04 45.53
CA TRP M 82 40.09 -1.97 46.14
C TRP M 82 40.76 -1.37 47.37
N GLU M 83 41.04 -0.07 47.33
CA GLU M 83 41.70 0.62 48.44
C GLU M 83 40.87 0.60 49.71
N ASP M 84 39.57 0.29 49.62
CA ASP M 84 38.77 0.25 50.84
C ASP M 84 39.09 -0.95 51.72
N HIS M 85 39.77 -1.97 51.20
CA HIS M 85 40.20 -3.09 52.03
C HIS M 85 41.55 -2.76 52.67
N LYS M 86 41.64 -2.99 53.98
CA LYS M 86 42.82 -2.66 54.77
C LYS M 86 43.58 -3.92 55.13
N GLY M 87 44.89 -3.84 55.13
CA GLY M 87 45.72 -4.93 55.57
C GLY M 87 46.02 -5.93 54.46
N GLY M 88 46.36 -7.15 54.89
CA GLY M 88 46.75 -8.17 53.93
C GLY M 88 45.61 -8.66 53.08
N GLY M 89 45.97 -9.34 51.99
CA GLY M 89 45.04 -9.88 51.03
C GLY M 89 44.45 -8.85 50.09
N ALA M 90 43.12 -8.75 50.08
CA ALA M 90 42.41 -8.08 49.01
C ALA M 90 40.91 -8.15 49.24
N ALA M 91 40.20 -7.13 48.75
CA ALA M 91 38.80 -6.94 49.11
C ALA M 91 37.96 -8.16 48.76
N HIS M 92 38.15 -8.73 47.57
CA HIS M 92 37.25 -9.78 47.12
C HIS M 92 37.46 -11.08 47.89
N VAL M 93 38.71 -11.40 48.22
CA VAL M 93 38.97 -12.60 49.02
C VAL M 93 38.44 -12.41 50.43
N ALA M 94 38.72 -11.25 51.03
CA ALA M 94 38.31 -11.02 52.41
C ALA M 94 36.79 -11.00 52.52
N LEU M 95 36.10 -10.25 51.65
CA LEU M 95 34.66 -10.21 51.71
C LEU M 95 34.04 -11.53 51.28
N GLY M 96 34.61 -12.16 50.25
CA GLY M 96 34.06 -13.41 49.75
C GLY M 96 34.15 -14.54 50.74
N ALA M 97 35.28 -14.64 51.44
CA ALA M 97 35.43 -15.69 52.44
C ALA M 97 34.59 -15.42 53.67
N TRP M 98 34.36 -14.14 53.98
CA TRP M 98 33.59 -13.76 55.15
C TRP M 98 32.12 -14.12 55.01
N ALA M 99 31.61 -14.11 53.78
CA ALA M 99 30.16 -14.16 53.56
C ALA M 99 29.58 -15.54 53.83
N ASP M 100 28.51 -15.58 54.62
CA ASP M 100 27.67 -16.77 54.73
C ASP M 100 26.52 -16.76 53.74
N VAL M 101 26.00 -15.58 53.41
CA VAL M 101 25.02 -15.41 52.35
C VAL M 101 25.43 -14.20 51.53
N LEU M 102 25.26 -14.29 50.21
CA LEU M 102 25.53 -13.18 49.29
C LEU M 102 24.22 -12.79 48.62
N VAL M 103 23.88 -11.51 48.71
CA VAL M 103 22.69 -10.95 48.07
C VAL M 103 23.13 -9.79 47.17
N ILE M 104 22.73 -9.85 45.90
CA ILE M 104 22.92 -8.75 44.96
C ILE M 104 21.56 -8.11 44.75
N LEU M 105 21.36 -6.93 45.32
CA LEU M 105 20.04 -6.31 45.33
C LEU M 105 20.15 -4.80 45.47
N PRO M 106 19.73 -4.02 44.47
CA PRO M 106 19.31 -4.51 43.15
C PRO M 106 20.47 -4.90 42.25
N ALA M 107 20.25 -5.85 41.37
CA ALA M 107 21.23 -6.21 40.35
C ALA M 107 20.85 -5.54 39.04
N THR M 108 21.86 -5.10 38.31
CA THR M 108 21.63 -4.55 36.97
C THR M 108 21.66 -5.67 35.94
N ALA M 109 21.09 -5.38 34.77
CA ALA M 109 21.30 -6.27 33.63
C ALA M 109 22.80 -6.49 33.40
N ASN M 110 23.58 -5.40 33.51
CA ASN M 110 25.03 -5.46 33.42
C ASN M 110 25.61 -6.50 34.37
N PHE M 111 25.17 -6.49 35.62
CA PHE M 111 25.68 -7.46 36.58
C PHE M 111 25.39 -8.89 36.14
N LEU M 112 24.15 -9.14 35.66
CA LEU M 112 23.80 -10.49 35.23
C LEU M 112 24.77 -11.00 34.17
N ALA M 113 25.11 -10.14 33.20
CA ALA M 113 26.05 -10.52 32.16
C ALA M 113 27.42 -10.83 32.73
N LYS M 114 27.94 -9.97 33.63
CA LYS M 114 29.27 -10.21 34.18
C LYS M 114 29.30 -11.46 35.04
N ALA M 115 28.30 -11.61 35.91
CA ALA M 115 28.26 -12.78 36.79
C ALA M 115 28.08 -14.06 35.97
N ALA M 116 27.28 -14.01 34.90
CA ALA M 116 27.04 -15.20 34.10
C ALA M 116 28.28 -15.67 33.36
N HIS M 117 29.20 -14.76 33.04
CA HIS M 117 30.35 -15.06 32.23
C HIS M 117 31.66 -15.01 33.00
N GLY M 118 31.61 -14.91 34.32
CA GLY M 118 32.83 -14.89 35.09
C GLY M 118 33.70 -13.66 34.90
N ILE M 119 33.11 -12.55 34.49
CA ILE M 119 33.83 -11.29 34.43
C ILE M 119 34.01 -10.77 35.85
N ALA M 120 35.19 -10.24 36.14
CA ALA M 120 35.52 -9.78 37.47
C ALA M 120 36.32 -8.49 37.35
N ASP M 121 35.68 -7.43 36.83
CA ASP M 121 36.40 -6.19 36.54
C ASP M 121 36.08 -5.10 37.56
N ASP M 122 35.48 -5.45 38.68
CA ASP M 122 35.38 -4.55 39.82
C ASP M 122 35.31 -5.39 41.07
N VAL M 123 35.23 -4.73 42.23
CA VAL M 123 35.24 -5.46 43.49
C VAL M 123 34.04 -6.40 43.59
N LEU M 124 32.85 -5.93 43.21
CA LEU M 124 31.64 -6.76 43.36
C LEU M 124 31.76 -8.03 42.56
N THR M 125 32.08 -7.92 41.26
CA THR M 125 32.07 -9.11 40.43
C THR M 125 33.25 -10.03 40.74
N ALA M 126 34.35 -9.49 41.26
CA ALA M 126 35.44 -10.36 41.74
C ALA M 126 35.04 -11.08 43.01
N THR M 127 34.30 -10.40 43.90
CA THR M 127 33.85 -11.04 45.12
C THR M 127 32.92 -12.21 44.83
N VAL M 128 32.11 -12.09 43.77
CA VAL M 128 31.25 -13.18 43.34
C VAL M 128 32.07 -14.43 43.05
N LEU M 129 33.20 -14.28 42.35
CA LEU M 129 34.04 -15.43 42.06
C LEU M 129 34.64 -16.01 43.33
N ALA M 130 34.89 -15.18 44.33
CA ALA M 130 35.52 -15.62 45.57
C ALA M 130 34.54 -16.16 46.60
N ALA M 131 33.25 -15.85 46.47
CA ALA M 131 32.25 -16.29 47.43
C ALA M 131 31.87 -17.76 47.21
N GLU M 132 31.66 -18.48 48.32
CA GLU M 132 31.21 -19.88 48.30
C GLU M 132 30.08 -20.01 49.31
N CYS M 133 28.90 -19.53 48.95
CA CYS M 133 27.78 -19.48 49.89
C CYS M 133 26.50 -19.36 49.10
N PRO M 134 25.35 -19.62 49.72
CA PRO M 134 24.07 -19.37 49.02
C PRO M 134 23.98 -17.92 48.55
N THR M 135 23.61 -17.73 47.29
CA THR M 135 23.60 -16.42 46.67
C THR M 135 22.26 -16.15 45.99
N VAL M 136 21.68 -15.00 46.30
CA VAL M 136 20.43 -14.54 45.72
C VAL M 136 20.70 -13.28 44.91
N ILE M 137 20.20 -13.25 43.67
CA ILE M 137 20.34 -12.13 42.77
C ILE M 137 18.95 -11.62 42.44
N ALA M 138 18.71 -10.32 42.66
CA ALA M 138 17.41 -9.68 42.41
C ALA M 138 17.57 -8.60 41.37
N PRO M 139 17.53 -8.95 40.09
CA PRO M 139 17.73 -7.95 39.04
C PRO M 139 16.53 -7.02 38.92
N VAL M 140 16.82 -5.80 38.50
CA VAL M 140 15.80 -4.80 38.19
C VAL M 140 16.18 -4.14 36.88
N MET M 141 15.19 -3.97 36.00
CA MET M 141 15.33 -3.31 34.70
C MET M 141 13.93 -3.17 34.11
N ASN M 142 13.79 -2.36 33.06
CA ASN M 142 12.48 -2.19 32.45
C ASN M 142 12.16 -3.38 31.54
N ALA M 143 10.95 -3.38 30.97
CA ALA M 143 10.47 -4.56 30.26
C ALA M 143 11.23 -4.78 28.96
N ALA M 144 11.59 -3.70 28.26
CA ALA M 144 12.35 -3.87 27.02
C ALA M 144 13.68 -4.57 27.27
N MET M 145 14.38 -4.19 28.35
CA MET M 145 15.67 -4.80 28.65
C MET M 145 15.51 -6.25 29.12
N TRP M 146 14.55 -6.50 30.02
CA TRP M 146 14.34 -7.85 30.53
C TRP M 146 14.00 -8.84 29.43
N SER M 147 13.37 -8.36 28.36
CA SER M 147 12.93 -9.23 27.27
C SER M 147 14.03 -9.53 26.26
N LYS M 148 15.19 -8.89 26.37
CA LYS M 148 16.26 -9.14 25.41
C LYS M 148 16.75 -10.58 25.53
N PRO M 149 16.99 -11.27 24.40
CA PRO M 149 17.51 -12.64 24.47
C PRO M 149 18.82 -12.77 25.25
N ALA M 150 19.73 -11.80 25.09
CA ALA M 150 21.01 -11.86 25.80
C ALA M 150 20.79 -11.84 27.32
N VAL M 151 19.91 -10.97 27.80
CA VAL M 151 19.62 -10.95 29.23
C VAL M 151 19.06 -12.28 29.69
N GLN M 152 18.15 -12.87 28.89
CA GLN M 152 17.55 -14.13 29.29
C GLN M 152 18.56 -15.27 29.23
N ARG M 153 19.47 -15.26 28.26
CA ARG M 153 20.57 -16.23 28.28
C ARG M 153 21.37 -16.12 29.56
N ASN M 154 21.60 -14.90 30.03
CA ASN M 154 22.37 -14.71 31.26
C ASN M 154 21.58 -15.19 32.48
N VAL M 155 20.29 -14.88 32.54
CA VAL M 155 19.45 -15.40 33.63
C VAL M 155 19.48 -16.92 33.65
N ASP M 156 19.26 -17.55 32.48
CA ASP M 156 19.27 -19.02 32.43
C ASP M 156 20.62 -19.58 32.86
N GLN M 157 21.70 -18.99 32.37
CA GLN M 157 23.03 -19.50 32.71
C GLN M 157 23.28 -19.41 34.21
N LEU M 158 22.84 -18.31 34.84
CA LEU M 158 23.07 -18.14 36.27
C LEU M 158 22.28 -19.16 37.08
N ARG M 159 21.04 -19.46 36.68
CA ARG M 159 20.27 -20.49 37.38
C ARG M 159 20.93 -21.86 37.25
N GLU M 160 21.41 -22.20 36.05
CA GLU M 160 22.12 -23.46 35.89
C GLU M 160 23.39 -23.51 36.73
N ASP M 161 24.01 -22.36 36.98
CA ASP M 161 25.20 -22.33 37.83
C ASP M 161 24.87 -22.37 39.32
N GLY M 162 23.59 -22.37 39.68
CA GLY M 162 23.20 -22.50 41.06
C GLY M 162 22.79 -21.22 41.77
N TYR M 163 22.66 -20.10 41.06
CA TYR M 163 22.23 -18.85 41.66
C TYR M 163 20.71 -18.76 41.66
N ARG M 164 20.17 -18.19 42.73
CA ARG M 164 18.75 -17.95 42.83
C ARG M 164 18.44 -16.57 42.26
N ILE M 165 17.65 -16.52 41.19
CA ILE M 165 17.28 -15.29 40.52
C ILE M 165 15.87 -14.91 40.95
N VAL M 166 15.72 -13.69 41.47
CA VAL M 166 14.42 -13.13 41.82
C VAL M 166 14.00 -12.21 40.69
N GLU M 167 13.04 -12.66 39.87
CA GLU M 167 12.66 -11.90 38.69
C GLU M 167 11.97 -10.58 39.09
N PRO M 168 12.19 -9.53 38.30
CA PRO M 168 11.60 -8.22 38.64
C PRO M 168 10.11 -8.19 38.38
N LYS M 169 9.45 -7.18 38.96
CA LYS M 169 8.08 -6.82 38.65
C LYS M 169 8.07 -5.60 37.73
N GLU M 170 6.85 -5.15 37.40
CA GLU M 170 6.61 -4.09 36.42
C GLU M 170 5.86 -2.96 37.14
N GLY M 171 6.61 -2.12 37.85
CA GLY M 171 6.02 -1.06 38.65
C GLY M 171 6.00 0.31 37.98
N ILE M 172 4.94 0.60 37.22
CA ILE M 172 4.85 1.86 36.48
C ILE M 172 4.72 3.03 37.45
N PRO M 181 9.78 0.91 33.38
CA PRO M 181 10.33 1.20 34.71
C PRO M 181 10.16 0.03 35.69
N GLY M 182 11.18 -0.82 35.79
CA GLY M 182 11.05 -2.02 36.57
C GLY M 182 11.08 -1.75 38.07
N SER M 183 10.77 -2.80 38.83
CA SER M 183 10.86 -2.74 40.27
C SER M 183 11.29 -4.09 40.81
N LEU M 184 11.72 -4.10 42.07
CA LEU M 184 12.21 -5.31 42.71
C LEU M 184 11.14 -6.39 42.74
N GLY M 185 11.56 -7.62 42.51
CA GLY M 185 10.67 -8.75 42.64
C GLY M 185 10.43 -9.09 44.08
N ASP M 186 9.89 -10.28 44.31
CA ASP M 186 9.54 -10.74 45.65
C ASP M 186 10.73 -11.50 46.22
N PHE M 187 11.69 -10.73 46.74
CA PHE M 187 12.97 -11.26 47.21
C PHE M 187 12.96 -11.74 48.65
N GLN M 188 11.98 -11.31 49.46
CA GLN M 188 12.01 -11.61 50.88
C GLN M 188 12.10 -13.11 51.14
N SER M 189 11.29 -13.89 50.41
CA SER M 189 11.28 -15.33 50.62
C SER M 189 12.61 -15.96 50.20
N ALA M 190 13.17 -15.50 49.08
CA ALA M 190 14.44 -16.05 48.61
C ALA M 190 15.58 -15.75 49.59
N ILE M 191 15.60 -14.56 50.17
CA ILE M 191 16.67 -14.20 51.10
C ILE M 191 16.53 -15.00 52.39
N SER M 192 15.31 -15.09 52.93
CA SER M 192 15.09 -15.91 54.12
C SER M 192 15.53 -17.35 53.90
N THR M 193 15.22 -17.92 52.73
CA THR M 193 15.64 -19.27 52.41
C THR M 193 17.15 -19.43 52.51
N ALA M 194 17.90 -18.49 51.91
CA ALA M 194 19.36 -18.58 51.96
C ALA M 194 19.90 -18.43 53.37
N LEU M 195 19.35 -17.49 54.15
CA LEU M 195 19.81 -17.32 55.53
C LEU M 195 19.54 -18.57 56.37
N ILE M 196 18.39 -19.21 56.16
CA ILE M 196 18.07 -20.41 56.91
C ILE M 196 18.98 -21.55 56.49
N GLN M 197 19.21 -21.71 55.19
CA GLN M 197 20.19 -22.69 54.71
C GLN M 197 21.57 -22.42 55.30
N ALA M 198 21.94 -21.14 55.41
CA ALA M 198 23.25 -20.79 55.97
C ALA M 198 23.35 -21.16 57.44
N ALA M 199 22.29 -20.89 58.22
CA ALA M 199 22.31 -21.25 59.64
C ALA M 199 22.48 -22.75 59.84
N ALA M 200 21.91 -23.57 58.96
CA ALA M 200 22.08 -25.02 59.03
C ALA M 200 23.47 -25.43 58.56
N ALA N 18 2.55 -22.32 -84.36
CA ALA N 18 3.31 -21.45 -83.46
C ALA N 18 2.40 -20.74 -82.46
N LEU N 19 1.09 -20.89 -82.63
CA LEU N 19 0.14 -20.35 -81.67
C LEU N 19 0.18 -21.06 -80.33
N ALA N 20 0.85 -22.22 -80.24
CA ALA N 20 0.85 -22.99 -79.02
C ALA N 20 1.77 -22.39 -77.95
N GLN N 21 2.66 -21.49 -78.32
CA GLN N 21 3.55 -20.86 -77.36
C GLN N 21 3.12 -19.45 -76.99
N VAL N 22 2.03 -18.94 -77.55
CA VAL N 22 1.54 -17.61 -77.19
C VAL N 22 0.86 -17.69 -75.82
N ARG N 23 1.29 -16.83 -74.91
CA ARG N 23 0.72 -16.78 -73.56
C ARG N 23 -0.41 -15.78 -73.53
N LEU N 24 -1.64 -16.28 -73.37
CA LEU N 24 -2.85 -15.47 -73.43
C LEU N 24 -3.33 -15.15 -72.01
N LEU N 25 -3.32 -13.86 -71.66
CA LEU N 25 -3.90 -13.39 -70.41
C LEU N 25 -5.32 -12.91 -70.68
N TRP N 26 -6.26 -13.42 -69.90
CA TRP N 26 -7.68 -13.29 -70.17
C TRP N 26 -8.36 -12.70 -68.94
N GLY N 27 -8.78 -11.44 -69.03
CA GLY N 27 -9.49 -10.80 -67.93
C GLY N 27 -10.99 -10.92 -68.13
N VAL N 28 -11.68 -11.20 -67.02
CA VAL N 28 -13.12 -11.44 -67.04
C VAL N 28 -13.78 -10.48 -66.05
N CYS N 29 -14.73 -9.68 -66.53
CA CYS N 29 -15.46 -8.70 -65.71
C CYS N 29 -16.89 -9.18 -65.47
N GLY N 30 -17.55 -8.50 -64.53
CA GLY N 30 -18.88 -8.89 -64.11
C GLY N 30 -20.01 -8.53 -65.06
N SER N 31 -20.08 -9.21 -66.20
CA SER N 31 -21.11 -9.00 -67.21
C SER N 31 -21.99 -10.23 -67.37
N PHE N 32 -23.23 -10.02 -67.84
CA PHE N 32 -24.08 -11.14 -68.26
C PHE N 32 -23.31 -12.12 -69.13
N SER N 33 -22.46 -11.60 -70.01
CA SER N 33 -21.72 -12.41 -70.98
C SER N 33 -20.59 -13.21 -70.36
N ALA N 34 -20.39 -13.14 -69.04
CA ALA N 34 -19.36 -13.96 -68.42
C ALA N 34 -19.67 -15.45 -68.53
N VAL N 35 -20.93 -15.81 -68.77
CA VAL N 35 -21.30 -17.22 -68.96
C VAL N 35 -20.63 -17.81 -70.19
N ALA N 36 -20.14 -16.96 -71.09
CA ALA N 36 -19.50 -17.44 -72.32
C ALA N 36 -18.05 -17.86 -72.10
N VAL N 37 -17.49 -17.71 -70.90
CA VAL N 37 -16.06 -17.99 -70.71
C VAL N 37 -15.71 -19.44 -71.03
N PRO N 38 -16.46 -20.46 -70.60
CA PRO N 38 -16.11 -21.84 -71.03
C PRO N 38 -16.17 -22.04 -72.53
N HIS N 39 -17.23 -21.56 -73.18
CA HIS N 39 -17.34 -21.70 -74.63
C HIS N 39 -16.16 -21.04 -75.34
N VAL N 40 -15.80 -19.83 -74.94
CA VAL N 40 -14.67 -19.15 -75.56
C VAL N 40 -13.38 -19.93 -75.29
N ASN N 41 -13.27 -20.51 -74.09
CA ASN N 41 -12.09 -21.32 -73.76
C ASN N 41 -11.98 -22.54 -74.65
N ALA N 42 -13.10 -23.21 -74.90
CA ALA N 42 -13.08 -24.37 -75.79
C ALA N 42 -12.67 -23.98 -77.20
N TRP N 43 -13.18 -22.83 -77.68
CA TRP N 43 -12.80 -22.34 -79.00
C TRP N 43 -11.31 -21.99 -79.04
N LEU N 44 -10.81 -21.35 -77.99
CA LEU N 44 -9.39 -20.96 -77.97
C LEU N 44 -8.48 -22.18 -77.97
N ARG N 45 -8.86 -23.22 -77.22
CA ARG N 45 -8.02 -24.41 -77.09
C ARG N 45 -8.27 -25.40 -78.23
N GLY N 46 -9.53 -25.71 -78.52
CA GLY N 46 -9.85 -26.75 -79.48
C GLY N 46 -9.86 -26.31 -80.93
N THR N 47 -9.97 -25.01 -81.20
CA THR N 47 -10.01 -24.51 -82.57
C THR N 47 -8.81 -23.62 -82.89
N VAL N 48 -8.51 -22.65 -82.03
CA VAL N 48 -7.39 -21.74 -82.32
C VAL N 48 -6.06 -22.39 -81.96
N GLY N 49 -6.05 -23.29 -80.98
CA GLY N 49 -4.82 -23.96 -80.60
C GLY N 49 -3.99 -23.29 -79.53
N VAL N 50 -4.57 -22.36 -78.77
CA VAL N 50 -3.84 -21.76 -77.66
C VAL N 50 -3.70 -22.78 -76.54
N GLN N 51 -2.52 -22.84 -75.93
CA GLN N 51 -2.25 -23.80 -74.86
C GLN N 51 -2.10 -23.15 -73.50
N GLU N 52 -1.47 -21.99 -73.40
CA GLU N 52 -1.22 -21.32 -72.13
C GLU N 52 -2.21 -20.17 -71.96
N ILE N 53 -3.19 -20.36 -71.10
CA ILE N 53 -4.25 -19.38 -70.84
C ILE N 53 -4.34 -19.19 -69.33
N ARG N 54 -4.18 -17.95 -68.88
CA ARG N 54 -4.38 -17.59 -67.47
C ARG N 54 -5.47 -16.54 -67.35
N THR N 55 -6.34 -16.71 -66.36
CA THR N 55 -7.48 -15.82 -66.19
C THR N 55 -7.32 -14.96 -64.94
N VAL N 56 -7.83 -13.73 -65.06
CA VAL N 56 -7.98 -12.78 -63.95
C VAL N 56 -9.45 -12.40 -63.92
N MET N 57 -10.10 -12.56 -62.76
CA MET N 57 -11.49 -12.16 -62.59
C MET N 57 -11.59 -10.96 -61.67
N THR N 58 -12.46 -10.01 -62.03
CA THR N 58 -12.82 -8.98 -61.06
C THR N 58 -13.61 -9.62 -59.93
N ALA N 59 -13.72 -8.90 -58.81
CA ALA N 59 -14.50 -9.40 -57.68
C ALA N 59 -15.95 -9.64 -58.09
N GLN N 60 -16.50 -8.76 -58.94
CA GLN N 60 -17.87 -8.93 -59.38
C GLN N 60 -18.00 -10.13 -60.31
N ALA N 61 -17.03 -10.33 -61.21
CA ALA N 61 -17.05 -11.52 -62.05
C ALA N 61 -17.04 -12.80 -61.20
N ARG N 62 -16.16 -12.85 -60.19
CA ARG N 62 -16.10 -14.01 -59.30
C ARG N 62 -17.43 -14.20 -58.58
N ALA N 63 -18.05 -13.10 -58.14
CA ALA N 63 -19.31 -13.24 -57.41
C ALA N 63 -20.41 -13.79 -58.29
N LEU N 64 -20.34 -13.56 -59.61
CA LEU N 64 -21.37 -14.03 -60.53
C LEU N 64 -21.10 -15.44 -61.04
N MET N 65 -19.89 -15.72 -61.52
CA MET N 65 -19.59 -16.97 -62.20
C MET N 65 -19.00 -18.07 -61.30
N GLY N 66 -18.31 -17.70 -60.22
CA GLY N 66 -17.62 -18.66 -59.38
C GLY N 66 -16.31 -19.17 -59.98
N PRO N 67 -15.21 -18.91 -59.27
CA PRO N 67 -13.89 -19.22 -59.83
C PRO N 67 -13.56 -20.71 -59.82
N ARG N 68 -14.28 -21.53 -59.05
CA ARG N 68 -13.89 -22.94 -58.95
C ARG N 68 -14.22 -23.68 -60.23
N MET N 69 -15.33 -23.34 -60.88
CA MET N 69 -15.66 -24.03 -62.12
C MET N 69 -14.77 -23.56 -63.26
N ILE N 70 -14.49 -22.25 -63.33
CA ILE N 70 -13.53 -21.74 -64.30
C ILE N 70 -12.19 -22.46 -64.15
N GLU N 71 -11.73 -22.65 -62.91
CA GLU N 71 -10.47 -23.35 -62.69
C GLU N 71 -10.51 -24.77 -63.24
N ALA N 72 -11.62 -25.47 -63.01
CA ALA N 72 -11.71 -26.87 -63.41
C ALA N 72 -11.70 -27.05 -64.92
N VAL N 73 -12.23 -26.08 -65.67
CA VAL N 73 -12.32 -26.20 -67.12
C VAL N 73 -11.18 -25.52 -67.86
N THR N 74 -10.47 -24.59 -67.22
CA THR N 74 -9.35 -23.91 -67.86
C THR N 74 -7.98 -24.42 -67.42
N GLY N 75 -7.90 -25.17 -66.32
CA GLY N 75 -6.63 -25.69 -65.87
C GLY N 75 -5.82 -24.78 -64.98
N HIS N 76 -6.31 -23.58 -64.70
CA HIS N 76 -5.66 -22.67 -63.77
C HIS N 76 -6.70 -21.98 -62.91
N ALA N 77 -6.40 -21.83 -61.63
CA ALA N 77 -7.23 -21.01 -60.77
C ALA N 77 -7.16 -19.57 -61.25
N PRO N 78 -8.30 -18.91 -61.47
CA PRO N 78 -8.24 -17.48 -61.82
C PRO N 78 -7.71 -16.66 -60.65
N VAL N 79 -6.98 -15.61 -60.98
CA VAL N 79 -6.48 -14.67 -59.99
C VAL N 79 -7.52 -13.58 -59.79
N THR N 80 -7.90 -13.34 -58.53
CA THR N 80 -8.78 -12.21 -58.23
C THR N 80 -8.20 -11.32 -57.15
N ASP N 81 -7.71 -11.92 -56.07
CA ASP N 81 -7.12 -11.18 -54.98
C ASP N 81 -5.60 -11.18 -55.08
N TRP N 82 -4.99 -10.12 -54.54
CA TRP N 82 -3.54 -10.06 -54.51
C TRP N 82 -2.93 -11.29 -53.86
N GLU N 83 -3.60 -11.86 -52.86
CA GLU N 83 -3.11 -13.03 -52.15
C GLU N 83 -2.96 -14.25 -53.06
N ASP N 84 -3.60 -14.25 -54.23
CA ASP N 84 -3.49 -15.39 -55.13
C ASP N 84 -2.13 -15.47 -55.80
N HIS N 85 -1.34 -14.41 -55.77
CA HIS N 85 0.02 -14.49 -56.29
C HIS N 85 0.95 -14.95 -55.17
N LYS N 86 1.81 -15.93 -55.48
CA LYS N 86 2.73 -16.52 -54.52
C LYS N 86 4.15 -16.11 -54.86
N GLY N 87 4.94 -15.86 -53.83
CA GLY N 87 6.35 -15.54 -53.99
C GLY N 87 6.61 -14.06 -54.15
N GLY N 88 7.77 -13.76 -54.73
CA GLY N 88 8.19 -12.39 -54.85
C GLY N 88 7.36 -11.60 -55.85
N GLY N 89 7.49 -10.28 -55.74
CA GLY N 89 6.77 -9.38 -56.62
C GLY N 89 5.31 -9.22 -56.23
N ALA N 90 4.42 -9.46 -57.20
CA ALA N 90 3.05 -8.98 -57.10
C ALA N 90 2.24 -9.40 -58.32
N ALA N 91 0.93 -9.62 -58.14
CA ALA N 91 0.13 -10.27 -59.16
C ALA N 91 0.16 -9.50 -60.49
N HIS N 92 0.02 -8.16 -60.43
CA HIS N 92 -0.12 -7.42 -61.69
C HIS N 92 1.18 -7.39 -62.48
N VAL N 93 2.31 -7.28 -61.78
CA VAL N 93 3.60 -7.31 -62.45
C VAL N 93 3.89 -8.69 -63.04
N ALA N 94 3.62 -9.74 -62.28
CA ALA N 94 3.89 -11.09 -62.77
C ALA N 94 3.01 -11.43 -63.96
N LEU N 95 1.71 -11.19 -63.86
CA LEU N 95 0.81 -11.50 -64.96
C LEU N 95 1.04 -10.57 -66.16
N GLY N 96 1.30 -9.29 -65.90
CA GLY N 96 1.51 -8.36 -67.01
C GLY N 96 2.75 -8.68 -67.82
N ALA N 97 3.83 -9.04 -67.15
CA ALA N 97 5.07 -9.38 -67.87
C ALA N 97 4.93 -10.71 -68.59
N TRP N 98 4.11 -11.61 -68.04
CA TRP N 98 3.93 -12.92 -68.64
C TRP N 98 3.14 -12.86 -69.94
N ALA N 99 2.22 -11.90 -70.06
CA ALA N 99 1.24 -11.95 -71.14
C ALA N 99 1.89 -11.65 -72.49
N ASP N 100 1.58 -12.49 -73.49
CA ASP N 100 1.87 -12.14 -74.87
C ASP N 100 0.68 -11.48 -75.55
N VAL N 101 -0.53 -11.84 -75.17
CA VAL N 101 -1.76 -11.16 -75.58
C VAL N 101 -2.62 -10.98 -74.35
N LEU N 102 -3.31 -9.84 -74.27
CA LEU N 102 -4.26 -9.57 -73.19
C LEU N 102 -5.65 -9.40 -73.79
N VAL N 103 -6.60 -10.22 -73.32
CA VAL N 103 -7.99 -10.15 -73.75
C VAL N 103 -8.85 -9.90 -72.52
N ILE N 104 -9.70 -8.88 -72.59
CA ILE N 104 -10.70 -8.63 -71.56
C ILE N 104 -12.05 -9.00 -72.17
N LEU N 105 -12.61 -10.11 -71.72
CA LEU N 105 -13.83 -10.62 -72.34
C LEU N 105 -14.61 -11.44 -71.32
N PRO N 106 -15.82 -11.01 -70.94
CA PRO N 106 -16.39 -9.72 -71.35
C PRO N 106 -15.81 -8.58 -70.52
N ALA N 107 -15.77 -7.36 -71.09
CA ALA N 107 -15.43 -6.16 -70.33
C ALA N 107 -16.72 -5.43 -69.97
N THR N 108 -16.74 -4.84 -68.77
CA THR N 108 -17.87 -4.05 -68.36
C THR N 108 -17.68 -2.60 -68.79
N ALA N 109 -18.78 -1.84 -68.77
CA ALA N 109 -18.64 -0.38 -68.90
C ALA N 109 -17.70 0.16 -67.84
N ASN N 110 -17.81 -0.35 -66.61
CA ASN N 110 -16.92 0.03 -65.52
C ASN N 110 -15.45 -0.15 -65.90
N PHE N 111 -15.13 -1.29 -66.52
CA PHE N 111 -13.76 -1.54 -66.94
C PHE N 111 -13.30 -0.49 -67.95
N LEU N 112 -14.16 -0.15 -68.92
CA LEU N 112 -13.78 0.86 -69.91
C LEU N 112 -13.37 2.15 -69.23
N ALA N 113 -14.17 2.59 -68.25
CA ALA N 113 -13.85 3.80 -67.51
C ALA N 113 -12.53 3.67 -66.77
N LYS N 114 -12.32 2.54 -66.08
CA LYS N 114 -11.09 2.38 -65.31
C LYS N 114 -9.87 2.30 -66.24
N ALA N 115 -9.96 1.50 -67.30
CA ALA N 115 -8.84 1.40 -68.22
C ALA N 115 -8.59 2.73 -68.93
N ALA N 116 -9.65 3.46 -69.29
CA ALA N 116 -9.45 4.71 -70.01
C ALA N 116 -8.75 5.75 -69.17
N HIS N 117 -8.91 5.71 -67.85
CA HIS N 117 -8.37 6.75 -66.97
C HIS N 117 -7.22 6.27 -66.11
N GLY N 118 -6.69 5.08 -66.37
CA GLY N 118 -5.56 4.60 -65.60
C GLY N 118 -5.85 4.27 -64.16
N ILE N 119 -7.11 3.98 -63.83
CA ILE N 119 -7.43 3.51 -62.49
C ILE N 119 -6.94 2.09 -62.33
N ALA N 120 -6.38 1.78 -61.16
CA ALA N 120 -5.80 0.47 -60.88
C ALA N 120 -6.17 0.05 -59.45
N ASP N 121 -7.47 -0.16 -59.21
CA ASP N 121 -7.95 -0.40 -57.85
C ASP N 121 -8.34 -1.86 -57.62
N ASP N 122 -7.97 -2.77 -58.52
CA ASP N 122 -8.02 -4.20 -58.27
C ASP N 122 -6.94 -4.84 -59.13
N VAL N 123 -6.83 -6.17 -59.05
CA VAL N 123 -5.76 -6.88 -59.75
C VAL N 123 -5.86 -6.67 -61.26
N LEU N 124 -7.07 -6.83 -61.82
CA LEU N 124 -7.24 -6.77 -63.26
C LEU N 124 -6.79 -5.42 -63.83
N THR N 125 -7.29 -4.32 -63.27
CA THR N 125 -6.97 -3.01 -63.84
C THR N 125 -5.53 -2.61 -63.55
N ALA N 126 -4.94 -3.12 -62.47
CA ALA N 126 -3.51 -2.92 -62.27
C ALA N 126 -2.70 -3.72 -63.28
N THR N 127 -3.16 -4.94 -63.60
CA THR N 127 -2.45 -5.73 -64.60
C THR N 127 -2.48 -5.05 -65.97
N VAL N 128 -3.59 -4.35 -66.29
CA VAL N 128 -3.66 -3.60 -67.53
C VAL N 128 -2.49 -2.61 -67.62
N LEU N 129 -2.21 -1.90 -66.53
CA LEU N 129 -1.12 -0.93 -66.54
C LEU N 129 0.24 -1.59 -66.72
N ALA N 130 0.41 -2.82 -66.24
CA ALA N 130 1.70 -3.50 -66.30
C ALA N 130 1.91 -4.30 -67.57
N ALA N 131 0.86 -4.65 -68.31
CA ALA N 131 1.02 -5.45 -69.51
C ALA N 131 1.49 -4.57 -70.67
N GLU N 132 2.36 -5.13 -71.51
CA GLU N 132 2.89 -4.46 -72.71
C GLU N 132 2.79 -5.43 -73.87
N CYS N 133 1.59 -5.58 -74.40
CA CYS N 133 1.32 -6.57 -75.44
C CYS N 133 0.05 -6.16 -76.17
N PRO N 134 -0.21 -6.74 -77.35
CA PRO N 134 -1.50 -6.49 -78.01
C PRO N 134 -2.65 -6.83 -77.07
N THR N 135 -3.63 -5.93 -76.99
CA THR N 135 -4.72 -6.06 -76.05
C THR N 135 -6.06 -5.89 -76.77
N VAL N 136 -6.98 -6.82 -76.53
CA VAL N 136 -8.32 -6.80 -77.09
C VAL N 136 -9.34 -6.66 -75.97
N ILE N 137 -10.26 -5.69 -76.11
CA ILE N 137 -11.32 -5.44 -75.13
C ILE N 137 -12.66 -5.68 -75.81
N ALA N 138 -13.48 -6.55 -75.23
CA ALA N 138 -14.80 -6.91 -75.76
C ALA N 138 -15.88 -6.51 -74.75
N PRO N 139 -16.29 -5.24 -74.76
CA PRO N 139 -17.30 -4.80 -73.80
C PRO N 139 -18.69 -5.32 -74.14
N VAL N 140 -19.47 -5.53 -73.10
CA VAL N 140 -20.87 -5.91 -73.21
C VAL N 140 -21.67 -5.07 -72.23
N MET N 141 -22.82 -4.57 -72.68
CA MET N 141 -23.75 -3.77 -71.88
C MET N 141 -24.98 -3.58 -72.75
N ASN N 142 -26.07 -3.11 -72.15
CA ASN N 142 -27.27 -2.91 -72.95
C ASN N 142 -27.14 -1.63 -73.78
N ALA N 143 -28.18 -1.35 -74.59
CA ALA N 143 -28.08 -0.26 -75.55
C ALA N 143 -28.07 1.10 -74.86
N ALA N 144 -28.85 1.24 -73.78
CA ALA N 144 -28.86 2.51 -73.05
C ALA N 144 -27.48 2.84 -72.50
N MET N 145 -26.78 1.86 -71.92
CA MET N 145 -25.47 2.13 -71.35
C MET N 145 -24.44 2.41 -72.44
N TRP N 146 -24.47 1.64 -73.52
CA TRP N 146 -23.55 1.87 -74.62
C TRP N 146 -23.72 3.26 -75.23
N SER N 147 -24.94 3.83 -75.14
CA SER N 147 -25.20 5.13 -75.75
C SER N 147 -24.79 6.31 -74.86
N LYS N 148 -24.36 6.07 -73.63
CA LYS N 148 -23.99 7.18 -72.75
C LYS N 148 -22.75 7.90 -73.27
N PRO N 149 -22.74 9.24 -73.24
CA PRO N 149 -21.55 9.98 -73.69
C PRO N 149 -20.27 9.59 -72.96
N ALA N 150 -20.36 9.37 -71.64
CA ALA N 150 -19.18 8.99 -70.87
C ALA N 150 -18.60 7.68 -71.38
N VAL N 151 -19.45 6.70 -71.67
CA VAL N 151 -18.98 5.40 -72.17
C VAL N 151 -18.27 5.57 -73.51
N GLN N 152 -18.87 6.34 -74.42
CA GLN N 152 -18.27 6.50 -75.74
C GLN N 152 -16.97 7.29 -75.67
N ARG N 153 -16.88 8.27 -74.75
CA ARG N 153 -15.59 8.92 -74.50
C ARG N 153 -14.53 7.91 -74.08
N ASN N 154 -14.91 6.94 -73.24
CA ASN N 154 -13.93 5.95 -72.80
C ASN N 154 -13.52 5.04 -73.94
N VAL N 155 -14.49 4.60 -74.76
CA VAL N 155 -14.17 3.80 -75.95
C VAL N 155 -13.21 4.55 -76.86
N ASP N 156 -13.53 5.82 -77.18
CA ASP N 156 -12.65 6.58 -78.07
C ASP N 156 -11.26 6.71 -77.46
N GLN N 157 -11.20 7.01 -76.16
CA GLN N 157 -9.90 7.19 -75.50
C GLN N 157 -9.08 5.90 -75.56
N LEU N 158 -9.73 4.76 -75.37
CA LEU N 158 -8.99 3.50 -75.40
C LEU N 158 -8.47 3.19 -76.80
N ARG N 159 -9.27 3.48 -77.84
CA ARG N 159 -8.80 3.28 -79.20
C ARG N 159 -7.60 4.17 -79.50
N GLU N 160 -7.65 5.43 -79.05
CA GLU N 160 -6.51 6.32 -79.23
C GLU N 160 -5.27 5.83 -78.49
N ASP N 161 -5.44 5.13 -77.37
CA ASP N 161 -4.29 4.62 -76.63
C ASP N 161 -3.76 3.30 -77.20
N GLY N 162 -4.39 2.77 -78.25
CA GLY N 162 -3.93 1.57 -78.90
C GLY N 162 -4.67 0.29 -78.57
N TYR N 163 -5.77 0.36 -77.82
CA TYR N 163 -6.54 -0.83 -77.49
C TYR N 163 -7.56 -1.10 -78.59
N ARG N 164 -7.74 -2.38 -78.90
CA ARG N 164 -8.73 -2.84 -79.88
C ARG N 164 -10.06 -3.11 -79.17
N ILE N 165 -11.09 -2.36 -79.53
CA ILE N 165 -12.40 -2.52 -78.92
C ILE N 165 -13.29 -3.29 -79.89
N VAL N 166 -13.86 -4.39 -79.41
CA VAL N 166 -14.83 -5.16 -80.17
C VAL N 166 -16.21 -4.73 -79.68
N GLU N 167 -16.90 -3.96 -80.53
CA GLU N 167 -18.18 -3.40 -80.11
C GLU N 167 -19.20 -4.52 -79.93
N PRO N 168 -20.10 -4.39 -78.95
CA PRO N 168 -21.08 -5.46 -78.69
C PRO N 168 -22.17 -5.54 -79.75
N LYS N 169 -22.92 -6.65 -79.68
CA LYS N 169 -24.17 -6.81 -80.42
C LYS N 169 -25.34 -6.52 -79.50
N GLU N 170 -26.54 -6.64 -80.06
CA GLU N 170 -27.80 -6.34 -79.38
C GLU N 170 -28.64 -7.62 -79.39
N GLY N 171 -28.28 -8.57 -78.52
CA GLY N 171 -28.92 -9.87 -78.49
C GLY N 171 -30.03 -10.02 -77.47
N ILE N 172 -31.26 -9.66 -77.85
CA ILE N 172 -32.39 -9.71 -76.93
C ILE N 172 -32.73 -11.16 -76.58
N PRO N 181 -30.37 -5.99 -73.33
CA PRO N 181 -29.52 -7.14 -72.98
C PRO N 181 -28.46 -7.40 -74.04
N GLY N 182 -27.27 -6.84 -73.84
CA GLY N 182 -26.24 -6.89 -74.85
C GLY N 182 -25.64 -8.28 -75.00
N SER N 183 -24.80 -8.41 -76.03
CA SER N 183 -24.07 -9.64 -76.24
C SER N 183 -22.73 -9.30 -76.87
N LEU N 184 -21.81 -10.27 -76.80
CA LEU N 184 -20.45 -10.06 -77.29
C LEU N 184 -20.42 -9.77 -78.78
N GLY N 185 -19.56 -8.84 -79.18
CA GLY N 185 -19.37 -8.57 -80.60
C GLY N 185 -18.60 -9.64 -81.32
N ASP N 186 -18.04 -9.32 -82.49
CA ASP N 186 -17.31 -10.29 -83.29
C ASP N 186 -15.86 -10.29 -82.82
N PHE N 187 -15.62 -11.01 -81.74
CA PHE N 187 -14.29 -11.04 -81.12
C PHE N 187 -13.39 -12.07 -81.76
N GLN N 188 -13.97 -13.08 -82.43
CA GLN N 188 -13.18 -14.20 -82.93
C GLN N 188 -12.07 -13.70 -83.85
N SER N 189 -12.40 -12.78 -84.75
CA SER N 189 -11.42 -12.24 -85.67
C SER N 189 -10.36 -11.43 -84.93
N ALA N 190 -10.79 -10.58 -83.99
CA ALA N 190 -9.85 -9.72 -83.27
C ALA N 190 -8.88 -10.52 -82.41
N ILE N 191 -9.36 -11.55 -81.74
CA ILE N 191 -8.49 -12.32 -80.86
C ILE N 191 -7.50 -13.13 -81.68
N SER N 192 -7.99 -13.82 -82.72
CA SER N 192 -7.11 -14.59 -83.60
C SER N 192 -6.01 -13.72 -84.18
N THR N 193 -6.40 -12.53 -84.65
CA THR N 193 -5.43 -11.57 -85.17
C THR N 193 -4.36 -11.25 -84.12
N ALA N 194 -4.79 -10.99 -82.89
CA ALA N 194 -3.84 -10.66 -81.83
C ALA N 194 -2.93 -11.86 -81.53
N LEU N 195 -3.49 -13.06 -81.50
CA LEU N 195 -2.68 -14.25 -81.24
C LEU N 195 -1.65 -14.48 -82.34
N ILE N 196 -2.05 -14.30 -83.60
CA ILE N 196 -1.11 -14.51 -84.71
C ILE N 196 -0.06 -13.41 -84.71
N GLN N 197 -0.49 -12.16 -84.50
CA GLN N 197 0.47 -11.07 -84.36
C GLN N 197 1.48 -11.36 -83.27
N ALA N 198 1.04 -11.96 -82.16
CA ALA N 198 1.96 -12.30 -81.08
C ALA N 198 2.92 -13.42 -81.50
N ALA N 199 2.43 -14.41 -82.23
CA ALA N 199 3.30 -15.49 -82.69
C ALA N 199 4.43 -14.95 -83.56
N ALA N 200 4.15 -13.95 -84.37
CA ALA N 200 5.20 -13.30 -85.16
C ALA N 200 6.03 -12.36 -84.30
N ALA O 18 -51.04 14.53 -62.74
CA ALA O 18 -50.37 13.43 -63.43
C ALA O 18 -49.03 13.12 -62.77
N LEU O 19 -48.62 13.94 -61.80
CA LEU O 19 -47.36 13.70 -61.11
C LEU O 19 -47.40 12.46 -60.24
N ALA O 20 -48.59 11.89 -59.99
CA ALA O 20 -48.69 10.72 -59.12
C ALA O 20 -48.24 9.44 -59.80
N GLN O 21 -48.16 9.44 -61.13
CA GLN O 21 -47.74 8.26 -61.88
C GLN O 21 -46.30 8.34 -62.34
N VAL O 22 -45.58 9.41 -62.02
CA VAL O 22 -44.16 9.51 -62.35
C VAL O 22 -43.36 8.64 -61.39
N ARG O 23 -42.54 7.75 -61.95
CA ARG O 23 -41.72 6.84 -61.16
C ARG O 23 -40.37 7.49 -60.88
N LEU O 24 -40.14 7.84 -59.61
CA LEU O 24 -38.97 8.59 -59.17
C LEU O 24 -37.94 7.64 -58.58
N LEU O 25 -36.76 7.58 -59.19
CA LEU O 25 -35.61 6.86 -58.64
C LEU O 25 -34.68 7.85 -57.94
N TRP O 26 -34.32 7.55 -56.70
CA TRP O 26 -33.64 8.49 -55.82
C TRP O 26 -32.36 7.85 -55.30
N GLY O 27 -31.21 8.36 -55.74
CA GLY O 27 -29.92 7.90 -55.25
C GLY O 27 -29.42 8.73 -54.08
N VAL O 28 -28.84 8.05 -53.09
CA VAL O 28 -28.38 8.67 -51.85
C VAL O 28 -26.92 8.30 -51.63
N CYS O 29 -26.05 9.32 -51.51
CA CYS O 29 -24.63 9.12 -51.29
C CYS O 29 -24.23 9.49 -49.88
N GLY O 30 -23.00 9.12 -49.52
CA GLY O 30 -22.50 9.29 -48.17
C GLY O 30 -22.09 10.71 -47.79
N SER O 31 -23.07 11.59 -47.66
CA SER O 31 -22.85 12.98 -47.29
C SER O 31 -23.54 13.29 -45.96
N PHE O 32 -23.01 14.29 -45.24
CA PHE O 32 -23.71 14.82 -44.07
C PHE O 32 -25.18 15.04 -44.33
N SER O 33 -25.50 15.53 -45.53
CA SER O 33 -26.88 15.88 -45.83
C SER O 33 -27.79 14.67 -46.03
N ALA O 34 -27.28 13.45 -45.86
CA ALA O 34 -28.17 12.30 -45.94
C ALA O 34 -29.18 12.29 -44.80
N VAL O 35 -28.92 13.01 -43.70
CA VAL O 35 -29.91 13.11 -42.63
C VAL O 35 -31.17 13.83 -43.09
N ALA O 36 -31.10 14.59 -44.18
CA ALA O 36 -32.26 15.31 -44.69
C ALA O 36 -33.18 14.43 -45.52
N VAL O 37 -32.83 13.16 -45.74
CA VAL O 37 -33.63 12.32 -46.64
C VAL O 37 -35.09 12.19 -46.20
N PRO O 38 -35.40 11.95 -44.91
CA PRO O 38 -36.82 11.89 -44.53
C PRO O 38 -37.57 13.20 -44.82
N HIS O 39 -36.96 14.34 -44.51
CA HIS O 39 -37.58 15.64 -44.80
C HIS O 39 -37.85 15.79 -46.30
N VAL O 40 -36.88 15.44 -47.15
CA VAL O 40 -37.09 15.52 -48.60
C VAL O 40 -38.17 14.56 -49.05
N ASN O 41 -38.24 13.38 -48.42
CA ASN O 41 -39.27 12.40 -48.80
C ASN O 41 -40.66 12.93 -48.50
N ALA O 42 -40.85 13.56 -47.33
CA ALA O 42 -42.14 14.15 -47.00
C ALA O 42 -42.50 15.26 -47.98
N TRP O 43 -41.52 16.09 -48.34
CA TRP O 43 -41.76 17.13 -49.34
C TRP O 43 -42.17 16.54 -50.68
N LEU O 44 -41.50 15.47 -51.10
CA LEU O 44 -41.82 14.84 -52.38
C LEU O 44 -43.23 14.26 -52.36
N ARG O 45 -43.63 13.66 -51.23
CA ARG O 45 -44.93 13.00 -51.17
C ARG O 45 -46.05 13.96 -50.82
N GLY O 46 -45.87 14.76 -49.76
CA GLY O 46 -46.96 15.56 -49.23
C GLY O 46 -47.20 16.87 -49.94
N THR O 47 -46.22 17.35 -50.68
CA THR O 47 -46.32 18.63 -51.39
C THR O 47 -46.31 18.47 -52.89
N VAL O 48 -45.37 17.69 -53.43
CA VAL O 48 -45.32 17.51 -54.88
C VAL O 48 -46.32 16.45 -55.33
N GLY O 49 -46.58 15.45 -54.48
CA GLY O 49 -47.53 14.42 -54.82
C GLY O 49 -46.97 13.19 -55.52
N VAL O 50 -45.66 12.96 -55.45
CA VAL O 50 -45.08 11.76 -56.03
C VAL O 50 -45.48 10.57 -55.17
N GLN O 51 -45.87 9.46 -55.80
CA GLN O 51 -46.33 8.29 -55.07
C GLN O 51 -45.36 7.12 -55.09
N GLU O 52 -44.74 6.84 -56.22
CA GLU O 52 -43.83 5.71 -56.34
C GLU O 52 -42.39 6.22 -56.34
N ILE O 53 -41.71 6.00 -55.23
CA ILE O 53 -40.32 6.43 -55.02
C ILE O 53 -39.52 5.24 -54.55
N ARG O 54 -38.46 4.90 -55.30
CA ARG O 54 -37.51 3.86 -54.92
C ARG O 54 -36.12 4.44 -54.75
N THR O 55 -35.43 4.01 -53.70
CA THR O 55 -34.14 4.57 -53.32
C THR O 55 -33.01 3.59 -53.54
N VAL O 56 -31.85 4.15 -53.90
CA VAL O 56 -30.58 3.45 -54.02
C VAL O 56 -29.58 4.15 -53.12
N MET O 57 -28.99 3.43 -52.17
CA MET O 57 -27.99 3.99 -51.28
C MET O 57 -26.62 3.42 -51.61
N THR O 58 -25.61 4.28 -51.66
CA THR O 58 -24.24 3.77 -51.72
C THR O 58 -23.92 3.07 -50.41
N ALA O 59 -22.87 2.24 -50.44
CA ALA O 59 -22.45 1.55 -49.23
C ALA O 59 -22.12 2.55 -48.12
N GLN O 60 -21.50 3.68 -48.48
CA GLN O 60 -21.17 4.68 -47.47
C GLN O 60 -22.42 5.35 -46.91
N ALA O 61 -23.38 5.66 -47.77
CA ALA O 61 -24.63 6.23 -47.29
C ALA O 61 -25.32 5.29 -46.30
N ARG O 62 -25.37 4.00 -46.65
CA ARG O 62 -25.98 3.00 -45.78
C ARG O 62 -25.27 2.94 -44.45
N ALA O 63 -23.93 3.01 -44.46
CA ALA O 63 -23.14 2.91 -43.24
C ALA O 63 -23.36 4.10 -42.31
N LEU O 64 -23.71 5.27 -42.87
CA LEU O 64 -23.94 6.45 -42.05
C LEU O 64 -25.37 6.51 -41.54
N MET O 65 -26.34 6.36 -42.44
CA MET O 65 -27.76 6.60 -42.16
C MET O 65 -28.53 5.36 -41.70
N GLY O 66 -28.15 4.16 -42.10
CA GLY O 66 -28.92 2.98 -41.79
C GLY O 66 -30.16 2.86 -42.65
N PRO O 67 -30.27 1.76 -43.38
CA PRO O 67 -31.36 1.62 -44.36
C PRO O 67 -32.72 1.26 -43.76
N ARG O 68 -32.77 0.81 -42.50
CA ARG O 68 -34.05 0.31 -41.98
C ARG O 68 -35.03 1.43 -41.70
N MET O 69 -34.53 2.58 -41.25
CA MET O 69 -35.46 3.70 -41.05
C MET O 69 -35.87 4.32 -42.37
N ILE O 70 -34.95 4.45 -43.32
CA ILE O 70 -35.31 4.90 -44.66
C ILE O 70 -36.39 4.00 -45.24
N GLU O 71 -36.25 2.69 -45.06
CA GLU O 71 -37.28 1.76 -45.54
C GLU O 71 -38.61 2.04 -44.87
N ALA O 72 -38.59 2.29 -43.56
CA ALA O 72 -39.83 2.44 -42.81
C ALA O 72 -40.59 3.70 -43.20
N VAL O 73 -39.88 4.76 -43.60
CA VAL O 73 -40.55 6.03 -43.89
C VAL O 73 -40.81 6.23 -45.38
N THR O 74 -40.14 5.49 -46.26
CA THR O 74 -40.36 5.60 -47.69
C THR O 74 -41.21 4.47 -48.24
N GLY O 75 -41.36 3.38 -47.50
CA GLY O 75 -42.15 2.25 -47.94
C GLY O 75 -41.43 1.22 -48.78
N HIS O 76 -40.14 1.41 -49.07
CA HIS O 76 -39.37 0.42 -49.81
C HIS O 76 -37.98 0.29 -49.21
N ALA O 77 -37.48 -0.93 -49.13
CA ALA O 77 -36.10 -1.13 -48.73
C ALA O 77 -35.19 -0.49 -49.78
N PRO O 78 -34.25 0.37 -49.38
CA PRO O 78 -33.30 0.89 -50.35
C PRO O 78 -32.43 -0.23 -50.89
N VAL O 79 -32.06 -0.11 -52.16
CA VAL O 79 -31.16 -1.05 -52.82
C VAL O 79 -29.73 -0.56 -52.65
N THR O 80 -28.84 -1.43 -52.16
CA THR O 80 -27.42 -1.13 -52.08
C THR O 80 -26.55 -2.17 -52.76
N ASP O 81 -26.78 -3.44 -52.46
CA ASP O 81 -26.01 -4.53 -53.04
C ASP O 81 -26.79 -5.15 -54.20
N TRP O 82 -26.05 -5.75 -55.14
CA TRP O 82 -26.69 -6.42 -56.27
C TRP O 82 -27.71 -7.43 -55.81
N GLU O 83 -27.46 -8.09 -54.69
CA GLU O 83 -28.36 -9.10 -54.13
C GLU O 83 -29.71 -8.53 -53.74
N ASP O 84 -29.83 -7.20 -53.58
CA ASP O 84 -31.12 -6.62 -53.20
C ASP O 84 -32.12 -6.66 -54.34
N HIS O 85 -31.68 -6.85 -55.58
CA HIS O 85 -32.61 -7.02 -56.69
C HIS O 85 -32.98 -8.49 -56.83
N LYS O 86 -34.28 -8.76 -56.97
CA LYS O 86 -34.81 -10.12 -57.03
C LYS O 86 -35.21 -10.48 -58.45
N GLY O 87 -34.96 -11.73 -58.82
CA GLY O 87 -35.39 -12.26 -60.10
C GLY O 87 -34.40 -12.00 -61.22
N GLY O 88 -34.95 -12.00 -62.43
CA GLY O 88 -34.13 -11.84 -63.63
C GLY O 88 -33.54 -10.45 -63.77
N GLY O 89 -32.55 -10.37 -64.66
CA GLY O 89 -31.84 -9.15 -64.94
C GLY O 89 -30.84 -8.81 -63.86
N ALA O 90 -30.96 -7.62 -63.29
CA ALA O 90 -29.90 -7.00 -62.51
C ALA O 90 -30.35 -5.65 -62.02
N ALA O 91 -29.86 -5.23 -60.85
CA ALA O 91 -30.40 -4.05 -60.17
C ALA O 91 -30.35 -2.81 -61.05
N HIS O 92 -29.24 -2.59 -61.75
CA HIS O 92 -29.09 -1.34 -62.49
C HIS O 92 -29.98 -1.29 -63.71
N VAL O 93 -30.13 -2.42 -64.41
CA VAL O 93 -31.01 -2.47 -65.58
C VAL O 93 -32.47 -2.36 -65.15
N ALA O 94 -32.89 -3.09 -64.11
CA ALA O 94 -34.27 -3.02 -63.66
C ALA O 94 -34.61 -1.63 -63.12
N LEU O 95 -33.74 -1.07 -62.28
CA LEU O 95 -34.00 0.27 -61.74
C LEU O 95 -33.87 1.33 -62.82
N GLY O 96 -32.89 1.18 -63.72
CA GLY O 96 -32.71 2.17 -64.76
C GLY O 96 -33.90 2.26 -65.69
N ALA O 97 -34.48 1.11 -66.03
CA ALA O 97 -35.65 1.08 -66.92
C ALA O 97 -36.91 1.58 -66.22
N TRP O 98 -37.03 1.35 -64.91
CA TRP O 98 -38.24 1.73 -64.18
C TRP O 98 -38.35 3.24 -64.03
N ALA O 99 -37.22 3.94 -63.98
CA ALA O 99 -37.20 5.34 -63.56
C ALA O 99 -37.76 6.27 -64.64
N ASP O 100 -38.67 7.15 -64.23
CA ASP O 100 -39.07 8.27 -65.08
C ASP O 100 -38.24 9.50 -64.79
N VAL O 101 -37.85 9.70 -63.54
CA VAL O 101 -36.93 10.76 -63.13
C VAL O 101 -35.89 10.12 -62.21
N LEU O 102 -34.64 10.54 -62.35
CA LEU O 102 -33.57 10.09 -61.49
C LEU O 102 -33.02 11.29 -60.73
N VAL O 103 -33.01 11.20 -59.41
CA VAL O 103 -32.47 12.24 -58.55
C VAL O 103 -31.37 11.65 -57.68
N ILE O 104 -30.20 12.28 -57.69
CA ILE O 104 -29.10 11.95 -56.78
C ILE O 104 -29.04 13.05 -55.73
N LEU O 105 -29.46 12.72 -54.51
CA LEU O 105 -29.60 13.73 -53.48
C LEU O 105 -29.50 13.08 -52.11
N PRO O 106 -28.48 13.40 -51.31
CA PRO O 106 -27.34 14.22 -51.74
C PRO O 106 -26.35 13.42 -52.57
N ALA O 107 -25.63 14.11 -53.45
CA ALA O 107 -24.52 13.54 -54.20
C ALA O 107 -23.22 13.92 -53.52
N THR O 108 -22.27 13.00 -53.53
CA THR O 108 -20.94 13.29 -53.01
C THR O 108 -20.07 13.86 -54.12
N ALA O 109 -18.97 14.51 -53.72
CA ALA O 109 -17.93 14.81 -54.69
C ALA O 109 -17.51 13.54 -55.41
N ASN O 110 -17.37 12.45 -54.66
CA ASN O 110 -17.05 11.14 -55.23
C ASN O 110 -18.02 10.76 -56.33
N PHE O 111 -19.32 10.92 -56.08
CA PHE O 111 -20.31 10.61 -57.10
C PHE O 111 -20.09 11.41 -58.38
N LEU O 112 -19.84 12.72 -58.25
CA LEU O 112 -19.62 13.55 -59.44
C LEU O 112 -18.50 12.98 -60.29
N ALA O 113 -17.40 12.57 -59.65
CA ALA O 113 -16.27 12.01 -60.40
C ALA O 113 -16.68 10.74 -61.13
N LYS O 114 -17.40 9.84 -60.44
CA LYS O 114 -17.76 8.58 -61.06
C LYS O 114 -18.75 8.79 -62.20
N ALA O 115 -19.79 9.61 -61.99
CA ALA O 115 -20.79 9.82 -63.03
C ALA O 115 -20.18 10.53 -64.24
N ALA O 116 -19.29 11.49 -64.00
CA ALA O 116 -18.70 12.26 -65.08
C ALA O 116 -17.80 11.40 -65.98
N HIS O 117 -17.23 10.32 -65.45
CA HIS O 117 -16.29 9.51 -66.22
C HIS O 117 -16.85 8.14 -66.58
N GLY O 118 -18.13 7.90 -66.34
CA GLY O 118 -18.70 6.61 -66.69
C GLY O 118 -18.21 5.45 -65.86
N ILE O 119 -17.73 5.71 -64.63
CA ILE O 119 -17.42 4.63 -63.69
C ILE O 119 -18.70 4.03 -63.15
N ALA O 120 -18.73 2.70 -63.02
CA ALA O 120 -19.92 1.97 -62.61
C ALA O 120 -19.51 0.82 -61.68
N ASP O 121 -18.98 1.15 -60.51
CA ASP O 121 -18.44 0.13 -59.60
C ASP O 121 -19.33 -0.12 -58.38
N ASP O 122 -20.57 0.38 -58.39
CA ASP O 122 -21.59 -0.04 -57.45
C ASP O 122 -22.94 0.09 -58.15
N VAL O 123 -24.01 -0.30 -57.43
CA VAL O 123 -25.34 -0.30 -58.04
C VAL O 123 -25.74 1.09 -58.50
N LEU O 124 -25.52 2.10 -57.66
CA LEU O 124 -25.97 3.45 -57.99
C LEU O 124 -25.33 3.95 -59.27
N THR O 125 -24.00 3.88 -59.37
CA THR O 125 -23.34 4.46 -60.54
C THR O 125 -23.57 3.64 -61.79
N ALA O 126 -23.84 2.34 -61.63
CA ALA O 126 -24.25 1.54 -62.78
C ALA O 126 -25.67 1.90 -63.22
N THR O 127 -26.55 2.17 -62.26
CA THR O 127 -27.91 2.55 -62.61
C THR O 127 -27.90 3.83 -63.43
N VAL O 128 -26.99 4.74 -63.10
CA VAL O 128 -26.83 5.98 -63.85
C VAL O 128 -26.58 5.69 -65.33
N LEU O 129 -25.71 4.72 -65.61
CA LEU O 129 -25.44 4.38 -67.01
C LEU O 129 -26.67 3.76 -67.67
N ALA O 130 -27.49 3.04 -66.91
CA ALA O 130 -28.64 2.32 -67.47
C ALA O 130 -29.89 3.19 -67.56
N ALA O 131 -29.95 4.29 -66.82
CA ALA O 131 -31.13 5.15 -66.85
C ALA O 131 -31.12 6.03 -68.09
N GLU O 132 -32.30 6.25 -68.66
CA GLU O 132 -32.49 7.13 -69.82
C GLU O 132 -33.68 8.02 -69.47
N CYS O 133 -33.44 9.00 -68.62
CA CYS O 133 -34.51 9.86 -68.13
C CYS O 133 -33.88 11.15 -67.63
N PRO O 134 -34.68 12.21 -67.50
CA PRO O 134 -34.14 13.45 -66.90
C PRO O 134 -33.58 13.17 -65.52
N THR O 135 -32.40 13.70 -65.25
CA THR O 135 -31.67 13.42 -64.02
C THR O 135 -31.22 14.72 -63.37
N VAL O 136 -31.47 14.85 -62.07
CA VAL O 136 -31.03 15.98 -61.27
C VAL O 136 -30.01 15.48 -60.26
N ILE O 137 -28.88 16.17 -60.16
CA ILE O 137 -27.81 15.84 -59.23
C ILE O 137 -27.63 17.02 -58.29
N ALA O 138 -27.69 16.76 -56.98
CA ALA O 138 -27.56 17.79 -55.95
C ALA O 138 -26.36 17.49 -55.08
N PRO O 139 -25.16 17.90 -55.50
CA PRO O 139 -23.96 17.59 -54.72
C PRO O 139 -23.91 18.43 -53.44
N VAL O 140 -23.30 17.86 -52.40
CA VAL O 140 -23.03 18.55 -51.15
C VAL O 140 -21.60 18.26 -50.73
N MET O 141 -20.88 19.31 -50.30
CA MET O 141 -19.51 19.22 -49.82
C MET O 141 -19.12 20.58 -49.28
N ASN O 142 -18.00 20.64 -48.55
CA ASN O 142 -17.57 21.92 -47.99
C ASN O 142 -16.93 22.77 -49.09
N ALA O 143 -16.56 24.00 -48.71
CA ALA O 143 -16.13 24.98 -49.71
C ALA O 143 -14.79 24.60 -50.34
N ALA O 144 -13.87 24.06 -49.54
CA ALA O 144 -12.58 23.63 -50.07
C ALA O 144 -12.75 22.55 -51.13
N MET O 145 -13.65 21.59 -50.90
CA MET O 145 -13.83 20.52 -51.88
C MET O 145 -14.49 21.04 -53.15
N TRP O 146 -15.54 21.86 -53.01
CA TRP O 146 -16.25 22.38 -54.17
C TRP O 146 -15.35 23.21 -55.07
N SER O 147 -14.33 23.85 -54.51
CA SER O 147 -13.48 24.73 -55.30
C SER O 147 -12.37 24.00 -56.06
N LYS O 148 -12.20 22.71 -55.84
CA LYS O 148 -11.12 21.97 -56.47
C LYS O 148 -11.30 21.95 -57.99
N PRO O 149 -10.22 22.13 -58.76
CA PRO O 149 -10.34 22.05 -60.22
C PRO O 149 -10.92 20.74 -60.71
N ALA O 150 -10.52 19.62 -60.09
CA ALA O 150 -11.05 18.34 -60.51
C ALA O 150 -12.55 18.26 -60.30
N VAL O 151 -13.03 18.76 -59.17
CA VAL O 151 -14.47 18.72 -58.90
C VAL O 151 -15.23 19.56 -59.93
N GLN O 152 -14.71 20.76 -60.26
CA GLN O 152 -15.40 21.63 -61.20
C GLN O 152 -15.37 21.07 -62.63
N ARG O 153 -14.28 20.39 -63.00
CA ARG O 153 -14.27 19.68 -64.28
C ARG O 153 -15.39 18.66 -64.35
N ASN O 154 -15.63 17.96 -63.24
CA ASN O 154 -16.69 16.95 -63.22
C ASN O 154 -18.06 17.62 -63.32
N VAL O 155 -18.27 18.71 -62.58
CA VAL O 155 -19.52 19.46 -62.69
C VAL O 155 -19.75 19.89 -64.14
N ASP O 156 -18.73 20.51 -64.76
CA ASP O 156 -18.87 20.99 -66.13
C ASP O 156 -19.19 19.84 -67.09
N GLN O 157 -18.47 18.71 -66.95
CA GLN O 157 -18.67 17.59 -67.85
C GLN O 157 -20.08 17.01 -67.73
N LEU O 158 -20.63 16.95 -66.51
CA LEU O 158 -21.97 16.39 -66.36
C LEU O 158 -23.02 17.30 -67.00
N ARG O 159 -22.84 18.62 -66.90
CA ARG O 159 -23.75 19.54 -67.57
C ARG O 159 -23.69 19.36 -69.08
N GLU O 160 -22.48 19.25 -69.64
CA GLU O 160 -22.36 19.00 -71.07
C GLU O 160 -23.00 17.69 -71.48
N ASP O 161 -23.05 16.70 -70.58
CA ASP O 161 -23.71 15.43 -70.84
C ASP O 161 -25.21 15.48 -70.63
N GLY O 162 -25.75 16.62 -70.18
CA GLY O 162 -27.17 16.78 -70.02
C GLY O 162 -27.71 16.63 -68.62
N TYR O 163 -26.85 16.51 -67.61
CA TYR O 163 -27.32 16.37 -66.24
C TYR O 163 -27.55 17.75 -65.64
N ARG O 164 -28.61 17.86 -64.85
CA ARG O 164 -28.94 19.07 -64.13
C ARG O 164 -28.23 19.03 -62.78
N ILE O 165 -27.33 20.00 -62.55
CA ILE O 165 -26.57 20.08 -61.32
C ILE O 165 -27.16 21.18 -60.44
N VAL O 166 -27.52 20.84 -59.22
CA VAL O 166 -27.97 21.80 -58.23
C VAL O 166 -26.79 22.08 -57.30
N GLU O 167 -26.17 23.25 -57.47
CA GLU O 167 -24.97 23.58 -56.71
C GLU O 167 -25.29 23.72 -55.22
N PRO O 168 -24.37 23.34 -54.36
CA PRO O 168 -24.61 23.41 -52.91
C PRO O 168 -24.58 24.83 -52.39
N LYS O 169 -25.07 25.00 -51.17
CA LYS O 169 -24.88 26.22 -50.40
C LYS O 169 -23.76 25.97 -49.38
N GLU O 170 -23.39 27.00 -48.64
CA GLU O 170 -22.29 26.91 -47.68
C GLU O 170 -22.87 27.32 -46.32
N GLY O 171 -23.61 26.40 -45.71
CA GLY O 171 -24.33 26.72 -44.49
C GLY O 171 -23.65 26.31 -43.20
N ILE O 172 -22.80 27.18 -42.67
CA ILE O 172 -22.05 26.90 -41.45
C ILE O 172 -22.96 26.86 -40.22
N PRO O 181 -18.65 23.52 -44.12
CA PRO O 181 -19.73 22.56 -43.90
C PRO O 181 -20.91 22.83 -44.84
N GLY O 182 -20.93 22.16 -46.00
CA GLY O 182 -21.90 22.47 -47.03
C GLY O 182 -23.31 22.01 -46.69
N SER O 183 -24.25 22.46 -47.53
CA SER O 183 -25.63 22.03 -47.42
C SER O 183 -26.26 22.00 -48.82
N LEU O 184 -27.41 21.35 -48.91
CA LEU O 184 -28.12 21.20 -50.17
C LEU O 184 -28.53 22.55 -50.77
N GLY O 185 -28.38 22.66 -52.08
CA GLY O 185 -28.82 23.83 -52.82
C GLY O 185 -30.32 23.84 -53.02
N ASP O 186 -30.76 24.66 -53.99
CA ASP O 186 -32.18 24.85 -54.29
C ASP O 186 -32.61 23.83 -55.33
N PHE O 187 -32.92 22.61 -54.85
CA PHE O 187 -33.25 21.49 -55.73
C PHE O 187 -34.73 21.41 -56.10
N GLN O 188 -35.61 22.04 -55.32
CA GLN O 188 -37.06 21.86 -55.52
C GLN O 188 -37.47 22.24 -56.94
N SER O 189 -36.97 23.36 -57.44
CA SER O 189 -37.35 23.79 -58.77
C SER O 189 -36.81 22.81 -59.83
N ALA O 190 -35.57 22.35 -59.66
CA ALA O 190 -34.99 21.41 -60.63
C ALA O 190 -35.73 20.08 -60.62
N ILE O 191 -36.09 19.59 -59.43
CA ILE O 191 -36.81 18.32 -59.35
C ILE O 191 -38.22 18.46 -59.90
N SER O 192 -38.93 19.53 -59.51
CA SER O 192 -40.28 19.76 -60.03
C SER O 192 -40.27 19.81 -61.55
N THR O 193 -39.30 20.52 -62.12
CA THR O 193 -39.16 20.59 -63.57
C THR O 193 -39.03 19.19 -64.18
N ALA O 194 -38.18 18.34 -63.58
CA ALA O 194 -37.98 17.00 -64.12
C ALA O 194 -39.26 16.16 -63.99
N LEU O 195 -39.93 16.24 -62.85
CA LEU O 195 -41.18 15.48 -62.68
C LEU O 195 -42.23 15.95 -63.68
N ILE O 196 -42.31 17.26 -63.93
CA ILE O 196 -43.28 17.79 -64.86
C ILE O 196 -42.93 17.41 -66.30
N GLN O 197 -41.66 17.58 -66.68
CA GLN O 197 -41.22 17.17 -68.01
C GLN O 197 -41.48 15.68 -68.24
N ALA O 198 -41.26 14.85 -67.22
CA ALA O 198 -41.52 13.42 -67.36
C ALA O 198 -43.00 13.14 -67.49
N ALA O 199 -43.83 13.86 -66.73
CA ALA O 199 -45.29 13.70 -66.80
C ALA O 199 -45.81 13.94 -68.22
N ALA O 200 -45.18 14.84 -68.97
CA ALA O 200 -45.53 15.06 -70.36
C ALA O 200 -44.99 13.93 -71.25
N ALA P 18 11.50 27.25 -37.82
CA ALA P 18 10.05 27.48 -37.76
C ALA P 18 9.30 26.29 -38.36
N LEU P 19 10.05 25.35 -38.94
CA LEU P 19 9.47 24.15 -39.52
C LEU P 19 8.90 23.21 -38.47
N ALA P 20 9.16 23.44 -37.19
CA ALA P 20 8.72 22.52 -36.15
C ALA P 20 7.22 22.63 -35.86
N GLN P 21 6.58 23.72 -36.26
CA GLN P 21 5.15 23.88 -36.07
C GLN P 21 4.36 23.59 -37.34
N VAL P 22 5.04 23.20 -38.42
CA VAL P 22 4.33 22.82 -39.64
C VAL P 22 3.69 21.45 -39.43
N ARG P 23 2.38 21.38 -39.70
CA ARG P 23 1.61 20.15 -39.53
C ARG P 23 1.64 19.38 -40.85
N LEU P 24 2.32 18.24 -40.87
CA LEU P 24 2.51 17.45 -42.08
C LEU P 24 1.53 16.29 -42.10
N LEU P 25 0.65 16.28 -43.11
CA LEU P 25 -0.23 15.15 -43.37
C LEU P 25 0.40 14.27 -44.43
N TRP P 26 0.50 12.97 -44.14
CA TRP P 26 1.31 12.03 -44.91
C TRP P 26 0.44 10.86 -45.32
N GLY P 27 0.12 10.78 -46.60
CA GLY P 27 -0.65 9.65 -47.13
C GLY P 27 0.26 8.58 -47.69
N VAL P 28 -0.11 7.33 -47.44
CA VAL P 28 0.67 6.15 -47.80
C VAL P 28 -0.20 5.20 -48.61
N CYS P 29 0.24 4.87 -49.82
CA CYS P 29 -0.49 3.97 -50.70
C CYS P 29 0.18 2.60 -50.77
N GLY P 30 -0.51 1.65 -51.40
CA GLY P 30 -0.07 0.28 -51.48
C GLY P 30 1.01 0.01 -52.52
N SER P 31 2.21 0.52 -52.29
CA SER P 31 3.35 0.31 -53.16
C SER P 31 4.45 -0.45 -52.43
N PHE P 32 5.27 -1.18 -53.19
CA PHE P 32 6.49 -1.81 -52.67
C PHE P 32 7.27 -0.84 -51.79
N SER P 33 7.29 0.42 -52.19
CA SER P 33 8.07 1.44 -51.50
C SER P 33 7.46 1.88 -50.19
N ALA P 34 6.34 1.28 -49.76
CA ALA P 34 5.82 1.56 -48.43
C ALA P 34 6.78 1.09 -47.35
N VAL P 35 7.71 0.19 -47.68
CA VAL P 35 8.73 -0.24 -46.72
C VAL P 35 9.66 0.90 -46.32
N ALA P 36 9.69 1.97 -47.09
CA ALA P 36 10.56 3.11 -46.80
C ALA P 36 9.96 4.05 -45.75
N VAL P 37 8.73 3.81 -45.30
CA VAL P 37 8.06 4.75 -44.40
C VAL P 37 8.85 5.01 -43.13
N PRO P 38 9.40 4.00 -42.43
CA PRO P 38 10.23 4.32 -41.24
C PRO P 38 11.46 5.16 -41.57
N HIS P 39 12.19 4.83 -42.64
CA HIS P 39 13.34 5.62 -43.03
C HIS P 39 12.94 7.07 -43.33
N VAL P 40 11.86 7.25 -44.10
CA VAL P 40 11.38 8.60 -44.39
C VAL P 40 10.95 9.29 -43.11
N ASN P 41 10.34 8.55 -42.17
CA ASN P 41 9.90 9.16 -40.93
C ASN P 41 11.07 9.68 -40.11
N ALA P 42 12.16 8.91 -40.04
CA ALA P 42 13.34 9.37 -39.32
C ALA P 42 13.95 10.59 -39.99
N TRP P 43 13.98 10.61 -41.32
CA TRP P 43 14.49 11.78 -42.04
C TRP P 43 13.64 13.02 -41.77
N LEU P 44 12.31 12.86 -41.78
CA LEU P 44 11.42 13.99 -41.57
C LEU P 44 11.59 14.59 -40.18
N ARG P 45 11.75 13.73 -39.17
CA ARG P 45 11.82 14.20 -37.79
C ARG P 45 13.23 14.61 -37.41
N GLY P 46 14.21 13.71 -37.66
CA GLY P 46 15.57 13.88 -37.17
C GLY P 46 16.47 14.76 -38.01
N THR P 47 16.11 15.01 -39.27
CA THR P 47 16.90 15.84 -40.16
C THR P 47 16.17 17.12 -40.56
N VAL P 48 14.91 17.01 -40.97
CA VAL P 48 14.16 18.19 -41.36
C VAL P 48 13.58 18.88 -40.13
N GLY P 49 13.26 18.13 -39.09
CA GLY P 49 12.76 18.73 -37.86
C GLY P 49 11.26 18.88 -37.76
N VAL P 50 10.48 18.17 -38.57
CA VAL P 50 9.03 18.24 -38.46
C VAL P 50 8.60 17.54 -37.19
N GLN P 51 7.65 18.14 -36.47
CA GLN P 51 7.19 17.60 -35.20
C GLN P 51 5.82 16.96 -35.25
N GLU P 52 4.87 17.56 -35.97
CA GLU P 52 3.51 17.05 -36.04
C GLU P 52 3.28 16.37 -37.39
N ILE P 53 3.24 15.04 -37.36
CA ILE P 53 3.05 14.21 -38.54
C ILE P 53 1.92 13.23 -38.27
N ARG P 54 0.87 13.28 -39.09
CA ARG P 54 -0.22 12.32 -39.05
C ARG P 54 -0.30 11.58 -40.36
N THR P 55 -0.51 10.27 -40.30
CA THR P 55 -0.51 9.44 -41.49
C THR P 55 -1.92 8.94 -41.81
N VAL P 56 -2.17 8.80 -43.10
CA VAL P 56 -3.37 8.17 -43.65
C VAL P 56 -2.90 7.04 -44.57
N MET P 57 -3.39 5.83 -44.33
CA MET P 57 -3.07 4.67 -45.15
C MET P 57 -4.28 4.22 -45.96
N THR P 58 -4.05 3.90 -47.23
CA THR P 58 -5.11 3.25 -47.98
C THR P 58 -5.31 1.84 -47.44
N ALA P 59 -6.47 1.25 -47.75
CA ALA P 59 -6.72 -0.14 -47.33
C ALA P 59 -5.64 -1.08 -47.86
N GLN P 60 -5.18 -0.84 -49.09
CA GLN P 60 -4.15 -1.71 -49.65
C GLN P 60 -2.83 -1.52 -48.92
N ALA P 61 -2.48 -0.28 -48.60
CA ALA P 61 -1.26 -0.02 -47.84
C ALA P 61 -1.31 -0.73 -46.48
N ARG P 62 -2.46 -0.64 -45.80
CA ARG P 62 -2.61 -1.29 -44.50
C ARG P 62 -2.43 -2.80 -44.62
N ALA P 63 -2.99 -3.40 -45.67
CA ALA P 63 -2.91 -4.85 -45.85
C ALA P 63 -1.49 -5.32 -46.12
N LEU P 64 -0.66 -4.49 -46.73
CA LEU P 64 0.70 -4.91 -47.04
C LEU P 64 1.64 -4.70 -45.86
N MET P 65 1.58 -3.51 -45.26
CA MET P 65 2.52 -3.08 -44.24
C MET P 65 2.08 -3.39 -42.80
N GLY P 66 0.78 -3.49 -42.54
CA GLY P 66 0.31 -3.61 -41.18
C GLY P 66 0.34 -2.27 -40.47
N PRO P 67 -0.82 -1.84 -39.96
CA PRO P 67 -0.92 -0.47 -39.42
C PRO P 67 -0.35 -0.29 -38.01
N ARG P 68 -0.15 -1.38 -37.26
CA ARG P 68 0.22 -1.23 -35.85
C ARG P 68 1.67 -0.78 -35.69
N MET P 69 2.55 -1.21 -36.58
CA MET P 69 3.95 -0.78 -36.44
C MET P 69 4.12 0.68 -36.85
N ILE P 70 3.43 1.11 -37.93
CA ILE P 70 3.46 2.53 -38.28
C ILE P 70 3.09 3.37 -37.08
N GLU P 71 2.06 2.96 -36.35
CA GLU P 71 1.65 3.67 -35.14
C GLU P 71 2.76 3.72 -34.11
N ALA P 72 3.44 2.58 -33.88
CA ALA P 72 4.42 2.52 -32.82
C ALA P 72 5.64 3.39 -33.11
N VAL P 73 6.01 3.55 -34.37
CA VAL P 73 7.21 4.29 -34.72
C VAL P 73 6.94 5.74 -35.09
N THR P 74 5.69 6.09 -35.41
CA THR P 74 5.36 7.47 -35.71
C THR P 74 4.64 8.19 -34.56
N GLY P 75 4.11 7.44 -33.59
CA GLY P 75 3.43 8.05 -32.46
C GLY P 75 1.96 8.34 -32.67
N HIS P 76 1.41 8.03 -33.85
CA HIS P 76 -0.01 8.18 -34.10
C HIS P 76 -0.50 6.99 -34.90
N ALA P 77 -1.69 6.52 -34.55
CA ALA P 77 -2.34 5.50 -35.36
C ALA P 77 -2.62 6.09 -36.74
N PRO P 78 -2.25 5.42 -37.81
CA PRO P 78 -2.65 5.90 -39.14
C PRO P 78 -4.17 5.82 -39.26
N VAL P 79 -4.73 6.75 -40.00
CA VAL P 79 -6.16 6.73 -40.30
C VAL P 79 -6.36 5.93 -41.58
N THR P 80 -7.23 4.93 -41.53
CA THR P 80 -7.61 4.20 -42.75
C THR P 80 -9.11 4.18 -42.95
N ASP P 81 -9.86 3.87 -41.91
CA ASP P 81 -11.30 3.81 -41.98
C ASP P 81 -11.89 5.10 -41.41
N TRP P 82 -13.08 5.44 -41.88
CA TRP P 82 -13.79 6.60 -41.38
C TRP P 82 -13.97 6.54 -39.87
N GLU P 83 -14.14 5.33 -39.32
CA GLU P 83 -14.36 5.15 -37.89
C GLU P 83 -13.18 5.61 -37.04
N ASP P 84 -12.01 5.81 -37.65
CA ASP P 84 -10.86 6.26 -36.86
C ASP P 84 -10.97 7.72 -36.45
N HIS P 85 -11.84 8.50 -37.07
CA HIS P 85 -12.08 9.87 -36.64
C HIS P 85 -13.15 9.89 -35.55
N LYS P 86 -12.86 10.60 -34.47
CA LYS P 86 -13.74 10.65 -33.30
C LYS P 86 -14.40 12.01 -33.23
N GLY P 87 -15.67 12.02 -32.84
CA GLY P 87 -16.37 13.26 -32.60
C GLY P 87 -17.03 13.83 -33.85
N GLY P 88 -17.27 15.14 -33.82
CA GLY P 88 -17.98 15.78 -34.90
C GLY P 88 -17.18 15.82 -36.19
N GLY P 89 -17.89 16.08 -37.27
CA GLY P 89 -17.32 16.14 -38.60
C GLY P 89 -17.06 14.78 -39.22
N ALA P 90 -15.81 14.52 -39.60
CA ALA P 90 -15.47 13.45 -40.51
C ALA P 90 -13.98 13.46 -40.81
N ALA P 91 -13.42 12.29 -41.13
CA ALA P 91 -11.97 12.18 -41.22
C ALA P 91 -11.38 13.15 -42.24
N HIS P 92 -11.99 13.26 -43.42
CA HIS P 92 -11.38 14.02 -44.50
C HIS P 92 -11.40 15.52 -44.21
N VAL P 93 -12.47 16.02 -43.59
CA VAL P 93 -12.52 17.44 -43.24
C VAL P 93 -11.53 17.75 -42.14
N ALA P 94 -11.51 16.92 -41.08
CA ALA P 94 -10.64 17.20 -39.95
C ALA P 94 -9.17 17.16 -40.36
N LEU P 95 -8.77 16.11 -41.08
CA LEU P 95 -7.38 16.01 -41.50
C LEU P 95 -7.05 17.06 -42.56
N GLY P 96 -7.99 17.31 -43.48
CA GLY P 96 -7.73 18.29 -44.53
C GLY P 96 -7.55 19.70 -44.00
N ALA P 97 -8.36 20.08 -43.00
CA ALA P 97 -8.19 21.40 -42.41
C ALA P 97 -6.94 21.47 -41.55
N TRP P 98 -6.55 20.35 -40.95
CA TRP P 98 -5.38 20.31 -40.07
C TRP P 98 -4.07 20.43 -40.84
N ALA P 99 -4.02 19.96 -42.09
CA ALA P 99 -2.76 19.83 -42.79
C ALA P 99 -2.21 21.17 -43.23
N ASP P 100 -0.94 21.42 -42.92
CA ASP P 100 -0.21 22.54 -43.49
C ASP P 100 0.57 22.14 -44.74
N VAL P 101 1.04 20.89 -44.79
CA VAL P 101 1.61 20.29 -45.99
C VAL P 101 1.04 18.89 -46.12
N LEU P 102 0.73 18.48 -47.35
CA LEU P 102 0.25 17.13 -47.64
C LEU P 102 1.25 16.43 -48.53
N VAL P 103 1.73 15.26 -48.08
CA VAL P 103 2.64 14.43 -48.84
C VAL P 103 2.01 13.06 -49.04
N ILE P 104 1.94 12.62 -50.30
CA ILE P 104 1.51 11.26 -50.63
C ILE P 104 2.75 10.50 -51.04
N LEU P 105 3.21 9.58 -50.18
CA LEU P 105 4.49 8.91 -50.40
C LEU P 105 4.54 7.57 -49.68
N PRO P 106 4.67 6.46 -50.42
CA PRO P 106 4.63 6.46 -51.88
C PRO P 106 3.20 6.56 -52.42
N ALA P 107 3.04 7.12 -53.62
CA ALA P 107 1.75 7.13 -54.29
C ALA P 107 1.72 6.01 -55.32
N THR P 108 0.55 5.38 -55.47
CA THR P 108 0.38 4.38 -56.51
C THR P 108 -0.08 5.07 -57.80
N ALA P 109 0.08 4.35 -58.91
CA ALA P 109 -0.57 4.78 -60.14
C ALA P 109 -2.06 4.98 -59.92
N ASN P 110 -2.67 4.06 -59.16
CA ASN P 110 -4.08 4.18 -58.79
C ASN P 110 -4.37 5.54 -58.16
N PHE P 111 -3.54 5.95 -57.20
CA PHE P 111 -3.75 7.23 -56.56
C PHE P 111 -3.72 8.38 -57.57
N LEU P 112 -2.77 8.34 -58.51
CA LEU P 112 -2.68 9.41 -59.50
C LEU P 112 -3.98 9.53 -60.28
N ALA P 113 -4.58 8.40 -60.67
CA ALA P 113 -5.83 8.41 -61.40
C ALA P 113 -6.96 9.01 -60.57
N LYS P 114 -7.07 8.61 -59.30
CA LYS P 114 -8.15 9.14 -58.45
C LYS P 114 -7.95 10.63 -58.18
N ALA P 115 -6.73 11.03 -57.86
CA ALA P 115 -6.48 12.43 -57.57
C ALA P 115 -6.69 13.30 -58.80
N ALA P 116 -6.31 12.80 -59.98
CA ALA P 116 -6.43 13.56 -61.21
C ALA P 116 -7.87 13.81 -61.62
N HIS P 117 -8.78 12.92 -61.22
CA HIS P 117 -10.18 13.00 -61.63
C HIS P 117 -11.11 13.34 -60.47
N GLY P 118 -10.58 13.71 -59.32
CA GLY P 118 -11.45 14.06 -58.21
C GLY P 118 -12.23 12.92 -57.63
N ILE P 119 -11.73 11.68 -57.76
CA ILE P 119 -12.35 10.54 -57.10
C ILE P 119 -12.04 10.59 -55.62
N ALA P 120 -13.05 10.27 -54.79
CA ALA P 120 -12.90 10.35 -53.34
C ALA P 120 -13.60 9.16 -52.69
N ASP P 121 -13.11 7.94 -52.96
CA ASP P 121 -13.79 6.73 -52.51
C ASP P 121 -13.09 6.07 -51.33
N ASP P 122 -12.16 6.77 -50.68
CA ASP P 122 -11.63 6.34 -49.39
C ASP P 122 -11.20 7.58 -48.63
N VAL P 123 -10.69 7.39 -47.41
CA VAL P 123 -10.35 8.55 -46.59
C VAL P 123 -9.25 9.38 -47.26
N LEU P 124 -8.23 8.71 -47.83
CA LEU P 124 -7.10 9.44 -48.41
C LEU P 124 -7.54 10.35 -49.55
N THR P 125 -8.25 9.80 -50.54
CA THR P 125 -8.59 10.61 -51.70
C THR P 125 -9.66 11.66 -51.38
N ALA P 126 -10.51 11.41 -50.38
CA ALA P 126 -11.42 12.46 -49.92
C ALA P 126 -10.69 13.57 -49.18
N THR P 127 -9.66 13.20 -48.40
CA THR P 127 -8.87 14.21 -47.71
C THR P 127 -8.12 15.10 -48.70
N VAL P 128 -7.70 14.54 -49.83
CA VAL P 128 -7.09 15.34 -50.89
C VAL P 128 -8.04 16.45 -51.34
N LEU P 129 -9.32 16.12 -51.51
CA LEU P 129 -10.30 17.14 -51.91
C LEU P 129 -10.48 18.20 -50.84
N ALA P 130 -10.32 17.83 -49.56
CA ALA P 130 -10.54 18.77 -48.47
C ALA P 130 -9.31 19.58 -48.10
N ALA P 131 -8.11 19.15 -48.50
CA ALA P 131 -6.88 19.85 -48.13
C ALA P 131 -6.66 21.09 -48.99
N GLU P 132 -6.15 22.15 -48.37
CA GLU P 132 -5.82 23.41 -49.04
C GLU P 132 -4.43 23.84 -48.60
N CYS P 133 -3.41 23.20 -49.17
CA CYS P 133 -2.03 23.40 -48.72
C CYS P 133 -1.09 22.91 -49.82
N PRO P 134 0.19 23.27 -49.76
CA PRO P 134 1.15 22.68 -50.68
C PRO P 134 1.13 21.16 -50.59
N THR P 135 1.08 20.50 -51.74
CA THR P 135 0.93 19.06 -51.79
C THR P 135 1.99 18.46 -52.71
N VAL P 136 2.69 17.45 -52.22
CA VAL P 136 3.71 16.73 -52.97
C VAL P 136 3.24 15.29 -53.15
N ILE P 137 3.31 14.80 -54.38
CA ILE P 137 2.95 13.44 -54.74
C ILE P 137 4.19 12.75 -55.27
N ALA P 138 4.53 11.59 -54.69
CA ALA P 138 5.71 10.81 -55.07
C ALA P 138 5.26 9.44 -55.56
N PRO P 139 4.90 9.32 -56.83
CA PRO P 139 4.45 8.02 -57.35
C PRO P 139 5.60 7.05 -57.50
N VAL P 140 5.27 5.77 -57.33
CA VAL P 140 6.19 4.66 -57.55
C VAL P 140 5.45 3.56 -58.31
N MET P 141 6.11 3.00 -59.32
CA MET P 141 5.59 1.92 -60.16
C MET P 141 6.72 1.50 -61.08
N ASN P 142 6.54 0.38 -61.78
CA ASN P 142 7.58 -0.07 -62.69
C ASN P 142 7.50 0.73 -64.00
N ALA P 143 8.44 0.46 -64.90
CA ALA P 143 8.60 1.29 -66.10
C ALA P 143 7.43 1.11 -67.06
N ALA P 144 6.93 -0.11 -67.18
CA ALA P 144 5.77 -0.36 -68.05
C ALA P 144 4.56 0.45 -67.61
N MET P 145 4.32 0.55 -66.30
CA MET P 145 3.18 1.31 -65.81
C MET P 145 3.40 2.81 -65.97
N TRP P 146 4.59 3.29 -65.63
CA TRP P 146 4.85 4.72 -65.73
C TRP P 146 4.72 5.24 -67.16
N SER P 147 4.99 4.38 -68.14
CA SER P 147 4.98 4.76 -69.54
C SER P 147 3.60 4.71 -70.19
N LYS P 148 2.58 4.21 -69.48
CA LYS P 148 1.25 4.12 -70.07
C LYS P 148 0.71 5.52 -70.35
N PRO P 149 0.03 5.72 -71.49
CA PRO P 149 -0.56 7.03 -71.78
C PRO P 149 -1.53 7.52 -70.70
N ALA P 150 -2.35 6.62 -70.15
CA ALA P 150 -3.31 7.01 -69.12
C ALA P 150 -2.61 7.56 -67.89
N VAL P 151 -1.53 6.90 -67.44
CA VAL P 151 -0.81 7.37 -66.27
C VAL P 151 -0.23 8.76 -66.52
N GLN P 152 0.36 8.96 -67.69
CA GLN P 152 1.00 10.26 -67.97
C GLN P 152 -0.03 11.37 -68.11
N ARG P 153 -1.22 11.08 -68.65
CA ARG P 153 -2.29 12.07 -68.64
C ARG P 153 -2.62 12.51 -67.22
N ASN P 154 -2.64 11.57 -66.28
CA ASN P 154 -2.94 11.92 -64.89
C ASN P 154 -1.83 12.76 -64.29
N VAL P 155 -0.57 12.37 -64.53
CA VAL P 155 0.55 13.17 -64.07
C VAL P 155 0.43 14.61 -64.59
N ASP P 156 0.20 14.76 -65.90
CA ASP P 156 0.07 16.10 -66.48
C ASP P 156 -1.08 16.86 -65.85
N GLN P 157 -2.24 16.21 -65.71
CA GLN P 157 -3.41 16.89 -65.15
C GLN P 157 -3.14 17.36 -63.73
N LEU P 158 -2.45 16.52 -62.93
CA LEU P 158 -2.16 16.90 -61.56
C LEU P 158 -1.21 18.09 -61.49
N ARG P 159 -0.21 18.12 -62.38
CA ARG P 159 0.69 19.28 -62.42
C ARG P 159 -0.07 20.55 -62.80
N GLU P 160 -0.96 20.45 -63.80
CA GLU P 160 -1.79 21.59 -64.16
C GLU P 160 -2.70 22.02 -63.00
N ASP P 161 -3.11 21.07 -62.15
CA ASP P 161 -3.95 21.43 -61.00
C ASP P 161 -3.13 21.99 -59.84
N GLY P 162 -1.81 22.06 -59.97
CA GLY P 162 -0.98 22.65 -58.95
C GLY P 162 -0.27 21.68 -58.03
N TYR P 163 -0.34 20.38 -58.29
CA TYR P 163 0.33 19.40 -57.44
C TYR P 163 1.78 19.22 -57.90
N ARG P 164 2.68 19.09 -56.95
CA ARG P 164 4.09 18.81 -57.23
C ARG P 164 4.28 17.30 -57.34
N ILE P 165 4.69 16.83 -58.51
CA ILE P 165 4.88 15.42 -58.78
C ILE P 165 6.38 15.11 -58.74
N VAL P 166 6.77 14.16 -57.90
CA VAL P 166 8.15 13.68 -57.83
C VAL P 166 8.21 12.38 -58.62
N GLU P 167 8.78 12.42 -59.82
CA GLU P 167 8.79 11.25 -60.68
C GLU P 167 9.70 10.16 -60.12
N PRO P 168 9.35 8.90 -60.31
CA PRO P 168 10.14 7.80 -59.76
C PRO P 168 11.43 7.59 -60.53
N LYS P 169 12.34 6.86 -59.90
CA LYS P 169 13.52 6.32 -60.56
C LYS P 169 13.32 4.85 -60.90
N GLU P 170 14.37 4.24 -61.49
CA GLU P 170 14.33 2.88 -61.99
C GLU P 170 15.38 2.04 -61.23
N GLY P 171 15.03 1.67 -60.00
CA GLY P 171 15.97 0.95 -59.16
C GLY P 171 15.76 -0.55 -59.14
N ILE P 172 16.34 -1.27 -60.10
CA ILE P 172 16.17 -2.72 -60.21
C ILE P 172 16.86 -3.47 -59.08
N PRO P 181 10.73 -2.64 -61.83
CA PRO P 181 10.64 -2.39 -60.38
C PRO P 181 11.04 -0.97 -60.00
N GLY P 182 10.07 -0.06 -59.91
CA GLY P 182 10.38 1.32 -59.66
C GLY P 182 10.82 1.57 -58.24
N SER P 183 11.31 2.79 -58.00
CA SER P 183 11.70 3.22 -56.68
C SER P 183 11.41 4.70 -56.54
N LEU P 184 11.42 5.18 -55.29
CA LEU P 184 11.10 6.58 -55.02
C LEU P 184 12.07 7.50 -55.73
N GLY P 185 11.54 8.58 -56.28
CA GLY P 185 12.36 9.63 -56.85
C GLY P 185 13.00 10.48 -55.78
N ASP P 186 13.48 11.64 -56.20
CA ASP P 186 14.18 12.56 -55.31
C ASP P 186 13.17 13.52 -54.69
N PHE P 187 12.51 13.04 -53.63
CA PHE P 187 11.41 13.76 -52.99
C PHE P 187 11.86 14.76 -51.94
N GLN P 188 13.10 14.61 -51.42
CA GLN P 188 13.53 15.42 -50.28
C GLN P 188 13.44 16.91 -50.59
N SER P 189 13.88 17.31 -51.78
CA SER P 189 13.82 18.71 -52.17
C SER P 189 12.39 19.20 -52.31
N ALA P 190 11.51 18.38 -52.91
CA ALA P 190 10.12 18.78 -53.08
C ALA P 190 9.41 18.96 -51.75
N ILE P 191 9.67 18.06 -50.80
CA ILE P 191 9.02 18.17 -49.49
C ILE P 191 9.53 19.39 -48.74
N SER P 192 10.85 19.58 -48.74
CA SER P 192 11.46 20.73 -48.08
C SER P 192 10.91 22.04 -48.63
N THR P 193 10.79 22.14 -49.96
CA THR P 193 10.19 23.34 -50.55
C THR P 193 8.80 23.60 -50.02
N ALA P 194 7.96 22.56 -49.97
CA ALA P 194 6.58 22.73 -49.49
C ALA P 194 6.55 23.12 -48.02
N LEU P 195 7.40 22.50 -47.20
CA LEU P 195 7.45 22.87 -45.78
C LEU P 195 7.86 24.32 -45.61
N ILE P 196 8.82 24.78 -46.42
CA ILE P 196 9.27 26.16 -46.33
C ILE P 196 8.18 27.11 -46.81
N GLN P 197 7.53 26.77 -47.92
CA GLN P 197 6.39 27.56 -48.39
C GLN P 197 5.29 27.65 -47.33
N ALA P 198 5.05 26.56 -46.62
CA ALA P 198 4.03 26.56 -45.58
C ALA P 198 4.44 27.42 -44.39
N ALA P 199 5.72 27.36 -44.00
CA ALA P 199 6.18 28.17 -42.87
C ALA P 199 5.99 29.67 -43.15
N ALA P 200 6.16 30.09 -44.40
CA ALA P 200 5.90 31.48 -44.79
C ALA P 200 4.41 31.75 -44.92
N ALA Q 18 -18.85 -27.74 15.49
CA ALA Q 18 -18.10 -27.00 16.50
C ALA Q 18 -19.03 -26.34 17.53
N LEU Q 19 -20.35 -26.42 17.31
CA LEU Q 19 -21.31 -25.86 18.25
C LEU Q 19 -21.36 -26.65 19.55
N ALA Q 20 -20.73 -27.81 19.61
CA ALA Q 20 -20.78 -28.64 20.81
C ALA Q 20 -19.88 -28.12 21.92
N GLN Q 21 -18.94 -27.23 21.60
CA GLN Q 21 -18.04 -26.64 22.57
C GLN Q 21 -18.44 -25.22 22.96
N VAL Q 22 -19.52 -24.69 22.40
CA VAL Q 22 -19.99 -23.37 22.78
C VAL Q 22 -20.66 -23.45 24.15
N ARG Q 23 -20.24 -22.58 25.05
CA ARG Q 23 -20.78 -22.53 26.41
C ARG Q 23 -21.94 -21.54 26.42
N LEU Q 24 -23.15 -22.05 26.62
CA LEU Q 24 -24.35 -21.22 26.57
C LEU Q 24 -24.80 -20.89 27.99
N LEU Q 25 -24.75 -19.61 28.34
CA LEU Q 25 -25.28 -19.12 29.61
C LEU Q 25 -26.69 -18.59 29.38
N TRP Q 26 -27.63 -19.06 30.19
CA TRP Q 26 -29.05 -18.87 29.93
C TRP Q 26 -29.70 -18.25 31.16
N GLY Q 27 -30.10 -16.98 31.06
CA GLY Q 27 -30.81 -16.30 32.14
C GLY Q 27 -32.32 -16.42 31.96
N VAL Q 28 -33.02 -16.65 33.07
CA VAL Q 28 -34.46 -16.89 33.08
C VAL Q 28 -35.10 -15.91 34.04
N CYS Q 29 -36.05 -15.10 33.55
CA CYS Q 29 -36.76 -14.12 34.35
C CYS Q 29 -38.18 -14.58 34.66
N GLY Q 30 -38.84 -13.86 35.57
CA GLY Q 30 -40.17 -14.23 36.04
C GLY Q 30 -41.31 -13.87 35.10
N SER Q 31 -41.39 -14.57 33.98
CA SER Q 31 -42.43 -14.40 32.98
C SER Q 31 -43.24 -15.69 32.86
N PHE Q 32 -44.51 -15.53 32.44
CA PHE Q 32 -45.35 -16.67 32.08
C PHE Q 32 -44.59 -17.67 31.23
N SER Q 33 -43.76 -17.17 30.31
CA SER Q 33 -43.05 -18.00 29.36
C SER Q 33 -41.87 -18.75 29.98
N ALA Q 34 -41.58 -18.58 31.27
CA ALA Q 34 -40.53 -19.40 31.87
C ALA Q 34 -40.90 -20.88 31.89
N VAL Q 35 -42.20 -21.21 31.78
CA VAL Q 35 -42.60 -22.61 31.69
C VAL Q 35 -42.07 -23.27 30.42
N ALA Q 36 -41.65 -22.47 29.43
CA ALA Q 36 -41.12 -23.03 28.18
C ALA Q 36 -39.67 -23.47 28.28
N VAL Q 37 -39.01 -23.24 29.42
CA VAL Q 37 -37.57 -23.55 29.52
C VAL Q 37 -37.27 -25.01 29.23
N PRO Q 38 -38.01 -26.00 29.77
CA PRO Q 38 -37.70 -27.39 29.41
C PRO Q 38 -37.80 -27.66 27.91
N HIS Q 39 -38.85 -27.17 27.26
CA HIS Q 39 -38.98 -27.36 25.82
C HIS Q 39 -37.81 -26.73 25.07
N VAL Q 40 -37.44 -25.50 25.45
CA VAL Q 40 -36.33 -24.82 24.80
C VAL Q 40 -35.01 -25.56 25.04
N ASN Q 41 -34.84 -26.10 26.26
CA ASN Q 41 -33.63 -26.86 26.56
C ASN Q 41 -33.55 -28.13 25.71
N ALA Q 42 -34.68 -28.82 25.54
CA ALA Q 42 -34.70 -30.01 24.70
C ALA Q 42 -34.32 -29.67 23.27
N TRP Q 43 -34.82 -28.54 22.76
CA TRP Q 43 -34.45 -28.09 21.42
C TRP Q 43 -32.96 -27.78 21.34
N LEU Q 44 -32.40 -27.12 22.36
CA LEU Q 44 -30.99 -26.76 22.34
C LEU Q 44 -30.09 -28.00 22.34
N ARG Q 45 -30.47 -29.01 23.13
CA ARG Q 45 -29.65 -30.21 23.23
C ARG Q 45 -29.92 -31.20 22.10
N GLY Q 46 -31.20 -31.49 21.84
CA GLY Q 46 -31.54 -32.53 20.90
C GLY Q 46 -31.58 -32.12 19.45
N THR Q 47 -31.69 -30.82 19.17
CA THR Q 47 -31.79 -30.33 17.80
C THR Q 47 -30.59 -29.50 17.38
N VAL Q 48 -30.17 -28.55 18.22
CA VAL Q 48 -29.01 -27.73 17.86
C VAL Q 48 -27.69 -28.43 18.18
N GLY Q 49 -27.66 -29.27 19.21
CA GLY Q 49 -26.45 -29.94 19.60
C GLY Q 49 -25.59 -29.22 20.61
N VAL Q 50 -26.15 -28.25 21.33
CA VAL Q 50 -25.40 -27.56 22.38
C VAL Q 50 -25.21 -28.51 23.55
N GLN Q 51 -24.01 -28.51 24.14
CA GLN Q 51 -23.68 -29.47 25.17
C GLN Q 51 -23.60 -28.89 26.57
N GLU Q 52 -22.97 -27.72 26.74
CA GLU Q 52 -22.79 -27.10 28.05
C GLU Q 52 -23.74 -25.92 28.19
N ILE Q 53 -24.75 -26.08 29.04
CA ILE Q 53 -25.77 -25.06 29.27
C ILE Q 53 -25.87 -24.81 30.77
N ARG Q 54 -25.64 -23.56 31.19
CA ARG Q 54 -25.83 -23.16 32.58
C ARG Q 54 -26.87 -22.04 32.68
N THR Q 55 -27.74 -22.17 33.67
CA THR Q 55 -28.85 -21.24 33.84
C THR Q 55 -28.68 -20.39 35.08
N VAL Q 56 -29.15 -19.15 34.97
CA VAL Q 56 -29.28 -18.20 36.07
C VAL Q 56 -30.74 -17.78 36.10
N MET Q 57 -31.39 -17.98 37.25
CA MET Q 57 -32.79 -17.61 37.42
C MET Q 57 -32.92 -16.43 38.38
N THR Q 58 -33.75 -15.45 38.02
CA THR Q 58 -34.10 -14.43 38.98
C THR Q 58 -34.90 -15.06 40.11
N ALA Q 59 -34.98 -14.34 41.23
CA ALA Q 59 -35.77 -14.82 42.35
C ALA Q 59 -37.22 -15.03 41.94
N GLN Q 60 -37.75 -14.15 41.09
CA GLN Q 60 -39.13 -14.31 40.65
C GLN Q 60 -39.30 -15.51 39.73
N ALA Q 61 -38.34 -15.72 38.81
CA ALA Q 61 -38.40 -16.91 37.96
C ALA Q 61 -38.40 -18.19 38.81
N ARG Q 62 -37.52 -18.26 39.81
CA ARG Q 62 -37.48 -19.44 40.68
C ARG Q 62 -38.82 -19.67 41.36
N ALA Q 63 -39.48 -18.58 41.79
CA ALA Q 63 -40.76 -18.73 42.46
C ALA Q 63 -41.83 -19.29 41.54
N LEU Q 64 -41.70 -19.05 40.23
CA LEU Q 64 -42.70 -19.53 39.28
C LEU Q 64 -42.43 -20.95 38.79
N MET Q 65 -41.20 -21.23 38.31
CA MET Q 65 -40.88 -22.50 37.65
C MET Q 65 -40.32 -23.59 38.55
N GLY Q 66 -39.68 -23.25 39.66
CA GLY Q 66 -39.04 -24.26 40.48
C GLY Q 66 -37.73 -24.74 39.90
N PRO Q 67 -36.66 -24.47 40.62
CA PRO Q 67 -35.33 -24.74 40.09
C PRO Q 67 -34.97 -26.23 40.08
N ARG Q 68 -35.70 -27.08 40.81
CA ARG Q 68 -35.29 -28.47 40.94
C ARG Q 68 -35.57 -29.25 39.66
N MET Q 69 -36.67 -28.94 38.97
CA MET Q 69 -36.93 -29.63 37.72
C MET Q 69 -36.00 -29.12 36.62
N ILE Q 70 -35.76 -27.81 36.59
CA ILE Q 70 -34.78 -27.26 35.67
C ILE Q 70 -33.43 -27.93 35.85
N GLU Q 71 -33.00 -28.11 37.10
CA GLU Q 71 -31.74 -28.80 37.36
C GLU Q 71 -31.79 -30.22 36.80
N ALA Q 72 -32.90 -30.91 37.02
CA ALA Q 72 -32.99 -32.32 36.65
C ALA Q 72 -32.98 -32.53 35.13
N VAL Q 73 -33.52 -31.58 34.36
CA VAL Q 73 -33.60 -31.76 32.91
C VAL Q 73 -32.46 -31.06 32.17
N THR Q 74 -31.80 -30.07 32.79
CA THR Q 74 -30.70 -29.39 32.12
C THR Q 74 -29.34 -29.91 32.56
N GLY Q 75 -29.29 -30.65 33.67
CA GLY Q 75 -28.05 -31.19 34.18
C GLY Q 75 -27.26 -30.28 35.08
N HIS Q 76 -27.74 -29.05 35.32
CA HIS Q 76 -27.05 -28.15 36.24
C HIS Q 76 -28.08 -27.42 37.09
N ALA Q 77 -27.79 -27.29 38.37
CA ALA Q 77 -28.62 -26.49 39.24
C ALA Q 77 -28.56 -25.04 38.78
N PRO Q 78 -29.69 -24.38 38.57
CA PRO Q 78 -29.64 -22.96 38.22
C PRO Q 78 -29.09 -22.14 39.38
N VAL Q 79 -28.36 -21.09 39.02
CA VAL Q 79 -27.82 -20.15 39.99
C VAL Q 79 -28.83 -19.05 40.25
N THR Q 80 -29.16 -18.81 41.51
CA THR Q 80 -30.00 -17.67 41.86
C THR Q 80 -29.35 -16.81 42.94
N ASP Q 81 -28.82 -17.44 43.97
CA ASP Q 81 -28.18 -16.71 45.05
C ASP Q 81 -26.67 -16.71 44.90
N TRP Q 82 -26.04 -15.66 45.45
CA TRP Q 82 -24.59 -15.56 45.44
C TRP Q 82 -23.93 -16.78 46.06
N GLU Q 83 -24.56 -17.37 47.09
CA GLU Q 83 -24.00 -18.53 47.76
C GLU Q 83 -23.85 -19.73 46.85
N ASP Q 84 -24.52 -19.73 45.69
CA ASP Q 84 -24.42 -20.87 44.78
C ASP Q 84 -23.08 -20.96 44.07
N HIS Q 85 -22.28 -19.90 44.07
CA HIS Q 85 -20.95 -19.96 43.51
C HIS Q 85 -19.96 -20.41 44.59
N LYS Q 86 -19.09 -21.35 44.23
CA LYS Q 86 -18.16 -21.96 45.16
C LYS Q 86 -16.76 -21.46 44.86
N GLY Q 87 -15.97 -21.22 45.90
CA GLY Q 87 -14.57 -20.89 45.75
C GLY Q 87 -14.34 -19.40 45.54
N GLY Q 88 -13.18 -19.10 44.96
CA GLY Q 88 -12.78 -17.72 44.79
C GLY Q 88 -13.63 -16.98 43.78
N GLY Q 89 -13.54 -15.66 43.84
CA GLY Q 89 -14.33 -14.82 42.96
C GLY Q 89 -15.79 -14.79 43.41
N ALA Q 90 -16.69 -14.78 42.44
CA ALA Q 90 -18.07 -14.40 42.65
C ALA Q 90 -18.89 -14.89 41.47
N ALA Q 91 -20.18 -15.14 41.72
CA ALA Q 91 -21.01 -15.81 40.72
C ALA Q 91 -21.02 -15.05 39.40
N HIS Q 92 -21.14 -13.73 39.44
CA HIS Q 92 -21.31 -12.98 38.20
C HIS Q 92 -20.02 -12.95 37.38
N VAL Q 93 -18.87 -12.87 38.06
CA VAL Q 93 -17.59 -12.89 37.36
C VAL Q 93 -17.34 -14.26 36.75
N ALA Q 94 -17.59 -15.31 37.54
CA ALA Q 94 -17.33 -16.66 37.05
C ALA Q 94 -18.24 -17.00 35.87
N LEU Q 95 -19.54 -16.76 36.01
CA LEU Q 95 -20.45 -17.07 34.90
C LEU Q 95 -20.23 -16.14 33.71
N GLY Q 96 -19.98 -14.86 33.98
CA GLY Q 96 -19.77 -13.93 32.88
C GLY Q 96 -18.54 -14.28 32.06
N ALA Q 97 -17.47 -14.72 32.73
CA ALA Q 97 -16.27 -15.13 32.01
C ALA Q 97 -16.47 -16.47 31.33
N TRP Q 98 -17.31 -17.33 31.89
CA TRP Q 98 -17.54 -18.65 31.32
C TRP Q 98 -18.35 -18.58 30.02
N ALA Q 99 -19.21 -17.57 29.87
CA ALA Q 99 -20.21 -17.58 28.80
C ALA Q 99 -19.57 -17.31 27.44
N ASP Q 100 -19.87 -18.19 26.47
CA ASP Q 100 -19.58 -17.88 25.06
C ASP Q 100 -20.77 -17.24 24.37
N VAL Q 101 -21.98 -17.61 24.77
CA VAL Q 101 -23.21 -16.93 24.35
C VAL Q 101 -24.03 -16.70 25.60
N LEU Q 102 -24.70 -15.55 25.66
CA LEU Q 102 -25.61 -15.21 26.75
C LEU Q 102 -27.01 -15.03 26.19
N VAL Q 103 -27.96 -15.80 26.70
CA VAL Q 103 -29.35 -15.72 26.27
C VAL Q 103 -30.19 -15.41 27.50
N ILE Q 104 -31.03 -14.38 27.40
CA ILE Q 104 -32.02 -14.07 28.42
C ILE Q 104 -33.38 -14.46 27.86
N LEU Q 105 -33.95 -15.55 28.37
CA LEU Q 105 -35.17 -16.08 27.79
C LEU Q 105 -35.98 -16.86 28.83
N PRO Q 106 -37.19 -16.40 29.18
CA PRO Q 106 -37.75 -15.10 28.77
C PRO Q 106 -37.20 -13.96 29.60
N ALA Q 107 -37.17 -12.76 29.02
CA ALA Q 107 -36.84 -11.56 29.76
C ALA Q 107 -38.13 -10.85 30.15
N THR Q 108 -38.14 -10.28 31.34
CA THR Q 108 -39.25 -9.45 31.79
C THR Q 108 -39.01 -8.02 31.33
N ALA Q 109 -40.09 -7.23 31.35
CA ALA Q 109 -39.94 -5.79 31.20
C ALA Q 109 -38.97 -5.26 32.23
N ASN Q 110 -39.09 -5.76 33.47
CA ASN Q 110 -38.18 -5.40 34.55
C ASN Q 110 -36.72 -5.62 34.13
N PHE Q 111 -36.43 -6.77 33.53
CA PHE Q 111 -35.07 -7.04 33.09
C PHE Q 111 -34.60 -6.01 32.09
N LEU Q 112 -35.46 -5.65 31.13
CA LEU Q 112 -35.10 -4.66 30.13
C LEU Q 112 -34.67 -3.36 30.79
N ALA Q 113 -35.40 -2.92 31.81
CA ALA Q 113 -35.05 -1.69 32.50
C ALA Q 113 -33.71 -1.83 33.22
N LYS Q 114 -33.49 -2.94 33.92
CA LYS Q 114 -32.23 -3.08 34.66
C LYS Q 114 -31.05 -3.17 33.70
N ALA Q 115 -31.17 -3.99 32.65
CA ALA Q 115 -30.08 -4.10 31.69
C ALA Q 115 -29.84 -2.78 30.98
N ALA Q 116 -30.91 -2.07 30.62
CA ALA Q 116 -30.73 -0.82 29.89
C ALA Q 116 -30.03 0.24 30.72
N HIS Q 117 -30.13 0.17 32.05
CA HIS Q 117 -29.55 1.19 32.92
C HIS Q 117 -28.36 0.70 33.74
N GLY Q 118 -27.86 -0.49 33.48
CA GLY Q 118 -26.72 -0.95 34.23
C GLY Q 118 -27.00 -1.23 35.69
N ILE Q 119 -28.26 -1.52 36.03
CA ILE Q 119 -28.58 -1.97 37.38
C ILE Q 119 -28.09 -3.40 37.56
N ALA Q 120 -27.53 -3.69 38.74
CA ALA Q 120 -26.97 -5.02 38.98
C ALA Q 120 -27.31 -5.45 40.40
N ASP Q 121 -28.60 -5.63 40.69
CA ASP Q 121 -29.04 -5.88 42.06
C ASP Q 121 -29.44 -7.33 42.30
N ASP Q 122 -29.11 -8.24 41.39
CA ASP Q 122 -29.16 -9.67 41.64
C ASP Q 122 -28.10 -10.34 40.78
N VAL Q 123 -27.98 -11.65 40.89
CA VAL Q 123 -26.91 -12.35 40.18
C VAL Q 123 -27.04 -12.16 38.67
N LEU Q 124 -28.24 -12.33 38.14
CA LEU Q 124 -28.42 -12.26 36.68
C LEU Q 124 -27.98 -10.90 36.13
N THR Q 125 -28.47 -9.81 36.72
CA THR Q 125 -28.15 -8.52 36.14
C THR Q 125 -26.70 -8.13 36.38
N ALA Q 126 -26.08 -8.63 37.45
CA ALA Q 126 -24.64 -8.43 37.61
C ALA Q 126 -23.85 -9.25 36.59
N THR Q 127 -24.34 -10.46 36.27
CA THR Q 127 -23.68 -11.27 35.25
C THR Q 127 -23.74 -10.60 33.88
N VAL Q 128 -24.83 -9.88 33.59
CA VAL Q 128 -24.93 -9.12 32.34
C VAL Q 128 -23.76 -8.14 32.25
N LEU Q 129 -23.46 -7.44 33.34
CA LEU Q 129 -22.35 -6.49 33.31
C LEU Q 129 -21.01 -7.18 33.11
N ALA Q 130 -20.87 -8.41 33.61
CA ALA Q 130 -19.60 -9.12 33.56
C ALA Q 130 -19.39 -9.91 32.27
N ALA Q 131 -20.46 -10.25 31.56
CA ALA Q 131 -20.33 -11.03 30.33
C ALA Q 131 -19.85 -10.15 29.18
N GLU Q 132 -19.01 -10.75 28.32
CA GLU Q 132 -18.47 -10.09 27.12
C GLU Q 132 -18.60 -11.09 25.98
N CYS Q 133 -19.82 -11.23 25.47
CA CYS Q 133 -20.11 -12.23 24.44
C CYS Q 133 -21.38 -11.79 23.72
N PRO Q 134 -21.65 -12.36 22.54
CA PRO Q 134 -22.95 -12.09 21.89
C PRO Q 134 -24.09 -12.43 22.84
N THR Q 135 -25.05 -11.52 22.93
CA THR Q 135 -26.14 -11.66 23.90
C THR Q 135 -27.47 -11.48 23.19
N VAL Q 136 -28.39 -12.40 23.47
CA VAL Q 136 -29.75 -12.41 22.94
C VAL Q 136 -30.71 -12.22 24.10
N ILE Q 137 -31.63 -11.26 23.95
CA ILE Q 137 -32.65 -10.97 24.95
C ILE Q 137 -34.01 -11.20 24.29
N ALA Q 138 -34.84 -12.05 24.89
CA ALA Q 138 -36.15 -12.40 24.35
C ALA Q 138 -37.23 -11.96 25.34
N PRO Q 139 -37.64 -10.69 25.31
CA PRO Q 139 -38.65 -10.24 26.27
C PRO Q 139 -40.03 -10.79 25.94
N VAL Q 140 -40.82 -10.98 27.00
CA VAL Q 140 -42.21 -11.37 26.91
C VAL Q 140 -43.02 -10.51 27.87
N MET Q 141 -44.16 -10.00 27.40
CA MET Q 141 -45.07 -9.20 28.21
C MET Q 141 -46.33 -8.96 27.37
N ASN Q 142 -47.38 -8.48 28.02
CA ASN Q 142 -48.61 -8.27 27.26
C ASN Q 142 -48.50 -6.98 26.45
N ALA Q 143 -49.55 -6.71 25.66
CA ALA Q 143 -49.49 -5.62 24.69
C ALA Q 143 -49.45 -4.27 25.39
N ALA Q 144 -50.16 -4.13 26.50
CA ALA Q 144 -50.16 -2.88 27.24
C ALA Q 144 -48.76 -2.52 27.75
N MET Q 145 -48.04 -3.50 28.31
CA MET Q 145 -46.72 -3.24 28.86
C MET Q 145 -45.72 -2.95 27.75
N TRP Q 146 -45.77 -3.74 26.67
CA TRP Q 146 -44.83 -3.55 25.56
C TRP Q 146 -44.99 -2.16 24.95
N SER Q 147 -46.19 -1.58 25.02
CA SER Q 147 -46.45 -0.28 24.41
C SER Q 147 -46.04 0.90 25.29
N LYS Q 148 -45.64 0.66 26.54
CA LYS Q 148 -45.27 1.78 27.40
C LYS Q 148 -44.01 2.48 26.87
N PRO Q 149 -43.97 3.82 26.89
CA PRO Q 149 -42.77 4.53 26.40
C PRO Q 149 -41.49 4.13 27.14
N ALA Q 150 -41.56 3.94 28.45
CA ALA Q 150 -40.36 3.55 29.20
C ALA Q 150 -39.81 2.22 28.69
N VAL Q 151 -40.70 1.25 28.42
CA VAL Q 151 -40.24 -0.05 27.93
C VAL Q 151 -39.57 0.10 26.56
N GLN Q 152 -40.19 0.89 25.68
CA GLN Q 152 -39.61 1.04 24.34
C GLN Q 152 -38.31 1.82 24.37
N ARG Q 153 -38.18 2.79 25.28
CA ARG Q 153 -36.89 3.43 25.49
C ARG Q 153 -35.83 2.41 25.89
N ASN Q 154 -36.19 1.46 26.76
CA ASN Q 154 -35.23 0.46 27.20
C ASN Q 154 -34.88 -0.49 26.06
N VAL Q 155 -35.87 -0.91 25.27
CA VAL Q 155 -35.59 -1.72 24.08
C VAL Q 155 -34.63 -1.00 23.15
N ASP Q 156 -34.90 0.28 22.83
CA ASP Q 156 -34.00 1.02 21.94
C ASP Q 156 -32.60 1.09 22.53
N GLN Q 157 -32.50 1.42 23.82
CA GLN Q 157 -31.20 1.60 24.44
C GLN Q 157 -30.38 0.32 24.38
N LEU Q 158 -31.02 -0.84 24.57
CA LEU Q 158 -30.29 -2.09 24.54
C LEU Q 158 -29.75 -2.39 23.15
N ARG Q 159 -30.56 -2.11 22.10
CA ARG Q 159 -30.09 -2.30 20.73
C ARG Q 159 -28.92 -1.39 20.43
N GLU Q 160 -29.00 -0.13 20.86
CA GLU Q 160 -27.87 0.79 20.68
C GLU Q 160 -26.62 0.31 21.42
N ASP Q 161 -26.79 -0.41 22.53
CA ASP Q 161 -25.65 -0.94 23.26
C ASP Q 161 -25.14 -2.25 22.68
N GLY Q 162 -25.77 -2.77 21.64
CA GLY Q 162 -25.31 -3.97 20.97
C GLY Q 162 -26.04 -5.26 21.32
N TYR Q 163 -27.12 -5.20 22.09
CA TYR Q 163 -27.86 -6.40 22.44
C TYR Q 163 -28.87 -6.73 21.36
N ARG Q 164 -29.05 -8.01 21.08
CA ARG Q 164 -30.07 -8.45 20.15
C ARG Q 164 -31.38 -8.66 20.92
N ILE Q 165 -32.43 -7.91 20.56
CA ILE Q 165 -33.74 -8.04 21.18
C ILE Q 165 -34.65 -8.83 20.24
N VAL Q 166 -35.22 -9.92 20.73
CA VAL Q 166 -36.20 -10.70 19.97
C VAL Q 166 -37.57 -10.25 20.43
N GLU Q 167 -38.25 -9.46 19.59
CA GLU Q 167 -39.52 -8.88 19.99
C GLU Q 167 -40.56 -9.98 20.16
N PRO Q 168 -41.46 -9.85 21.13
CA PRO Q 168 -42.47 -10.89 21.36
C PRO Q 168 -43.55 -10.88 20.29
N LYS Q 169 -44.31 -11.97 20.28
CA LYS Q 169 -45.55 -12.06 19.50
C LYS Q 169 -46.74 -11.83 20.43
N GLU Q 170 -47.94 -11.90 19.87
CA GLU Q 170 -49.20 -11.66 20.59
C GLU Q 170 -50.04 -12.93 20.54
N GLY Q 171 -49.71 -13.89 21.42
CA GLY Q 171 -50.38 -15.18 21.42
C GLY Q 171 -51.50 -15.27 22.44
N ILE Q 172 -52.69 -14.84 22.03
CA ILE Q 172 -53.87 -14.81 22.90
C ILE Q 172 -54.36 -16.22 23.23
N PRO Q 181 -51.54 -11.15 26.92
CA PRO Q 181 -50.74 -12.33 27.26
C PRO Q 181 -49.74 -12.67 26.16
N GLY Q 182 -48.52 -12.17 26.29
CA GLY Q 182 -47.53 -12.30 25.25
C GLY Q 182 -46.98 -13.70 25.12
N SER Q 183 -46.19 -13.89 24.08
CA SER Q 183 -45.48 -15.14 23.87
C SER Q 183 -44.12 -14.85 23.27
N LEU Q 184 -43.23 -15.83 23.36
CA LEU Q 184 -41.87 -15.65 22.87
C LEU Q 184 -41.86 -15.36 21.38
N GLY Q 185 -41.02 -14.44 20.96
CA GLY Q 185 -40.79 -14.14 19.57
C GLY Q 185 -39.99 -15.22 18.89
N ASP Q 186 -39.35 -14.90 17.76
CA ASP Q 186 -38.60 -15.91 17.00
C ASP Q 186 -37.18 -15.98 17.55
N PHE Q 187 -37.05 -16.75 18.63
CA PHE Q 187 -35.76 -16.86 19.30
C PHE Q 187 -34.88 -17.94 18.70
N GLN Q 188 -35.46 -18.93 18.02
CA GLN Q 188 -34.66 -20.05 17.52
C GLN Q 188 -33.58 -19.56 16.57
N SER Q 189 -33.95 -18.67 15.64
CA SER Q 189 -32.98 -18.15 14.69
C SER Q 189 -31.96 -17.25 15.37
N ALA Q 190 -32.42 -16.38 16.28
CA ALA Q 190 -31.49 -15.46 16.95
C ALA Q 190 -30.48 -16.20 17.81
N ILE Q 191 -30.91 -17.23 18.53
CA ILE Q 191 -29.99 -17.98 19.36
C ILE Q 191 -29.02 -18.78 18.49
N SER Q 192 -29.54 -19.47 17.47
CA SER Q 192 -28.68 -20.18 16.53
C SER Q 192 -27.66 -19.24 15.91
N THR Q 193 -28.09 -18.04 15.51
CA THR Q 193 -27.17 -17.04 14.98
C THR Q 193 -26.04 -16.76 15.95
N ALA Q 194 -26.37 -16.60 17.24
CA ALA Q 194 -25.35 -16.33 18.25
C ALA Q 194 -24.39 -17.50 18.40
N LEU Q 195 -24.91 -18.72 18.39
CA LEU Q 195 -24.05 -19.89 18.50
C LEU Q 195 -23.07 -19.97 17.33
N ILE Q 196 -23.53 -19.60 16.12
CA ILE Q 196 -22.65 -19.64 14.96
C ILE Q 196 -21.57 -18.57 15.06
N GLN Q 197 -21.95 -17.35 15.47
CA GLN Q 197 -20.95 -16.31 15.70
C GLN Q 197 -19.93 -16.72 16.74
N ALA Q 198 -20.38 -17.39 17.81
CA ALA Q 198 -19.45 -17.80 18.86
C ALA Q 198 -18.51 -18.89 18.37
N ALA Q 199 -19.02 -19.84 17.60
CA ALA Q 199 -18.15 -20.89 17.06
C ALA Q 199 -17.04 -20.30 16.18
N ALA Q 200 -17.32 -19.19 15.49
CA ALA Q 200 -16.29 -18.53 14.69
C ALA Q 200 -15.28 -17.81 15.57
N ALA R 18 -72.10 9.16 37.73
CA ALA R 18 -71.41 8.03 37.13
C ALA R 18 -70.08 7.75 37.83
N LEU R 19 -69.70 8.63 38.77
CA LEU R 19 -68.46 8.44 39.51
C LEU R 19 -68.49 7.26 40.46
N ALA R 20 -69.66 6.68 40.73
CA ALA R 20 -69.73 5.58 41.68
C ALA R 20 -69.28 4.25 41.10
N GLN R 21 -69.23 4.11 39.79
CA GLN R 21 -68.82 2.87 39.15
C GLN R 21 -67.39 2.94 38.62
N VAL R 22 -66.70 4.06 38.80
CA VAL R 22 -65.31 4.17 38.36
C VAL R 22 -64.42 3.35 39.29
N ARG R 23 -63.63 2.46 38.71
CA ARG R 23 -62.77 1.56 39.48
C ARG R 23 -61.43 2.25 39.71
N LEU R 24 -61.18 2.61 40.97
CA LEU R 24 -60.00 3.36 41.36
C LEU R 24 -58.97 2.41 41.96
N LEU R 25 -57.80 2.30 41.31
CA LEU R 25 -56.66 1.56 41.85
C LEU R 25 -55.70 2.56 42.49
N TRP R 26 -55.30 2.28 43.72
CA TRP R 26 -54.60 3.24 44.57
C TRP R 26 -53.32 2.60 45.08
N GLY R 27 -52.17 3.07 44.61
CA GLY R 27 -50.88 2.58 45.08
C GLY R 27 -50.37 3.40 46.25
N VAL R 28 -49.77 2.71 47.22
CA VAL R 28 -49.30 3.36 48.45
C VAL R 28 -47.84 3.00 48.66
N CYS R 29 -46.97 4.02 48.70
CA CYS R 29 -45.53 3.83 48.89
C CYS R 29 -45.12 4.22 50.30
N GLY R 30 -43.89 3.85 50.64
CA GLY R 30 -43.36 4.02 51.98
C GLY R 30 -42.93 5.44 52.32
N SER R 31 -43.90 6.33 52.44
CA SER R 31 -43.67 7.73 52.78
C SER R 31 -44.32 8.05 54.12
N PHE R 32 -43.76 9.05 54.82
CA PHE R 32 -44.40 9.59 56.02
C PHE R 32 -45.89 9.84 55.81
N SER R 33 -46.25 10.32 54.62
CA SER R 33 -47.63 10.70 54.34
C SER R 33 -48.57 9.53 54.16
N ALA R 34 -48.11 8.29 54.33
CA ALA R 34 -49.04 7.17 54.26
C ALA R 34 -50.06 7.20 55.40
N VAL R 35 -49.77 7.90 56.50
CA VAL R 35 -50.76 8.06 57.57
C VAL R 35 -51.99 8.84 57.09
N ALA R 36 -51.89 9.53 55.97
CA ALA R 36 -53.02 10.26 55.43
C ALA R 36 -53.99 9.37 54.65
N VAL R 37 -53.66 8.09 54.47
CA VAL R 37 -54.50 7.23 53.62
C VAL R 37 -55.94 7.12 54.13
N PRO R 38 -56.19 6.91 55.43
CA PRO R 38 -57.61 6.88 55.87
C PRO R 38 -58.34 8.18 55.59
N HIS R 39 -57.69 9.32 55.84
CA HIS R 39 -58.30 10.62 55.55
C HIS R 39 -58.61 10.76 54.06
N VAL R 40 -57.66 10.38 53.20
CA VAL R 40 -57.92 10.45 51.76
C VAL R 40 -59.04 9.50 51.35
N ASN R 41 -59.08 8.32 51.98
CA ASN R 41 -60.12 7.34 51.67
C ASN R 41 -61.52 7.88 52.02
N ALA R 42 -61.65 8.57 53.17
CA ALA R 42 -62.94 9.17 53.52
C ALA R 42 -63.35 10.24 52.53
N TRP R 43 -62.39 11.08 52.09
CA TRP R 43 -62.69 12.08 51.07
C TRP R 43 -63.13 11.42 49.77
N LEU R 44 -62.45 10.34 49.37
CA LEU R 44 -62.79 9.66 48.12
C LEU R 44 -64.20 9.05 48.19
N ARG R 45 -64.55 8.47 49.34
CA ARG R 45 -65.84 7.79 49.43
C ARG R 45 -66.98 8.74 49.76
N GLY R 46 -66.81 9.56 50.79
CA GLY R 46 -67.90 10.36 51.32
C GLY R 46 -68.15 11.67 50.60
N THR R 47 -67.17 12.15 49.85
CA THR R 47 -67.29 13.43 49.15
C THR R 47 -67.29 13.27 47.64
N VAL R 48 -66.34 12.51 47.10
CA VAL R 48 -66.31 12.32 45.65
C VAL R 48 -67.31 11.25 45.24
N GLY R 49 -67.58 10.28 46.11
CA GLY R 49 -68.54 9.23 45.84
C GLY R 49 -68.00 7.97 45.19
N VAL R 50 -66.69 7.72 45.23
CA VAL R 50 -66.14 6.49 44.68
C VAL R 50 -66.50 5.33 45.59
N GLN R 51 -66.88 4.20 44.99
CA GLN R 51 -67.29 3.03 45.76
C GLN R 51 -66.30 1.88 45.73
N GLU R 52 -65.69 1.58 44.58
CA GLU R 52 -64.76 0.45 44.48
C GLU R 52 -63.32 0.97 44.47
N ILE R 53 -62.61 0.72 45.56
CA ILE R 53 -61.22 1.15 45.73
C ILE R 53 -60.40 -0.05 46.13
N ARG R 54 -59.40 -0.38 45.33
CA ARG R 54 -58.45 -1.44 45.62
C ARG R 54 -57.06 -0.85 45.75
N THR R 55 -56.34 -1.28 46.76
CA THR R 55 -55.05 -0.70 47.09
C THR R 55 -53.92 -1.69 46.82
N VAL R 56 -52.78 -1.13 46.45
CA VAL R 56 -51.51 -1.84 46.33
C VAL R 56 -50.51 -1.12 47.23
N MET R 57 -49.92 -1.84 48.17
CA MET R 57 -48.92 -1.27 49.06
C MET R 57 -47.55 -1.82 48.70
N THR R 58 -46.55 -0.95 48.64
CA THR R 58 -45.19 -1.44 48.55
C THR R 58 -44.84 -2.16 49.85
N ALA R 59 -43.80 -3.00 49.78
CA ALA R 59 -43.36 -3.71 50.97
C ALA R 59 -43.01 -2.73 52.08
N GLN R 60 -42.41 -1.60 51.72
CA GLN R 60 -42.03 -0.60 52.72
C GLN R 60 -43.25 0.07 53.32
N ALA R 61 -44.25 0.39 52.51
CA ALA R 61 -45.50 0.96 53.03
C ALA R 61 -46.14 0.01 54.03
N ARG R 62 -46.22 -1.28 53.67
CA ARG R 62 -46.82 -2.27 54.56
C ARG R 62 -46.05 -2.37 55.88
N ALA R 63 -44.72 -2.37 55.80
CA ALA R 63 -43.91 -2.53 57.00
C ALA R 63 -44.04 -1.33 57.93
N LEU R 64 -44.31 -0.16 57.38
CA LEU R 64 -44.47 1.04 58.19
C LEU R 64 -45.89 1.17 58.71
N MET R 65 -46.88 1.07 57.82
CA MET R 65 -48.27 1.37 58.14
C MET R 65 -49.06 0.17 58.63
N GLY R 66 -48.74 -1.05 58.20
CA GLY R 66 -49.57 -2.17 58.53
C GLY R 66 -50.82 -2.21 57.68
N PRO R 67 -51.03 -3.32 56.97
CA PRO R 67 -52.13 -3.41 56.00
C PRO R 67 -53.51 -3.65 56.59
N ARG R 68 -53.63 -4.04 57.86
CA ARG R 68 -54.92 -4.49 58.36
C ARG R 68 -55.91 -3.35 58.57
N MET R 69 -55.43 -2.18 58.98
CA MET R 69 -56.37 -1.07 59.15
C MET R 69 -56.80 -0.52 57.79
N ILE R 70 -55.87 -0.46 56.83
CA ILE R 70 -56.24 -0.09 55.47
C ILE R 70 -57.34 -1.00 54.94
N GLU R 71 -57.19 -2.31 55.18
CA GLU R 71 -58.23 -3.25 54.77
C GLU R 71 -59.56 -2.93 55.44
N ALA R 72 -59.52 -2.57 56.73
CA ALA R 72 -60.76 -2.35 57.47
C ALA R 72 -61.51 -1.12 56.99
N VAL R 73 -60.80 -0.08 56.55
CA VAL R 73 -61.46 1.17 56.17
C VAL R 73 -61.70 1.29 54.67
N THR R 74 -61.01 0.50 53.84
CA THR R 74 -61.23 0.54 52.40
C THR R 74 -62.08 -0.61 51.88
N GLY R 75 -62.23 -1.68 52.67
CA GLY R 75 -63.03 -2.81 52.26
C GLY R 75 -62.31 -3.89 51.49
N HIS R 76 -61.01 -3.73 51.22
CA HIS R 76 -60.26 -4.75 50.51
C HIS R 76 -58.87 -4.87 51.13
N ALA R 77 -58.38 -6.10 51.27
CA ALA R 77 -57.01 -6.28 51.70
C ALA R 77 -56.08 -5.67 50.64
N PRO R 78 -55.15 -4.80 51.03
CA PRO R 78 -54.19 -4.32 50.04
C PRO R 78 -53.32 -5.45 49.52
N VAL R 79 -52.96 -5.35 48.25
CA VAL R 79 -52.08 -6.31 47.60
C VAL R 79 -50.64 -5.83 47.76
N THR R 80 -49.77 -6.70 48.27
CA THR R 80 -48.34 -6.37 48.32
C THR R 80 -47.50 -7.46 47.65
N ASP R 81 -47.74 -8.72 47.99
CA ASP R 81 -47.03 -9.83 47.39
C ASP R 81 -47.90 -10.42 46.28
N TRP R 82 -47.23 -11.01 45.28
CA TRP R 82 -47.96 -11.65 44.18
C TRP R 82 -48.98 -12.65 44.68
N GLU R 83 -48.69 -13.33 45.79
CA GLU R 83 -49.58 -14.34 46.36
C GLU R 83 -50.93 -13.75 46.79
N ASP R 84 -51.03 -12.42 46.92
CA ASP R 84 -52.29 -11.81 47.33
C ASP R 84 -53.34 -11.77 46.23
N HIS R 85 -52.95 -11.97 44.97
CA HIS R 85 -53.90 -12.11 43.85
C HIS R 85 -54.30 -13.57 43.64
N LYS R 86 -55.60 -13.78 43.36
CA LYS R 86 -56.18 -15.12 43.25
C LYS R 86 -56.50 -15.50 41.81
N GLY R 87 -56.27 -16.77 41.50
CA GLY R 87 -56.69 -17.35 40.23
C GLY R 87 -55.67 -17.19 39.11
N GLY R 88 -56.21 -17.27 37.89
CA GLY R 88 -55.40 -17.19 36.69
C GLY R 88 -54.78 -15.81 36.48
N GLY R 89 -53.83 -15.77 35.56
CA GLY R 89 -53.15 -14.54 35.25
C GLY R 89 -52.12 -14.18 36.31
N ALA R 90 -52.27 -13.01 36.91
CA ALA R 90 -51.21 -12.39 37.70
C ALA R 90 -51.66 -11.04 38.22
N ALA R 91 -51.13 -10.62 39.36
CA ALA R 91 -51.66 -9.45 40.06
C ALA R 91 -51.61 -8.20 39.20
N HIS R 92 -50.50 -7.96 38.49
CA HIS R 92 -50.34 -6.70 37.77
C HIS R 92 -51.23 -6.66 36.53
N VAL R 93 -51.39 -7.80 35.85
CA VAL R 93 -52.27 -7.85 34.70
C VAL R 93 -53.73 -7.69 35.12
N ALA R 94 -54.15 -8.39 36.19
CA ALA R 94 -55.52 -8.28 36.65
C ALA R 94 -55.82 -6.88 37.18
N LEU R 95 -54.96 -6.34 38.03
CA LEU R 95 -55.20 -5.01 38.58
C LEU R 95 -55.06 -3.93 37.50
N GLY R 96 -54.09 -4.11 36.60
CA GLY R 96 -53.91 -3.14 35.54
C GLY R 96 -55.12 -3.07 34.62
N ALA R 97 -55.73 -4.22 34.33
CA ALA R 97 -56.92 -4.23 33.49
C ALA R 97 -58.16 -3.71 34.24
N TRP R 98 -58.25 -3.97 35.54
CA TRP R 98 -59.41 -3.56 36.32
C TRP R 98 -59.49 -2.06 36.50
N ALA R 99 -58.34 -1.38 36.54
CA ALA R 99 -58.31 0.02 36.96
C ALA R 99 -58.90 0.93 35.89
N ASP R 100 -59.82 1.80 36.30
CA ASP R 100 -60.26 2.91 35.45
C ASP R 100 -59.44 4.16 35.69
N VAL R 101 -59.00 4.36 36.93
CA VAL R 101 -58.06 5.42 37.28
C VAL R 101 -57.00 4.81 38.19
N LEU R 102 -55.75 5.23 38.02
CA LEU R 102 -54.65 4.78 38.86
C LEU R 102 -54.08 5.98 39.60
N VAL R 103 -54.05 5.90 40.92
CA VAL R 103 -53.49 6.95 41.76
C VAL R 103 -52.38 6.35 42.61
N ILE R 104 -51.20 6.97 42.59
CA ILE R 104 -50.11 6.62 43.48
C ILE R 104 -50.03 7.71 44.53
N LEU R 105 -50.43 7.38 45.75
CA LEU R 105 -50.52 8.42 46.78
C LEU R 105 -50.38 7.81 48.16
N PRO R 106 -49.34 8.16 48.91
CA PRO R 106 -48.21 8.98 48.46
C PRO R 106 -47.24 8.17 47.61
N ALA R 107 -46.51 8.84 46.71
CA ALA R 107 -45.42 8.22 45.99
C ALA R 107 -44.11 8.62 46.63
N THR R 108 -43.15 7.69 46.66
CA THR R 108 -41.82 8.02 47.14
C THR R 108 -40.97 8.54 45.99
N ALA R 109 -39.86 9.17 46.36
CA ALA R 109 -38.85 9.43 45.34
C ALA R 109 -38.46 8.14 44.63
N ASN R 110 -38.33 7.04 45.37
CA ASN R 110 -38.00 5.74 44.78
C ASN R 110 -38.98 5.39 43.66
N PHE R 111 -40.29 5.55 43.92
CA PHE R 111 -41.30 5.22 42.91
C PHE R 111 -41.13 6.03 41.64
N LEU R 112 -40.86 7.34 41.78
CA LEU R 112 -40.67 8.17 40.60
C LEU R 112 -39.57 7.60 39.71
N ALA R 113 -38.46 7.19 40.31
CA ALA R 113 -37.35 6.63 39.54
C ALA R 113 -37.76 5.36 38.82
N LYS R 114 -38.44 4.45 39.53
CA LYS R 114 -38.80 3.18 38.90
C LYS R 114 -39.81 3.39 37.77
N ALA R 115 -40.83 4.21 38.00
CA ALA R 115 -41.85 4.44 36.98
C ALA R 115 -41.27 5.18 35.77
N ALA R 116 -40.36 6.12 36.01
CA ALA R 116 -39.78 6.87 34.91
C ALA R 116 -38.93 5.98 34.01
N HIS R 117 -38.35 4.91 34.56
CA HIS R 117 -37.42 4.07 33.81
C HIS R 117 -37.99 2.70 33.48
N GLY R 118 -39.28 2.48 33.75
CA GLY R 118 -39.88 1.20 33.40
C GLY R 118 -39.40 0.03 34.22
N ILE R 119 -38.89 0.28 35.43
CA ILE R 119 -38.56 -0.79 36.34
C ILE R 119 -39.83 -1.38 36.93
N ALA R 120 -39.87 -2.71 37.04
CA ALA R 120 -41.05 -3.42 37.50
C ALA R 120 -40.65 -4.55 38.45
N ASP R 121 -40.07 -4.20 39.59
CA ASP R 121 -39.53 -5.19 40.51
C ASP R 121 -40.40 -5.44 41.73
N ASP R 122 -41.66 -4.98 41.70
CA ASP R 122 -42.65 -5.41 42.67
C ASP R 122 -44.02 -5.31 42.03
N VAL R 123 -45.07 -5.68 42.78
CA VAL R 123 -46.42 -5.67 42.21
C VAL R 123 -46.81 -4.27 41.75
N LEU R 124 -46.53 -3.26 42.56
CA LEU R 124 -46.98 -1.91 42.22
C LEU R 124 -46.38 -1.44 40.90
N THR R 125 -45.06 -1.54 40.76
CA THR R 125 -44.42 -1.00 39.56
C THR R 125 -44.71 -1.84 38.32
N ALA R 126 -44.99 -3.13 38.48
CA ALA R 126 -45.43 -3.94 37.35
C ALA R 126 -46.84 -3.56 36.93
N THR R 127 -47.70 -3.26 37.90
CA THR R 127 -49.06 -2.84 37.58
C THR R 127 -49.05 -1.54 36.80
N VAL R 128 -48.11 -0.64 37.11
CA VAL R 128 -47.96 0.60 36.36
C VAL R 128 -47.74 0.31 34.87
N LEU R 129 -46.88 -0.65 34.56
CA LEU R 129 -46.65 -0.99 33.16
C LEU R 129 -47.86 -1.60 32.51
N ALA R 130 -48.65 -2.38 33.25
CA ALA R 130 -49.81 -3.06 32.69
C ALA R 130 -51.07 -2.21 32.67
N ALA R 131 -51.11 -1.12 33.44
CA ALA R 131 -52.30 -0.28 33.46
C ALA R 131 -52.35 0.63 32.23
N GLU R 132 -53.55 0.85 31.70
CA GLU R 132 -53.77 1.74 30.56
C GLU R 132 -54.94 2.64 30.92
N CYS R 133 -54.67 3.64 31.75
CA CYS R 133 -55.72 4.51 32.25
C CYS R 133 -55.07 5.81 32.72
N PRO R 134 -55.83 6.88 32.86
CA PRO R 134 -55.28 8.12 33.45
C PRO R 134 -54.68 7.83 34.82
N THR R 135 -53.50 8.40 35.07
CA THR R 135 -52.76 8.11 36.27
C THR R 135 -52.33 9.40 36.96
N VAL R 136 -52.56 9.47 38.27
CA VAL R 136 -52.11 10.61 39.08
C VAL R 136 -51.08 10.13 40.08
N ILE R 137 -49.93 10.81 40.12
CA ILE R 137 -48.81 10.51 41.02
C ILE R 137 -48.60 11.73 41.90
N ALA R 138 -48.62 11.52 43.21
CA ALA R 138 -48.46 12.59 44.20
C ALA R 138 -47.25 12.28 45.06
N PRO R 139 -46.04 12.64 44.63
CA PRO R 139 -44.84 12.30 45.41
C PRO R 139 -44.74 13.14 46.69
N VAL R 140 -44.11 12.56 47.70
CA VAL R 140 -43.82 13.27 48.94
C VAL R 140 -42.39 12.97 49.32
N MET R 141 -41.66 14.01 49.74
CA MET R 141 -40.28 13.88 50.20
C MET R 141 -39.87 15.25 50.74
N ASN R 142 -38.74 15.28 51.44
CA ASN R 142 -38.33 16.57 52.00
C ASN R 142 -37.72 17.44 50.91
N ALA R 143 -37.33 18.66 51.27
CA ALA R 143 -36.91 19.63 50.28
C ALA R 143 -35.58 19.24 49.64
N ALA R 144 -34.66 18.70 50.43
CA ALA R 144 -33.37 18.26 49.89
C ALA R 144 -33.56 17.19 48.82
N MET R 145 -34.47 16.24 49.06
CA MET R 145 -34.67 15.16 48.08
C MET R 145 -35.33 15.69 46.81
N TRP R 146 -36.37 16.52 46.97
CA TRP R 146 -37.09 17.05 45.81
C TRP R 146 -36.18 17.87 44.89
N SER R 147 -35.14 18.50 45.43
CA SER R 147 -34.29 19.35 44.61
C SER R 147 -33.21 18.57 43.86
N LYS R 148 -33.06 17.26 44.11
CA LYS R 148 -32.01 16.52 43.44
C LYS R 148 -32.26 16.47 41.93
N PRO R 149 -31.23 16.67 41.11
CA PRO R 149 -31.42 16.60 39.65
C PRO R 149 -32.01 15.29 39.18
N ALA R 150 -31.57 14.17 39.78
CA ALA R 150 -32.09 12.87 39.36
C ALA R 150 -33.59 12.80 39.58
N VAL R 151 -34.07 13.28 40.72
CA VAL R 151 -35.52 13.27 41.01
C VAL R 151 -36.26 14.14 39.98
N GLN R 152 -35.73 15.32 39.69
CA GLN R 152 -36.41 16.23 38.76
C GLN R 152 -36.39 15.69 37.33
N ARG R 153 -35.32 15.00 36.95
CA ARG R 153 -35.30 14.29 35.67
C ARG R 153 -36.43 13.25 35.60
N ASN R 154 -36.67 12.55 36.72
CA ASN R 154 -37.72 11.54 36.74
C ASN R 154 -39.11 12.19 36.67
N VAL R 155 -39.32 13.27 37.42
CA VAL R 155 -40.57 14.02 37.34
C VAL R 155 -40.83 14.46 35.90
N ASP R 156 -39.83 15.07 35.25
CA ASP R 156 -40.01 15.54 33.88
C ASP R 156 -40.31 14.37 32.94
N GLN R 157 -39.59 13.25 33.09
CA GLN R 157 -39.79 12.12 32.20
C GLN R 157 -41.20 11.56 32.33
N LEU R 158 -41.72 11.50 33.55
CA LEU R 158 -43.07 10.97 33.76
C LEU R 158 -44.12 11.90 33.15
N ARG R 159 -43.90 13.22 33.25
CA ARG R 159 -44.83 14.14 32.61
C ARG R 159 -44.84 13.95 31.10
N GLU R 160 -43.66 13.81 30.49
CA GLU R 160 -43.60 13.55 29.05
C GLU R 160 -44.26 12.22 28.68
N ASP R 161 -44.23 11.24 29.58
CA ASP R 161 -44.89 9.96 29.31
C ASP R 161 -46.40 10.03 29.56
N GLY R 162 -46.91 11.17 30.01
CA GLY R 162 -48.32 11.40 30.18
C GLY R 162 -48.84 11.30 31.59
N TYR R 163 -47.96 11.17 32.59
CA TYR R 163 -48.43 11.05 33.96
C TYR R 163 -48.66 12.44 34.54
N ARG R 164 -49.70 12.56 35.35
CA ARG R 164 -50.01 13.79 36.06
C ARG R 164 -49.29 13.77 37.40
N ILE R 165 -48.39 14.73 37.60
CA ILE R 165 -47.60 14.84 38.82
C ILE R 165 -48.18 15.94 39.68
N VAL R 166 -48.52 15.62 40.91
CA VAL R 166 -48.92 16.60 41.92
C VAL R 166 -47.72 16.84 42.82
N GLU R 167 -47.10 18.01 42.67
CA GLU R 167 -45.89 18.31 43.41
C GLU R 167 -46.17 18.44 44.91
N PRO R 168 -45.22 18.04 45.76
CA PRO R 168 -45.43 18.14 47.21
C PRO R 168 -45.39 19.58 47.68
N LYS R 169 -45.88 19.78 48.90
CA LYS R 169 -45.74 21.02 49.63
C LYS R 169 -44.61 20.89 50.64
N GLU R 170 -44.35 21.97 51.38
CA GLU R 170 -43.25 22.05 52.34
C GLU R 170 -43.86 22.35 53.72
N GLY R 171 -44.42 21.32 54.34
CA GLY R 171 -45.12 21.45 55.61
C GLY R 171 -44.32 21.04 56.82
N ILE R 172 -43.57 21.98 57.41
CA ILE R 172 -42.73 21.67 58.56
C ILE R 172 -43.61 21.37 59.78
N PRO R 181 -39.28 18.20 55.87
CA PRO R 181 -40.44 17.34 56.11
C PRO R 181 -41.59 17.64 55.13
N GLY R 182 -41.66 16.89 54.02
CA GLY R 182 -42.63 17.19 53.00
C GLY R 182 -44.04 16.80 53.37
N SER R 183 -44.98 17.24 52.55
CA SER R 183 -46.38 16.88 52.71
C SER R 183 -47.05 16.81 51.34
N LEU R 184 -48.23 16.18 51.30
CA LEU R 184 -48.94 16.01 50.05
C LEU R 184 -49.35 17.36 49.45
N GLY R 185 -49.22 17.47 48.13
CA GLY R 185 -49.68 18.64 47.41
C GLY R 185 -51.19 18.65 47.23
N ASP R 186 -51.64 19.49 46.30
CA ASP R 186 -53.07 19.68 46.02
C ASP R 186 -53.50 18.66 44.97
N PHE R 187 -53.78 17.45 45.44
CA PHE R 187 -54.12 16.32 44.59
C PHE R 187 -55.61 16.23 44.27
N GLN R 188 -56.47 16.88 45.07
CA GLN R 188 -57.92 16.68 44.92
C GLN R 188 -58.38 17.01 43.52
N SER R 189 -57.91 18.14 42.97
CA SER R 189 -58.35 18.54 41.64
C SER R 189 -57.87 17.56 40.58
N ALA R 190 -56.61 17.11 40.67
CA ALA R 190 -56.10 16.16 39.68
C ALA R 190 -56.83 14.83 39.76
N ILE R 191 -57.09 14.34 40.98
CA ILE R 191 -57.78 13.06 41.11
C ILE R 191 -59.23 13.18 40.65
N SER R 192 -59.92 14.24 41.07
CA SER R 192 -61.29 14.47 40.61
C SER R 192 -61.33 14.50 39.09
N THR R 193 -60.41 15.24 38.48
CA THR R 193 -60.35 15.34 37.02
C THR R 193 -60.20 13.97 36.38
N ALA R 194 -59.28 13.14 36.89
CA ALA R 194 -59.08 11.82 36.31
C ALA R 194 -60.31 10.94 36.48
N LEU R 195 -60.93 10.98 37.67
CA LEU R 195 -62.13 10.19 37.89
C LEU R 195 -63.26 10.63 36.96
N ILE R 196 -63.38 11.93 36.73
CA ILE R 196 -64.40 12.45 35.83
C ILE R 196 -64.09 12.10 34.39
N GLN R 197 -62.82 12.26 33.97
CA GLN R 197 -62.42 11.85 32.64
C GLN R 197 -62.71 10.38 32.39
N ALA R 198 -62.52 9.54 33.41
CA ALA R 198 -62.80 8.12 33.26
C ALA R 198 -64.29 7.85 33.10
N ALA R 199 -65.13 8.55 33.86
CA ALA R 199 -66.58 8.38 33.74
C ALA R 199 -67.07 8.71 32.33
N ALA R 200 -66.45 9.68 31.66
CA ALA R 200 -66.79 10.01 30.28
C ALA R 200 -66.24 8.96 29.32
N ALA S 18 -9.09 21.76 61.56
CA ALA S 18 -10.53 21.95 61.64
C ALA S 18 -11.28 20.70 61.15
N LEU S 19 -10.53 19.72 60.65
CA LEU S 19 -11.11 18.47 60.15
C LEU S 19 -11.67 17.59 61.25
N ALA S 20 -11.39 17.88 62.52
CA ALA S 20 -11.82 17.00 63.60
C ALA S 20 -13.31 17.12 63.89
N GLN S 21 -13.96 18.19 63.46
CA GLN S 21 -15.40 18.38 63.67
C GLN S 21 -16.20 18.10 62.41
N VAL S 22 -15.55 17.71 61.31
CA VAL S 22 -16.27 17.37 60.09
C VAL S 22 -16.95 16.02 60.27
N ARG S 23 -18.24 15.96 60.00
CA ARG S 23 -19.01 14.74 60.16
C ARG S 23 -19.00 13.97 58.84
N LEU S 24 -18.30 12.84 58.82
CA LEU S 24 -18.10 12.03 57.63
C LEU S 24 -19.07 10.86 57.61
N LEU S 25 -19.95 10.82 56.61
CA LEU S 25 -20.84 9.69 56.36
C LEU S 25 -20.23 8.78 55.29
N TRP S 26 -20.12 7.50 55.61
CA TRP S 26 -19.34 6.54 54.82
C TRP S 26 -20.23 5.36 54.45
N GLY S 27 -20.57 5.23 53.17
CA GLY S 27 -21.34 4.10 52.68
C GLY S 27 -20.47 2.98 52.12
N VAL S 28 -20.87 1.74 52.38
CA VAL S 28 -20.12 0.54 51.98
C VAL S 28 -21.05 -0.37 51.18
N CYS S 29 -20.67 -0.67 49.94
CA CYS S 29 -21.46 -1.54 49.06
C CYS S 29 -20.80 -2.91 48.94
N GLY S 30 -21.54 -3.85 48.34
CA GLY S 30 -21.07 -5.22 48.27
C GLY S 30 -20.01 -5.49 47.21
N SER S 31 -18.80 -4.98 47.42
CA SER S 31 -17.68 -5.18 46.50
C SER S 31 -16.56 -5.93 47.21
N PHE S 32 -15.75 -6.65 46.42
CA PHE S 32 -14.52 -7.29 46.91
C PHE S 32 -13.72 -6.34 47.79
N SER S 33 -13.69 -5.06 47.40
CA SER S 33 -12.87 -4.05 48.08
C SER S 33 -13.43 -3.62 49.43
N ALA S 34 -14.55 -4.19 49.88
CA ALA S 34 -15.00 -3.90 51.24
C ALA S 34 -14.00 -4.41 52.28
N VAL S 35 -13.12 -5.35 51.91
CA VAL S 35 -12.06 -5.81 52.81
C VAL S 35 -11.07 -4.68 53.12
N ALA S 36 -11.09 -3.62 52.33
CA ALA S 36 -10.20 -2.48 52.58
C ALA S 36 -10.72 -1.57 53.67
N VAL S 37 -11.92 -1.82 54.20
CA VAL S 37 -12.52 -0.91 55.19
C VAL S 37 -11.59 -0.70 56.39
N PRO S 38 -10.95 -1.71 56.96
CA PRO S 38 -10.04 -1.44 58.09
C PRO S 38 -8.90 -0.49 57.75
N HIS S 39 -8.23 -0.73 56.62
CA HIS S 39 -7.12 0.13 56.22
C HIS S 39 -7.62 1.56 55.96
N VAL S 40 -8.74 1.69 55.26
CA VAL S 40 -9.28 3.03 54.99
C VAL S 40 -9.70 3.71 56.28
N ASN S 41 -10.25 2.95 57.23
CA ASN S 41 -10.66 3.53 58.50
C ASN S 41 -9.45 4.06 59.29
N ALA S 42 -8.34 3.31 59.27
CA ALA S 42 -7.13 3.76 59.96
C ALA S 42 -6.57 5.03 59.32
N TRP S 43 -6.59 5.11 57.99
CA TRP S 43 -6.14 6.31 57.30
C TRP S 43 -7.02 7.51 57.65
N LEU S 44 -8.33 7.32 57.71
CA LEU S 44 -9.23 8.45 58.01
C LEU S 44 -8.99 9.01 59.40
N ARG S 45 -8.82 8.14 60.40
CA ARG S 45 -8.62 8.63 61.76
C ARG S 45 -7.15 8.92 62.06
N GLY S 46 -6.24 8.02 61.69
CA GLY S 46 -4.85 8.15 62.10
C GLY S 46 -4.01 9.08 61.26
N THR S 47 -4.44 9.39 60.04
CA THR S 47 -3.70 10.27 59.14
C THR S 47 -4.44 11.56 58.84
N VAL S 48 -5.72 11.47 58.48
CA VAL S 48 -6.47 12.68 58.17
C VAL S 48 -6.97 13.37 59.42
N GLY S 49 -7.27 12.60 60.47
CA GLY S 49 -7.74 13.20 61.71
C GLY S 49 -9.24 13.34 61.85
N VAL S 50 -10.03 12.60 61.07
CA VAL S 50 -11.48 12.65 61.22
C VAL S 50 -11.88 11.96 62.52
N GLN S 51 -12.84 12.55 63.24
CA GLN S 51 -13.27 12.01 64.52
C GLN S 51 -14.66 11.41 64.49
N GLU S 52 -15.61 12.05 63.78
CA GLU S 52 -16.99 11.61 63.73
C GLU S 52 -17.24 10.92 62.38
N ILE S 53 -17.35 9.59 62.41
CA ILE S 53 -17.59 8.76 61.24
C ILE S 53 -18.76 7.83 61.54
N ARG S 54 -19.79 7.89 60.71
CA ARG S 54 -20.90 6.94 60.76
C ARG S 54 -20.99 6.20 59.44
N THR S 55 -21.22 4.89 59.52
CA THR S 55 -21.23 4.04 58.33
C THR S 55 -22.64 3.55 58.01
N VAL S 56 -22.89 3.41 56.71
CA VAL S 56 -24.10 2.78 56.18
C VAL S 56 -23.66 1.63 55.28
N MET S 57 -24.19 0.43 55.51
CA MET S 57 -23.88 -0.73 54.69
C MET S 57 -25.10 -1.13 53.88
N THR S 58 -24.89 -1.48 52.61
CA THR S 58 -25.95 -2.14 51.88
C THR S 58 -26.17 -3.55 52.43
N ALA S 59 -27.34 -4.12 52.12
CA ALA S 59 -27.62 -5.49 52.58
C ALA S 59 -26.58 -6.46 52.05
N GLN S 60 -26.15 -6.27 50.80
CA GLN S 60 -25.15 -7.15 50.21
C GLN S 60 -23.80 -6.98 50.90
N ALA S 61 -23.42 -5.74 51.22
CA ALA S 61 -22.17 -5.52 51.95
C ALA S 61 -22.19 -6.23 53.29
N ARG S 62 -23.30 -6.11 54.03
CA ARG S 62 -23.45 -6.79 55.30
C ARG S 62 -23.36 -8.31 55.15
N ALA S 63 -23.97 -8.86 54.09
CA ALA S 63 -23.98 -10.31 53.91
C ALA S 63 -22.59 -10.86 53.59
N LEU S 64 -21.74 -10.08 52.93
CA LEU S 64 -20.43 -10.58 52.55
C LEU S 64 -19.44 -10.44 53.68
N MET S 65 -19.43 -9.25 54.29
CA MET S 65 -18.44 -8.86 55.27
C MET S 65 -18.83 -9.18 56.70
N GLY S 66 -20.12 -9.34 56.99
CA GLY S 66 -20.57 -9.44 58.36
C GLY S 66 -20.63 -8.06 59.01
N PRO S 67 -21.80 -7.69 59.55
CA PRO S 67 -21.96 -6.31 60.05
C PRO S 67 -21.28 -6.05 61.38
N ARG S 68 -20.92 -7.12 62.11
CA ARG S 68 -20.41 -6.94 63.46
C ARG S 68 -18.98 -6.41 63.45
N MET S 69 -18.20 -6.73 62.42
CA MET S 69 -16.81 -6.30 62.39
C MET S 69 -16.68 -4.80 62.13
N ILE S 70 -17.50 -4.24 61.24
CA ILE S 70 -17.50 -2.78 61.06
C ILE S 70 -17.75 -2.09 62.38
N GLU S 71 -18.72 -2.58 63.15
CA GLU S 71 -19.04 -1.96 64.44
C GLU S 71 -17.85 -1.97 65.38
N ALA S 72 -17.13 -3.08 65.43
CA ALA S 72 -16.04 -3.21 66.38
C ALA S 72 -14.88 -2.29 66.05
N VAL S 73 -14.65 -2.03 64.77
CA VAL S 73 -13.48 -1.28 64.34
C VAL S 73 -13.76 0.20 64.14
N THR S 74 -15.02 0.60 64.01
CA THR S 74 -15.37 1.99 63.80
C THR S 74 -15.93 2.70 65.03
N GLY S 75 -16.36 1.98 66.06
CA GLY S 75 -16.93 2.65 67.21
C GLY S 75 -18.40 2.96 67.10
N HIS S 76 -19.02 2.62 65.97
CA HIS S 76 -20.45 2.77 65.74
C HIS S 76 -20.95 1.53 65.03
N ALA S 77 -22.13 1.08 65.41
CA ALA S 77 -22.80 0.08 64.61
C ALA S 77 -23.14 0.71 63.27
N PRO S 78 -22.86 0.06 62.15
CA PRO S 78 -23.31 0.57 60.86
C PRO S 78 -24.83 0.56 60.81
N VAL S 79 -25.40 1.50 60.05
CA VAL S 79 -26.83 1.48 59.77
C VAL S 79 -27.04 0.66 58.51
N THR S 80 -27.92 -0.34 58.56
CA THR S 80 -28.23 -1.10 57.37
C THR S 80 -29.73 -1.11 57.09
N ASP S 81 -30.52 -1.40 58.12
CA ASP S 81 -31.96 -1.45 57.99
C ASP S 81 -32.59 -0.18 58.57
N TRP S 82 -33.78 0.15 58.05
CA TRP S 82 -34.54 1.30 58.56
C TRP S 82 -34.75 1.23 60.06
N GLU S 83 -34.90 0.02 60.61
CA GLU S 83 -35.11 -0.14 62.05
C GLU S 83 -33.95 0.35 62.88
N ASP S 84 -32.77 0.54 62.29
CA ASP S 84 -31.63 1.00 63.08
C ASP S 84 -31.75 2.46 63.50
N HIS S 85 -32.65 3.23 62.90
CA HIS S 85 -32.88 4.60 63.32
C HIS S 85 -33.94 4.61 64.43
N LYS S 86 -33.64 5.31 65.52
CA LYS S 86 -34.48 5.36 66.70
C LYS S 86 -35.13 6.74 66.77
N GLY S 87 -36.39 6.78 67.18
CA GLY S 87 -37.08 8.04 67.41
C GLY S 87 -37.72 8.61 66.15
N GLY S 88 -37.94 9.93 66.18
CA GLY S 88 -38.64 10.58 65.10
C GLY S 88 -37.84 10.64 63.81
N GLY S 89 -38.58 10.89 62.73
CA GLY S 89 -37.98 10.94 61.40
C GLY S 89 -37.71 9.55 60.83
N ALA S 90 -36.47 9.32 60.40
CA ALA S 90 -36.17 8.21 59.51
C ALA S 90 -34.69 8.22 59.16
N ALA S 91 -34.14 7.04 58.88
CA ALA S 91 -32.69 6.90 58.77
C ALA S 91 -32.09 7.82 57.72
N HIS S 92 -32.71 7.91 56.54
CA HIS S 92 -32.08 8.63 55.45
C HIS S 92 -32.07 10.14 55.69
N VAL S 93 -33.13 10.67 56.29
CA VAL S 93 -33.17 12.10 56.62
C VAL S 93 -32.19 12.40 57.74
N ALA S 94 -32.18 11.56 58.79
CA ALA S 94 -31.27 11.81 59.92
C ALA S 94 -29.81 11.74 59.47
N LEU S 95 -29.46 10.69 58.72
CA LEU S 95 -28.09 10.56 58.24
C LEU S 95 -27.77 11.62 57.19
N GLY S 96 -28.73 11.90 56.31
CA GLY S 96 -28.50 12.89 55.26
C GLY S 96 -28.29 14.29 55.81
N ALA S 97 -29.04 14.66 56.85
CA ALA S 97 -28.86 15.98 57.44
C ALA S 97 -27.58 16.05 58.27
N TRP S 98 -27.17 14.93 58.88
CA TRP S 98 -25.99 14.94 59.73
C TRP S 98 -24.69 15.07 58.95
N ALA S 99 -24.66 14.58 57.70
CA ALA S 99 -23.39 14.42 57.00
C ALA S 99 -22.84 15.77 56.53
N ASP S 100 -21.56 16.00 56.84
CA ASP S 100 -20.83 17.11 56.23
C ASP S 100 -20.09 16.66 54.97
N VAL S 101 -19.64 15.41 54.95
CA VAL S 101 -19.08 14.78 53.75
C VAL S 101 -19.70 13.39 53.63
N LEU S 102 -20.00 12.98 52.40
CA LEU S 102 -20.52 11.66 52.08
C LEU S 102 -19.52 10.94 51.19
N VAL S 103 -19.08 9.75 51.62
CA VAL S 103 -18.18 8.92 50.84
C VAL S 103 -18.83 7.55 50.65
N ILE S 104 -18.92 7.11 49.40
CA ILE S 104 -19.35 5.75 49.07
C ILE S 104 -18.10 4.99 48.65
N LEU S 105 -17.64 4.07 49.50
CA LEU S 105 -16.36 3.41 49.27
C LEU S 105 -16.30 2.06 49.98
N PRO S 106 -16.19 0.96 49.23
CA PRO S 106 -16.30 0.95 47.77
C PRO S 106 -17.75 1.06 47.29
N ALA S 107 -17.94 1.63 46.11
CA ALA S 107 -19.24 1.66 45.46
C ALA S 107 -19.32 0.55 44.42
N THR S 108 -20.49 -0.05 44.30
CA THR S 108 -20.70 -1.04 43.26
C THR S 108 -21.16 -0.37 41.98
N ALA S 109 -21.02 -1.10 40.87
CA ALA S 109 -21.68 -0.69 39.64
C ALA S 109 -23.18 -0.51 39.88
N ASN S 110 -23.76 -1.42 40.67
CA ASN S 110 -25.16 -1.30 41.06
C ASN S 110 -25.42 0.06 41.70
N PHE S 111 -24.54 0.46 42.62
CA PHE S 111 -24.73 1.76 43.27
C PHE S 111 -24.71 2.89 42.25
N LEU S 112 -23.77 2.83 41.30
CA LEU S 112 -23.69 3.89 40.30
C LEU S 112 -25.00 4.03 39.57
N ALA S 113 -25.61 2.90 39.19
CA ALA S 113 -26.88 2.92 38.48
C ALA S 113 -27.98 3.53 39.33
N LYS S 114 -28.09 3.13 40.60
CA LYS S 114 -29.17 3.66 41.43
C LYS S 114 -28.99 5.15 41.70
N ALA S 115 -27.76 5.58 42.03
CA ALA S 115 -27.50 6.99 42.29
C ALA S 115 -27.73 7.84 41.03
N ALA S 116 -27.34 7.31 39.87
CA ALA S 116 -27.45 8.08 38.64
C ALA S 116 -28.89 8.33 38.25
N HIS S 117 -29.80 7.45 38.65
CA HIS S 117 -31.19 7.52 38.25
C HIS S 117 -32.12 7.87 39.40
N GLY S 118 -31.57 8.25 40.55
CA GLY S 118 -32.39 8.65 41.69
C GLY S 118 -33.18 7.53 42.31
N ILE S 119 -32.73 6.27 42.17
CA ILE S 119 -33.36 5.14 42.84
C ILE S 119 -33.04 5.18 44.33
N ALA S 120 -34.04 4.87 45.17
CA ALA S 120 -33.86 4.94 46.62
C ALA S 120 -34.56 3.75 47.29
N ASP S 121 -34.10 2.54 47.00
CA ASP S 121 -34.78 1.34 47.46
C ASP S 121 -34.06 0.68 48.62
N ASP S 122 -33.11 1.39 49.24
CA ASP S 122 -32.54 0.96 50.51
C ASP S 122 -32.09 2.21 51.25
N VAL S 123 -31.55 2.02 52.46
CA VAL S 123 -31.17 3.17 53.28
C VAL S 123 -30.08 3.99 52.60
N LEU S 124 -29.06 3.33 52.04
CA LEU S 124 -27.93 4.06 51.46
C LEU S 124 -28.39 4.96 50.30
N THR S 125 -29.12 4.40 49.36
CA THR S 125 -29.48 5.17 48.18
C THR S 125 -30.53 6.24 48.48
N ALA S 126 -31.35 6.02 49.51
CA ALA S 126 -32.26 7.08 49.97
C ALA S 126 -31.51 8.19 50.68
N THR S 127 -30.49 7.82 51.46
CA THR S 127 -29.67 8.82 52.13
C THR S 127 -28.98 9.73 51.13
N VAL S 128 -28.58 9.18 49.98
CA VAL S 128 -27.99 9.98 48.90
C VAL S 128 -28.94 11.09 48.46
N LEU S 129 -30.22 10.78 48.30
CA LEU S 129 -31.18 11.81 47.90
C LEU S 129 -31.33 12.88 48.97
N ALA S 130 -31.17 12.52 50.24
CA ALA S 130 -31.34 13.45 51.35
C ALA S 130 -30.06 14.21 51.70
N ALA S 131 -28.90 13.73 51.29
CA ALA S 131 -27.65 14.39 51.65
C ALA S 131 -27.42 15.63 50.79
N GLU S 132 -26.87 16.68 51.41
CA GLU S 132 -26.52 17.93 50.72
C GLU S 132 -25.11 18.35 51.14
N CYS S 133 -24.11 17.70 50.57
CA CYS S 133 -22.74 17.91 51.00
C CYS S 133 -21.80 17.41 49.90
N PRO S 134 -20.53 17.80 49.93
CA PRO S 134 -19.57 17.22 48.98
C PRO S 134 -19.57 15.70 49.11
N THR S 135 -19.64 15.03 47.97
CA THR S 135 -19.79 13.58 47.94
C THR S 135 -18.75 12.97 47.02
N VAL S 136 -18.04 11.95 47.52
CA VAL S 136 -17.04 11.22 46.77
C VAL S 136 -17.53 9.78 46.59
N ILE S 137 -17.50 9.30 45.36
CA ILE S 137 -17.92 7.94 45.04
C ILE S 137 -16.71 7.21 44.46
N ALA S 138 -16.36 6.06 45.05
CA ALA S 138 -15.20 5.28 44.65
C ALA S 138 -15.67 3.90 44.17
N PRO S 139 -16.08 3.80 42.91
CA PRO S 139 -16.56 2.50 42.41
C PRO S 139 -15.42 1.52 42.19
N VAL S 140 -15.75 0.25 42.36
CA VAL S 140 -14.85 -0.87 42.10
C VAL S 140 -15.63 -1.94 41.37
N MET S 141 -15.01 -2.52 40.34
CA MET S 141 -15.56 -3.60 39.53
C MET S 141 -14.47 -4.05 38.56
N ASN S 142 -14.68 -5.19 37.91
CA ASN S 142 -13.65 -5.65 36.99
C ASN S 142 -13.74 -4.87 35.67
N ALA S 143 -12.80 -5.15 34.77
CA ALA S 143 -12.64 -4.35 33.55
C ALA S 143 -13.80 -4.56 32.59
N ALA S 144 -14.32 -5.78 32.49
CA ALA S 144 -15.46 -6.04 31.63
C ALA S 144 -16.66 -5.19 32.07
N MET S 145 -16.89 -5.10 33.38
CA MET S 145 -18.01 -4.33 33.89
C MET S 145 -17.78 -2.82 33.70
N TRP S 146 -16.58 -2.35 34.03
CA TRP S 146 -16.28 -0.92 33.91
C TRP S 146 -16.43 -0.42 32.48
N SER S 147 -16.20 -1.28 31.50
CA SER S 147 -16.25 -0.90 30.09
C SER S 147 -17.65 -0.91 29.49
N LYS S 148 -18.65 -1.39 30.22
CA LYS S 148 -20.00 -1.44 29.67
C LYS S 148 -20.53 -0.04 29.41
N PRO S 149 -21.20 0.19 28.28
CA PRO S 149 -21.78 1.53 28.02
C PRO S 149 -22.75 1.99 29.10
N ALA S 150 -23.56 1.10 29.67
CA ALA S 150 -24.51 1.52 30.70
C ALA S 150 -23.78 2.07 31.92
N VAL S 151 -22.71 1.40 32.35
CA VAL S 151 -21.95 1.88 33.51
C VAL S 151 -21.35 3.25 33.25
N GLN S 152 -20.77 3.44 32.06
CA GLN S 152 -20.13 4.72 31.75
C GLN S 152 -21.16 5.84 31.59
N ARG S 153 -22.36 5.53 31.08
CA ARG S 153 -23.43 6.51 31.12
C ARG S 153 -23.75 6.94 32.55
N ASN S 154 -23.73 5.99 33.48
CA ASN S 154 -24.03 6.34 34.88
C ASN S 154 -22.93 7.18 35.48
N VAL S 155 -21.68 6.82 35.22
CA VAL S 155 -20.54 7.63 35.64
C VAL S 155 -20.66 9.06 35.11
N ASP S 156 -20.90 9.21 33.81
CA ASP S 156 -21.00 10.55 33.23
C ASP S 156 -22.14 11.32 33.88
N GLN S 157 -23.28 10.67 34.06
CA GLN S 157 -24.43 11.35 34.64
C GLN S 157 -24.13 11.85 36.06
N LEU S 158 -23.43 11.02 36.86
CA LEU S 158 -23.13 11.41 38.22
C LEU S 158 -22.18 12.60 38.27
N ARG S 159 -21.19 12.62 37.37
CA ARG S 159 -20.28 13.77 37.32
C ARG S 159 -21.03 15.03 36.94
N GLU S 160 -21.94 14.93 35.95
CA GLU S 160 -22.75 16.11 35.60
C GLU S 160 -23.64 16.54 36.75
N ASP S 161 -24.05 15.61 37.62
CA ASP S 161 -24.86 15.98 38.78
C ASP S 161 -24.02 16.53 39.93
N GLY S 162 -22.70 16.59 39.76
CA GLY S 162 -21.83 17.17 40.76
C GLY S 162 -21.11 16.20 41.67
N TYR S 163 -21.19 14.90 41.40
CA TYR S 163 -20.50 13.91 42.22
C TYR S 163 -19.07 13.72 41.74
N ARG S 164 -18.16 13.54 42.68
CA ARG S 164 -16.76 13.24 42.38
C ARG S 164 -16.59 11.73 42.27
N ILE S 165 -16.21 11.25 41.10
CA ILE S 165 -16.02 9.82 40.85
C ILE S 165 -14.53 9.50 40.87
N VAL S 166 -14.14 8.55 41.72
CA VAL S 166 -12.77 8.02 41.76
C VAL S 166 -12.77 6.72 40.98
N GLU S 167 -12.19 6.74 39.79
CA GLU S 167 -12.20 5.57 38.92
C GLU S 167 -11.34 4.45 39.51
N PRO S 168 -11.74 3.19 39.31
CA PRO S 168 -10.96 2.07 39.86
C PRO S 168 -9.65 1.88 39.11
N LYS S 169 -8.74 1.14 39.74
CA LYS S 169 -7.54 0.66 39.11
C LYS S 169 -7.70 -0.81 38.71
N GLU S 170 -6.63 -1.37 38.15
CA GLU S 170 -6.64 -2.72 37.57
C GLU S 170 -5.62 -3.58 38.32
N GLY S 171 -5.99 -4.03 39.52
CA GLY S 171 -5.06 -4.79 40.34
C GLY S 171 -5.24 -6.29 40.26
N ILE S 172 -4.61 -6.93 39.29
CA ILE S 172 -4.74 -8.38 39.08
C ILE S 172 -4.07 -9.19 40.20
N PRO S 181 -10.34 -8.10 37.74
CA PRO S 181 -10.46 -7.88 39.19
C PRO S 181 -10.00 -6.49 39.60
N GLY S 182 -10.93 -5.54 39.68
CA GLY S 182 -10.57 -4.18 39.97
C GLY S 182 -10.19 -3.98 41.42
N SER S 183 -9.67 -2.78 41.69
CA SER S 183 -9.31 -2.37 43.04
C SER S 183 -9.60 -0.88 43.16
N LEU S 184 -9.60 -0.39 44.40
CA LEU S 184 -9.91 1.02 44.63
C LEU S 184 -8.93 1.92 43.92
N GLY S 185 -9.43 3.01 43.35
CA GLY S 185 -8.59 4.02 42.76
C GLY S 185 -7.95 4.89 43.83
N ASP S 186 -7.40 6.02 43.38
CA ASP S 186 -6.69 6.93 44.27
C ASP S 186 -7.68 7.94 44.83
N PHE S 187 -8.35 7.51 45.90
CA PHE S 187 -9.42 8.28 46.51
C PHE S 187 -8.93 9.26 47.56
N GLN S 188 -7.72 9.06 48.09
CA GLN S 188 -7.25 9.83 49.24
C GLN S 188 -7.28 11.32 48.96
N SER S 189 -6.81 11.72 47.78
CA SER S 189 -6.80 13.14 47.44
C SER S 189 -8.22 13.68 47.31
N ALA S 190 -9.11 12.89 46.68
CA ALA S 190 -10.50 13.33 46.50
C ALA S 190 -11.22 13.48 47.83
N ILE S 191 -10.99 12.56 48.78
CA ILE S 191 -11.68 12.64 50.06
C ILE S 191 -11.18 13.83 50.87
N SER S 192 -9.86 14.02 50.92
CA SER S 192 -9.28 15.17 51.62
C SER S 192 -9.83 16.49 51.10
N THR S 193 -9.96 16.62 49.78
CA THR S 193 -10.53 17.83 49.21
C THR S 193 -11.94 18.07 49.76
N ALA S 194 -12.77 17.02 49.79
CA ALA S 194 -14.13 17.17 50.28
C ALA S 194 -14.14 17.56 51.76
N LEU S 195 -13.29 16.93 52.56
CA LEU S 195 -13.22 17.26 53.98
C LEU S 195 -12.78 18.71 54.20
N ILE S 196 -11.81 19.16 53.39
CA ILE S 196 -11.33 20.53 53.51
C ILE S 196 -12.42 21.51 53.04
N GLN S 197 -13.08 21.20 51.92
CA GLN S 197 -14.21 22.02 51.49
C GLN S 197 -15.29 22.09 52.56
N ALA S 198 -15.55 20.96 53.24
CA ALA S 198 -16.59 20.96 54.27
C ALA S 198 -16.19 21.82 55.46
N ALA S 199 -14.92 21.75 55.86
CA ALA S 199 -14.45 22.58 56.98
C ALA S 199 -14.60 24.07 56.68
N ALA S 200 -14.44 24.47 55.42
CA ALA S 200 -14.67 25.86 55.02
C ALA S 200 -16.16 26.21 54.88
N ALA T 18 9.18 -54.42 -58.53
CA ALA T 18 8.37 -53.46 -59.29
C ALA T 18 7.28 -52.85 -58.42
N LEU T 19 7.13 -53.35 -57.18
CA LEU T 19 6.12 -52.82 -56.28
C LEU T 19 6.42 -51.39 -55.82
N ALA T 20 7.63 -50.90 -56.05
CA ALA T 20 7.97 -49.56 -55.59
C ALA T 20 7.36 -48.48 -56.48
N GLN T 21 6.93 -48.83 -57.70
CA GLN T 21 6.33 -47.90 -58.63
C GLN T 21 4.82 -48.02 -58.70
N VAL T 22 4.22 -48.93 -57.95
CA VAL T 22 2.77 -49.05 -57.93
C VAL T 22 2.18 -47.88 -57.15
N ARG T 23 1.22 -47.19 -57.76
CA ARG T 23 0.59 -46.04 -57.15
C ARG T 23 -0.61 -46.51 -56.33
N LEU T 24 -0.50 -46.39 -55.02
CA LEU T 24 -1.53 -46.85 -54.10
C LEU T 24 -2.38 -45.68 -53.65
N LEU T 25 -3.66 -45.73 -53.95
CA LEU T 25 -4.64 -44.78 -53.43
C LEU T 25 -5.36 -45.43 -52.25
N TRP T 26 -5.39 -44.73 -51.12
CA TRP T 26 -5.80 -45.28 -49.84
C TRP T 26 -6.90 -44.41 -49.25
N GLY T 27 -8.13 -44.93 -49.21
CA GLY T 27 -9.25 -44.21 -48.60
C GLY T 27 -9.45 -44.61 -47.14
N VAL T 28 -9.79 -43.63 -46.31
CA VAL T 28 -9.94 -43.81 -44.87
C VAL T 28 -11.33 -43.32 -44.46
N CYS T 29 -12.12 -44.20 -43.85
CA CYS T 29 -13.47 -43.86 -43.40
C CYS T 29 -13.50 -43.70 -41.89
N GLY T 30 -14.63 -43.18 -41.40
CA GLY T 30 -14.76 -42.88 -39.99
C GLY T 30 -15.05 -44.09 -39.11
N SER T 31 -14.06 -44.97 -38.95
CA SER T 31 -14.17 -46.15 -38.10
C SER T 31 -13.18 -46.04 -36.96
N PHE T 32 -13.49 -46.69 -35.83
CA PHE T 32 -12.54 -46.84 -34.74
C PHE T 32 -11.16 -47.23 -35.24
N SER T 33 -11.14 -48.09 -36.25
CA SER T 33 -9.89 -48.67 -36.74
C SER T 33 -9.04 -47.69 -37.53
N ALA T 34 -9.47 -46.44 -37.68
CA ALA T 34 -8.59 -45.45 -38.29
C ALA T 34 -7.35 -45.20 -37.45
N VAL T 35 -7.38 -45.54 -36.16
CA VAL T 35 -6.19 -45.44 -35.34
C VAL T 35 -5.09 -46.37 -35.83
N ALA T 36 -5.43 -47.34 -36.66
CA ALA T 36 -4.46 -48.27 -37.24
C ALA T 36 -3.72 -47.69 -38.44
N VAL T 37 -4.09 -46.49 -38.90
CA VAL T 37 -3.48 -45.95 -40.11
C VAL T 37 -1.96 -45.81 -40.00
N PRO T 38 -1.39 -45.29 -38.89
CA PRO T 38 0.08 -45.24 -38.80
C PRO T 38 0.72 -46.62 -38.89
N HIS T 39 0.16 -47.61 -38.20
CA HIS T 39 0.68 -48.97 -38.27
C HIS T 39 0.60 -49.53 -39.69
N VAL T 40 -0.53 -49.33 -40.37
CA VAL T 40 -0.67 -49.82 -41.74
C VAL T 40 0.28 -49.10 -42.68
N ASN T 41 0.48 -47.79 -42.46
CA ASN T 41 1.38 -47.04 -43.31
C ASN T 41 2.82 -47.54 -43.19
N ALA T 42 3.27 -47.83 -41.97
CA ALA T 42 4.62 -48.37 -41.78
C ALA T 42 4.76 -49.75 -42.42
N TRP T 43 3.72 -50.59 -42.31
CA TRP T 43 3.75 -51.89 -42.97
C TRP T 43 3.82 -51.74 -44.48
N LEU T 44 3.04 -50.82 -45.05
CA LEU T 44 3.03 -50.61 -46.49
C LEU T 44 4.38 -50.12 -46.99
N ARG T 45 5.02 -49.21 -46.25
CA ARG T 45 6.26 -48.61 -46.72
C ARG T 45 7.47 -49.46 -46.38
N GLY T 46 7.60 -49.90 -45.11
CA GLY T 46 8.80 -50.55 -44.63
C GLY T 46 8.87 -52.04 -44.89
N THR T 47 7.75 -52.69 -45.14
CA THR T 47 7.70 -54.13 -45.36
C THR T 47 7.30 -54.49 -46.78
N VAL T 48 6.24 -53.88 -47.31
CA VAL T 48 5.85 -54.20 -48.68
C VAL T 48 6.68 -53.41 -49.67
N GLY T 49 7.13 -52.21 -49.30
CA GLY T 49 7.93 -51.39 -50.18
C GLY T 49 7.19 -50.43 -51.08
N VAL T 50 5.92 -50.11 -50.79
CA VAL T 50 5.21 -49.13 -51.60
C VAL T 50 5.78 -47.74 -51.32
N GLN T 51 6.00 -46.97 -52.39
CA GLN T 51 6.60 -45.65 -52.28
C GLN T 51 5.63 -44.51 -52.53
N GLU T 52 4.71 -44.66 -53.47
CA GLU T 52 3.77 -43.59 -53.82
C GLU T 52 2.40 -43.94 -53.23
N ILE T 53 2.05 -43.25 -52.14
CA ILE T 53 0.80 -43.46 -51.43
C ILE T 53 0.10 -42.11 -51.24
N ARG T 54 -1.13 -42.01 -51.73
CA ARG T 54 -1.99 -40.85 -51.50
C ARG T 54 -3.27 -41.29 -50.79
N THR T 55 -3.70 -40.50 -49.81
CA THR T 55 -4.84 -40.86 -48.98
C THR T 55 -6.03 -39.94 -49.23
N VAL T 56 -7.23 -40.51 -49.09
CA VAL T 56 -8.49 -39.77 -49.11
C VAL T 56 -9.24 -40.10 -47.82
N MET T 57 -9.61 -39.07 -47.06
CA MET T 57 -10.37 -39.23 -45.82
C MET T 57 -11.79 -38.72 -45.98
N THR T 58 -12.77 -39.48 -45.49
CA THR T 58 -14.10 -38.93 -45.37
C THR T 58 -14.11 -37.82 -44.33
N ALA T 59 -15.15 -36.98 -44.39
CA ALA T 59 -15.27 -35.90 -43.40
C ALA T 59 -15.34 -36.48 -41.99
N GLN T 60 -15.98 -37.64 -41.84
CA GLN T 60 -16.07 -38.24 -40.52
C GLN T 60 -14.70 -38.75 -40.06
N ALA T 61 -13.94 -39.38 -40.96
CA ALA T 61 -12.59 -39.81 -40.60
C ALA T 61 -11.74 -38.63 -40.17
N ARG T 62 -11.80 -37.53 -40.91
CA ARG T 62 -11.04 -36.32 -40.55
C ARG T 62 -11.46 -35.78 -39.20
N ALA T 63 -12.78 -35.77 -38.92
CA ALA T 63 -13.29 -35.19 -37.68
C ALA T 63 -12.88 -36.02 -36.46
N LEU T 64 -12.70 -37.33 -36.64
CA LEU T 64 -12.33 -38.19 -35.53
C LEU T 64 -10.82 -38.20 -35.32
N MET T 65 -10.07 -38.38 -36.39
CA MET T 65 -8.63 -38.61 -36.33
C MET T 65 -7.80 -37.34 -36.40
N GLY T 66 -8.32 -36.26 -36.98
CA GLY T 66 -7.51 -35.10 -37.24
C GLY T 66 -6.61 -35.31 -38.44
N PRO T 67 -6.72 -34.42 -39.44
CA PRO T 67 -6.01 -34.65 -40.72
C PRO T 67 -4.53 -34.30 -40.68
N ARG T 68 -4.06 -33.54 -39.68
CA ARG T 68 -2.71 -33.00 -39.76
C ARG T 68 -1.66 -34.07 -39.55
N MET T 69 -1.94 -35.03 -38.67
CA MET T 69 -0.93 -36.04 -38.40
C MET T 69 -0.83 -37.07 -39.53
N ILE T 70 -1.95 -37.43 -40.16
CA ILE T 70 -1.85 -38.27 -41.35
C ILE T 70 -0.86 -37.68 -42.34
N GLU T 71 -0.92 -36.35 -42.53
CA GLU T 71 0.02 -35.69 -43.42
C GLU T 71 1.47 -35.87 -42.95
N ALA T 72 1.70 -35.70 -41.65
CA ALA T 72 3.06 -35.74 -41.13
C ALA T 72 3.67 -37.13 -41.23
N VAL T 73 2.85 -38.18 -41.09
CA VAL T 73 3.38 -39.53 -41.05
C VAL T 73 3.35 -40.23 -42.40
N THR T 74 2.57 -39.73 -43.36
CA THR T 74 2.54 -40.30 -44.70
C THR T 74 3.31 -39.48 -45.73
N GLY T 75 3.62 -38.22 -45.43
CA GLY T 75 4.31 -37.38 -46.38
C GLY T 75 3.41 -36.65 -47.35
N HIS T 76 2.10 -36.87 -47.27
CA HIS T 76 1.13 -36.17 -48.10
C HIS T 76 -0.06 -35.78 -47.25
N ALA T 77 -0.55 -34.57 -47.46
CA ALA T 77 -1.82 -34.18 -46.90
C ALA T 77 -2.92 -35.04 -47.51
N PRO T 78 -3.82 -35.61 -46.71
CA PRO T 78 -4.95 -36.33 -47.30
C PRO T 78 -5.87 -35.37 -48.04
N VAL T 79 -6.53 -35.89 -49.06
CA VAL T 79 -7.59 -35.15 -49.75
C VAL T 79 -8.91 -35.42 -49.03
N THR T 80 -9.61 -34.35 -48.65
CA THR T 80 -10.93 -34.53 -48.05
C THR T 80 -11.98 -33.72 -48.79
N ASP T 81 -11.67 -32.46 -49.05
CA ASP T 81 -12.58 -31.56 -49.75
C ASP T 81 -12.18 -31.41 -51.21
N TRP T 82 -13.17 -31.12 -52.05
CA TRP T 82 -12.92 -30.88 -53.47
C TRP T 82 -11.86 -29.80 -53.67
N GLU T 83 -11.84 -28.80 -52.79
CA GLU T 83 -10.89 -27.70 -52.91
C GLU T 83 -9.44 -28.15 -52.85
N ASP T 84 -9.17 -29.37 -52.38
CA ASP T 84 -7.78 -29.82 -52.26
C ASP T 84 -7.16 -30.16 -53.61
N HIS T 85 -7.97 -30.37 -54.66
CA HIS T 85 -7.44 -30.61 -55.99
C HIS T 85 -7.20 -29.29 -56.70
N LYS T 86 -6.02 -29.14 -57.30
CA LYS T 86 -5.60 -27.92 -57.95
C LYS T 86 -5.58 -28.11 -59.47
N GLY T 87 -5.99 -27.07 -60.19
CA GLY T 87 -5.91 -27.08 -61.63
C GLY T 87 -7.11 -27.71 -62.29
N GLY T 88 -6.91 -28.16 -63.52
CA GLY T 88 -7.99 -28.68 -64.32
C GLY T 88 -8.55 -29.99 -63.80
N GLY T 89 -9.72 -30.32 -64.30
CA GLY T 89 -10.39 -31.54 -63.89
C GLY T 89 -11.01 -31.41 -62.52
N ALA T 90 -10.65 -32.33 -61.62
CA ALA T 90 -11.40 -32.56 -60.39
C ALA T 90 -10.79 -33.71 -59.59
N ALA T 91 -10.95 -33.66 -58.26
CA ALA T 91 -10.21 -34.55 -57.37
C ALA T 91 -10.46 -36.01 -57.70
N HIS T 92 -11.72 -36.37 -57.95
CA HIS T 92 -12.05 -37.79 -58.14
C HIS T 92 -11.52 -38.29 -59.48
N VAL T 93 -11.56 -37.46 -60.51
CA VAL T 93 -11.02 -37.84 -61.82
C VAL T 93 -9.50 -37.95 -61.74
N ALA T 94 -8.85 -36.95 -61.13
CA ALA T 94 -7.40 -36.99 -61.01
C ALA T 94 -6.93 -38.16 -60.15
N LEU T 95 -7.55 -38.35 -58.99
CA LEU T 95 -7.15 -39.46 -58.12
C LEU T 95 -7.52 -40.81 -58.72
N GLY T 96 -8.69 -40.90 -59.36
CA GLY T 96 -9.09 -42.17 -59.95
C GLY T 96 -8.16 -42.59 -61.08
N ALA T 97 -7.70 -41.64 -61.88
CA ALA T 97 -6.80 -41.96 -62.97
C ALA T 97 -5.39 -42.29 -62.47
N TRP T 98 -4.97 -41.66 -61.37
CA TRP T 98 -3.62 -41.87 -60.84
C TRP T 98 -3.45 -43.26 -60.24
N ALA T 99 -4.52 -43.83 -59.70
CA ALA T 99 -4.41 -45.02 -58.87
C ALA T 99 -4.11 -46.27 -59.70
N ASP T 100 -3.11 -47.04 -59.26
CA ASP T 100 -2.91 -48.40 -59.76
C ASP T 100 -3.60 -49.43 -58.89
N VAL T 101 -3.66 -49.19 -57.58
CA VAL T 101 -4.44 -49.99 -56.64
C VAL T 101 -5.21 -49.03 -55.75
N LEU T 102 -6.46 -49.40 -55.42
CA LEU T 102 -7.30 -48.63 -54.53
C LEU T 102 -7.61 -49.47 -53.30
N VAL T 103 -7.32 -48.93 -52.12
CA VAL T 103 -7.58 -49.61 -50.86
C VAL T 103 -8.45 -48.70 -50.01
N ILE T 104 -9.57 -49.23 -49.51
CA ILE T 104 -10.40 -48.55 -48.52
C ILE T 104 -10.17 -49.25 -47.20
N LEU T 105 -9.47 -48.60 -46.28
CA LEU T 105 -9.09 -49.25 -45.04
C LEU T 105 -8.87 -48.21 -43.96
N PRO T 106 -9.68 -48.21 -42.89
CA PRO T 106 -10.87 -49.04 -42.74
C PRO T 106 -12.06 -48.50 -43.53
N ALA T 107 -12.97 -49.39 -43.94
CA ALA T 107 -14.23 -49.00 -44.54
C ALA T 107 -15.33 -49.08 -43.50
N THR T 108 -16.28 -48.16 -43.58
CA THR T 108 -17.45 -48.20 -42.73
C THR T 108 -18.55 -49.02 -43.40
N ALA T 109 -19.53 -49.45 -42.59
CA ALA T 109 -20.75 -49.98 -43.16
C ALA T 109 -21.35 -48.99 -44.15
N ASN T 110 -21.35 -47.71 -43.77
CA ASN T 110 -21.81 -46.64 -44.65
C ASN T 110 -21.12 -46.69 -46.00
N PHE T 111 -19.79 -46.83 -45.99
CA PHE T 111 -19.06 -46.87 -47.27
C PHE T 111 -19.52 -48.03 -48.14
N LEU T 112 -19.71 -49.21 -47.54
CA LEU T 112 -20.16 -50.37 -48.32
C LEU T 112 -21.45 -50.07 -49.06
N ALA T 113 -22.40 -49.43 -48.38
CA ALA T 113 -23.68 -49.11 -48.99
C ALA T 113 -23.51 -48.14 -50.15
N LYS T 114 -22.70 -47.10 -49.97
CA LYS T 114 -22.55 -46.10 -51.02
C LYS T 114 -21.87 -46.71 -52.23
N ALA T 115 -20.81 -47.49 -52.01
CA ALA T 115 -20.11 -48.11 -53.13
C ALA T 115 -20.99 -49.12 -53.84
N ALA T 116 -21.80 -49.88 -53.09
CA ALA T 116 -22.65 -50.90 -53.68
C ALA T 116 -23.72 -50.30 -54.57
N HIS T 117 -24.15 -49.06 -54.29
CA HIS T 117 -25.26 -48.48 -55.04
C HIS T 117 -24.80 -47.33 -55.93
N GLY T 118 -23.50 -47.13 -56.07
CA GLY T 118 -23.03 -46.07 -56.96
C GLY T 118 -23.33 -44.67 -56.48
N ILE T 119 -23.49 -44.47 -55.16
CA ILE T 119 -23.60 -43.14 -54.58
C ILE T 119 -22.22 -42.49 -54.57
N ALA T 120 -22.17 -41.18 -54.90
CA ALA T 120 -20.93 -40.44 -55.01
C ALA T 120 -21.13 -39.05 -54.41
N ASP T 121 -21.37 -38.99 -53.09
CA ASP T 121 -21.70 -37.73 -52.46
C ASP T 121 -20.57 -37.14 -51.63
N ASP T 122 -19.34 -37.64 -51.83
CA ASP T 122 -18.14 -36.99 -51.33
C ASP T 122 -16.99 -37.39 -52.25
N VAL T 123 -15.80 -36.87 -51.96
CA VAL T 123 -14.63 -37.12 -52.82
C VAL T 123 -14.33 -38.61 -52.89
N LEU T 124 -14.35 -39.29 -51.75
CA LEU T 124 -13.96 -40.71 -51.73
C LEU T 124 -14.89 -41.56 -52.58
N THR T 125 -16.21 -41.45 -52.37
CA THR T 125 -17.12 -42.35 -53.08
C THR T 125 -17.22 -41.99 -54.56
N ALA T 126 -16.94 -40.73 -54.92
CA ALA T 126 -16.83 -40.34 -56.31
C ALA T 126 -15.55 -40.87 -56.94
N THR T 127 -14.45 -40.88 -56.18
CA THR T 127 -13.21 -41.45 -56.69
C THR T 127 -13.37 -42.93 -57.00
N VAL T 128 -14.19 -43.63 -56.20
CA VAL T 128 -14.51 -45.04 -56.47
C VAL T 128 -15.13 -45.21 -57.86
N LEU T 129 -16.07 -44.32 -58.22
CA LEU T 129 -16.67 -44.41 -59.55
C LEU T 129 -15.66 -44.09 -60.65
N ALA T 130 -14.70 -43.22 -60.38
CA ALA T 130 -13.74 -42.83 -61.41
C ALA T 130 -12.53 -43.77 -61.50
N ALA T 131 -12.29 -44.59 -60.48
CA ALA T 131 -11.11 -45.45 -60.49
C ALA T 131 -11.33 -46.68 -61.37
N GLU T 132 -10.28 -47.10 -62.06
CA GLU T 132 -10.32 -48.31 -62.90
C GLU T 132 -9.07 -49.11 -62.59
N CYS T 133 -9.09 -49.80 -61.45
CA CYS T 133 -7.92 -50.52 -60.97
C CYS T 133 -8.40 -51.55 -59.95
N PRO T 134 -7.57 -52.55 -59.64
CA PRO T 134 -7.93 -53.47 -58.55
C PRO T 134 -8.18 -52.70 -57.25
N THR T 135 -9.26 -53.09 -56.57
CA THR T 135 -9.71 -52.39 -55.37
C THR T 135 -9.93 -53.39 -54.24
N VAL T 136 -9.37 -53.09 -53.07
CA VAL T 136 -9.56 -53.88 -51.86
C VAL T 136 -10.27 -53.04 -50.81
N ILE T 137 -11.35 -53.59 -50.25
CA ILE T 137 -12.16 -52.91 -49.24
C ILE T 137 -12.12 -53.73 -47.95
N ALA T 138 -11.74 -53.08 -46.85
CA ALA T 138 -11.59 -53.75 -45.55
C ALA T 138 -12.57 -53.14 -44.56
N PRO T 139 -13.83 -53.57 -44.56
CA PRO T 139 -14.81 -52.97 -43.64
C PRO T 139 -14.55 -53.37 -42.20
N VAL T 140 -14.88 -52.46 -41.29
CA VAL T 140 -14.83 -52.70 -39.85
C VAL T 140 -16.13 -52.19 -39.24
N MET T 141 -16.72 -52.98 -38.35
CA MET T 141 -17.95 -52.65 -37.63
C MET T 141 -18.16 -53.76 -36.62
N ASN T 142 -19.06 -53.54 -35.67
CA ASN T 142 -19.28 -54.57 -34.66
C ASN T 142 -20.15 -55.69 -35.25
N ALA T 143 -20.40 -56.73 -34.43
CA ALA T 143 -21.06 -57.93 -34.93
C ALA T 143 -22.54 -57.68 -35.24
N ALA T 144 -23.20 -56.84 -34.45
CA ALA T 144 -24.60 -56.51 -34.72
C ALA T 144 -24.75 -55.86 -36.09
N MET T 145 -23.84 -54.94 -36.43
CA MET T 145 -23.91 -54.26 -37.72
C MET T 145 -23.56 -55.21 -38.86
N TRP T 146 -22.51 -56.02 -38.69
CA TRP T 146 -22.10 -56.93 -39.75
C TRP T 146 -23.19 -57.92 -40.11
N SER T 147 -24.05 -58.27 -39.15
CA SER T 147 -25.06 -59.28 -39.39
C SER T 147 -26.30 -58.75 -40.08
N LYS T 148 -26.42 -57.43 -40.27
CA LYS T 148 -27.64 -56.88 -40.85
C LYS T 148 -27.79 -57.34 -42.30
N PRO T 149 -29.01 -57.72 -42.71
CA PRO T 149 -29.21 -58.14 -44.11
C PRO T 149 -28.78 -57.09 -45.11
N ALA T 150 -29.09 -55.83 -44.84
CA ALA T 150 -28.71 -54.76 -45.77
C ALA T 150 -27.20 -54.72 -45.97
N VAL T 151 -26.43 -54.85 -44.88
CA VAL T 151 -24.98 -54.81 -44.98
C VAL T 151 -24.47 -55.99 -45.81
N GLN T 152 -24.98 -57.20 -45.55
CA GLN T 152 -24.51 -58.36 -46.31
C GLN T 152 -24.96 -58.28 -47.76
N ARG T 153 -26.12 -57.68 -48.04
CA ARG T 153 -26.49 -57.40 -49.43
C ARG T 153 -25.46 -56.52 -50.10
N ASN T 154 -24.94 -55.51 -49.38
CA ASN T 154 -23.95 -54.61 -49.96
C ASN T 154 -22.63 -55.32 -50.20
N VAL T 155 -22.21 -56.14 -49.24
CA VAL T 155 -21.02 -56.97 -49.42
C VAL T 155 -21.17 -57.85 -50.66
N ASP T 156 -22.30 -58.56 -50.77
CA ASP T 156 -22.52 -59.45 -51.91
C ASP T 156 -22.46 -58.69 -53.22
N GLN T 157 -23.14 -57.54 -53.27
CA GLN T 157 -23.18 -56.78 -54.51
C GLN T 157 -21.79 -56.31 -54.91
N LEU T 158 -20.96 -55.91 -53.94
CA LEU T 158 -19.63 -55.43 -54.28
C LEU T 158 -18.75 -56.55 -54.80
N ARG T 159 -18.87 -57.76 -54.24
CA ARG T 159 -18.11 -58.88 -54.77
C ARG T 159 -18.51 -59.18 -56.21
N GLU T 160 -19.81 -59.19 -56.50
CA GLU T 160 -20.25 -59.38 -57.87
C GLU T 160 -19.76 -58.28 -58.79
N ASP T 161 -19.55 -57.06 -58.28
CA ASP T 161 -19.00 -55.98 -59.10
C ASP T 161 -17.48 -56.06 -59.23
N GLY T 162 -16.83 -57.02 -58.58
CA GLY T 162 -15.41 -57.19 -58.74
C GLY T 162 -14.54 -56.64 -57.63
N TYR T 163 -15.12 -56.20 -56.52
CA TYR T 163 -14.33 -55.67 -55.42
C TYR T 163 -13.91 -56.80 -54.49
N ARG T 164 -12.68 -56.71 -53.98
CA ARG T 164 -12.16 -57.66 -53.01
C ARG T 164 -12.53 -57.17 -51.61
N ILE T 165 -13.33 -57.96 -50.90
CA ILE T 165 -13.79 -57.59 -49.56
C ILE T 165 -13.01 -58.41 -48.53
N VAL T 166 -12.38 -57.73 -47.58
CA VAL T 166 -11.71 -58.35 -46.45
C VAL T 166 -12.63 -58.25 -45.24
N GLU T 167 -13.23 -59.38 -44.85
CA GLU T 167 -14.19 -59.37 -43.76
C GLU T 167 -13.51 -59.04 -42.44
N PRO T 168 -14.21 -58.34 -41.54
CA PRO T 168 -13.61 -57.97 -40.25
C PRO T 168 -13.47 -59.16 -39.31
N LYS T 169 -12.64 -58.96 -38.29
CA LYS T 169 -12.57 -59.86 -37.15
C LYS T 169 -13.35 -59.26 -35.97
N GLU T 170 -13.34 -59.97 -34.84
CA GLU T 170 -14.14 -59.63 -33.66
C GLU T 170 -13.19 -59.38 -32.48
N GLY T 171 -12.59 -58.18 -32.44
CA GLY T 171 -11.58 -57.90 -31.43
C GLY T 171 -12.11 -57.20 -30.20
N ILE T 172 -12.59 -57.99 -29.25
CA ILE T 172 -13.17 -57.47 -28.00
C ILE T 172 -12.12 -56.85 -27.09
N PRO T 181 -17.29 -54.75 -30.97
CA PRO T 181 -16.14 -53.92 -31.33
C PRO T 181 -15.24 -54.60 -32.36
N GLY T 182 -15.49 -54.32 -33.63
CA GLY T 182 -14.78 -55.02 -34.69
C GLY T 182 -13.34 -54.58 -34.83
N SER T 183 -12.60 -55.33 -35.64
CA SER T 183 -11.23 -54.97 -35.96
C SER T 183 -10.96 -55.40 -37.40
N LEU T 184 -9.86 -54.88 -37.94
CA LEU T 184 -9.49 -55.16 -39.31
C LEU T 184 -9.26 -56.66 -39.51
N GLY T 185 -9.72 -57.18 -40.63
CA GLY T 185 -9.45 -58.56 -41.01
C GLY T 185 -8.03 -58.75 -41.50
N ASP T 186 -7.82 -59.87 -42.19
CA ASP T 186 -6.50 -60.20 -42.70
C ASP T 186 -6.36 -59.60 -44.10
N PHE T 187 -6.02 -58.32 -44.12
CA PHE T 187 -5.95 -57.55 -45.37
C PHE T 187 -4.62 -57.67 -46.09
N GLN T 188 -3.55 -58.08 -45.38
CA GLN T 188 -2.21 -58.07 -45.97
C GLN T 188 -2.17 -58.90 -47.25
N SER T 189 -2.73 -60.10 -47.21
CA SER T 189 -2.69 -60.96 -48.39
C SER T 189 -3.49 -60.35 -49.53
N ALA T 190 -4.68 -59.81 -49.24
CA ALA T 190 -5.51 -59.22 -50.29
C ALA T 190 -4.83 -57.99 -50.90
N ILE T 191 -4.22 -57.14 -50.07
CA ILE T 191 -3.55 -55.96 -50.58
C ILE T 191 -2.30 -56.34 -51.35
N SER T 192 -1.48 -57.25 -50.80
CA SER T 192 -0.27 -57.70 -51.50
C SER T 192 -0.64 -58.26 -52.87
N THR T 193 -1.68 -59.08 -52.93
CA THR T 193 -2.13 -59.63 -54.21
C THR T 193 -2.45 -58.51 -55.19
N ALA T 194 -3.19 -57.48 -54.73
CA ALA T 194 -3.54 -56.38 -55.62
C ALA T 194 -2.32 -55.60 -56.09
N LEU T 195 -1.39 -55.31 -55.16
CA LEU T 195 -0.19 -54.56 -55.54
C LEU T 195 0.66 -55.35 -56.53
N ILE T 196 0.78 -56.67 -56.32
CA ILE T 196 1.59 -57.50 -57.20
C ILE T 196 0.94 -57.65 -58.57
N GLN T 197 -0.37 -57.89 -58.61
CA GLN T 197 -1.09 -57.93 -59.87
C GLN T 197 -0.96 -56.62 -60.63
N ALA T 198 -0.94 -55.49 -59.92
CA ALA T 198 -0.78 -54.20 -60.59
C ALA T 198 0.61 -54.05 -61.20
N ALA T 199 1.64 -54.51 -60.48
CA ALA T 199 2.99 -54.46 -61.01
C ALA T 199 3.11 -55.23 -62.32
N ALA T 200 2.34 -56.31 -62.47
CA ALA T 200 2.29 -57.06 -63.73
C ALA T 200 1.48 -56.31 -64.79
N ALA U 18 -44.52 -54.61 -16.44
CA ALA U 18 -43.10 -54.71 -16.79
C ALA U 18 -42.73 -53.78 -17.96
N LEU U 19 -43.72 -53.11 -18.55
CA LEU U 19 -43.42 -52.18 -19.63
C LEU U 19 -42.66 -50.95 -19.14
N ALA U 20 -42.58 -50.73 -17.83
CA ALA U 20 -41.91 -49.54 -17.32
C ALA U 20 -40.40 -49.67 -17.37
N GLN U 21 -39.88 -50.89 -17.52
CA GLN U 21 -38.44 -51.11 -17.62
C GLN U 21 -37.97 -51.37 -19.04
N VAL U 22 -38.88 -51.36 -20.02
CA VAL U 22 -38.48 -51.52 -21.40
C VAL U 22 -37.83 -50.23 -21.88
N ARG U 23 -36.64 -50.34 -22.45
CA ARG U 23 -35.88 -49.17 -22.89
C ARG U 23 -36.25 -48.85 -24.34
N LEU U 24 -36.92 -47.71 -24.55
CA LEU U 24 -37.43 -47.33 -25.86
C LEU U 24 -36.52 -46.30 -26.51
N LEU U 25 -35.94 -46.67 -27.66
CA LEU U 25 -35.16 -45.76 -28.49
C LEU U 25 -36.04 -45.23 -29.62
N TRP U 26 -36.08 -43.91 -29.77
CA TRP U 26 -37.05 -43.23 -30.62
C TRP U 26 -36.35 -42.30 -31.60
N GLY U 27 -36.33 -42.66 -32.88
CA GLY U 27 -35.76 -41.79 -33.92
C GLY U 27 -36.81 -40.91 -34.56
N VAL U 28 -36.41 -39.66 -34.83
CA VAL U 28 -37.30 -38.62 -35.36
C VAL U 28 -36.67 -38.04 -36.63
N CYS U 29 -37.42 -38.08 -37.73
CA CYS U 29 -36.94 -37.58 -39.02
C CYS U 29 -37.62 -36.26 -39.37
N GLY U 30 -37.09 -35.62 -40.41
CA GLY U 30 -37.56 -34.31 -40.82
C GLY U 30 -38.86 -34.31 -41.61
N SER U 31 -39.96 -34.64 -40.93
CA SER U 31 -41.29 -34.68 -41.50
C SER U 31 -42.20 -33.69 -40.78
N PHE U 32 -43.22 -33.19 -41.48
CA PHE U 32 -44.30 -32.39 -40.88
C PHE U 32 -44.78 -33.00 -39.58
N SER U 33 -44.88 -34.32 -39.55
CA SER U 33 -45.43 -35.00 -38.38
C SER U 33 -44.49 -35.02 -37.19
N ALA U 34 -43.31 -34.40 -37.29
CA ALA U 34 -42.46 -34.29 -36.10
C ALA U 34 -43.09 -33.43 -35.02
N VAL U 35 -44.04 -32.57 -35.36
CA VAL U 35 -44.76 -31.80 -34.34
C VAL U 35 -45.61 -32.68 -33.45
N ALA U 36 -45.91 -33.91 -33.85
CA ALA U 36 -46.69 -34.81 -33.02
C ALA U 36 -45.85 -35.48 -31.95
N VAL U 37 -44.53 -35.22 -31.94
CA VAL U 37 -43.66 -35.89 -30.97
C VAL U 37 -44.10 -35.68 -29.53
N PRO U 38 -44.45 -34.45 -29.10
CA PRO U 38 -44.94 -34.30 -27.72
C PRO U 38 -46.19 -35.12 -27.43
N HIS U 39 -47.17 -35.11 -28.33
CA HIS U 39 -48.38 -35.90 -28.13
C HIS U 39 -48.07 -37.39 -28.02
N VAL U 40 -47.24 -37.91 -28.93
CA VAL U 40 -46.88 -39.33 -28.88
C VAL U 40 -46.13 -39.64 -27.60
N ASN U 41 -45.30 -38.71 -27.13
CA ASN U 41 -44.56 -38.91 -25.88
C ASN U 41 -45.48 -39.01 -24.68
N ALA U 42 -46.53 -38.17 -24.63
CA ALA U 42 -47.48 -38.24 -23.53
C ALA U 42 -48.19 -39.59 -23.50
N TRP U 43 -48.58 -40.10 -24.67
CA TRP U 43 -49.19 -41.41 -24.75
C TRP U 43 -48.23 -42.51 -24.28
N LEU U 44 -46.96 -42.44 -24.67
CA LEU U 44 -46.00 -43.46 -24.26
C LEU U 44 -45.80 -43.46 -22.75
N ARG U 45 -45.76 -42.28 -22.14
CA ARG U 45 -45.51 -42.11 -20.71
C ARG U 45 -46.78 -42.28 -19.88
N GLY U 46 -47.84 -41.54 -20.23
CA GLY U 46 -49.03 -41.49 -19.38
C GLY U 46 -50.02 -42.61 -19.60
N THR U 47 -49.96 -43.27 -20.75
CA THR U 47 -50.92 -44.33 -21.07
C THR U 47 -50.26 -45.69 -21.18
N VAL U 48 -49.15 -45.81 -21.90
CA VAL U 48 -48.51 -47.11 -22.00
C VAL U 48 -47.65 -47.37 -20.78
N GLY U 49 -47.13 -46.31 -20.15
CA GLY U 49 -46.34 -46.45 -18.94
C GLY U 49 -44.85 -46.63 -19.12
N VAL U 50 -44.30 -46.31 -20.31
CA VAL U 50 -42.86 -46.40 -20.52
C VAL U 50 -42.15 -45.29 -19.75
N GLN U 51 -41.03 -45.63 -19.13
CA GLN U 51 -40.28 -44.71 -18.28
C GLN U 51 -38.99 -44.21 -18.91
N GLU U 52 -38.24 -45.07 -19.58
CA GLU U 52 -36.94 -44.73 -20.14
C GLU U 52 -37.06 -44.60 -21.66
N ILE U 53 -37.09 -43.37 -22.15
CA ILE U 53 -37.21 -43.07 -23.58
C ILE U 53 -36.10 -42.10 -23.96
N ARG U 54 -35.28 -42.49 -24.93
CA ARG U 54 -34.25 -41.62 -25.49
C ARG U 54 -34.49 -41.42 -26.98
N THR U 55 -34.33 -40.18 -27.44
CA THR U 55 -34.62 -39.82 -28.83
C THR U 55 -33.33 -39.49 -29.59
N VAL U 56 -33.35 -39.82 -30.88
CA VAL U 56 -32.31 -39.43 -31.82
C VAL U 56 -33.00 -38.68 -32.94
N MET U 57 -32.53 -37.47 -33.22
CA MET U 57 -33.08 -36.64 -34.27
C MET U 57 -32.10 -36.49 -35.43
N THR U 58 -32.62 -36.60 -36.65
CA THR U 58 -31.82 -36.23 -37.80
C THR U 58 -31.57 -34.72 -37.80
N ALA U 59 -30.57 -34.28 -38.58
CA ALA U 59 -30.31 -32.85 -38.67
C ALA U 59 -31.54 -32.09 -39.16
N GLN U 60 -32.27 -32.67 -40.11
CA GLN U 60 -33.46 -31.99 -40.64
C GLN U 60 -34.58 -31.96 -39.59
N ALA U 61 -34.77 -33.05 -38.84
CA ALA U 61 -35.77 -33.03 -37.78
C ALA U 61 -35.45 -31.93 -36.77
N ARG U 62 -34.18 -31.85 -36.36
CA ARG U 62 -33.76 -30.81 -35.42
C ARG U 62 -34.02 -29.42 -35.98
N ALA U 63 -33.74 -29.22 -37.27
CA ALA U 63 -33.93 -27.91 -37.87
C ALA U 63 -35.40 -27.51 -37.91
N LEU U 64 -36.31 -28.48 -37.96
CA LEU U 64 -37.73 -28.15 -38.01
C LEU U 64 -38.34 -27.94 -36.63
N MET U 65 -38.16 -28.92 -35.72
CA MET U 65 -38.84 -28.94 -34.43
C MET U 65 -38.09 -28.26 -33.30
N GLY U 66 -36.77 -28.16 -33.38
CA GLY U 66 -36.01 -27.67 -32.26
C GLY U 66 -35.91 -28.71 -31.17
N PRO U 67 -34.68 -29.13 -30.87
CA PRO U 67 -34.48 -30.20 -29.90
C PRO U 67 -34.66 -29.78 -28.45
N ARG U 68 -34.70 -28.47 -28.17
CA ARG U 68 -34.72 -28.03 -26.77
C ARG U 68 -36.08 -28.29 -26.13
N MET U 69 -37.16 -28.15 -26.88
CA MET U 69 -38.47 -28.45 -26.30
C MET U 69 -38.65 -29.94 -26.16
N ILE U 70 -38.17 -30.70 -27.15
CA ILE U 70 -38.16 -32.15 -27.04
C ILE U 70 -37.41 -32.60 -25.79
N GLU U 71 -36.26 -31.98 -25.51
CA GLU U 71 -35.51 -32.34 -24.31
C GLU U 71 -36.32 -32.07 -23.05
N ALA U 72 -36.98 -30.92 -22.99
CA ALA U 72 -37.67 -30.52 -21.78
C ALA U 72 -38.86 -31.42 -21.47
N VAL U 73 -39.53 -31.95 -22.51
CA VAL U 73 -40.73 -32.75 -22.31
C VAL U 73 -40.45 -34.24 -22.26
N THR U 74 -39.31 -34.69 -22.76
CA THR U 74 -38.97 -36.11 -22.68
C THR U 74 -37.98 -36.43 -21.56
N GLY U 75 -37.31 -35.42 -21.00
CA GLY U 75 -36.38 -35.67 -19.91
C GLY U 75 -34.98 -36.02 -20.34
N HIS U 76 -34.71 -36.12 -21.64
CA HIS U 76 -33.38 -36.37 -22.15
C HIS U 76 -33.15 -35.49 -23.36
N ALA U 77 -31.95 -34.93 -23.45
CA ALA U 77 -31.57 -34.21 -24.64
C ALA U 77 -31.54 -35.21 -25.80
N PRO U 78 -32.19 -34.90 -26.92
CA PRO U 78 -32.07 -35.78 -28.08
C PRO U 78 -30.63 -35.78 -28.59
N VAL U 79 -30.22 -36.91 -29.11
CA VAL U 79 -28.91 -37.05 -29.74
C VAL U 79 -29.05 -36.72 -31.22
N THR U 80 -28.24 -35.81 -31.70
CA THR U 80 -28.17 -35.53 -33.14
C THR U 80 -26.75 -35.65 -33.67
N ASP U 81 -25.78 -35.10 -32.96
CA ASP U 81 -24.39 -35.13 -33.38
C ASP U 81 -23.63 -36.25 -32.66
N TRP U 82 -22.60 -36.76 -33.33
CA TRP U 82 -21.73 -37.75 -32.70
C TRP U 82 -21.18 -37.27 -31.38
N GLU U 83 -20.92 -35.96 -31.27
CA GLU U 83 -20.35 -35.36 -30.07
C GLU U 83 -21.25 -35.51 -28.84
N ASP U 84 -22.52 -35.86 -29.03
CA ASP U 84 -23.43 -35.99 -27.89
C ASP U 84 -23.14 -37.24 -27.04
N HIS U 85 -22.38 -38.20 -27.56
CA HIS U 85 -22.00 -39.37 -26.80
C HIS U 85 -20.73 -39.07 -26.01
N LYS U 86 -20.74 -39.41 -24.71
CA LYS U 86 -19.63 -39.13 -23.82
C LYS U 86 -18.90 -40.44 -23.51
N GLY U 87 -17.57 -40.37 -23.47
CA GLY U 87 -16.79 -41.51 -23.07
C GLY U 87 -16.47 -42.46 -24.22
N GLY U 88 -16.17 -43.71 -23.84
CA GLY U 88 -15.74 -44.68 -24.82
C GLY U 88 -16.85 -45.11 -25.78
N GLY U 89 -16.40 -45.73 -26.86
CA GLY U 89 -17.32 -46.18 -27.90
C GLY U 89 -17.81 -45.02 -28.75
N ALA U 90 -19.13 -44.89 -28.85
CA ALA U 90 -19.73 -44.10 -29.92
C ALA U 90 -21.26 -44.14 -29.86
N ALA U 91 -21.90 -43.09 -30.37
CA ALA U 91 -23.33 -42.89 -30.17
C ALA U 91 -24.14 -44.08 -30.70
N HIS U 92 -23.82 -44.57 -31.89
CA HIS U 92 -24.65 -45.60 -32.51
C HIS U 92 -24.49 -46.94 -31.78
N VAL U 93 -23.29 -47.25 -31.32
CA VAL U 93 -23.07 -48.49 -30.58
C VAL U 93 -23.75 -48.43 -29.21
N ALA U 94 -23.56 -47.32 -28.49
CA ALA U 94 -24.15 -47.19 -27.15
C ALA U 94 -25.67 -47.20 -27.20
N LEU U 95 -26.26 -46.40 -28.10
CA LEU U 95 -27.72 -46.34 -28.19
C LEU U 95 -28.29 -47.63 -28.75
N GLY U 96 -27.62 -48.22 -29.75
CA GLY U 96 -28.11 -49.45 -30.34
C GLY U 96 -28.14 -50.61 -29.36
N ALA U 97 -27.11 -50.71 -28.51
CA ALA U 97 -27.07 -51.78 -27.52
C ALA U 97 -28.07 -51.54 -26.39
N TRP U 98 -28.34 -50.27 -26.08
CA TRP U 98 -29.26 -49.93 -25.00
C TRP U 98 -30.71 -50.24 -25.35
N ALA U 99 -31.07 -50.18 -26.64
CA ALA U 99 -32.46 -50.22 -27.03
C ALA U 99 -33.08 -51.60 -26.86
N ASP U 100 -34.25 -51.65 -26.22
CA ASP U 100 -35.08 -52.86 -26.25
C ASP U 100 -36.09 -52.83 -27.39
N VAL U 101 -36.62 -51.66 -27.73
CA VAL U 101 -37.45 -51.46 -28.91
C VAL U 101 -36.96 -50.19 -29.59
N LEU U 102 -36.92 -50.21 -30.92
CA LEU U 102 -36.55 -49.04 -31.71
C LEU U 102 -37.76 -48.61 -32.53
N VAL U 103 -38.16 -47.35 -32.38
CA VAL U 103 -39.28 -46.76 -33.12
C VAL U 103 -38.78 -45.55 -33.89
N ILE U 104 -39.03 -45.53 -35.19
CA ILE U 104 -38.77 -44.37 -36.04
C ILE U 104 -40.11 -43.73 -36.35
N LEU U 105 -40.37 -42.58 -35.74
CA LEU U 105 -41.67 -41.92 -35.85
C LEU U 105 -41.53 -40.42 -35.65
N PRO U 106 -41.81 -39.62 -36.67
CA PRO U 106 -42.09 -40.08 -38.04
C PRO U 106 -40.83 -40.43 -38.82
N ALA U 107 -40.96 -41.32 -39.79
CA ALA U 107 -39.88 -41.61 -40.71
C ALA U 107 -40.16 -40.88 -42.02
N THR U 108 -39.10 -40.37 -42.63
CA THR U 108 -39.21 -39.74 -43.94
C THR U 108 -39.06 -40.80 -45.02
N ALA U 109 -39.50 -40.45 -46.22
CA ALA U 109 -39.15 -41.28 -47.37
C ALA U 109 -37.64 -41.49 -47.42
N ASN U 110 -36.88 -40.42 -47.14
CA ASN U 110 -35.42 -40.49 -47.07
C ASN U 110 -34.94 -41.58 -46.11
N PHE U 111 -35.51 -41.63 -44.91
CA PHE U 111 -35.11 -42.67 -43.97
C PHE U 111 -35.36 -44.06 -44.53
N LEU U 112 -36.51 -44.26 -45.18
CA LEU U 112 -36.81 -45.58 -45.73
C LEU U 112 -35.72 -46.00 -46.70
N ALA U 113 -35.28 -45.09 -47.55
CA ALA U 113 -34.23 -45.42 -48.50
C ALA U 113 -32.91 -45.76 -47.81
N LYS U 114 -32.52 -44.98 -46.79
CA LYS U 114 -31.25 -45.24 -46.13
C LYS U 114 -31.29 -46.56 -45.36
N ALA U 115 -32.37 -46.80 -44.61
CA ALA U 115 -32.49 -48.04 -43.85
C ALA U 115 -32.57 -49.26 -44.76
N ALA U 116 -33.27 -49.13 -45.89
CA ALA U 116 -33.44 -50.25 -46.80
C ALA U 116 -32.14 -50.65 -47.48
N HIS U 117 -31.20 -49.71 -47.64
CA HIS U 117 -29.96 -49.98 -48.34
C HIS U 117 -28.73 -50.01 -47.43
N GLY U 118 -28.94 -50.00 -46.11
CA GLY U 118 -27.84 -50.05 -45.15
C GLY U 118 -26.95 -48.84 -45.11
N ILE U 119 -27.45 -47.69 -45.56
CA ILE U 119 -26.71 -46.43 -45.45
C ILE U 119 -26.69 -45.99 -43.98
N ALA U 120 -25.54 -45.50 -43.52
CA ALA U 120 -25.40 -45.08 -42.13
C ALA U 120 -24.59 -43.78 -42.08
N ASP U 121 -25.15 -42.70 -42.64
CA ASP U 121 -24.40 -41.45 -42.78
C ASP U 121 -24.83 -40.39 -41.78
N ASP U 122 -25.55 -40.78 -40.73
CA ASP U 122 -25.74 -39.94 -39.56
C ASP U 122 -25.97 -40.85 -38.36
N VAL U 123 -26.17 -40.25 -37.19
CA VAL U 123 -26.30 -41.05 -35.97
C VAL U 123 -27.49 -42.00 -36.06
N LEU U 124 -28.63 -41.51 -36.56
CA LEU U 124 -29.83 -42.35 -36.59
C LEU U 124 -29.64 -43.58 -37.46
N THR U 125 -29.19 -43.40 -38.71
CA THR U 125 -29.10 -44.54 -39.61
C THR U 125 -27.95 -45.48 -39.23
N ALA U 126 -26.92 -44.97 -38.56
CA ALA U 126 -25.88 -45.85 -38.02
C ALA U 126 -26.40 -46.65 -36.84
N THR U 127 -27.22 -46.02 -35.99
CA THR U 127 -27.82 -46.71 -34.86
C THR U 127 -28.74 -47.83 -35.31
N VAL U 128 -29.46 -47.64 -36.43
CA VAL U 128 -30.30 -48.70 -36.98
C VAL U 128 -29.48 -49.96 -37.24
N LEU U 129 -28.29 -49.82 -37.84
CA LEU U 129 -27.43 -50.98 -38.09
C LEU U 129 -26.94 -51.60 -36.80
N ALA U 130 -26.76 -50.80 -35.75
CA ALA U 130 -26.22 -51.31 -34.50
C ALA U 130 -27.30 -51.88 -33.59
N ALA U 131 -28.56 -51.53 -33.79
CA ALA U 131 -29.63 -52.03 -32.93
C ALA U 131 -29.95 -53.47 -33.30
N GLU U 132 -30.24 -54.30 -32.27
CA GLU U 132 -30.66 -55.69 -32.44
C GLU U 132 -31.88 -55.88 -31.55
N CYS U 133 -33.02 -55.37 -32.02
CA CYS U 133 -34.25 -55.38 -31.25
C CYS U 133 -35.41 -55.20 -32.22
N PRO U 134 -36.63 -55.51 -31.80
CA PRO U 134 -37.79 -55.21 -32.65
C PRO U 134 -37.85 -53.73 -33.00
N THR U 135 -38.13 -53.45 -34.27
CA THR U 135 -38.13 -52.09 -34.77
C THR U 135 -39.44 -51.80 -35.50
N VAL U 136 -40.06 -50.67 -35.17
CA VAL U 136 -41.27 -50.19 -35.83
C VAL U 136 -40.94 -48.89 -36.55
N ILE U 137 -41.30 -48.80 -37.83
CA ILE U 137 -41.05 -47.64 -38.68
C ILE U 137 -42.39 -47.08 -39.14
N ALA U 138 -42.61 -45.78 -38.88
CA ALA U 138 -43.87 -45.11 -39.22
C ALA U 138 -43.60 -43.98 -40.21
N PRO U 139 -43.55 -44.28 -41.51
CA PRO U 139 -43.28 -43.23 -42.49
C PRO U 139 -44.47 -42.30 -42.67
N VAL U 140 -44.16 -41.05 -43.00
CA VAL U 140 -45.15 -40.04 -43.35
C VAL U 140 -44.64 -39.31 -44.58
N MET U 141 -45.53 -39.09 -45.54
CA MET U 141 -45.23 -38.34 -46.77
C MET U 141 -46.56 -38.18 -47.51
N ASN U 142 -46.57 -37.29 -48.51
CA ASN U 142 -47.79 -37.05 -49.25
C ASN U 142 -48.03 -38.18 -50.25
N ALA U 143 -49.16 -38.12 -50.94
CA ALA U 143 -49.60 -39.23 -51.78
C ALA U 143 -48.69 -39.40 -52.98
N ALA U 144 -48.21 -38.31 -53.56
CA ALA U 144 -47.29 -38.43 -54.68
C ALA U 144 -46.02 -39.18 -54.29
N MET U 145 -45.47 -38.87 -53.11
CA MET U 145 -44.21 -39.51 -52.69
C MET U 145 -44.43 -40.98 -52.35
N TRP U 146 -45.50 -41.28 -51.61
CA TRP U 146 -45.76 -42.66 -51.20
C TRP U 146 -45.97 -43.58 -52.41
N SER U 147 -46.48 -43.04 -53.51
CA SER U 147 -46.77 -43.87 -54.68
C SER U 147 -45.55 -44.10 -55.57
N LYS U 148 -44.41 -43.47 -55.30
CA LYS U 148 -43.24 -43.65 -56.16
C LYS U 148 -42.75 -45.09 -56.10
N PRO U 149 -42.37 -45.68 -57.24
CA PRO U 149 -41.85 -47.06 -57.22
C PRO U 149 -40.66 -47.26 -56.32
N ALA U 150 -39.69 -46.32 -56.31
CA ALA U 150 -38.52 -46.47 -55.45
C ALA U 150 -38.91 -46.52 -53.99
N VAL U 151 -39.86 -45.67 -53.58
CA VAL U 151 -40.31 -45.67 -52.19
C VAL U 151 -40.93 -47.01 -51.84
N GLN U 152 -41.79 -47.53 -52.71
CA GLN U 152 -42.45 -48.80 -52.39
C GLN U 152 -41.47 -49.96 -52.39
N ARG U 153 -40.44 -49.90 -53.25
CA ARG U 153 -39.37 -50.89 -53.16
C ARG U 153 -38.72 -50.87 -51.79
N ASN U 154 -38.50 -49.67 -51.23
CA ASN U 154 -37.88 -49.55 -49.93
C ASN U 154 -38.78 -50.09 -48.83
N VAL U 155 -40.08 -49.79 -48.90
CA VAL U 155 -41.05 -50.34 -47.95
C VAL U 155 -41.03 -51.87 -48.01
N ASP U 156 -41.11 -52.44 -49.21
CA ASP U 156 -41.10 -53.91 -49.34
C ASP U 156 -39.80 -54.49 -48.80
N GLN U 157 -38.67 -53.87 -49.15
CA GLN U 157 -37.38 -54.40 -48.70
C GLN U 157 -37.28 -54.39 -47.17
N LEU U 158 -37.80 -53.36 -46.52
CA LEU U 158 -37.71 -53.30 -45.07
C LEU U 158 -38.57 -54.37 -44.43
N ARG U 159 -39.75 -54.63 -45.00
CA ARG U 159 -40.60 -55.70 -44.50
C ARG U 159 -39.92 -57.06 -44.65
N GLU U 160 -39.27 -57.29 -45.78
CA GLU U 160 -38.54 -58.55 -45.97
C GLU U 160 -37.41 -58.70 -44.96
N ASP U 161 -36.80 -57.59 -44.52
CA ASP U 161 -35.72 -57.63 -43.53
C ASP U 161 -36.23 -57.73 -42.09
N GLY U 162 -37.53 -57.74 -41.87
CA GLY U 162 -38.07 -57.90 -40.54
C GLY U 162 -38.53 -56.63 -39.84
N TYR U 163 -38.55 -55.50 -40.53
CA TYR U 163 -39.01 -54.25 -39.93
C TYR U 163 -40.53 -54.14 -40.03
N ARG U 164 -41.14 -53.58 -38.99
CA ARG U 164 -42.58 -53.34 -38.97
C ARG U 164 -42.88 -51.96 -39.55
N ILE U 165 -43.61 -51.92 -40.66
CA ILE U 165 -43.95 -50.68 -41.35
C ILE U 165 -45.40 -50.31 -41.05
N VAL U 166 -45.61 -49.11 -40.51
CA VAL U 166 -46.94 -48.55 -40.28
C VAL U 166 -47.22 -47.56 -41.41
N GLU U 167 -48.08 -47.96 -42.36
CA GLU U 167 -48.31 -47.13 -43.53
C GLU U 167 -49.00 -45.82 -43.14
N PRO U 168 -48.69 -44.72 -43.82
CA PRO U 168 -49.30 -43.44 -43.48
C PRO U 168 -50.76 -43.41 -43.90
N LYS U 169 -51.47 -42.43 -43.33
CA LYS U 169 -52.83 -42.10 -43.76
C LYS U 169 -52.82 -40.86 -44.66
N GLU U 170 -54.01 -40.47 -45.11
CA GLU U 170 -54.22 -39.40 -46.08
C GLU U 170 -55.06 -38.31 -45.43
N GLY U 171 -54.41 -37.49 -44.59
CA GLY U 171 -55.10 -36.46 -43.84
C GLY U 171 -54.99 -35.08 -44.44
N ILE U 172 -55.88 -34.73 -45.36
CA ILE U 172 -55.85 -33.43 -46.01
C ILE U 172 -56.21 -32.32 -45.02
N PRO U 181 -50.50 -33.95 -48.13
CA PRO U 181 -50.02 -33.84 -46.74
C PRO U 181 -50.34 -35.09 -45.94
N GLY U 182 -49.41 -36.02 -45.85
CA GLY U 182 -49.67 -37.28 -45.20
C GLY U 182 -49.78 -37.11 -43.70
N SER U 183 -50.19 -38.18 -43.04
CA SER U 183 -50.27 -38.19 -41.59
C SER U 183 -49.88 -39.57 -41.08
N LEU U 184 -49.61 -39.63 -39.77
CA LEU U 184 -49.18 -40.88 -39.16
C LEU U 184 -50.27 -41.94 -39.29
N GLY U 185 -49.86 -43.16 -39.58
CA GLY U 185 -50.77 -44.27 -39.60
C GLY U 185 -51.13 -44.70 -38.19
N ASP U 186 -51.66 -45.93 -38.10
CA ASP U 186 -52.09 -46.48 -36.81
C ASP U 186 -50.91 -47.20 -36.16
N PHE U 187 -50.07 -46.40 -35.50
CA PHE U 187 -48.85 -46.89 -34.89
C PHE U 187 -49.05 -47.43 -33.49
N GLN U 188 -50.16 -47.03 -32.84
CA GLN U 188 -50.38 -47.39 -31.44
C GLN U 188 -50.34 -48.89 -31.26
N SER U 189 -50.98 -49.63 -32.16
CA SER U 189 -50.99 -51.08 -32.06
C SER U 189 -49.60 -51.67 -32.29
N ALA U 190 -48.89 -51.18 -33.30
CA ALA U 190 -47.57 -51.74 -33.61
C ALA U 190 -46.58 -51.47 -32.48
N ILE U 191 -46.60 -50.26 -31.91
CA ILE U 191 -45.66 -49.92 -30.85
C ILE U 191 -45.97 -50.71 -29.58
N SER U 192 -47.26 -50.77 -29.20
CA SER U 192 -47.67 -51.54 -28.03
C SER U 192 -47.24 -52.98 -28.15
N THR U 193 -47.46 -53.59 -29.31
CA THR U 193 -47.05 -54.97 -29.54
C THR U 193 -45.55 -55.14 -29.33
N ALA U 194 -44.75 -54.23 -29.90
CA ALA U 194 -43.30 -54.34 -29.78
C ALA U 194 -42.86 -54.15 -28.33
N LEU U 195 -43.44 -53.18 -27.62
CA LEU U 195 -43.08 -53.00 -26.21
C LEU U 195 -43.46 -54.21 -25.37
N ILE U 196 -44.63 -54.80 -25.65
CA ILE U 196 -45.08 -55.94 -24.87
C ILE U 196 -44.21 -57.16 -25.15
N GLN U 197 -43.94 -57.43 -26.43
CA GLN U 197 -43.03 -58.52 -26.79
C GLN U 197 -41.67 -58.34 -26.14
N ALA U 198 -41.16 -57.11 -26.08
CA ALA U 198 -39.86 -56.89 -25.45
C ALA U 198 -39.93 -57.15 -23.95
N ALA U 199 -41.01 -56.71 -23.30
CA ALA U 199 -41.18 -56.99 -21.87
C ALA U 199 -41.23 -58.48 -21.60
N ALA U 200 -41.82 -59.25 -22.52
CA ALA U 200 -41.83 -60.71 -22.41
C ALA U 200 -40.49 -61.33 -22.81
N ALA V 18 38.84 10.90 90.91
CA ALA V 18 37.84 10.22 90.08
C ALA V 18 37.67 10.95 88.76
N LEU V 19 38.35 12.11 88.66
CA LEU V 19 38.28 12.93 87.46
C LEU V 19 38.95 12.28 86.26
N ALA V 20 39.66 11.16 86.45
CA ALA V 20 40.42 10.54 85.36
C ALA V 20 39.54 9.80 84.36
N GLN V 21 38.31 9.44 84.72
CA GLN V 21 37.41 8.78 83.78
C GLN V 21 36.38 9.72 83.18
N VAL V 22 36.43 11.02 83.52
CA VAL V 22 35.51 11.98 82.93
C VAL V 22 35.89 12.19 81.48
N ARG V 23 34.94 11.99 80.57
CA ARG V 23 35.21 12.12 79.14
C ARG V 23 34.97 13.57 78.74
N LEU V 24 36.06 14.26 78.40
CA LEU V 24 36.06 15.68 78.11
C LEU V 24 36.04 15.92 76.60
N LEU V 25 34.97 16.54 76.12
CA LEU V 25 34.87 17.02 74.74
C LEU V 25 35.22 18.51 74.72
N TRP V 26 36.15 18.88 73.84
CA TRP V 26 36.77 20.20 73.83
C TRP V 26 36.67 20.81 72.43
N GLY V 27 35.84 21.85 72.29
CA GLY V 27 35.72 22.57 71.03
C GLY V 27 36.65 23.77 70.98
N VAL V 28 37.26 23.99 69.81
CA VAL V 28 38.23 25.06 69.58
C VAL V 28 37.76 25.90 68.40
N CYS V 29 37.60 27.21 68.62
CA CYS V 29 37.17 28.13 67.57
C CYS V 29 38.36 28.96 67.09
N GLY V 30 38.14 29.69 66.00
CA GLY V 30 39.19 30.46 65.36
C GLY V 30 39.50 31.77 66.07
N SER V 31 40.13 31.70 67.24
CA SER V 31 40.49 32.87 68.03
C SER V 31 42.00 32.93 68.18
N PHE V 32 42.52 34.14 68.35
CA PHE V 32 43.94 34.30 68.73
C PHE V 32 44.30 33.35 69.87
N SER V 33 43.40 33.21 70.84
CA SER V 33 43.69 32.44 72.04
C SER V 33 43.72 30.94 71.80
N ALA V 34 43.54 30.49 70.56
CA ALA V 34 43.72 29.07 70.26
C ALA V 34 45.17 28.63 70.47
N VAL V 35 46.11 29.58 70.50
CA VAL V 35 47.50 29.27 70.81
C VAL V 35 47.68 28.78 72.24
N ALA V 36 46.67 28.96 73.10
CA ALA V 36 46.73 28.47 74.47
C ALA V 36 46.39 27.00 74.60
N VAL V 37 45.98 26.35 73.51
CA VAL V 37 45.54 24.95 73.60
C VAL V 37 46.62 24.04 74.17
N PRO V 38 47.89 24.14 73.77
CA PRO V 38 48.90 23.27 74.40
C PRO V 38 48.98 23.46 75.90
N HIS V 39 49.02 24.72 76.37
CA HIS V 39 49.07 24.97 77.81
C HIS V 39 47.84 24.41 78.53
N VAL V 40 46.64 24.66 78.00
CA VAL V 40 45.42 24.17 78.65
C VAL V 40 45.42 22.65 78.68
N ASN V 41 45.90 22.02 77.61
CA ASN V 41 45.96 20.57 77.56
C ASN V 41 46.90 20.03 78.63
N ALA V 42 48.05 20.69 78.83
CA ALA V 42 49.00 20.26 79.84
C ALA V 42 48.39 20.35 81.24
N TRP V 43 47.63 21.41 81.51
CA TRP V 43 46.96 21.55 82.80
C TRP V 43 45.92 20.45 83.00
N LEU V 44 45.13 20.15 81.96
CA LEU V 44 44.07 19.16 82.08
C LEU V 44 44.62 17.76 82.35
N ARG V 45 45.70 17.38 81.67
CA ARG V 45 46.22 16.04 81.79
C ARG V 45 47.18 15.87 82.98
N GLY V 46 48.16 16.77 83.09
CA GLY V 46 49.20 16.62 84.10
C GLY V 46 48.84 17.13 85.47
N THR V 47 47.82 17.99 85.57
CA THR V 47 47.43 18.57 86.85
C THR V 47 46.04 18.11 87.30
N VAL V 48 45.05 18.15 86.42
CA VAL V 48 43.72 17.71 86.81
C VAL V 48 43.60 16.19 86.73
N GLY V 49 44.36 15.56 85.83
CA GLY V 49 44.33 14.13 85.69
C GLY V 49 43.32 13.59 84.71
N VAL V 50 42.79 14.42 83.81
CA VAL V 50 41.87 13.94 82.78
C VAL V 50 42.64 13.10 81.78
N GLN V 51 42.06 11.97 81.40
CA GLN V 51 42.72 11.01 80.53
C GLN V 51 42.14 10.93 79.13
N GLU V 52 40.82 11.01 79.00
CA GLU V 52 40.15 10.92 77.70
C GLU V 52 39.67 12.30 77.29
N ILE V 53 40.35 12.88 76.30
CA ILE V 53 40.03 14.20 75.77
C ILE V 53 39.93 14.08 74.26
N ARG V 54 38.77 14.45 73.70
CA ARG V 54 38.57 14.52 72.26
C ARG V 54 38.24 15.95 71.85
N THR V 55 38.86 16.42 70.77
CA THR V 55 38.73 17.80 70.32
C THR V 55 37.97 17.92 69.00
N VAL V 56 37.25 19.03 68.88
CA VAL V 56 36.59 19.45 67.63
C VAL V 56 37.08 20.85 67.30
N MET V 57 37.57 21.04 66.07
CA MET V 57 38.01 22.34 65.60
C MET V 57 37.05 22.87 64.55
N THR V 58 36.70 24.15 64.63
CA THR V 58 36.01 24.77 63.52
C THR V 58 36.97 24.86 62.34
N ALA V 59 36.39 25.05 61.15
CA ALA V 59 37.21 25.20 59.96
C ALA V 59 38.18 26.36 60.10
N GLN V 60 37.74 27.45 60.75
CA GLN V 60 38.61 28.60 60.93
C GLN V 60 39.75 28.31 61.90
N ALA V 61 39.46 27.61 63.00
CA ALA V 61 40.53 27.21 63.92
C ALA V 61 41.56 26.34 63.21
N ARG V 62 41.08 25.36 62.43
CA ARG V 62 41.99 24.48 61.70
C ARG V 62 42.84 25.28 60.71
N ALA V 63 42.23 26.25 60.02
CA ALA V 63 42.97 26.98 59.00
C ALA V 63 44.05 27.86 59.60
N LEU V 64 43.82 28.38 60.80
CA LEU V 64 44.78 29.26 61.45
C LEU V 64 45.86 28.45 62.13
N MET V 65 45.45 27.43 62.88
CA MET V 65 46.34 26.70 63.76
C MET V 65 46.97 25.48 63.08
N GLY V 66 46.34 24.91 62.06
CA GLY V 66 46.79 23.64 61.52
C GLY V 66 46.33 22.47 62.40
N PRO V 67 45.69 21.46 61.80
CA PRO V 67 45.10 20.38 62.61
C PRO V 67 46.10 19.39 63.19
N ARG V 68 47.33 19.33 62.66
CA ARG V 68 48.29 18.32 63.08
C ARG V 68 48.87 18.61 64.44
N MET V 69 48.90 19.89 64.85
CA MET V 69 49.47 20.23 66.15
C MET V 69 48.60 19.78 67.31
N ILE V 70 47.27 19.92 67.19
CA ILE V 70 46.37 19.38 68.22
C ILE V 70 46.56 17.88 68.37
N GLU V 71 46.65 17.16 67.25
CA GLU V 71 46.76 15.71 67.33
C GLU V 71 48.00 15.26 68.10
N ALA V 72 49.13 15.96 67.90
CA ALA V 72 50.38 15.52 68.50
C ALA V 72 50.34 15.59 70.02
N VAL V 73 49.66 16.59 70.58
CA VAL V 73 49.65 16.78 72.02
C VAL V 73 48.40 16.22 72.71
N THR V 74 47.34 15.93 71.97
CA THR V 74 46.13 15.44 72.60
C THR V 74 45.91 13.93 72.46
N GLY V 75 46.60 13.25 71.54
CA GLY V 75 46.38 11.83 71.41
C GLY V 75 45.23 11.44 70.52
N HIS V 76 44.53 12.42 69.94
CA HIS V 76 43.46 12.18 68.97
C HIS V 76 43.55 13.21 67.86
N ALA V 77 43.29 12.77 66.64
CA ALA V 77 43.07 13.72 65.56
C ALA V 77 41.83 14.52 65.90
N PRO V 78 41.87 15.85 65.87
CA PRO V 78 40.65 16.63 66.06
C PRO V 78 39.65 16.38 64.94
N VAL V 79 38.36 16.43 65.29
CA VAL V 79 37.31 16.31 64.30
C VAL V 79 36.99 17.70 63.76
N THR V 80 36.99 17.85 62.44
CA THR V 80 36.57 19.11 61.84
C THR V 80 35.48 18.89 60.79
N ASP V 81 35.69 17.91 59.90
CA ASP V 81 34.73 17.59 58.87
C ASP V 81 33.90 16.38 59.28
N TRP V 82 32.68 16.32 58.75
CA TRP V 82 31.81 15.17 59.00
C TRP V 82 32.50 13.86 58.64
N GLU V 83 33.33 13.86 57.61
CA GLU V 83 34.02 12.66 57.13
C GLU V 83 34.93 12.03 58.19
N ASP V 84 35.26 12.73 59.27
CA ASP V 84 36.11 12.16 60.31
C ASP V 84 35.40 11.15 61.20
N HIS V 85 34.07 11.08 61.18
CA HIS V 85 33.37 10.07 61.97
C HIS V 85 33.24 8.78 61.19
N LYS V 86 33.54 7.66 61.84
CA LYS V 86 33.57 6.35 61.21
C LYS V 86 32.36 5.54 61.66
N GLY V 87 31.79 4.78 60.72
CA GLY V 87 30.71 3.87 61.05
C GLY V 87 29.33 4.52 61.03
N GLY V 88 28.41 3.89 61.76
CA GLY V 88 27.04 4.35 61.79
C GLY V 88 26.89 5.68 62.51
N GLY V 89 25.71 6.27 62.30
CA GLY V 89 25.40 7.56 62.91
C GLY V 89 26.08 8.72 62.22
N ALA V 90 26.83 9.52 62.98
CA ALA V 90 27.23 10.86 62.57
C ALA V 90 28.03 11.53 63.68
N ALA V 91 28.93 12.43 63.28
CA ALA V 91 29.91 12.99 64.21
C ALA V 91 29.25 13.66 65.41
N HIS V 92 28.20 14.46 65.17
CA HIS V 92 27.64 15.24 66.26
C HIS V 92 26.90 14.35 67.26
N VAL V 93 26.22 13.31 66.77
CA VAL V 93 25.52 12.39 67.67
C VAL V 93 26.54 11.58 68.48
N ALA V 94 27.56 11.04 67.82
CA ALA V 94 28.54 10.21 68.51
C ALA V 94 29.32 11.02 69.55
N LEU V 95 29.80 12.21 69.15
CA LEU V 95 30.56 13.03 70.09
C LEU V 95 29.68 13.56 71.21
N GLY V 96 28.44 13.95 70.88
CA GLY V 96 27.56 14.50 71.90
C GLY V 96 27.20 13.50 72.98
N ALA V 97 26.93 12.24 72.58
CA ALA V 97 26.62 11.21 73.56
C ALA V 97 27.85 10.77 74.33
N TRP V 98 29.03 10.85 73.70
CA TRP V 98 30.26 10.44 74.38
C TRP V 98 30.66 11.43 75.47
N ALA V 99 30.34 12.70 75.32
CA ALA V 99 30.91 13.73 76.19
C ALA V 99 30.29 13.68 77.59
N ASP V 100 31.14 13.66 78.61
CA ASP V 100 30.69 13.89 79.98
C ASP V 100 30.75 15.37 80.35
N VAL V 101 31.72 16.10 79.79
CA VAL V 101 31.82 17.54 79.90
C VAL V 101 32.12 18.10 78.51
N LEU V 102 31.53 19.25 78.20
CA LEU V 102 31.80 19.97 76.94
C LEU V 102 32.37 21.33 77.27
N VAL V 103 33.56 21.62 76.74
CA VAL V 103 34.25 22.89 76.93
C VAL V 103 34.52 23.50 75.56
N ILE V 104 34.10 24.75 75.36
CA ILE V 104 34.44 25.51 74.15
C ILE V 104 35.48 26.55 74.54
N LEU V 105 36.72 26.34 74.12
CA LEU V 105 37.82 27.18 74.56
C LEU V 105 38.95 27.14 73.54
N PRO V 106 39.25 28.27 72.89
CA PRO V 106 38.46 29.50 73.01
C PRO V 106 37.20 29.46 72.18
N ALA V 107 36.18 30.18 72.61
CA ALA V 107 34.98 30.40 71.83
C ALA V 107 35.08 31.77 71.15
N THR V 108 34.58 31.85 69.92
CA THR V 108 34.50 33.11 69.20
C THR V 108 33.17 33.81 69.48
N ALA V 109 33.14 35.12 69.20
CA ALA V 109 31.85 35.81 69.16
C ALA V 109 30.90 35.10 68.21
N ASN V 110 31.42 34.68 67.05
CA ASN V 110 30.62 33.90 66.12
C ASN V 110 30.01 32.68 66.81
N PHE V 111 30.82 31.94 67.59
CA PHE V 111 30.28 30.76 68.28
C PHE V 111 29.15 31.14 69.22
N LEU V 112 29.33 32.21 70.00
CA LEU V 112 28.27 32.64 70.91
C LEU V 112 26.96 32.84 70.17
N ALA V 113 27.01 33.50 69.00
CA ALA V 113 25.79 33.74 68.24
C ALA V 113 25.17 32.43 67.79
N LYS V 114 25.98 31.52 67.25
CA LYS V 114 25.41 30.28 66.74
C LYS V 114 24.81 29.45 67.86
N ALA V 115 25.54 29.33 68.98
CA ALA V 115 25.03 28.52 70.08
C ALA V 115 23.77 29.14 70.68
N ALA V 116 23.72 30.47 70.78
CA ALA V 116 22.57 31.14 71.39
C ALA V 116 21.31 30.98 70.56
N HIS V 117 21.45 30.79 69.25
CA HIS V 117 20.29 30.73 68.36
C HIS V 117 20.06 29.34 67.78
N GLY V 118 20.77 28.33 68.26
CA GLY V 118 20.56 26.99 67.76
C GLY V 118 20.99 26.77 66.32
N ILE V 119 21.92 27.57 65.82
CA ILE V 119 22.49 27.30 64.50
C ILE V 119 23.43 26.10 64.62
N ALA V 120 23.38 25.21 63.64
CA ALA V 120 24.16 23.98 63.65
C ALA V 120 24.70 23.74 62.24
N ASP V 121 25.57 24.64 61.77
CA ASP V 121 26.04 24.58 60.38
C ASP V 121 27.47 24.06 60.27
N ASP V 122 28.03 23.48 61.33
CA ASP V 122 29.28 22.72 61.25
C ASP V 122 29.26 21.67 62.37
N VAL V 123 30.33 20.88 62.44
CA VAL V 123 30.34 19.77 63.41
C VAL V 123 30.19 20.31 64.84
N LEU V 124 30.96 21.35 65.18
CA LEU V 124 30.96 21.85 66.56
C LEU V 124 29.56 22.30 66.99
N THR V 125 28.93 23.18 66.22
CA THR V 125 27.65 23.72 66.65
C THR V 125 26.54 22.69 66.58
N ALA V 126 26.64 21.69 65.69
CA ALA V 126 25.71 20.57 65.71
C ALA V 126 25.92 19.72 66.94
N THR V 127 27.18 19.53 67.34
CA THR V 127 27.52 18.77 68.53
C THR V 127 26.97 19.43 69.80
N VAL V 128 26.93 20.76 69.82
CA VAL V 128 26.32 21.48 70.95
C VAL V 128 24.87 21.05 71.12
N LEU V 129 24.12 20.98 70.01
CA LEU V 129 22.71 20.58 70.11
C LEU V 129 22.54 19.15 70.59
N ALA V 130 23.49 18.27 70.27
CA ALA V 130 23.37 16.87 70.63
C ALA V 130 23.95 16.54 72.00
N ALA V 131 24.83 17.39 72.55
CA ALA V 131 25.44 17.09 73.84
C ALA V 131 24.46 17.38 74.98
N GLU V 132 24.52 16.56 76.03
CA GLU V 132 23.69 16.71 77.22
C GLU V 132 24.57 16.54 78.45
N CYS V 133 25.33 17.58 78.77
CA CYS V 133 26.34 17.47 79.83
C CYS V 133 26.68 18.88 80.30
N PRO V 134 27.35 19.00 81.45
CA PRO V 134 27.86 20.33 81.86
C PRO V 134 28.71 20.94 80.76
N THR V 135 28.46 22.22 80.47
CA THR V 135 29.13 22.89 79.37
C THR V 135 29.73 24.21 79.84
N VAL V 136 31.00 24.42 79.53
CA VAL V 136 31.71 25.66 79.82
C VAL V 136 32.13 26.30 78.50
N ILE V 137 31.79 27.59 78.33
CA ILE V 137 32.13 28.37 77.14
C ILE V 137 33.02 29.53 77.57
N ALA V 138 34.19 29.64 76.94
CA ALA V 138 35.19 30.65 77.27
C ALA V 138 35.42 31.56 76.07
N PRO V 139 34.59 32.56 75.85
CA PRO V 139 34.75 33.42 74.68
C PRO V 139 35.96 34.33 74.82
N VAL V 140 36.59 34.63 73.70
CA VAL V 140 37.69 35.59 73.63
C VAL V 140 37.47 36.49 72.42
N MET V 141 37.64 37.79 72.61
CA MET V 141 37.48 38.80 71.57
C MET V 141 37.98 40.12 72.16
N ASN V 142 38.16 41.12 71.30
CA ASN V 142 38.67 42.40 71.79
C ASN V 142 37.55 43.19 72.45
N ALA V 143 37.89 44.37 72.99
CA ALA V 143 36.94 45.11 73.81
C ALA V 143 35.79 45.65 72.98
N ALA V 144 36.05 46.11 71.77
CA ALA V 144 34.96 46.60 70.92
C ALA V 144 33.93 45.53 70.65
N MET V 145 34.38 44.29 70.35
CA MET V 145 33.45 43.21 70.03
C MET V 145 32.67 42.77 71.27
N TRP V 146 33.35 42.61 72.40
CA TRP V 146 32.69 42.17 73.61
C TRP V 146 31.59 43.13 74.06
N SER V 147 31.74 44.43 73.77
CA SER V 147 30.77 45.42 74.22
C SER V 147 29.56 45.56 73.30
N LYS V 148 29.55 44.89 72.15
CA LYS V 148 28.45 45.02 71.22
C LYS V 148 27.16 44.46 71.83
N PRO V 149 26.04 45.15 71.64
CA PRO V 149 24.75 44.65 72.17
C PRO V 149 24.40 43.27 71.68
N ALA V 150 24.67 42.96 70.40
CA ALA V 150 24.36 41.63 69.88
C ALA V 150 25.14 40.54 70.62
N VAL V 151 26.42 40.80 70.89
CA VAL V 151 27.23 39.81 71.60
C VAL V 151 26.70 39.60 73.01
N GLN V 152 26.35 40.69 73.71
CA GLN V 152 25.89 40.56 75.09
C GLN V 152 24.52 39.88 75.16
N ARG V 153 23.65 40.10 74.17
CA ARG V 153 22.40 39.33 74.12
C ARG V 153 22.70 37.83 74.00
N ASN V 154 23.71 37.46 73.20
CA ASN V 154 24.03 36.04 73.04
C ASN V 154 24.59 35.46 74.32
N VAL V 155 25.46 36.21 75.01
CA VAL V 155 25.95 35.80 76.32
C VAL V 155 24.80 35.58 77.29
N ASP V 156 23.89 36.57 77.39
CA ASP V 156 22.75 36.45 78.30
C ASP V 156 21.88 35.26 77.95
N GLN V 157 21.58 35.09 76.66
CA GLN V 157 20.70 33.99 76.26
C GLN V 157 21.31 32.64 76.62
N LEU V 158 22.64 32.52 76.47
CA LEU V 158 23.33 31.26 76.78
C LEU V 158 23.29 30.96 78.26
N ARG V 159 23.43 31.99 79.11
CA ARG V 159 23.32 31.79 80.54
C ARG V 159 21.92 31.33 80.93
N GLU V 160 20.88 31.94 80.33
CA GLU V 160 19.51 31.50 80.58
C GLU V 160 19.30 30.07 80.11
N ASP V 161 20.03 29.63 79.08
CA ASP V 161 19.89 28.26 78.60
C ASP V 161 20.71 27.26 79.42
N GLY V 162 21.42 27.71 80.45
CA GLY V 162 22.15 26.83 81.33
C GLY V 162 23.62 26.71 81.07
N TYR V 163 24.18 27.48 80.14
CA TYR V 163 25.59 27.40 79.83
C TYR V 163 26.39 28.30 80.75
N ARG V 164 27.57 27.81 81.14
CA ARG V 164 28.52 28.56 81.95
C ARG V 164 29.44 29.37 81.05
N ILE V 165 29.40 30.70 81.19
CA ILE V 165 30.22 31.60 80.39
C ILE V 165 31.37 32.10 81.25
N VAL V 166 32.61 31.90 80.77
CA VAL V 166 33.80 32.45 81.40
C VAL V 166 34.17 33.70 80.63
N GLU V 167 33.87 34.85 81.21
CA GLU V 167 34.08 36.11 80.52
C GLU V 167 35.57 36.36 80.30
N PRO V 168 35.94 36.98 79.18
CA PRO V 168 37.36 37.22 78.91
C PRO V 168 37.94 38.35 79.77
N LYS V 169 39.26 38.39 79.80
CA LYS V 169 40.01 39.51 80.36
C LYS V 169 40.52 40.39 79.22
N GLU V 170 41.24 41.45 79.59
CA GLU V 170 41.71 42.47 78.67
C GLU V 170 43.24 42.54 78.72
N GLY V 171 43.88 41.56 78.07
CA GLY V 171 45.31 41.40 78.12
C GLY V 171 46.04 41.97 76.91
N ILE V 172 46.40 43.25 76.97
CA ILE V 172 47.07 43.91 75.84
C ILE V 172 48.47 43.35 75.65
N PRO V 181 42.46 43.62 72.30
CA PRO V 181 43.02 42.26 72.24
C PRO V 181 42.68 41.44 73.49
N GLY V 182 41.60 40.67 73.45
CA GLY V 182 41.16 39.96 74.62
C GLY V 182 42.05 38.78 74.95
N SER V 183 41.80 38.21 76.13
CA SER V 183 42.49 37.01 76.56
C SER V 183 41.52 36.17 77.37
N LEU V 184 41.88 34.90 77.56
CA LEU V 184 41.03 33.96 78.26
C LEU V 184 40.78 34.39 79.70
N GLY V 185 39.55 34.20 80.15
CA GLY V 185 39.19 34.45 81.53
C GLY V 185 39.68 33.36 82.46
N ASP V 186 39.09 33.32 83.66
CA ASP V 186 39.49 32.35 84.68
C ASP V 186 38.68 31.07 84.44
N PHE V 187 39.17 30.26 83.51
CA PHE V 187 38.43 29.08 83.10
C PHE V 187 38.73 27.88 83.97
N GLN V 188 39.89 27.86 84.64
CA GLN V 188 40.28 26.68 85.41
C GLN V 188 39.25 26.37 86.49
N SER V 189 38.75 27.40 87.15
CA SER V 189 37.73 27.20 88.18
C SER V 189 36.44 26.68 87.57
N ALA V 190 36.01 27.26 86.45
CA ALA V 190 34.77 26.81 85.81
C ALA V 190 34.91 25.40 85.26
N ILE V 191 36.04 25.08 84.64
CA ILE V 191 36.22 23.75 84.07
C ILE V 191 36.32 22.70 85.17
N SER V 192 37.10 22.98 86.23
CA SER V 192 37.19 22.05 87.36
C SER V 192 35.82 21.75 87.93
N THR V 193 35.00 22.79 88.15
CA THR V 193 33.64 22.58 88.63
C THR V 193 32.85 21.66 87.71
N ALA V 194 32.95 21.87 86.39
CA ALA V 194 32.23 21.03 85.45
C ALA V 194 32.72 19.59 85.50
N LEU V 195 34.04 19.38 85.56
CA LEU V 195 34.59 18.03 85.63
C LEU V 195 34.14 17.32 86.90
N ILE V 196 34.08 18.03 88.02
CA ILE V 196 33.67 17.43 89.29
C ILE V 196 32.18 17.09 89.25
N GLN V 197 31.35 18.01 88.73
CA GLN V 197 29.93 17.73 88.57
C GLN V 197 29.71 16.48 87.71
N ALA V 198 30.52 16.31 86.67
CA ALA V 198 30.38 15.12 85.83
C ALA V 198 30.75 13.86 86.58
N ALA V 199 31.81 13.92 87.40
CA ALA V 199 32.19 12.76 88.20
C ALA V 199 31.07 12.36 89.15
N ALA V 200 30.34 13.33 89.69
CA ALA V 200 29.18 13.05 90.53
C ALA V 200 27.98 12.60 89.71
N ALA W 18 36.68 68.99 55.81
CA ALA W 18 37.35 67.99 56.64
C ALA W 18 36.96 66.58 56.24
N LEU W 19 36.00 66.47 55.30
CA LEU W 19 35.54 65.17 54.84
C LEU W 19 36.59 64.39 54.07
N ALA W 20 37.68 65.03 53.65
CA ALA W 20 38.68 64.34 52.84
C ALA W 20 39.55 63.40 53.67
N GLN W 21 39.56 63.56 55.00
CA GLN W 21 40.32 62.69 55.89
C GLN W 21 39.44 61.66 56.59
N VAL W 22 38.14 61.62 56.33
CA VAL W 22 37.29 60.60 56.92
C VAL W 22 37.58 59.27 56.25
N ARG W 23 37.88 58.27 57.05
CA ARG W 23 38.17 56.94 56.53
C ARG W 23 36.86 56.17 56.45
N LEU W 24 36.43 55.89 55.23
CA LEU W 24 35.17 55.22 54.96
C LEU W 24 35.44 53.75 54.65
N LEU W 25 34.92 52.88 55.49
CA LEU W 25 34.94 51.45 55.25
C LEU W 25 33.61 51.03 54.62
N TRP W 26 33.70 50.33 53.51
CA TRP W 26 32.54 50.08 52.66
C TRP W 26 32.38 48.58 52.44
N GLY W 27 31.36 47.99 53.03
CA GLY W 27 31.06 46.57 52.82
C GLY W 27 30.06 46.36 51.71
N VAL W 28 30.31 45.33 50.89
CA VAL W 28 29.50 45.05 49.70
C VAL W 28 29.02 43.61 49.79
N CYS W 29 27.70 43.41 49.76
CA CYS W 29 27.12 42.08 49.84
C CYS W 29 26.61 41.62 48.48
N GLY W 30 26.26 40.33 48.41
CA GLY W 30 25.83 39.71 47.18
C GLY W 30 24.41 40.04 46.76
N SER W 31 24.18 41.29 46.34
CA SER W 31 22.89 41.75 45.86
C SER W 31 23.03 42.19 44.40
N PHE W 32 21.92 42.13 43.65
CA PHE W 32 21.84 42.70 42.31
C PHE W 32 22.47 44.08 42.27
N SER W 33 22.23 44.88 43.31
CA SER W 33 22.68 46.26 43.35
C SER W 33 24.17 46.41 43.54
N ALA W 34 24.93 45.32 43.64
CA ALA W 34 26.38 45.45 43.71
C ALA W 34 26.96 46.02 42.42
N VAL W 35 26.22 45.98 41.31
CA VAL W 35 26.67 46.63 40.08
C VAL W 35 26.73 48.14 40.22
N ALA W 36 26.07 48.71 41.21
CA ALA W 36 26.09 50.15 41.42
C ALA W 36 27.35 50.64 42.11
N VAL W 37 28.25 49.74 42.51
CA VAL W 37 29.42 50.17 43.28
C VAL W 37 30.26 51.19 42.54
N PRO W 38 30.59 51.02 41.25
CA PRO W 38 31.35 52.08 40.57
C PRO W 38 30.65 53.43 40.58
N HIS W 39 29.34 53.44 40.29
CA HIS W 39 28.59 54.68 40.34
C HIS W 39 28.61 55.29 41.74
N VAL W 40 28.42 54.47 42.78
CA VAL W 40 28.44 55.00 44.14
C VAL W 40 29.83 55.52 44.48
N ASN W 41 30.87 54.83 43.99
CA ASN W 41 32.23 55.25 44.26
C ASN W 41 32.54 56.61 43.62
N ALA W 42 32.08 56.83 42.40
CA ALA W 42 32.27 58.13 41.76
C ALA W 42 31.55 59.24 42.52
N TRP W 43 30.34 58.96 43.00
CA TRP W 43 29.63 59.94 43.82
C TRP W 43 30.40 60.26 45.10
N LEU W 44 30.94 59.22 45.76
CA LEU W 44 31.66 59.42 47.01
C LEU W 44 32.94 60.24 46.81
N ARG W 45 33.66 59.98 45.73
CA ARG W 45 34.94 60.65 45.52
C ARG W 45 34.76 62.01 44.88
N GLY W 46 33.97 62.09 43.80
CA GLY W 46 33.85 63.29 42.99
C GLY W 46 32.85 64.33 43.46
N THR W 47 31.88 63.94 44.27
CA THR W 47 30.84 64.86 44.76
C THR W 47 30.92 65.07 46.26
N VAL W 48 31.07 64.00 47.04
CA VAL W 48 31.16 64.20 48.49
C VAL W 48 32.56 64.59 48.90
N GLY W 49 33.58 64.15 48.16
CA GLY W 49 34.95 64.46 48.48
C GLY W 49 35.66 63.49 49.40
N VAL W 50 35.14 62.27 49.56
CA VAL W 50 35.84 61.26 50.36
C VAL W 50 37.06 60.79 49.57
N GLN W 51 38.19 60.65 50.26
CA GLN W 51 39.42 60.23 49.59
C GLN W 51 39.89 58.84 49.95
N GLU W 52 39.76 58.41 51.21
CA GLU W 52 40.22 57.09 51.64
C GLU W 52 39.02 56.17 51.80
N ILE W 53 38.87 55.24 50.86
CA ILE W 53 37.77 54.29 50.82
C ILE W 53 38.38 52.89 50.69
N ARG W 54 38.07 52.01 51.64
CA ARG W 54 38.46 50.61 51.58
C ARG W 54 37.20 49.75 51.58
N THR W 55 37.19 48.75 50.70
CA THR W 55 36.01 47.93 50.50
C THR W 55 36.24 46.51 51.04
N VAL W 56 35.16 45.93 51.55
CA VAL W 56 35.11 44.52 51.95
C VAL W 56 33.95 43.88 51.21
N MET W 57 34.23 42.82 50.48
CA MET W 57 33.20 42.09 49.74
C MET W 57 32.95 40.73 50.38
N THR W 58 31.67 40.37 50.52
CA THR W 58 31.36 38.99 50.88
C THR W 58 31.77 38.08 49.73
N ALA W 59 31.90 36.79 50.03
CA ALA W 59 32.23 35.81 49.00
C ALA W 59 31.19 35.85 47.89
N GLN W 60 29.92 36.03 48.23
CA GLN W 60 28.89 36.07 47.21
C GLN W 60 28.99 37.33 46.35
N ALA W 61 29.26 38.49 46.96
CA ALA W 61 29.44 39.71 46.19
C ALA W 61 30.58 39.56 45.19
N ARG W 62 31.70 39.01 45.66
CA ARG W 62 32.86 38.80 44.80
C ARG W 62 32.50 37.88 43.64
N ALA W 63 31.72 36.84 43.93
CA ALA W 63 31.37 35.88 42.90
C ALA W 63 30.49 36.52 41.84
N LEU W 64 29.74 37.56 42.20
CA LEU W 64 28.86 38.24 41.25
C LEU W 64 29.58 39.35 40.48
N MET W 65 30.26 40.27 41.20
CA MET W 65 30.86 41.46 40.59
C MET W 65 32.32 41.30 40.18
N GLY W 66 33.09 40.42 40.80
CA GLY W 66 34.49 40.35 40.49
C GLY W 66 35.29 41.49 41.10
N PRO W 67 36.25 41.14 41.95
CA PRO W 67 36.97 42.17 42.71
C PRO W 67 38.00 42.95 41.90
N ARG W 68 38.41 42.47 40.73
CA ARG W 68 39.55 43.09 40.05
C ARG W 68 39.18 44.45 39.49
N MET W 69 37.96 44.61 38.99
CA MET W 69 37.59 45.92 38.47
C MET W 69 37.31 46.89 39.60
N ILE W 70 36.69 46.41 40.69
CA ILE W 70 36.50 47.25 41.87
C ILE W 70 37.84 47.82 42.31
N GLU W 71 38.88 46.97 42.35
CA GLU W 71 40.21 47.45 42.72
C GLU W 71 40.72 48.50 41.75
N ALA W 72 40.52 48.28 40.45
CA ALA W 72 41.06 49.19 39.45
C ALA W 72 40.42 50.56 39.52
N VAL W 73 39.14 50.63 39.90
CA VAL W 73 38.41 51.89 39.90
C VAL W 73 38.38 52.58 41.27
N THR W 74 38.62 51.84 42.35
CA THR W 74 38.64 52.43 43.68
C THR W 74 40.05 52.67 44.22
N GLY W 75 41.06 52.05 43.64
CA GLY W 75 42.41 52.21 44.09
C GLY W 75 42.84 51.27 45.19
N HIS W 76 41.93 50.41 45.66
CA HIS W 76 42.26 49.41 46.67
C HIS W 76 41.60 48.09 46.32
N ALA W 77 42.37 47.01 46.47
CA ALA W 77 41.82 45.68 46.37
C ALA W 77 40.81 45.47 47.49
N PRO W 78 39.61 44.97 47.19
CA PRO W 78 38.69 44.64 48.27
C PRO W 78 39.26 43.50 49.11
N VAL W 79 38.95 43.53 50.40
CA VAL W 79 39.26 42.45 51.32
C VAL W 79 38.09 41.48 51.32
N THR W 80 38.38 40.19 51.08
CA THR W 80 37.34 39.17 51.20
C THR W 80 37.76 38.05 52.13
N ASP W 81 38.98 37.57 51.96
CA ASP W 81 39.47 36.46 52.76
C ASP W 81 40.34 36.97 53.90
N TRP W 82 40.36 36.21 54.99
CA TRP W 82 41.25 36.53 56.09
C TRP W 82 42.69 36.70 55.60
N GLU W 83 43.08 35.93 54.58
CA GLU W 83 44.44 35.98 54.05
C GLU W 83 44.79 37.34 53.44
N ASP W 84 43.80 38.19 53.15
CA ASP W 84 44.09 39.49 52.55
C ASP W 84 44.69 40.48 53.55
N HIS W 85 44.59 40.23 54.85
CA HIS W 85 45.25 41.07 55.84
C HIS W 85 46.68 40.58 56.07
N LYS W 86 47.65 41.50 56.06
CA LYS W 86 49.06 41.16 56.18
C LYS W 86 49.58 41.55 57.55
N GLY W 87 50.41 40.69 58.12
CA GLY W 87 51.08 41.01 59.37
C GLY W 87 50.25 40.66 60.59
N GLY W 88 50.57 41.32 61.69
CA GLY W 88 49.94 41.01 62.96
C GLY W 88 48.48 41.40 63.00
N GLY W 89 47.79 40.81 63.98
CA GLY W 89 46.36 41.02 64.15
C GLY W 89 45.56 40.22 63.15
N ALA W 90 44.66 40.90 62.42
CA ALA W 90 43.60 40.23 61.69
C ALA W 90 42.72 41.23 60.98
N ALA W 91 42.12 40.81 59.86
CA ALA W 91 41.42 41.73 58.98
C ALA W 91 40.32 42.49 59.70
N HIS W 92 39.52 41.79 60.53
CA HIS W 92 38.35 42.45 61.11
C HIS W 92 38.76 43.49 62.15
N VAL W 93 39.80 43.20 62.93
CA VAL W 93 40.31 44.17 63.91
C VAL W 93 40.98 45.33 63.20
N ALA W 94 41.83 45.04 62.21
CA ALA W 94 42.55 46.09 61.50
C ALA W 94 41.57 47.01 60.78
N LEU W 95 40.62 46.43 60.03
CA LEU W 95 39.65 47.27 59.32
C LEU W 95 38.69 47.95 60.28
N GLY W 96 38.24 47.22 61.31
CA GLY W 96 37.28 47.79 62.23
C GLY W 96 37.82 49.00 62.98
N ALA W 97 39.11 48.95 63.36
CA ALA W 97 39.74 50.07 64.05
C ALA W 97 40.04 51.23 63.09
N TRP W 98 40.30 50.93 61.81
CA TRP W 98 40.64 51.98 60.85
C TRP W 98 39.43 52.83 60.50
N ALA W 99 38.24 52.26 60.53
CA ALA W 99 37.07 52.92 59.96
C ALA W 99 36.60 54.10 60.82
N ASP W 100 36.38 55.24 60.18
CA ASP W 100 35.66 56.35 60.81
C ASP W 100 34.17 56.28 60.52
N VAL W 101 33.81 55.77 59.35
CA VAL W 101 32.42 55.48 58.99
C VAL W 101 32.40 54.11 58.34
N LEU W 102 31.34 53.34 58.63
CA LEU W 102 31.11 52.04 58.02
C LEU W 102 29.81 52.08 57.26
N VAL W 103 29.87 51.76 55.96
CA VAL W 103 28.70 51.71 55.11
C VAL W 103 28.59 50.31 54.52
N ILE W 104 27.42 49.68 54.66
CA ILE W 104 27.12 48.41 54.00
C ILE W 104 26.16 48.71 52.87
N LEU W 105 26.65 48.61 51.64
CA LEU W 105 25.85 49.01 50.50
C LEU W 105 26.32 48.29 49.24
N PRO W 106 25.48 47.47 48.63
CA PRO W 106 24.17 47.05 49.14
C PRO W 106 24.34 45.99 50.24
N ALA W 107 23.39 45.93 51.17
CA ALA W 107 23.31 44.83 52.13
C ALA W 107 22.24 43.85 51.67
N THR W 108 22.49 42.58 51.91
CA THR W 108 21.50 41.55 51.64
C THR W 108 20.62 41.36 52.87
N ALA W 109 19.47 40.71 52.66
CA ALA W 109 18.70 40.24 53.81
C ALA W 109 19.58 39.39 54.72
N ASN W 110 20.40 38.52 54.13
CA ASN W 110 21.33 37.70 54.88
C ASN W 110 22.17 38.53 55.83
N PHE W 111 22.72 39.64 55.32
CA PHE W 111 23.53 40.51 56.16
C PHE W 111 22.75 41.05 57.35
N LEU W 112 21.51 41.50 57.12
CA LEU W 112 20.71 42.02 58.22
C LEU W 112 20.59 40.99 59.33
N ALA W 113 20.33 39.73 58.96
CA ALA W 113 20.19 38.66 59.94
C ALA W 113 21.47 38.46 60.73
N LYS W 114 22.62 38.43 60.06
CA LYS W 114 23.88 38.21 60.78
C LYS W 114 24.22 39.39 61.68
N ALA W 115 24.07 40.62 61.18
CA ALA W 115 24.39 41.77 62.00
C ALA W 115 23.46 41.87 63.21
N ALA W 116 22.17 41.57 63.00
CA ALA W 116 21.20 41.69 64.09
C ALA W 116 21.47 40.70 65.21
N HIS W 117 22.10 39.56 64.91
CA HIS W 117 22.31 38.51 65.91
C HIS W 117 23.76 38.33 66.29
N GLY W 118 24.66 39.19 65.84
CA GLY W 118 26.06 39.08 66.21
C GLY W 118 26.79 37.89 65.61
N ILE W 119 26.32 37.37 64.48
CA ILE W 119 27.04 36.32 63.76
C ILE W 119 28.25 36.95 63.08
N ALA W 120 29.38 36.24 63.09
CA ALA W 120 30.63 36.76 62.53
C ALA W 120 31.34 35.63 61.81
N ASP W 121 30.74 35.13 60.73
CA ASP W 121 31.27 33.94 60.07
C ASP W 121 31.96 34.27 58.75
N ASP W 122 32.26 35.55 58.49
CA ASP W 122 33.15 35.95 57.42
C ASP W 122 33.81 37.27 57.82
N VAL W 123 34.71 37.77 56.98
CA VAL W 123 35.44 38.99 57.32
C VAL W 123 34.48 40.15 57.53
N LEU W 124 33.49 40.31 56.64
CA LEU W 124 32.62 41.48 56.75
C LEU W 124 31.85 41.49 58.06
N THR W 125 31.19 40.38 58.41
CA THR W 125 30.35 40.41 59.60
C THR W 125 31.18 40.42 60.87
N ALA W 126 32.40 39.89 60.83
CA ALA W 126 33.30 40.04 61.96
C ALA W 126 33.76 41.49 62.09
N THR W 127 33.98 42.17 60.96
CA THR W 127 34.39 43.57 61.00
C THR W 127 33.31 44.44 61.63
N VAL W 128 32.04 44.10 61.38
CA VAL W 128 30.93 44.81 62.02
C VAL W 128 31.07 44.78 63.53
N LEU W 129 31.40 43.61 64.09
CA LEU W 129 31.57 43.52 65.54
C LEU W 129 32.77 44.33 66.02
N ALA W 130 33.82 44.44 65.21
CA ALA W 130 35.02 45.13 65.67
C ALA W 130 34.97 46.63 65.43
N ALA W 131 34.09 47.10 64.57
CA ALA W 131 34.01 48.52 64.26
C ALA W 131 33.25 49.27 65.34
N GLU W 132 33.72 50.48 65.65
CA GLU W 132 33.07 51.36 66.64
C GLU W 132 32.96 52.74 66.01
N CYS W 133 31.99 52.91 65.12
CA CYS W 133 31.84 54.14 64.39
C CYS W 133 30.42 54.20 63.84
N PRO W 134 29.93 55.39 63.46
CA PRO W 134 28.62 55.48 62.83
C PRO W 134 28.51 54.56 61.62
N THR W 135 27.40 53.84 61.52
CA THR W 135 27.22 52.82 60.48
C THR W 135 25.90 52.98 59.76
N VAL W 136 25.95 52.97 58.44
CA VAL W 136 24.78 53.05 57.58
C VAL W 136 24.68 51.74 56.80
N ILE W 137 23.49 51.13 56.83
CA ILE W 137 23.21 49.87 56.16
C ILE W 137 22.10 50.13 55.15
N ALA W 138 22.34 49.79 53.88
CA ALA W 138 21.39 50.04 52.81
C ALA W 138 20.97 48.71 52.20
N PRO W 139 20.01 48.01 52.80
CA PRO W 139 19.62 46.70 52.27
C PRO W 139 18.86 46.83 50.96
N VAL W 140 19.00 45.80 50.12
CA VAL W 140 18.28 45.66 48.87
C VAL W 140 17.75 44.23 48.79
N MET W 141 16.49 44.10 48.39
CA MET W 141 15.83 42.82 48.19
C MET W 141 14.45 43.14 47.59
N ASN W 142 13.80 42.11 47.05
CA ASN W 142 12.48 42.34 46.46
C ASN W 142 11.42 42.44 47.57
N ALA W 143 10.17 42.71 47.14
CA ALA W 143 9.11 43.02 48.09
C ALA W 143 8.71 41.81 48.92
N ALA W 144 8.73 40.61 48.31
CA ALA W 144 8.41 39.41 49.06
C ALA W 144 9.39 39.20 50.21
N MET W 145 10.68 39.40 49.95
CA MET W 145 11.69 39.21 50.99
C MET W 145 11.59 40.30 52.05
N TRP W 146 11.41 41.55 51.63
CA TRP W 146 11.33 42.67 52.57
C TRP W 146 10.15 42.53 53.51
N SER W 147 9.08 41.88 53.06
CA SER W 147 7.86 41.78 53.85
C SER W 147 7.88 40.66 54.89
N LYS W 148 8.90 39.81 54.88
CA LYS W 148 8.94 38.69 55.81
C LYS W 148 9.10 39.18 57.25
N PRO W 149 8.36 38.60 58.21
CA PRO W 149 8.51 39.01 59.61
C PRO W 149 9.94 38.89 60.13
N ALA W 150 10.66 37.83 59.75
CA ALA W 150 12.02 37.68 60.21
C ALA W 150 12.90 38.85 59.74
N VAL W 151 12.74 39.25 58.49
CA VAL W 151 13.54 40.36 57.96
C VAL W 151 13.22 41.65 58.72
N GLN W 152 11.94 41.91 58.97
CA GLN W 152 11.58 43.13 59.68
C GLN W 152 12.01 43.10 61.13
N ARG W 153 12.00 41.92 61.77
CA ARG W 153 12.59 41.81 63.10
C ARG W 153 14.06 42.20 63.08
N ASN W 154 14.79 41.79 62.04
CA ASN W 154 16.22 42.13 61.97
C ASN W 154 16.42 43.62 61.74
N VAL W 155 15.60 44.23 60.87
CA VAL W 155 15.64 45.69 60.69
C VAL W 155 15.40 46.39 62.02
N ASP W 156 14.33 46.00 62.73
CA ASP W 156 13.99 46.64 64.01
C ASP W 156 15.12 46.48 65.02
N GLN W 157 15.68 45.28 65.12
CA GLN W 157 16.75 45.04 66.08
C GLN W 157 17.97 45.89 65.79
N LEU W 158 18.30 46.06 64.51
CA LEU W 158 19.48 46.84 64.16
C LEU W 158 19.29 48.31 64.49
N ARG W 159 18.09 48.85 64.25
CA ARG W 159 17.82 50.24 64.60
C ARG W 159 17.94 50.44 66.12
N GLU W 160 17.41 49.50 66.90
CA GLU W 160 17.55 49.58 68.35
C GLU W 160 19.00 49.50 68.79
N ASP W 161 19.86 48.81 68.02
CA ASP W 161 21.29 48.74 68.34
C ASP W 161 22.06 49.96 67.87
N GLY W 162 21.39 50.92 67.23
CA GLY W 162 22.05 52.15 66.82
C GLY W 162 22.43 52.23 65.35
N TYR W 163 22.02 51.26 64.55
CA TYR W 163 22.35 51.28 63.13
C TYR W 163 21.33 52.10 62.35
N ARG W 164 21.81 52.83 61.35
CA ARG W 164 20.99 53.59 60.42
C ARG W 164 20.65 52.69 59.24
N ILE W 165 19.37 52.43 59.06
CA ILE W 165 18.88 51.57 57.98
C ILE W 165 18.29 52.44 56.88
N VAL W 166 18.77 52.25 55.66
CA VAL W 166 18.21 52.91 54.48
C VAL W 166 17.34 51.90 53.76
N GLU W 167 16.02 52.08 53.86
CA GLU W 167 15.09 51.12 53.29
C GLU W 167 15.16 51.12 51.77
N PRO W 168 14.93 49.96 51.14
CA PRO W 168 15.01 49.87 49.68
C PRO W 168 13.81 50.55 49.01
N LYS W 169 13.96 50.77 47.71
CA LYS W 169 12.88 51.22 46.84
C LYS W 169 12.30 50.06 46.04
N GLU W 170 11.39 50.40 45.13
CA GLU W 170 10.65 49.44 44.31
C GLU W 170 11.03 49.70 42.85
N GLY W 171 12.20 49.18 42.44
CA GLY W 171 12.64 49.44 41.10
C GLY W 171 12.40 48.32 40.12
N ILE W 172 11.20 48.27 39.52
CA ILE W 172 10.85 47.21 38.57
C ILE W 172 11.63 47.37 37.26
N PRO W 181 11.94 43.12 42.22
CA PRO W 181 13.31 43.58 41.96
C PRO W 181 13.62 44.89 42.69
N GLY W 182 14.18 44.81 43.89
CA GLY W 182 14.39 45.99 44.70
C GLY W 182 15.54 46.85 44.18
N SER W 183 15.65 48.03 44.77
CA SER W 183 16.77 48.91 44.46
C SER W 183 17.14 49.70 45.69
N LEU W 184 18.32 50.31 45.63
CA LEU W 184 18.84 51.07 46.75
C LEU W 184 17.92 52.25 47.09
N GLY W 185 17.74 52.50 48.37
CA GLY W 185 16.99 53.67 48.81
C GLY W 185 17.81 54.94 48.66
N ASP W 186 17.37 55.98 49.36
CA ASP W 186 18.04 57.28 49.32
C ASP W 186 19.11 57.31 50.42
N PHE W 187 20.26 56.76 50.07
CA PHE W 187 21.37 56.59 51.01
C PHE W 187 22.24 57.84 51.11
N GLN W 188 22.17 58.74 50.13
CA GLN W 188 23.11 59.87 50.06
C GLN W 188 23.07 60.70 51.33
N SER W 189 21.86 61.03 51.80
CA SER W 189 21.76 61.87 52.99
C SER W 189 22.26 61.14 54.22
N ALA W 190 21.93 59.86 54.37
CA ALA W 190 22.38 59.09 55.53
C ALA W 190 23.89 58.96 55.53
N ILE W 191 24.49 58.72 54.37
CA ILE W 191 25.94 58.59 54.31
C ILE W 191 26.61 59.94 54.57
N SER W 192 26.13 61.00 53.90
CA SER W 192 26.70 62.33 54.12
C SER W 192 26.66 62.71 55.58
N THR W 193 25.52 62.49 56.22
CA THR W 193 25.37 62.78 57.65
C THR W 193 26.40 62.04 58.49
N ALA W 194 26.60 60.75 58.20
CA ALA W 194 27.58 59.97 58.95
C ALA W 194 28.98 60.50 58.70
N LEU W 195 29.31 60.81 57.45
CA LEU W 195 30.64 61.35 57.17
C LEU W 195 30.85 62.68 57.85
N ILE W 196 29.82 63.53 57.84
CA ILE W 196 29.93 64.84 58.47
C ILE W 196 29.99 64.70 59.99
N GLN W 197 29.15 63.81 60.54
CA GLN W 197 29.21 63.50 61.97
C GLN W 197 30.60 63.02 62.38
N ALA W 198 31.22 62.20 61.53
CA ALA W 198 32.56 61.70 61.85
C ALA W 198 33.62 62.81 61.77
N ALA W 199 33.51 63.70 60.78
CA ALA W 199 34.49 64.79 60.68
C ALA W 199 34.52 65.64 61.94
N ALA W 200 33.38 65.82 62.60
CA ALA W 200 33.31 66.54 63.86
C ALA W 200 33.85 65.70 65.02
N ALA X 18 -7.20 19.29 40.02
CA ALA X 18 -6.40 20.49 39.83
C ALA X 18 -5.07 20.41 40.59
N LEU X 19 -4.88 19.36 41.39
CA LEU X 19 -3.60 19.21 42.08
C LEU X 19 -2.45 18.92 41.14
N ALA X 20 -2.74 18.55 39.90
CA ALA X 20 -1.68 18.23 38.95
C ALA X 20 -0.99 19.48 38.41
N GLN X 21 -1.62 20.64 38.57
CA GLN X 21 -1.05 21.91 38.14
C GLN X 21 -0.44 22.70 39.29
N VAL X 22 -0.50 22.17 40.50
CA VAL X 22 0.12 22.83 41.66
C VAL X 22 1.63 22.63 41.58
N ARG X 23 2.37 23.72 41.68
CA ARG X 23 3.83 23.70 41.59
C ARG X 23 4.43 23.51 42.98
N LEU X 24 5.06 22.37 43.21
CA LEU X 24 5.59 22.04 44.53
C LEU X 24 7.10 22.27 44.55
N LEU X 25 7.54 23.20 45.39
CA LEU X 25 8.95 23.44 45.66
C LEU X 25 9.35 22.70 46.93
N TRP X 26 10.41 21.91 46.84
CA TRP X 26 10.75 20.94 47.88
C TRP X 26 12.20 21.12 48.32
N GLY X 27 12.40 21.64 49.52
CA GLY X 27 13.74 21.78 50.07
C GLY X 27 14.12 20.57 50.90
N VAL X 28 15.36 20.13 50.75
CA VAL X 28 15.89 18.92 51.35
C VAL X 28 17.16 19.29 52.11
N CYS X 29 17.20 18.98 53.41
CA CYS X 29 18.34 19.29 54.26
C CYS X 29 19.14 18.03 54.60
N GLY X 30 20.32 18.26 55.18
CA GLY X 30 21.24 17.18 55.48
C GLY X 30 20.87 16.38 56.73
N SER X 31 19.80 15.60 56.63
CA SER X 31 19.32 14.74 57.70
C SER X 31 19.38 13.27 57.25
N PHE X 32 19.53 12.36 58.23
CA PHE X 32 19.37 10.92 57.99
C PHE X 32 18.13 10.64 57.13
N SER X 33 17.07 11.38 57.39
CA SER X 33 15.80 11.11 56.73
C SER X 33 15.76 11.55 55.28
N ALA X 34 16.86 12.08 54.73
CA ALA X 34 16.87 12.38 53.31
C ALA X 34 16.78 11.11 52.45
N VAL X 35 17.10 9.94 53.01
CA VAL X 35 16.89 8.69 52.27
C VAL X 35 15.43 8.43 52.00
N ALA X 36 14.53 9.12 52.69
CA ALA X 36 13.10 8.94 52.47
C ALA X 36 12.60 9.75 51.28
N VAL X 37 13.45 10.55 50.66
CA VAL X 37 12.99 11.43 49.58
C VAL X 37 12.37 10.66 48.41
N PRO X 38 12.99 9.58 47.89
CA PRO X 38 12.31 8.83 46.82
C PRO X 38 10.94 8.30 47.21
N HIS X 39 10.81 7.76 48.42
CA HIS X 39 9.51 7.28 48.90
C HIS X 39 8.48 8.41 48.96
N VAL X 40 8.86 9.56 49.53
CA VAL X 40 7.93 10.68 49.61
C VAL X 40 7.56 11.17 48.22
N ASN X 41 8.53 11.14 47.30
CA ASN X 41 8.25 11.53 45.91
C ASN X 41 7.25 10.59 45.26
N ALA X 42 7.37 9.28 45.51
CA ALA X 42 6.44 8.32 44.94
C ALA X 42 5.03 8.57 45.44
N TRP X 43 4.88 8.90 46.73
CA TRP X 43 3.56 9.26 47.25
C TRP X 43 3.03 10.53 46.61
N LEU X 44 3.88 11.56 46.46
CA LEU X 44 3.43 12.82 45.89
C LEU X 44 2.99 12.65 44.45
N ARG X 45 3.72 11.86 43.68
CA ARG X 45 3.40 11.69 42.27
C ARG X 45 2.34 10.60 42.08
N GLY X 46 2.52 9.45 42.71
CA GLY X 46 1.65 8.31 42.44
C GLY X 46 0.35 8.28 43.20
N THR X 47 0.26 9.00 44.32
CA THR X 47 -0.96 9.00 45.13
C THR X 47 -1.62 10.38 45.20
N VAL X 48 -0.86 11.43 45.46
CA VAL X 48 -1.48 12.75 45.56
C VAL X 48 -1.74 13.33 44.19
N GLY X 49 -0.92 12.96 43.19
CA GLY X 49 -1.10 13.45 41.83
C GLY X 49 -0.38 14.71 41.47
N VAL X 50 0.62 15.13 42.25
CA VAL X 50 1.43 16.30 41.89
C VAL X 50 2.34 15.94 40.72
N GLN X 51 2.46 16.85 39.75
CA GLN X 51 3.25 16.60 38.55
C GLN X 51 4.52 17.42 38.48
N GLU X 52 4.50 18.68 38.88
CA GLU X 52 5.67 19.53 38.78
C GLU X 52 6.29 19.68 40.17
N ILE X 53 7.43 19.02 40.37
CA ILE X 53 8.14 19.05 41.64
C ILE X 53 9.60 19.42 41.36
N ARG X 54 10.04 20.52 41.95
CA ARG X 54 11.43 20.95 41.86
C ARG X 54 12.04 20.94 43.25
N THR X 55 13.25 20.40 43.36
CA THR X 55 13.91 20.25 44.64
C THR X 55 15.09 21.21 44.77
N VAL X 56 15.31 21.66 45.99
CA VAL X 56 16.49 22.43 46.36
C VAL X 56 17.16 21.66 47.49
N MET X 57 18.41 21.27 47.30
CA MET X 57 19.17 20.54 48.29
C MET X 57 20.23 21.45 48.89
N THR X 58 20.36 21.44 50.21
CA THR X 58 21.50 22.10 50.82
C THR X 58 22.77 21.36 50.41
N ALA X 59 23.91 22.04 50.60
CA ALA X 59 25.19 21.41 50.28
C ALA X 59 25.38 20.13 51.09
N GLN X 60 24.94 20.13 52.35
CA GLN X 60 25.10 18.94 53.18
C GLN X 60 24.18 17.81 52.71
N ALA X 61 22.94 18.12 52.33
CA ALA X 61 22.07 17.09 51.78
C ALA X 61 22.68 16.49 50.52
N ARG X 62 23.19 17.35 49.63
CA ARG X 62 23.81 16.87 48.40
C ARG X 62 25.00 15.98 48.70
N ALA X 63 25.81 16.36 49.69
CA ALA X 63 27.01 15.57 50.00
C ALA X 63 26.66 14.19 50.54
N LEU X 64 25.50 14.06 51.21
CA LEU X 64 25.12 12.78 51.77
C LEU X 64 24.40 11.89 50.77
N MET X 65 23.38 12.42 50.09
CA MET X 65 22.50 11.64 49.24
C MET X 65 22.93 11.55 47.78
N GLY X 66 23.65 12.54 47.28
CA GLY X 66 23.91 12.57 45.86
C GLY X 66 22.68 13.04 45.09
N PRO X 67 22.83 14.12 44.33
CA PRO X 67 21.68 14.72 43.65
C PRO X 67 21.20 13.96 42.41
N ARG X 68 21.98 13.01 41.90
CA ARG X 68 21.68 12.42 40.59
C ARG X 68 20.50 11.47 40.64
N MET X 69 20.35 10.72 41.73
CA MET X 69 19.19 9.83 41.82
C MET X 69 17.93 10.63 42.07
N ILE X 70 18.03 11.67 42.90
CA ILE X 70 16.91 12.59 43.10
C ILE X 70 16.47 13.18 41.76
N GLU X 71 17.42 13.59 40.93
CA GLU X 71 17.08 14.13 39.61
C GLU X 71 16.34 13.10 38.78
N ALA X 72 16.78 11.84 38.83
CA ALA X 72 16.22 10.81 37.97
C ALA X 72 14.77 10.49 38.32
N VAL X 73 14.40 10.59 39.60
CA VAL X 73 13.06 10.20 40.04
C VAL X 73 12.08 11.37 40.17
N THR X 74 12.59 12.60 40.26
CA THR X 74 11.71 13.76 40.36
C THR X 74 11.54 14.50 39.04
N GLY X 75 12.41 14.24 38.07
CA GLY X 75 12.34 14.88 36.77
C GLY X 75 13.08 16.19 36.65
N HIS X 76 13.71 16.67 37.73
CA HIS X 76 14.49 17.90 37.65
C HIS X 76 15.77 17.74 38.47
N ALA X 77 16.86 18.25 37.94
CA ALA X 77 18.08 18.32 38.71
C ALA X 77 17.83 19.20 39.93
N PRO X 78 18.15 18.75 41.13
CA PRO X 78 18.00 19.63 42.30
C PRO X 78 18.94 20.82 42.21
N VAL X 79 18.46 21.96 42.70
CA VAL X 79 19.28 23.16 42.77
C VAL X 79 20.00 23.19 44.12
N THR X 80 21.31 23.35 44.08
CA THR X 80 22.10 23.56 45.28
C THR X 80 22.92 24.84 45.19
N ASP X 81 23.61 25.04 44.08
CA ASP X 81 24.41 26.23 43.85
C ASP X 81 23.64 27.21 42.99
N TRP X 82 23.95 28.50 43.18
CA TRP X 82 23.33 29.55 42.38
C TRP X 82 23.49 29.28 40.89
N GLU X 83 24.62 28.69 40.49
CA GLU X 83 24.86 28.39 39.08
C GLU X 83 23.85 27.43 38.49
N ASP X 84 23.10 26.70 39.32
CA ASP X 84 22.12 25.74 38.81
C ASP X 84 20.88 26.41 38.24
N HIS X 85 20.66 27.70 38.53
CA HIS X 85 19.60 28.49 37.91
C HIS X 85 20.08 29.16 36.63
N LYS X 86 19.23 29.14 35.60
CA LYS X 86 19.57 29.64 34.28
C LYS X 86 18.85 30.96 33.98
N GLY X 87 19.55 31.87 33.32
CA GLY X 87 18.97 33.10 32.83
C GLY X 87 18.93 34.25 33.80
N GLY X 88 17.99 35.16 33.54
CA GLY X 88 17.85 36.38 34.32
C GLY X 88 17.37 36.11 35.73
N GLY X 89 17.49 37.16 36.55
CA GLY X 89 17.10 37.06 37.94
C GLY X 89 18.12 36.30 38.75
N ALA X 90 17.68 35.19 39.37
CA ALA X 90 18.41 34.53 40.43
C ALA X 90 17.59 33.37 40.96
N ALA X 91 18.28 32.34 41.46
CA ALA X 91 17.60 31.09 41.82
C ALA X 91 16.51 31.30 42.86
N HIS X 92 16.79 32.10 43.89
CA HIS X 92 15.82 32.22 44.97
C HIS X 92 14.59 33.00 44.52
N VAL X 93 14.78 34.01 43.67
CA VAL X 93 13.64 34.78 43.17
C VAL X 93 12.81 33.92 42.21
N ALA X 94 13.48 33.25 41.27
CA ALA X 94 12.76 32.46 40.28
C ALA X 94 12.01 31.31 40.93
N LEU X 95 12.71 30.54 41.79
CA LEU X 95 12.06 29.41 42.45
C LEU X 95 11.03 29.91 43.46
N GLY X 96 11.35 30.98 44.18
CA GLY X 96 10.42 31.51 45.16
C GLY X 96 9.12 31.98 44.55
N ALA X 97 9.19 32.62 43.39
CA ALA X 97 7.98 33.05 42.71
C ALA X 97 7.26 31.89 42.05
N TRP X 98 7.99 30.86 41.62
CA TRP X 98 7.38 29.74 40.93
C TRP X 98 6.53 28.90 41.85
N ALA X 99 6.87 28.84 43.14
CA ALA X 99 6.28 27.86 44.04
C ALA X 99 4.83 28.21 44.42
N ASP X 100 3.95 27.22 44.31
CA ASP X 100 2.62 27.32 44.89
C ASP X 100 2.56 26.74 46.30
N VAL X 101 3.36 25.72 46.59
CA VAL X 101 3.56 25.20 47.94
C VAL X 101 5.06 24.96 48.13
N LEU X 102 5.55 25.30 49.31
CA LEU X 102 6.94 25.05 49.68
C LEU X 102 6.94 24.05 50.83
N VAL X 103 7.67 22.95 50.64
CA VAL X 103 7.83 21.93 51.66
C VAL X 103 9.32 21.76 51.93
N ILE X 104 9.70 21.82 53.21
CA ILE X 104 11.06 21.51 53.63
C ILE X 104 11.01 20.16 54.34
N LEU X 105 11.53 19.12 53.68
CA LEU X 105 11.41 17.77 54.19
C LEU X 105 12.55 16.89 53.67
N PRO X 106 13.42 16.39 54.55
CA PRO X 106 13.48 16.75 55.96
C PRO X 106 14.15 18.11 56.21
N ALA X 107 13.77 18.77 57.31
CA ALA X 107 14.47 19.96 57.76
C ALA X 107 15.39 19.59 58.91
N THR X 108 16.57 20.21 58.93
CA THR X 108 17.51 20.03 60.03
C THR X 108 17.18 21.04 61.12
N ALA X 109 17.72 20.79 62.31
CA ALA X 109 17.71 21.82 63.35
C ALA X 109 18.35 23.10 62.82
N ASN X 110 19.46 22.96 62.09
CA ASN X 110 20.12 24.09 61.44
C ASN X 110 19.15 24.88 60.57
N PHE X 111 18.33 24.19 59.76
CA PHE X 111 17.37 24.91 58.93
C PHE X 111 16.40 25.71 59.78
N LEU X 112 15.89 25.13 60.86
CA LEU X 112 14.94 25.84 61.71
C LEU X 112 15.53 27.15 62.22
N ALA X 113 16.79 27.12 62.67
CA ALA X 113 17.42 28.33 63.18
C ALA X 113 17.55 29.39 62.09
N LYS X 114 17.97 28.99 60.88
CA LYS X 114 18.16 29.98 59.83
C LYS X 114 16.83 30.60 59.40
N ALA X 115 15.81 29.77 59.21
CA ALA X 115 14.50 30.29 58.80
C ALA X 115 13.89 31.14 59.90
N ALA X 116 14.08 30.76 61.16
CA ALA X 116 13.48 31.53 62.25
C ALA X 116 14.08 32.93 62.37
N HIS X 117 15.33 33.09 61.94
CA HIS X 117 16.04 34.36 62.10
C HIS X 117 16.29 35.09 60.78
N GLY X 118 15.70 34.63 59.68
CA GLY X 118 15.87 35.32 58.41
C GLY X 118 17.26 35.25 57.82
N ILE X 119 18.05 34.23 58.18
CA ILE X 119 19.34 34.00 57.55
C ILE X 119 19.12 33.44 56.15
N ALA X 120 19.92 33.90 55.19
CA ALA X 120 19.76 33.47 53.80
C ALA X 120 21.15 33.27 53.20
N ASP X 121 21.89 32.30 53.72
CA ASP X 121 23.28 32.13 53.32
C ASP X 121 23.48 30.93 52.39
N ASP X 122 22.39 30.37 51.86
CA ASP X 122 22.46 29.44 50.74
C ASP X 122 21.17 29.61 49.94
N VAL X 123 21.05 28.85 48.85
CA VAL X 123 19.89 28.98 47.97
C VAL X 123 18.60 28.66 48.70
N LEU X 124 18.59 27.58 49.49
CA LEU X 124 17.34 27.17 50.15
C LEU X 124 16.83 28.26 51.08
N THR X 125 17.69 28.76 51.97
CA THR X 125 17.21 29.73 52.96
C THR X 125 16.93 31.09 52.33
N ALA X 126 17.61 31.41 51.23
CA ALA X 126 17.25 32.62 50.48
C ALA X 126 15.91 32.43 49.76
N THR X 127 15.67 31.23 49.23
CA THR X 127 14.38 30.96 48.58
C THR X 127 13.24 31.06 49.58
N VAL X 128 13.47 30.67 50.84
CA VAL X 128 12.46 30.82 51.88
C VAL X 128 12.02 32.27 51.99
N LEU X 129 12.98 33.21 51.97
CA LEU X 129 12.61 34.62 52.07
C LEU X 129 11.83 35.09 50.84
N ALA X 130 12.13 34.54 49.66
CA ALA X 130 11.51 34.98 48.43
C ALA X 130 10.18 34.30 48.12
N ALA X 131 9.90 33.16 48.74
CA ALA X 131 8.66 32.45 48.48
C ALA X 131 7.51 33.13 49.19
N GLU X 132 6.35 33.16 48.52
CA GLU X 132 5.11 33.72 49.07
C GLU X 132 4.01 32.69 48.84
N CYS X 133 4.04 31.64 49.65
CA CYS X 133 3.11 30.54 49.51
C CYS X 133 3.06 29.79 50.83
N PRO X 134 2.01 29.02 51.08
CA PRO X 134 1.99 28.18 52.28
C PRO X 134 3.20 27.26 52.31
N THR X 135 3.80 27.14 53.50
CA THR X 135 5.02 26.39 53.68
C THR X 135 4.86 25.39 54.83
N VAL X 136 5.26 24.14 54.57
CA VAL X 136 5.27 23.08 55.57
C VAL X 136 6.72 22.66 55.81
N ILE X 137 7.11 22.61 57.08
CA ILE X 137 8.46 22.27 57.51
C ILE X 137 8.40 21.01 58.35
N ALA X 138 9.17 19.99 57.98
CA ALA X 138 9.17 18.70 58.66
C ALA X 138 10.57 18.44 59.24
N PRO X 139 10.87 18.99 60.41
CA PRO X 139 12.21 18.78 60.98
C PRO X 139 12.39 17.37 61.50
N VAL X 140 13.65 16.91 61.42
CA VAL X 140 14.07 15.62 61.98
C VAL X 140 15.37 15.83 62.72
N MET X 141 15.48 15.23 63.90
CA MET X 141 16.68 15.26 64.74
C MET X 141 16.42 14.32 65.91
N ASN X 142 17.47 14.02 66.67
CA ASN X 142 17.28 13.12 67.80
C ASN X 142 16.66 13.89 68.96
N ALA X 143 16.37 13.16 70.05
CA ALA X 143 15.59 13.70 71.15
C ALA X 143 16.39 14.74 71.93
N ALA X 144 17.69 14.54 72.08
CA ALA X 144 18.53 15.53 72.75
C ALA X 144 18.48 16.86 72.00
N MET X 145 18.56 16.83 70.67
CA MET X 145 18.56 18.06 69.90
C MET X 145 17.18 18.72 69.92
N TRP X 146 16.13 17.91 69.75
CA TRP X 146 14.77 18.47 69.74
C TRP X 146 14.43 19.16 71.06
N SER X 147 15.03 18.71 72.16
CA SER X 147 14.73 19.26 73.48
C SER X 147 15.51 20.53 73.81
N LYS X 148 16.47 20.94 72.99
CA LYS X 148 17.25 22.12 73.32
C LYS X 148 16.37 23.37 73.33
N PRO X 149 16.52 24.26 74.32
CA PRO X 149 15.70 25.47 74.34
C PRO X 149 15.80 26.31 73.08
N ALA X 150 17.00 26.47 72.53
CA ALA X 150 17.15 27.25 71.30
C ALA X 150 16.37 26.65 70.15
N VAL X 151 16.39 25.31 70.02
CA VAL X 151 15.62 24.67 68.97
C VAL X 151 14.13 24.95 69.16
N GLN X 152 13.63 24.81 70.39
CA GLN X 152 12.21 25.03 70.61
C GLN X 152 11.82 26.49 70.44
N ARG X 153 12.71 27.43 70.76
CA ARG X 153 12.45 28.83 70.42
C ARG X 153 12.26 29.00 68.92
N ASN X 154 13.08 28.30 68.13
CA ASN X 154 12.99 28.44 66.68
C ASN X 154 11.69 27.84 66.15
N VAL X 155 11.28 26.67 66.66
CA VAL X 155 9.98 26.11 66.32
C VAL X 155 8.87 27.11 66.65
N ASP X 156 8.87 27.64 67.87
CA ASP X 156 7.82 28.58 68.28
C ASP X 156 7.81 29.80 67.37
N GLN X 157 9.00 30.35 67.08
CA GLN X 157 9.08 31.53 66.25
C GLN X 157 8.52 31.25 64.86
N LEU X 158 8.81 30.07 64.31
CA LEU X 158 8.34 29.77 62.96
C LEU X 158 6.83 29.65 62.91
N ARG X 159 6.23 29.03 63.94
CA ARG X 159 4.78 28.94 64.00
C ARG X 159 4.14 30.32 64.10
N GLU X 160 4.71 31.21 64.91
CA GLU X 160 4.20 32.57 64.98
C GLU X 160 4.30 33.30 63.63
N ASP X 161 5.30 32.95 62.81
CA ASP X 161 5.44 33.56 61.49
C ASP X 161 4.54 32.93 60.44
N GLY X 162 3.75 31.92 60.80
CA GLY X 162 2.82 31.31 59.88
C GLY X 162 3.26 30.01 59.24
N TYR X 163 4.39 29.44 59.67
CA TYR X 163 4.88 28.18 59.11
C TYR X 163 4.23 27.00 59.83
N ARG X 164 3.88 25.98 59.06
CA ARG X 164 3.33 24.74 59.57
C ARG X 164 4.47 23.77 59.87
N ILE X 165 4.61 23.41 61.14
CA ILE X 165 5.69 22.53 61.61
C ILE X 165 5.13 21.13 61.85
N VAL X 166 5.73 20.13 61.22
CA VAL X 166 5.42 18.73 61.47
C VAL X 166 6.49 18.21 62.42
N GLU X 167 6.13 18.04 63.69
CA GLU X 167 7.11 17.63 64.69
C GLU X 167 7.60 16.21 64.41
N PRO X 168 8.86 15.91 64.72
CA PRO X 168 9.39 14.57 64.43
C PRO X 168 8.84 13.53 65.39
N LYS X 169 8.99 12.27 64.99
CA LYS X 169 8.77 11.14 65.88
C LYS X 169 10.12 10.63 66.36
N GLU X 170 10.10 9.65 67.25
CA GLU X 170 11.33 9.16 67.85
C GLU X 170 11.44 7.68 67.51
N GLY X 171 11.86 7.40 66.28
CA GLY X 171 11.89 6.03 65.80
C GLY X 171 13.23 5.33 65.92
N ILE X 172 13.47 4.71 67.08
CA ILE X 172 14.73 4.03 67.34
C ILE X 172 14.88 2.78 66.47
N PRO X 181 17.68 8.93 67.64
CA PRO X 181 17.60 8.90 66.17
C PRO X 181 16.20 9.23 65.69
N GLY X 182 15.95 10.50 65.37
CA GLY X 182 14.60 10.91 65.05
C GLY X 182 14.12 10.37 63.71
N SER X 183 12.83 10.56 63.47
CA SER X 183 12.23 10.20 62.19
C SER X 183 11.14 11.20 61.86
N LEU X 184 10.74 11.20 60.59
CA LEU X 184 9.74 12.15 60.12
C LEU X 184 8.42 11.98 60.85
N GLY X 185 7.77 13.08 61.19
CA GLY X 185 6.45 13.05 61.77
C GLY X 185 5.38 12.75 60.73
N ASP X 186 4.14 13.03 61.12
CA ASP X 186 3.00 12.75 60.24
C ASP X 186 2.74 13.96 59.36
N PHE X 187 3.49 14.02 58.25
CA PHE X 187 3.46 15.16 57.34
C PHE X 187 2.38 15.05 56.27
N GLN X 188 1.88 13.84 55.97
CA GLN X 188 0.98 13.67 54.83
C GLN X 188 -0.24 14.58 54.91
N SER X 189 -0.82 14.72 56.10
CA SER X 189 -1.98 15.58 56.23
C SER X 189 -1.63 17.04 55.97
N ALA X 190 -0.52 17.50 56.53
CA ALA X 190 -0.12 18.90 56.35
C ALA X 190 0.20 19.21 54.89
N ILE X 191 0.91 18.29 54.22
CA ILE X 191 1.27 18.53 52.82
C ILE X 191 0.04 18.47 51.92
N SER X 192 -0.80 17.43 52.08
CA SER X 192 -2.02 17.31 51.29
C SER X 192 -2.91 18.54 51.46
N THR X 193 -3.09 19.00 52.70
CA THR X 193 -3.90 20.19 52.94
C THR X 193 -3.37 21.39 52.18
N ALA X 194 -2.04 21.61 52.23
CA ALA X 194 -1.44 22.75 51.55
C ALA X 194 -1.60 22.64 50.04
N LEU X 195 -1.37 21.44 49.48
CA LEU X 195 -1.53 21.27 48.04
C LEU X 195 -2.97 21.52 47.61
N ILE X 196 -3.93 21.05 48.41
CA ILE X 196 -5.34 21.20 48.05
C ILE X 196 -5.76 22.66 48.16
N GLN X 197 -5.38 23.32 49.26
CA GLN X 197 -5.65 24.74 49.39
C GLN X 197 -5.01 25.55 48.27
N ALA X 198 -3.80 25.18 47.83
CA ALA X 198 -3.20 25.91 46.73
C ALA X 198 -4.01 25.72 45.46
N ALA X 199 -4.48 24.49 45.20
CA ALA X 199 -5.36 24.24 44.06
C ALA X 199 -6.66 25.04 44.18
N ALA X 200 -7.17 25.24 45.39
CA ALA X 200 -8.37 26.05 45.59
C ALA X 200 -8.07 27.54 45.49
N1 FMN Y . -1.80 -21.30 -10.54
C2 FMN Y . -1.02 -20.88 -9.49
O2 FMN Y . 0.20 -20.93 -9.59
N3 FMN Y . -1.59 -20.41 -8.32
C4 FMN Y . -2.96 -20.37 -8.21
O4 FMN Y . -3.48 -19.95 -7.17
C4A FMN Y . -3.76 -20.79 -9.27
N5 FMN Y . -5.13 -20.73 -9.18
C5A FMN Y . -5.91 -21.13 -10.25
C6 FMN Y . -7.29 -21.08 -10.14
C7 FMN Y . -8.09 -21.48 -11.20
C7M FMN Y . -9.58 -21.42 -11.08
C8 FMN Y . -7.50 -21.95 -12.37
C8M FMN Y . -8.38 -22.40 -13.51
C9 FMN Y . -6.11 -22.01 -12.48
C9A FMN Y . -5.32 -21.61 -11.41
N10 FMN Y . -3.93 -21.66 -11.49
C10 FMN Y . -3.16 -21.25 -10.44
C1' FMN Y . -3.26 -22.15 -12.73
C2' FMN Y . -2.87 -20.94 -13.57
O2' FMN Y . -4.02 -20.16 -13.85
C3' FMN Y . -2.14 -21.41 -14.83
O3' FMN Y . -0.87 -21.92 -14.46
C4' FMN Y . -2.01 -20.31 -15.89
O4' FMN Y . -1.36 -20.83 -17.03
C5' FMN Y . -1.23 -19.12 -15.36
O5' FMN Y . -1.33 -18.05 -16.28
P FMN Y . -0.64 -16.63 -15.99
O1P FMN Y . -0.16 -16.04 -17.29
O2P FMN Y . -1.63 -15.80 -15.27
O3P FMN Y . 0.59 -16.79 -15.10
N ARG Z . -50.91 -32.08 -70.08
CA ARG Z . -52.12 -32.67 -69.51
C ARG Z . -53.17 -31.58 -69.25
O ARG Z . -53.11 -30.51 -69.86
CB ARG Z . -51.78 -33.42 -68.21
CG ARG Z . -50.97 -34.70 -68.43
CD ARG Z . -49.48 -34.42 -68.60
NE ARG Z . -48.85 -35.36 -69.53
CZ ARG Z . -48.16 -36.45 -69.15
NH1 ARG Z . -48.00 -36.72 -67.87
NH2 ARG Z . -47.64 -37.25 -70.08
N1 FMN AA . -19.68 -35.99 -61.05
C2 FMN AA . -20.38 -36.58 -62.09
O2 FMN AA . -21.04 -37.59 -61.91
N3 FMN AA . -20.34 -36.01 -63.34
C4 FMN AA . -19.60 -34.87 -63.55
O4 FMN AA . -19.60 -34.40 -64.70
C4A FMN AA . -18.88 -34.27 -62.52
N5 FMN AA . -18.14 -33.12 -62.72
C5A FMN AA . -17.45 -32.53 -61.67
C6 FMN AA . -16.71 -31.37 -61.88
C7 FMN AA . -16.02 -30.80 -60.82
C7M FMN AA . -15.21 -29.55 -61.03
C8 FMN AA . -16.05 -31.38 -59.55
C8M FMN AA . -15.31 -30.74 -58.40
C9 FMN AA . -16.80 -32.53 -59.35
C9A FMN AA . -17.50 -33.12 -60.40
N10 FMN AA . -18.22 -34.28 -60.21
C10 FMN AA . -18.94 -34.85 -61.25
C1' FMN AA . -18.32 -34.92 -58.87
C2' FMN AA . -19.60 -34.46 -58.19
O2' FMN AA . -19.55 -33.05 -57.99
C3' FMN AA . -19.73 -35.19 -56.86
O3' FMN AA . -20.06 -36.54 -57.10
C4' FMN AA . -20.79 -34.55 -55.95
O4' FMN AA . -20.87 -35.26 -54.73
C5' FMN AA . -22.16 -34.58 -56.62
O5' FMN AA . -23.03 -33.77 -55.86
P FMN AA . -24.56 -33.57 -56.29
O1P FMN AA . -25.43 -33.41 -55.05
O2P FMN AA . -24.63 -32.36 -57.16
O3P FMN AA . -25.02 -34.80 -57.03
N1 FMN BA . 8.65 -31.50 -31.14
C2 FMN BA . 9.41 -32.37 -30.40
O2 FMN BA . 10.11 -31.96 -29.47
N3 FMN BA . 9.37 -33.73 -30.69
C4 FMN BA . 8.60 -34.22 -31.73
O4 FMN BA . 8.58 -35.43 -31.99
C4A FMN BA . 7.85 -33.34 -32.48
N5 FMN BA . 7.06 -33.80 -33.52
C5A FMN BA . 6.30 -32.89 -34.26
C6 FMN BA . 5.48 -33.32 -35.30
C7 FMN BA . 4.72 -32.42 -36.04
C7M FMN BA . 3.86 -32.90 -37.17
C8 FMN BA . 4.76 -31.05 -35.72
C8M FMN BA . 3.94 -30.08 -36.51
C9 FMN BA . 5.56 -30.62 -34.68
C9A FMN BA . 6.34 -31.53 -33.95
N10 FMN BA . 7.13 -31.09 -32.91
C10 FMN BA . 7.88 -31.98 -32.17
C1' FMN BA . 7.19 -29.63 -32.56
C2' FMN BA . 6.27 -29.37 -31.39
O2' FMN BA . 4.95 -29.74 -31.74
C3' FMN BA . 6.38 -27.91 -30.98
O3' FMN BA . 7.62 -27.71 -30.32
C4' FMN BA . 5.23 -27.50 -30.06
O4' FMN BA . 5.37 -26.13 -29.75
C5' FMN BA . 5.24 -28.33 -28.78
O5' FMN BA . 4.03 -28.08 -28.12
P FMN BA . 3.68 -28.78 -26.71
O1P FMN BA . 2.86 -27.87 -25.84
O2P FMN BA . 2.91 -30.03 -27.05
O3P FMN BA . 4.95 -29.09 -25.96
N1 FMN CA . 10.54 -6.63 -27.03
C2 FMN CA . 11.91 -6.68 -27.12
O2 FMN CA . 12.54 -7.47 -26.41
N3 FMN CA . 12.58 -5.83 -28.00
C4 FMN CA . 11.88 -4.94 -28.80
O4 FMN CA . 12.48 -4.18 -29.57
C4A FMN CA . 10.48 -4.89 -28.71
N5 FMN CA . 9.77 -4.01 -29.50
C5A FMN CA . 8.39 -3.98 -29.41
C6 FMN CA . 7.68 -3.09 -30.21
C7 FMN CA . 6.29 -3.06 -30.12
C7M FMN CA . 5.51 -2.10 -30.99
C8 FMN CA . 5.62 -3.91 -29.25
C8M FMN CA . 4.12 -3.84 -29.18
C9 FMN CA . 6.34 -4.80 -28.44
C9A FMN CA . 7.73 -4.84 -28.53
N10 FMN CA . 8.47 -5.71 -27.74
C10 FMN CA . 9.83 -5.75 -27.83
C1' FMN CA . 7.78 -6.65 -26.79
C2' FMN CA . 7.65 -7.99 -27.50
O2' FMN CA . 6.87 -7.82 -28.68
C3' FMN CA . 7.05 -9.01 -26.55
O3' FMN CA . 7.97 -9.35 -25.54
C4' FMN CA . 6.60 -10.27 -27.28
O4' FMN CA . 6.00 -11.17 -26.37
C5' FMN CA . 7.77 -10.96 -27.96
O5' FMN CA . 7.19 -11.95 -28.80
P FMN CA . 8.10 -12.92 -29.69
O1P FMN CA . 7.43 -14.28 -29.81
O2P FMN CA . 8.24 -12.27 -31.05
O3P FMN CA . 9.47 -13.05 -29.05
N1 FMN DA . 36.51 29.84 11.46
C2 FMN DA . 36.82 29.96 10.13
O2 FMN DA . 37.46 30.94 9.75
N3 FMN DA . 36.42 28.98 9.25
C4 FMN DA . 35.70 27.89 9.69
O4 FMN DA . 35.35 27.06 8.86
C4A FMN DA . 35.39 27.77 11.04
N5 FMN DA . 34.68 26.70 11.53
C5A FMN DA . 34.41 26.61 12.88
C6 FMN DA . 33.69 25.52 13.38
C7 FMN DA . 33.41 25.44 14.74
C7M FMN DA . 32.64 24.26 15.28
C8 FMN DA . 33.84 26.43 15.61
C8M FMN DA . 33.52 26.32 17.08
C9 FMN DA . 34.56 27.52 15.13
C9A FMN DA . 34.83 27.61 13.76
N10 FMN DA . 35.52 28.69 13.26
C10 FMN DA . 35.80 28.76 11.92
C1' FMN DA . 36.02 29.79 14.15
C2' FMN DA . 37.47 29.53 14.53
O2' FMN DA . 37.54 28.30 15.22
C3' FMN DA . 37.99 30.70 15.37
O3' FMN DA . 38.20 31.84 14.54
C4' FMN DA . 39.29 30.37 16.08
O4' FMN DA . 39.74 31.44 16.89
C5' FMN DA . 40.37 30.06 15.06
O5' FMN DA . 41.48 29.54 15.76
P FMN DA . 42.75 29.10 14.91
O1P FMN DA . 44.01 29.36 15.71
O2P FMN DA . 42.56 27.66 14.56
O3P FMN DA . 42.85 29.92 13.65
N1 FMN EA . 42.58 48.65 27.15
C2 FMN EA . 41.97 49.58 26.34
O2 FMN EA . 42.24 49.66 25.14
N3 FMN EA . 41.05 50.46 26.89
C4 FMN EA . 40.72 50.42 28.23
O4 FMN EA . 39.89 51.23 28.68
C4A FMN EA . 41.32 49.48 29.04
N5 FMN EA . 41.02 49.41 30.40
C5A FMN EA . 41.63 48.45 31.20
C6 FMN EA . 41.32 48.36 32.56
C7 FMN EA . 41.95 47.39 33.35
C7M FMN EA . 41.63 47.28 34.81
C8 FMN EA . 42.87 46.51 32.78
C8M FMN EA . 43.56 45.46 33.61
C9 FMN EA . 43.17 46.61 31.42
C9A FMN EA . 42.55 47.57 30.63
N10 FMN EA . 42.87 47.66 29.29
C10 FMN EA . 42.26 48.60 28.50
C1' FMN EA . 43.84 46.72 28.66
C2' FMN EA . 43.07 45.60 28.00
O2' FMN EA . 42.35 44.83 28.96
C3' FMN EA . 44.05 44.71 27.24
O3' FMN EA . 44.48 45.40 26.08
C4' FMN EA . 43.41 43.37 26.86
O4' FMN EA . 44.35 42.55 26.22
C5' FMN EA . 42.22 43.60 25.95
O5' FMN EA . 41.56 42.36 25.79
P FMN EA . 40.25 42.27 24.89
O1P FMN EA . 40.19 40.92 24.19
O2P FMN EA . 39.07 42.45 25.81
O3P FMN EA . 40.31 43.32 23.81
N1 FMN FA . 60.64 33.74 17.75
C2 FMN FA . 61.32 34.82 17.24
O2 FMN FA . 60.74 35.63 16.50
N3 FMN FA . 62.65 35.02 17.57
C4 FMN FA . 63.31 34.11 18.39
O4 FMN FA . 64.50 34.27 18.67
C4A FMN FA . 62.62 33.01 18.89
N5 FMN FA . 63.25 32.09 19.71
C5A FMN FA . 62.55 31.02 20.22
C6 FMN FA . 63.19 30.10 21.05
C7 FMN FA . 62.48 29.01 21.56
C7M FMN FA . 63.17 28.02 22.46
C8 FMN FA . 61.14 28.83 21.25
C8M FMN FA . 60.39 27.65 21.80
C9 FMN FA . 60.50 29.75 20.41
C9A FMN FA . 61.20 30.85 19.89
N10 FMN FA . 60.58 31.76 19.05
C10 FMN FA . 61.28 32.84 18.57
C1' FMN FA . 59.14 31.61 18.69
C2' FMN FA . 58.37 32.51 19.64
O2' FMN FA . 58.57 32.07 20.97
C3' FMN FA . 56.89 32.51 19.27
O3' FMN FA . 56.73 33.28 18.10
C4' FMN FA . 56.04 33.11 20.38
O4' FMN FA . 54.68 33.03 20.04
C5' FMN FA . 56.40 34.58 20.61
O5' FMN FA . 55.74 34.95 21.80
P FMN FA . 55.85 36.44 22.40
O1P FMN FA . 54.49 36.72 23.06
O2P FMN FA . 56.96 36.51 23.41
O3P FMN FA . 56.10 37.45 21.31
N1 FMN GA . -27.08 -0.94 -10.95
C2 FMN GA . -27.56 -0.98 -9.66
O2 FMN GA . -28.78 -0.89 -9.48
N3 FMN GA . -26.69 -1.13 -8.60
C4 FMN GA . -25.33 -1.21 -8.83
O4 FMN GA . -24.55 -1.32 -7.88
C4A FMN GA . -24.84 -1.16 -10.13
N5 FMN GA . -23.48 -1.26 -10.37
C5A FMN GA . -23.00 -1.23 -11.68
C6 FMN GA . -21.63 -1.33 -11.93
C7 FMN GA . -21.17 -1.29 -13.24
C7M FMN GA . -19.69 -1.40 -13.51
C8 FMN GA . -22.05 -1.16 -14.31
C8M FMN GA . -21.55 -1.12 -15.72
C9 FMN GA . -23.42 -1.07 -14.05
C9A FMN GA . -23.89 -1.10 -12.74
N10 FMN GA . -25.25 -0.99 -12.48
C10 FMN GA . -25.73 -1.04 -11.19
C1' FMN GA . -26.23 -0.86 -13.61
C2' FMN GA . -26.78 -2.26 -13.94
O2' FMN GA . -25.73 -3.10 -14.38
C3' FMN GA . -27.84 -2.15 -15.03
O3' FMN GA . -29.01 -1.62 -14.44
C4' FMN GA . -28.13 -3.53 -15.62
O4' FMN GA . -29.01 -3.44 -16.73
C5' FMN GA . -28.72 -4.45 -14.56
O5' FMN GA . -28.78 -5.76 -15.10
P FMN GA . -29.37 -6.97 -14.24
O1P FMN GA . -30.11 -7.93 -15.15
O2P FMN GA . -28.24 -7.61 -13.49
O3P FMN GA . -30.36 -6.41 -13.23
N1 FMN HA . -42.71 2.43 -30.63
C2 FMN HA . -43.26 3.55 -30.05
O2 FMN HA . -43.69 3.50 -28.88
N3 FMN HA . -43.31 4.73 -30.77
C4 FMN HA . -42.83 4.80 -32.07
O4 FMN HA . -42.91 5.85 -32.72
C4A FMN HA . -42.28 3.66 -32.66
N5 FMN HA . -41.80 3.70 -33.95
C5A FMN HA . -41.23 2.57 -34.52
C6 FMN HA . -40.73 2.61 -35.83
C7 FMN HA . -40.18 1.46 -36.38
C7M FMN HA . -39.64 1.52 -37.78
C8 FMN HA . -40.10 0.28 -35.65
C8M FMN HA . -39.50 -0.96 -36.24
C9 FMN HA . -40.61 0.24 -34.35
C9A FMN HA . -41.17 1.39 -33.78
N10 FMN HA . -41.67 1.35 -32.50
C10 FMN HA . -42.22 2.48 -31.92
C1' FMN HA . -41.60 0.09 -31.68
C2' FMN HA . -40.36 0.17 -30.78
O2' FMN HA . -39.17 0.24 -31.57
C3' FMN HA . -40.33 -1.04 -29.86
O3' FMN HA . -41.31 -0.86 -28.87
C4' FMN HA . -38.97 -1.19 -29.17
O4' FMN HA . -39.03 -2.32 -28.33
C5' FMN HA . -38.67 0.03 -28.31
O5' FMN HA . -37.32 -0.08 -27.92
P FMN HA . -36.65 1.03 -26.97
O1P FMN HA . -35.64 0.35 -26.07
O2P FMN HA . -36.01 2.04 -27.87
O3P FMN HA . -37.69 1.66 -26.07
N1 FMN IA . -42.57 -19.61 -18.26
C2 FMN IA . -43.91 -19.50 -17.99
O2 FMN IA . -44.34 -18.47 -17.46
N3 FMN IA . -44.76 -20.54 -18.31
C4 FMN IA . -44.27 -21.69 -18.91
O4 FMN IA . -45.03 -22.61 -19.20
C4A FMN IA . -42.90 -21.79 -19.18
N5 FMN IA . -42.39 -22.92 -19.77
C5A FMN IA . -41.03 -22.99 -20.04
C6 FMN IA . -40.49 -24.12 -20.65
C7 FMN IA . -39.14 -24.20 -20.92
C7M FMN IA . -38.57 -25.43 -21.56
C8 FMN IA . -38.30 -23.14 -20.58
C8M FMN IA . -36.83 -23.20 -20.86
C9 FMN IA . -38.83 -22.00 -19.98
C9A FMN IA . -40.19 -21.93 -19.70
N10 FMN IA . -40.72 -20.81 -19.10
C10 FMN IA . -42.07 -20.74 -18.84
C1' FMN IA . -39.85 -19.63 -18.74
C2' FMN IA . -39.97 -18.61 -19.87
O2' FMN IA . -39.53 -19.17 -21.10
C3' FMN IA . -39.17 -17.36 -19.52
O3' FMN IA . -39.88 -16.65 -18.52
C4' FMN IA . -38.94 -16.44 -20.72
O4' FMN IA . -38.19 -15.31 -20.34
C5' FMN IA . -40.26 -15.94 -21.27
O5' FMN IA . -40.00 -15.30 -22.49
P FMN IA . -41.20 -14.64 -23.33
O1P FMN IA . -40.71 -13.38 -24.00
O2P FMN IA . -41.67 -15.64 -24.35
O3P FMN IA . -42.31 -14.27 -22.38
N1 FMN JA . 39.17 -1.74 17.69
C2 FMN JA . 38.35 -2.39 16.79
O2 FMN JA . 37.76 -3.39 17.15
N3 FMN JA . 38.20 -1.89 15.50
C4 FMN JA . 38.90 -0.76 15.13
O4 FMN JA . 38.78 -0.32 13.98
C4A FMN JA . 39.73 -0.12 16.03
N5 FMN JA . 40.42 1.03 15.66
C5A FMN JA . 41.24 1.67 16.58
C6 FMN JA . 41.92 2.82 16.22
C7 FMN JA . 42.74 3.45 17.16
C7M FMN JA . 43.50 4.70 16.77
C8 FMN JA . 42.87 2.94 18.44
C8M FMN JA . 43.75 3.63 19.45
C9 FMN JA . 42.18 1.80 18.80
C9A FMN JA . 41.36 1.16 17.87
N10 FMN JA . 40.67 0.02 18.23
C10 FMN JA . 39.85 -0.62 17.31
C1' FMN JA . 40.77 -0.57 19.60
C2' FMN JA . 39.55 -0.07 20.39
O2' FMN JA . 39.59 1.35 20.50
C3' FMN JA . 39.54 -0.70 21.77
O3' FMN JA . 39.20 -2.04 21.63
C4' FMN JA . 38.57 0.00 22.72
O4' FMN JA . 38.60 -0.58 24.01
C5' FMN JA . 37.15 -0.09 22.19
O5' FMN JA . 36.35 0.75 23.00
P FMN JA . 34.78 0.86 22.74
O1P FMN JA . 34.05 1.05 24.05
O2P FMN JA . 34.59 2.00 21.77
O3P FMN JA . 34.23 -0.39 22.12
N1 FMN KA . 42.16 -11.71 40.63
C2 FMN KA . 42.48 -12.93 40.10
O2 FMN KA . 41.72 -13.44 39.26
N3 FMN KA . 43.63 -13.57 40.50
C4 FMN KA . 44.46 -13.01 41.44
O4 FMN KA . 45.49 -13.61 41.81
C4A FMN KA . 44.14 -11.77 41.99
N5 FMN KA . 44.95 -11.17 42.93
C5A FMN KA . 44.61 -9.93 43.45
C6 FMN KA . 45.42 -9.32 44.39
C7 FMN KA . 45.09 -8.08 44.91
C7M FMN KA . 45.98 -7.44 45.94
C8 FMN KA . 43.92 -7.43 44.49
C8M FMN KA . 43.56 -6.10 45.05
C9 FMN KA . 43.10 -8.04 43.54
C9A FMN KA . 43.45 -9.29 43.03
N10 FMN KA . 42.64 -9.90 42.09
C10 FMN KA . 42.98 -11.13 41.58
C1' FMN KA . 41.40 -9.23 41.62
C2' FMN KA . 41.67 -8.51 40.30
O2' FMN KA . 42.65 -7.50 40.48
C3' FMN KA . 40.37 -7.90 39.77
O3' FMN KA . 39.50 -8.93 39.34
C4' FMN KA . 40.64 -6.91 38.65
O4' FMN KA . 39.42 -6.40 38.18
C5' FMN KA . 41.33 -7.56 37.46
O5' FMN KA . 41.76 -6.55 36.59
P FMN KA . 42.49 -6.97 35.24
O1P FMN KA . 42.14 -5.98 34.16
O2P FMN KA . 43.97 -7.00 35.50
O3P FMN KA . 42.01 -8.34 34.81
N1 FMN LA . 20.32 -0.51 34.55
C2 FMN LA . 19.62 -1.66 34.87
O2 FMN LA . 19.94 -2.72 34.37
N3 FMN LA . 18.56 -1.58 35.75
C4 FMN LA . 18.19 -0.37 36.31
O4 FMN LA . 17.22 -0.33 37.09
C4A FMN LA . 18.90 0.78 35.99
N5 FMN LA . 18.57 2.01 36.52
C5A FMN LA . 19.30 3.13 36.19
C6 FMN LA . 18.97 4.38 36.73
C7 FMN LA . 19.72 5.51 36.40
C7M FMN LA . 19.37 6.85 36.97
C8 FMN LA . 20.79 5.39 35.51
C8M FMN LA . 21.60 6.60 35.14
C9 FMN LA . 21.12 4.16 34.97
C9A FMN LA . 20.37 3.03 35.31
N10 FMN LA . 20.69 1.80 34.77
C10 FMN LA . 19.97 0.69 35.11
C1' FMN LA . 21.85 1.66 33.82
C2' FMN LA . 23.04 1.16 34.63
O2' FMN LA . 23.37 2.09 35.64
C3' FMN LA . 24.19 0.92 33.70
O3' FMN LA . 23.91 -0.25 32.97
C4' FMN LA . 25.50 0.75 34.48
O4' FMN LA . 26.57 0.58 33.59
C5' FMN LA . 25.45 -0.45 35.41
O5' FMN LA . 26.60 -0.38 36.22
P FMN LA . 26.91 -1.50 37.31
O1P FMN LA . 28.41 -1.72 37.44
O2P FMN LA . 26.33 -1.00 38.60
O3P FMN LA . 26.30 -2.82 36.90
N1 FMN MA . -22.34 -4.12 -66.41
C2 FMN MA . -21.94 -3.91 -67.71
O2 FMN MA . -21.31 -2.89 -67.98
N3 FMN MA . -22.23 -4.85 -68.68
C4 FMN MA . -22.93 -6.00 -68.35
O4 FMN MA . -23.20 -6.84 -69.21
C4A FMN MA . -23.34 -6.21 -67.05
N5 FMN MA . -24.04 -7.33 -66.70
C5A FMN MA . -24.42 -7.54 -65.40
C6 FMN MA . -25.12 -8.70 -65.06
C7 FMN MA . -25.52 -8.90 -63.75
C7M FMN MA . -26.27 -10.16 -63.39
C8 FMN MA . -25.22 -7.96 -62.77
C8M FMN MA . -25.65 -8.18 -61.35
C9 FMN MA . -24.52 -6.80 -63.10
C9A FMN MA . -24.12 -6.60 -64.42
N10 FMN MA . -23.43 -5.44 -64.78
C10 FMN MA . -23.03 -5.26 -66.08
C1' FMN MA . -23.08 -4.41 -63.77
C2' FMN MA . -21.64 -4.67 -63.33
O2' FMN MA . -21.51 -5.95 -62.74
C3' FMN MA . -21.23 -3.59 -62.35
O3' FMN MA . -21.03 -2.39 -63.07
C4' FMN MA . -19.97 -3.99 -61.60
O4' FMN MA . -19.62 -3.02 -60.65
C5' FMN MA . -18.80 -4.17 -62.56
O5' FMN MA . -17.73 -4.72 -61.84
P FMN MA . -16.33 -4.99 -62.57
O1P FMN MA . -15.19 -4.74 -61.62
O2P FMN MA . -16.42 -6.41 -63.06
O3P FMN MA . -16.15 -4.03 -63.72
N1 FMN NA . -18.17 13.64 -49.08
C2 FMN NA . -18.69 14.62 -49.89
O2 FMN NA . -18.30 14.73 -51.04
N3 FMN NA . -19.69 15.45 -49.40
C4 FMN NA . -20.14 15.33 -48.09
O4 FMN NA . -21.02 16.09 -47.69
C4A FMN NA . -19.60 14.34 -47.28
N5 FMN NA . -20.03 14.19 -45.97
C5A FMN NA . -19.47 13.19 -45.18
C6 FMN NA . -19.90 13.01 -43.86
C7 FMN NA . -19.33 12.01 -43.07
C7M FMN NA . -19.80 11.83 -41.64
C8 FMN NA . -18.35 11.18 -43.60
C8M FMN NA . -17.72 10.10 -42.78
C9 FMN NA . -17.93 11.38 -44.91
C9A FMN NA . -18.49 12.37 -45.70
N10 FMN NA . -18.05 12.54 -47.00
C10 FMN NA . -18.61 13.50 -47.78
C1' FMN NA . -17.00 11.66 -47.58
C2' FMN NA . -17.65 10.55 -48.40
O2' FMN NA . -18.46 9.76 -47.58
C3' FMN NA . -16.55 9.73 -49.06
O3' FMN NA . -16.00 10.48 -50.12
C4' FMN NA . -17.11 8.44 -49.60
O4' FMN NA . -16.06 7.70 -50.18
C5' FMN NA . -18.17 8.72 -50.66
O5' FMN NA . -18.82 7.51 -50.92
P FMN NA . -20.01 7.41 -51.96
O1P FMN NA . -19.95 6.08 -52.67
O2P FMN NA . -21.27 7.53 -51.16
O3P FMN NA . -19.90 8.51 -52.98
N1 FMN OA . 0.99 -0.38 -57.58
C2 FMN OA . 1.66 0.75 -57.99
O2 FMN OA . 1.09 1.57 -58.70
N3 FMN OA . 2.97 0.95 -57.57
C4 FMN OA . 3.60 0.01 -56.75
O4 FMN OA . 4.76 0.18 -56.38
C4A FMN OA . 2.91 -1.13 -56.36
N5 FMN OA . 3.50 -2.08 -55.56
C5A FMN OA . 2.79 -3.20 -55.17
C6 FMN OA . 3.38 -4.16 -54.35
C7 FMN OA . 2.66 -5.28 -53.96
C7M FMN OA . 3.28 -6.32 -53.08
C8 FMN OA . 1.34 -5.45 -54.39
C8M FMN OA . 0.56 -6.66 -53.98
C9 FMN OA . 0.75 -4.49 -55.21
C9A FMN OA . 1.47 -3.36 -55.59
N10 FMN OA . 0.88 -2.41 -56.41
C10 FMN OA . 1.60 -1.30 -56.78
C1' FMN OA . -0.52 -2.53 -56.90
C2' FMN OA . -1.42 -1.68 -56.00
O2' FMN OA . -1.39 -2.17 -54.67
C3' FMN OA . -2.85 -1.71 -56.51
O3' FMN OA . -2.91 -0.90 -57.67
C4' FMN OA . -3.80 -1.15 -55.46
O4' FMN OA . -5.12 -1.25 -55.93
C5' FMN OA . -3.50 0.30 -55.14
O5' FMN OA . -4.30 0.61 -54.02
P FMN OA . -4.31 2.04 -53.32
O1P FMN OA . -5.69 2.33 -52.79
O2P FMN OA . -3.29 2.04 -52.20
O3P FMN OA . -3.93 3.10 -54.33
N1 FMN PA . -43.65 -9.52 33.73
C2 FMN PA . -43.27 -9.33 32.42
O2 FMN PA . -42.64 -8.32 32.10
N3 FMN PA . -43.57 -10.30 31.48
C4 FMN PA . -44.28 -11.44 31.82
O4 FMN PA . -44.56 -12.28 30.97
C4A FMN PA . -44.68 -11.62 33.14
N5 FMN PA . -45.37 -12.77 33.50
C5A FMN PA . -45.74 -12.94 34.82
C6 FMN PA . -46.44 -14.07 35.20
C7 FMN PA . -46.81 -14.24 36.53
C7M FMN PA . -47.56 -15.49 36.92
C8 FMN PA . -46.48 -13.29 37.47
C8M FMN PA . -46.87 -13.45 38.90
C9 FMN PA . -45.79 -12.14 37.09
C9A FMN PA . -45.41 -11.96 35.76
N10 FMN PA . -44.72 -10.82 35.39
C10 FMN PA . -44.34 -10.66 34.08
C1' FMN PA . -44.34 -9.77 36.40
C2' FMN PA . -42.90 -10.02 36.87
O2' FMN PA . -42.78 -11.30 37.45
C3' FMN PA . -42.47 -8.93 37.84
O3' FMN PA . -42.23 -7.72 37.14
C4' FMN PA . -41.20 -9.33 38.59
O4' FMN PA . -40.84 -8.35 39.55
C5' FMN PA . -40.05 -9.51 37.59
O5' FMN PA . -38.95 -10.07 38.28
P FMN PA . -37.58 -10.43 37.55
O1P FMN PA . -36.44 -10.16 38.51
O2P FMN PA . -37.71 -11.87 37.12
O3P FMN PA . -37.33 -9.58 36.33
N1 FMN QA . -39.05 8.38 50.97
C2 FMN QA . -39.60 9.36 50.17
O2 FMN QA . -39.23 9.48 49.00
N3 FMN QA . -40.59 10.19 50.68
C4 FMN QA . -41.00 10.07 52.00
O4 FMN QA . -41.87 10.82 52.47
C4A FMN QA . -40.44 9.08 52.81
N5 FMN QA . -40.84 8.93 54.12
C5A FMN QA . -40.27 7.94 54.91
C6 FMN QA . -40.67 7.77 56.22
C7 FMN QA . -40.09 6.76 57.00
C7M FMN QA . -40.51 6.58 58.42
C8 FMN QA . -39.12 5.93 56.44
C8M FMN QA . -38.48 4.84 57.27
C9 FMN QA . -38.73 6.10 55.13
C9A FMN QA . -39.30 7.11 54.36
N10 FMN QA . -38.88 7.28 53.05
C10 FMN QA . -39.46 8.24 52.27
C1' FMN QA . -37.86 6.38 52.45
C2' FMN QA . -38.53 5.25 51.70
O2' FMN QA . -39.30 4.48 52.59
C3' FMN QA . -37.45 4.42 51.00
O3' FMN QA . -36.89 5.13 49.92
C4' FMN QA . -38.02 3.08 50.51
O4' FMN QA . -36.98 2.38 49.84
C5' FMN QA . -39.13 3.32 49.51
O5' FMN QA . -39.77 2.09 49.29
P FMN QA . -41.00 2.06 48.24
O1P FMN QA . -41.00 0.72 47.53
O2P FMN QA . -42.26 2.28 49.04
O3P FMN QA . -40.83 3.14 47.22
N1 FMN RA . -20.12 -5.76 42.07
C2 FMN RA . -19.40 -4.66 41.67
O2 FMN RA . -19.95 -3.81 40.98
N3 FMN RA . -18.09 -4.51 42.06
C4 FMN RA . -17.47 -5.46 42.84
O4 FMN RA . -16.30 -5.32 43.20
C4A FMN RA . -18.20 -6.58 43.25
N5 FMN RA . -17.61 -7.54 44.05
C5A FMN RA . -18.33 -8.64 44.45
C6 FMN RA . -17.71 -9.60 45.25
C7 FMN RA . -18.45 -10.72 45.67
C7M FMN RA . -17.81 -11.76 46.53
C8 FMN RA . -19.78 -10.86 45.27
C8M FMN RA . -20.56 -12.07 45.72
C9 FMN RA . -20.38 -9.89 44.47
C9A FMN RA . -19.65 -8.79 44.06
N10 FMN RA . -20.24 -7.83 43.25
C10 FMN RA . -19.52 -6.71 42.87
C1' FMN RA . -21.67 -7.94 42.84
C2' FMN RA . -22.50 -7.12 43.81
O2' FMN RA . -22.41 -7.66 45.13
C3' FMN RA . -23.96 -7.15 43.36
O3' FMN RA . -24.05 -6.36 42.21
C4' FMN RA . -24.91 -6.63 44.44
O4' FMN RA . -26.24 -6.68 43.99
C5' FMN RA . -24.60 -5.19 44.80
O5' FMN RA . -25.39 -4.88 45.93
P FMN RA . -25.33 -3.41 46.55
O1P FMN RA . -26.69 -3.07 47.08
O2P FMN RA . -24.28 -3.42 47.64
O3P FMN RA . -24.93 -2.43 45.47
N1 FMN SA . -19.13 -47.10 -38.38
C2 FMN SA . -18.77 -48.31 -38.93
O2 FMN SA . -19.45 -48.78 -39.86
N3 FMN SA . -17.67 -48.98 -38.45
C4 FMN SA . -16.93 -48.47 -37.40
O4 FMN SA . -15.95 -49.10 -36.97
C4A FMN SA . -17.28 -47.25 -36.84
N5 FMN SA . -16.55 -46.69 -35.81
C5A FMN SA . -16.93 -45.47 -35.27
C6 FMN SA . -16.20 -44.91 -34.22
C7 FMN SA . -16.58 -43.67 -33.69
C7M FMN SA . -15.78 -43.07 -32.56
C8 FMN SA . -17.69 -43.00 -34.21
C8M FMN SA . -18.12 -41.68 -33.65
C9 FMN SA . -18.41 -43.58 -35.26
C9A FMN SA . -18.04 -44.80 -35.79
N10 FMN SA . -18.77 -45.36 -36.83
C10 FMN SA . -18.38 -46.57 -37.35
C1' FMN SA . -19.96 -44.69 -37.43
C2' FMN SA . -19.56 -43.91 -38.68
O2' FMN SA . -18.60 -42.93 -38.33
C3' FMN SA . -20.78 -43.29 -39.37
O3' FMN SA . -21.47 -44.30 -40.07
C4' FMN SA . -20.38 -42.22 -40.39
O4' FMN SA . -21.53 -41.60 -40.93
C5' FMN SA . -19.55 -42.85 -41.49
O5' FMN SA . -19.00 -41.81 -42.27
P FMN SA . -18.06 -42.16 -43.53
O1P FMN SA . -18.31 -41.11 -44.59
O2P FMN SA . -16.64 -42.13 -43.06
O3P FMN SA . -18.43 -43.51 -44.09
N1 FMN TA . -40.22 -35.61 -46.29
C2 FMN TA . -40.95 -36.76 -46.12
O2 FMN TA . -40.57 -37.80 -46.66
N3 FMN TA . -42.10 -36.74 -45.35
C4 FMN TA . -42.53 -35.56 -44.75
O4 FMN TA . -43.55 -35.54 -44.07
C4A FMN TA . -41.78 -34.40 -44.91
N5 FMN TA . -42.19 -33.21 -44.33
C5A FMN TA . -41.43 -32.07 -44.51
C6 FMN TA . -41.83 -30.86 -43.91
C7 FMN TA . -41.05 -29.72 -44.10
C7M FMN TA . -41.48 -28.42 -43.46
C8 FMN TA . -39.89 -29.77 -44.87
C8M FMN TA . -39.06 -28.54 -45.08
C9 FMN TA . -39.51 -30.96 -45.47
C9A FMN TA . -40.26 -32.11 -45.29
N10 FMN TA . -39.88 -33.31 -45.88
C10 FMN TA . -40.63 -34.44 -45.69
C1' FMN TA . -38.63 -33.41 -46.72
C2' FMN TA . -37.53 -33.95 -45.83
O2' FMN TA . -37.28 -33.07 -44.75
C3' FMN TA . -36.27 -34.19 -46.66
O3' FMN TA . -36.48 -35.37 -47.39
C4' FMN TA . -35.05 -34.38 -45.76
O4' FMN TA . -33.86 -34.45 -46.55
C5' FMN TA . -35.20 -35.64 -44.90
O5' FMN TA . -34.18 -35.63 -43.94
P FMN TA . -34.00 -36.78 -42.83
O1P FMN TA . -32.50 -36.92 -42.61
O2P FMN TA . -34.71 -36.38 -41.57
O3P FMN TA . -34.55 -38.12 -43.31
N1 FMN UA . 37.10 36.32 66.51
C2 FMN UA . 36.74 36.40 67.84
O2 FMN UA . 35.55 36.50 68.13
N3 FMN UA . 37.71 36.37 68.82
C4 FMN UA . 39.03 36.27 68.47
O4 FMN UA . 39.90 36.25 69.35
C4A FMN UA . 39.40 36.20 67.12
N5 FMN UA . 40.73 36.08 66.77
C5A FMN UA . 41.07 35.99 65.42
C6 FMN UA . 42.40 35.87 65.05
C7 FMN UA . 42.74 35.78 63.71
C7M FMN UA . 44.20 35.66 63.34
C8 FMN UA . 41.77 35.82 62.72
C8M FMN UA . 42.16 35.74 61.26
C9 FMN UA . 40.42 35.94 63.09
C9A FMN UA . 40.07 36.03 64.44
N10 FMN UA . 38.75 36.15 64.82
C10 FMN UA . 38.42 36.22 66.16
C1' FMN UA . 37.65 36.18 63.81
C2' FMN UA . 37.08 34.77 63.68
O2' FMN UA . 38.10 33.90 63.24
C3' FMN UA . 35.92 34.81 62.69
O3' FMN UA . 34.80 35.42 63.29
C4' FMN UA . 35.52 33.41 62.20
O4' FMN UA . 34.47 33.49 61.26
C5' FMN UA . 35.07 32.56 63.38
O5' FMN UA . 34.96 31.25 62.92
P FMN UA . 34.50 30.06 63.91
O1P FMN UA . 33.71 29.06 63.10
O2P FMN UA . 35.75 29.49 64.53
O3P FMN UA . 33.65 30.59 65.05
N1 FMN VA . 19.77 38.63 48.25
C2 FMN VA . 19.24 39.76 48.84
O2 FMN VA . 18.93 39.73 50.04
N3 FMN VA . 19.09 40.90 48.09
C4 FMN VA . 19.44 40.94 46.74
O4 FMN VA . 19.28 41.99 46.09
C4A FMN VA . 19.96 39.80 46.14
N5 FMN VA . 20.33 39.77 44.81
C5A FMN VA . 20.86 38.62 44.25
C6 FMN VA . 21.25 38.60 42.91
C7 FMN VA . 21.78 37.43 42.35
C7M FMN VA . 22.18 37.41 40.91
C8 FMN VA . 21.93 36.29 43.14
C8M FMN VA . 22.49 35.04 42.53
C9 FMN VA . 21.56 36.31 44.47
C9A FMN VA . 21.02 37.48 45.03
N10 FMN VA . 20.64 37.50 46.35
C10 FMN VA . 20.12 38.65 46.92
C1' FMN VA . 20.79 36.31 47.23
C2' FMN VA . 22.07 36.45 48.04
O2' FMN VA . 23.20 36.54 47.19
C3' FMN VA . 22.17 35.26 49.01
O3' FMN VA . 21.25 35.46 50.06
C4' FMN VA . 23.57 35.14 49.59
O4' FMN VA . 23.61 34.00 50.45
C5' FMN VA . 23.93 36.39 50.36
O5' FMN VA . 25.31 36.32 50.64
P FMN VA . 26.08 37.49 51.44
O1P FMN VA . 27.18 36.92 52.31
O2P FMN VA . 26.72 38.41 50.44
O3P FMN VA . 25.11 38.21 52.34
N1 FMN WA . 21.06 17.25 61.79
C2 FMN WA . 19.73 17.33 62.14
O2 FMN WA . 19.29 18.35 62.69
N3 FMN WA . 18.88 16.27 61.89
C4 FMN WA . 19.34 15.13 61.29
O4 FMN WA . 18.56 14.19 61.07
C4A FMN WA . 20.69 15.02 60.93
N5 FMN WA . 21.18 13.89 60.32
C5A FMN WA . 22.50 13.80 59.96
C6 FMN WA . 22.97 12.64 59.34
C7 FMN WA . 24.31 12.56 58.98
C7M FMN WA . 24.84 11.31 58.32
C8 FMN WA . 25.17 13.64 59.22
C8M FMN WA . 26.62 13.52 58.83
C9 FMN WA . 24.70 14.78 59.85
C9A FMN WA . 23.36 14.87 60.21
N10 FMN WA . 22.86 16.01 60.84
C10 FMN WA . 21.54 16.09 61.18
C1' FMN WA . 23.75 17.19 61.10
C2' FMN WA . 23.50 18.16 59.94
O2' FMN WA . 23.83 17.52 58.71
C3' FMN WA . 24.32 19.43 60.15
O3' FMN WA . 23.75 20.15 61.23
C4' FMN WA . 24.41 20.29 58.88
O4' FMN WA . 25.31 21.37 59.07
C5' FMN WA . 23.04 20.78 58.44
O5' FMN WA . 23.23 21.33 57.14
P FMN WA . 22.02 21.93 56.31
O1P FMN WA . 22.54 23.11 55.51
O2P FMN WA . 21.47 20.85 55.39
O3P FMN WA . 20.93 22.41 57.24
#